data_7KL9
#
_entry.id   7KL9
#
_cell.length_a   1.00
_cell.length_b   1.00
_cell.length_c   1.00
_cell.angle_alpha   90.00
_cell.angle_beta   90.00
_cell.angle_gamma   90.00
#
_symmetry.space_group_name_H-M   'P 1'
#
loop_
_entity.id
_entity.type
_entity.pdbx_description
1 polymer 'Spike glycoprotein'
2 polymer 'CTC-445.2 inhibitor'
3 branched 2-acetamido-2-deoxy-beta-D-glucopyranose-(1-4)-2-acetamido-2-deoxy-beta-D-glucopyranose
4 non-polymer 2-acetamido-2-deoxy-beta-D-glucopyranose
#
loop_
_entity_poly.entity_id
_entity_poly.type
_entity_poly.pdbx_seq_one_letter_code
_entity_poly.pdbx_strand_id
1 'polypeptide(L)'
;MFVFLVLLPLVSSQCVNLTTRTQLPPAYTNSFTRGVYYPDKVFRSSVLHSTQDLFLPFFSNVTWFHAIHVSGTNGTKRFD
NPVLPFNDGVYFASTEKSNIIRGWIFGTTLDSKTQSLLIVNNATNVVIKVCEFQFCNDPFLGVYYHKNNKSWMESEFRVY
SSANNCTFEYVSQPFLMDLEGKQGNFKNLREFVFKNIDGYFKIYSKHTPINLVRDLPQGFSALEPLVDLPIGINITRFQT
LLALHRSYLTPGDSSSGWTAGAAAYYVGYLQPRTFLLKYNENGTITDAVDCALDPLSETKCTLKSFTVEKGIYQTSNFRV
QPTESIVRFPNITNLCPFGEVFNATRFASVYAWNRKRISNCVADYSVLYNSASFSTFKCYGVSPTKLNDLCFTNVYADSF
VIRGDEVRQIAPGQTGKIADYNYKLPDDFTGCVIAWNSNNLDSKVGGNYNYLYRLFRKSNLKPFERDISTEIYQAGSTPC
NGVEGFNCYFPLQSYGFQPTNGVGYQPYRVVVLSFELLHAPATVCGPKKSTNLVKNKCVNFNFNGLTGTGVLTESNKKFL
PFQQFGRDIADTTDAVRDPQTLEILDITPCSFGGVSVITPGTNTSNQVAVLYQDVNCTEVPVAIHADQLTPTWRVYSTGS
NVFQTRAGCLIGAEHVNNSYECDIPIGAGICASYQTQTNSPGSASSVASQSIIAYTMSLGAENSVAYSNNSIAIPTNFTI
SVTTEILPVSMTKTSVDCTMYICGDSTECSNLLLQYGSFCTQLNRALTGIAVEQDKNTQEVFAQVKQIYKTPPIKDFGGF
NFSQILPDPSKPSKRSPIEDLLFNKVTLADAGFIKQYGDCLGDIAARDLICAQKFNGLTVLPPLLTDEMIAQYTSALLAG
TITSGWTFGAGPALQIPFPMQMAYRFNGIGVTQNVLYENQKLIANQFNSAIGKIQDSLSSTPSALGKLQDVVNQNAQALN
TLVKQLSSNFGAISSVLNDILSRLDPPEAEVQIDRLITGRLQSLQTYVTQQLIRAAEIRASANLAATKMSECVLGQSKRV
DFCGKGYHLMSFPQSAPHGVVFLHVTYVPAQEKNFTTAPAICHDGKAHFPREGVFVSNGTHWFVTQRNFYEPQIITTDNT
FVSGNCDVVIGIVNNTVYDPLQPELDSFKEELDKYFKNHTSPDVDLGDISGINASVVNIQKEIDRLNEVAKNLNESLIDL
QELGKYEQGSGYIPEAPRDGQAYVRKDGEWVLLSTFLGRSLEVLFQGPGHHHHHHHH
;
A,B,C
2 'polypeptide(L)'
;SAEIDLGKGDFREIRASEDAREAAEALAEAARAMKEALEIIREIAEKLRDSSRASEAAKRIAKAIRKAADAIAEAAKIAA
RAAKDGDAARNAENAARKAKEFAEEQAKLADMYAELAKNGDKSSVLEQLKTFADKAFHEMEDRFYQAALAVFEAAEAAAG
;
E,D,F
#
# COMPACT_ATOMS: atom_id res chain seq x y z
N ALA A 27 -23.78 -23.54 -43.85
CA ALA A 27 -23.76 -22.39 -44.74
C ALA A 27 -23.04 -21.23 -44.08
N TYR A 28 -21.72 -21.15 -44.27
CA TYR A 28 -20.89 -20.17 -43.58
C TYR A 28 -20.20 -19.26 -44.58
N THR A 29 -19.56 -18.23 -44.05
CA THR A 29 -18.70 -17.36 -44.84
C THR A 29 -17.78 -16.58 -43.90
N ASN A 30 -16.89 -15.79 -44.51
CA ASN A 30 -15.81 -15.13 -43.80
C ASN A 30 -16.25 -13.76 -43.33
N SER A 31 -16.15 -13.52 -42.03
CA SER A 31 -16.53 -12.23 -41.44
C SER A 31 -15.29 -11.36 -41.34
N PHE A 32 -15.04 -10.58 -42.38
CA PHE A 32 -13.78 -9.88 -42.47
C PHE A 32 -13.57 -8.85 -41.36
N THR A 33 -14.35 -7.77 -41.32
CA THR A 33 -14.08 -6.73 -40.34
C THR A 33 -15.30 -6.09 -39.71
N ARG A 34 -16.51 -6.60 -39.93
CA ARG A 34 -17.66 -5.90 -39.38
C ARG A 34 -17.68 -6.01 -37.87
N GLY A 35 -18.65 -5.34 -37.26
CA GLY A 35 -18.84 -5.40 -35.83
C GLY A 35 -18.29 -4.22 -35.07
N VAL A 36 -17.47 -3.39 -35.71
CA VAL A 36 -16.91 -2.24 -35.03
C VAL A 36 -18.02 -1.23 -34.78
N TYR A 37 -18.33 -0.97 -33.52
CA TYR A 37 -19.30 0.05 -33.17
C TYR A 37 -18.68 1.00 -32.18
N TYR A 38 -19.09 2.25 -32.24
CA TYR A 38 -18.60 3.21 -31.28
C TYR A 38 -18.93 2.70 -29.89
N PRO A 39 -17.94 2.49 -29.04
CA PRO A 39 -18.22 1.87 -27.72
C PRO A 39 -19.18 2.69 -26.90
N ASP A 40 -19.07 4.01 -26.96
CA ASP A 40 -19.90 4.92 -26.19
C ASP A 40 -19.84 6.28 -26.85
N LYS A 41 -20.79 7.14 -26.49
CA LYS A 41 -20.84 8.45 -27.11
C LYS A 41 -19.66 9.27 -26.63
N VAL A 42 -18.57 9.27 -27.40
CA VAL A 42 -17.38 10.03 -27.06
C VAL A 42 -16.86 10.68 -28.33
N PHE A 43 -16.24 11.83 -28.17
CA PHE A 43 -15.41 12.40 -29.21
C PHE A 43 -13.96 12.27 -28.83
N ARG A 44 -13.12 12.07 -29.84
CA ARG A 44 -11.69 11.92 -29.63
C ARG A 44 -11.00 12.47 -30.88
N SER A 45 -9.67 12.54 -30.84
CA SER A 45 -8.92 13.14 -31.93
C SER A 45 -7.61 12.40 -32.14
N SER A 46 -7.43 11.82 -33.33
CA SER A 46 -6.16 11.25 -33.79
C SER A 46 -5.46 10.48 -32.68
N VAL A 47 -6.24 9.68 -31.98
CA VAL A 47 -5.80 9.01 -30.78
C VAL A 47 -6.07 7.52 -30.91
N LEU A 48 -5.23 6.71 -30.29
CA LEU A 48 -5.39 5.26 -30.29
C LEU A 48 -5.86 4.85 -28.90
N HIS A 49 -7.17 4.93 -28.69
CA HIS A 49 -7.77 4.54 -27.42
C HIS A 49 -8.10 3.06 -27.50
N SER A 50 -7.58 2.29 -26.56
CA SER A 50 -7.91 0.87 -26.48
C SER A 50 -9.01 0.66 -25.46
N THR A 51 -10.01 -0.10 -25.86
CA THR A 51 -11.05 -0.50 -24.93
C THR A 51 -11.33 -1.99 -25.11
N GLN A 52 -11.69 -2.63 -24.01
CA GLN A 52 -12.12 -4.02 -24.01
C GLN A 52 -13.62 -4.02 -23.82
N ASP A 53 -14.35 -4.55 -24.79
CA ASP A 53 -15.81 -4.54 -24.71
C ASP A 53 -16.34 -5.68 -25.55
N LEU A 54 -17.64 -5.64 -25.84
CA LEU A 54 -18.29 -6.70 -26.59
C LEU A 54 -18.23 -6.39 -28.07
N PHE A 55 -17.81 -7.36 -28.86
CA PHE A 55 -17.62 -7.16 -30.29
C PHE A 55 -17.76 -8.48 -31.00
N LEU A 56 -17.92 -8.40 -32.31
CA LEU A 56 -17.74 -9.57 -33.14
C LEU A 56 -16.27 -9.68 -33.49
N PRO A 57 -15.57 -10.73 -33.07
CA PRO A 57 -14.15 -10.84 -33.37
C PRO A 57 -13.91 -10.91 -34.86
N PHE A 58 -12.80 -10.32 -35.30
CA PHE A 58 -12.39 -10.42 -36.70
C PHE A 58 -12.38 -11.85 -37.21
N PHE A 59 -12.59 -12.00 -38.51
CA PHE A 59 -12.44 -13.28 -39.20
C PHE A 59 -13.26 -14.36 -38.51
N SER A 60 -14.39 -13.97 -37.94
CA SER A 60 -15.32 -14.97 -37.47
C SER A 60 -15.97 -15.65 -38.66
N ASN A 61 -16.83 -16.60 -38.37
CA ASN A 61 -17.22 -17.58 -39.35
C ASN A 61 -18.75 -17.61 -39.27
N VAL A 62 -19.40 -16.85 -40.13
CA VAL A 62 -20.74 -16.35 -39.89
C VAL A 62 -21.73 -17.15 -40.71
N THR A 63 -22.93 -17.31 -40.15
CA THR A 63 -24.00 -18.07 -40.79
C THR A 63 -24.70 -17.26 -41.85
N TRP A 64 -24.95 -17.88 -43.00
CA TRP A 64 -25.51 -17.19 -44.15
C TRP A 64 -26.80 -17.89 -44.55
N PHE A 65 -27.86 -17.11 -44.70
CA PHE A 65 -29.17 -17.62 -45.06
C PHE A 65 -29.51 -17.20 -46.49
N HIS A 66 -30.73 -17.53 -46.89
CA HIS A 66 -31.29 -17.03 -48.15
C HIS A 66 -32.80 -16.88 -48.03
N ASP A 80 -38.54 -18.82 -44.74
CA ASP A 80 -37.55 -19.70 -44.13
C ASP A 80 -36.61 -18.94 -43.17
N ASN A 81 -37.16 -18.48 -42.06
CA ASN A 81 -36.41 -17.75 -41.03
C ASN A 81 -36.70 -18.38 -39.67
N PRO A 82 -35.93 -19.38 -39.26
CA PRO A 82 -36.16 -20.04 -37.98
C PRO A 82 -35.69 -19.17 -36.81
N VAL A 83 -36.08 -19.60 -35.61
CA VAL A 83 -35.64 -18.93 -34.40
C VAL A 83 -34.15 -19.14 -34.20
N LEU A 84 -33.42 -18.06 -33.97
CA LEU A 84 -32.00 -18.12 -33.70
C LEU A 84 -31.69 -17.49 -32.34
N PRO A 85 -30.84 -18.12 -31.56
CA PRO A 85 -30.61 -17.63 -30.20
C PRO A 85 -29.72 -16.39 -30.18
N PHE A 86 -29.34 -15.99 -28.97
CA PHE A 86 -28.55 -14.78 -28.73
C PHE A 86 -27.42 -15.19 -27.80
N ASN A 87 -26.22 -15.40 -28.35
CA ASN A 87 -25.16 -15.97 -27.54
C ASN A 87 -24.70 -15.01 -26.46
N ASP A 88 -24.15 -13.87 -26.85
CA ASP A 88 -23.91 -12.77 -25.94
C ASP A 88 -24.28 -11.43 -26.53
N GLY A 89 -24.30 -11.31 -27.85
CA GLY A 89 -24.71 -10.10 -28.53
C GLY A 89 -25.44 -10.52 -29.79
N VAL A 90 -26.05 -9.53 -30.45
CA VAL A 90 -26.83 -9.78 -31.65
C VAL A 90 -26.20 -8.99 -32.78
N TYR A 91 -25.64 -9.71 -33.74
CA TYR A 91 -25.21 -9.10 -34.97
C TYR A 91 -26.15 -9.51 -36.09
N PHE A 92 -26.52 -8.55 -36.93
CA PHE A 92 -27.37 -8.82 -38.08
C PHE A 92 -27.12 -7.76 -39.15
N ALA A 93 -27.21 -8.18 -40.42
CA ALA A 93 -27.06 -7.26 -41.53
C ALA A 93 -27.61 -7.91 -42.78
N SER A 94 -28.56 -7.26 -43.44
CA SER A 94 -29.24 -7.81 -44.60
C SER A 94 -28.66 -7.23 -45.87
N THR A 95 -28.29 -8.09 -46.80
CA THR A 95 -27.69 -7.68 -48.07
C THR A 95 -28.72 -7.90 -49.17
N GLU A 96 -29.60 -6.91 -49.35
CA GLU A 96 -30.64 -6.98 -50.35
C GLU A 96 -31.35 -5.65 -50.48
N LYS A 97 -31.57 -5.21 -51.72
CA LYS A 97 -32.32 -3.98 -51.96
C LYS A 97 -33.83 -4.19 -51.91
N SER A 98 -34.28 -5.43 -51.71
CA SER A 98 -35.71 -5.73 -51.68
C SER A 98 -36.38 -5.27 -50.39
N ASN A 99 -35.61 -5.09 -49.32
CA ASN A 99 -36.09 -4.60 -48.03
C ASN A 99 -37.12 -5.52 -47.39
N ILE A 100 -37.36 -6.70 -47.95
CA ILE A 100 -38.42 -7.57 -47.44
C ILE A 100 -38.20 -7.86 -45.97
N ILE A 101 -36.96 -8.15 -45.59
CA ILE A 101 -36.63 -8.39 -44.19
C ILE A 101 -36.67 -7.07 -43.42
N ARG A 102 -37.74 -6.86 -42.68
CA ARG A 102 -37.93 -5.59 -41.99
C ARG A 102 -38.55 -5.79 -40.61
N GLY A 103 -38.06 -6.77 -39.85
CA GLY A 103 -38.61 -6.98 -38.54
C GLY A 103 -37.75 -7.90 -37.69
N TRP A 104 -37.91 -7.77 -36.39
CA TRP A 104 -37.20 -8.56 -35.40
C TRP A 104 -38.15 -8.96 -34.27
N ILE A 105 -37.86 -10.07 -33.62
CA ILE A 105 -38.57 -10.52 -32.44
C ILE A 105 -37.58 -10.73 -31.32
N PHE A 106 -37.99 -10.40 -30.09
CA PHE A 106 -37.10 -10.46 -28.96
C PHE A 106 -37.79 -11.07 -27.76
N GLY A 107 -37.02 -11.72 -26.92
CA GLY A 107 -37.52 -12.22 -25.66
C GLY A 107 -36.85 -13.53 -25.32
N THR A 108 -37.38 -14.18 -24.30
CA THR A 108 -36.86 -15.44 -23.82
C THR A 108 -37.82 -16.59 -24.07
N THR A 109 -39.04 -16.51 -23.54
CA THR A 109 -40.01 -17.58 -23.78
C THR A 109 -40.59 -17.48 -25.18
N LEU A 110 -40.86 -16.26 -25.65
CA LEU A 110 -41.49 -16.03 -26.94
C LEU A 110 -42.81 -16.79 -27.05
N ASP A 111 -43.57 -16.84 -25.96
CA ASP A 111 -44.79 -17.64 -25.92
C ASP A 111 -45.96 -16.84 -25.34
N SER A 112 -45.98 -15.53 -25.57
CA SER A 112 -47.03 -14.61 -25.16
C SER A 112 -47.15 -14.49 -23.66
N LYS A 113 -46.37 -15.26 -22.90
CA LYS A 113 -46.43 -15.20 -21.44
C LYS A 113 -45.35 -14.30 -20.85
N THR A 114 -44.36 -13.90 -21.64
CA THR A 114 -43.24 -13.11 -21.16
C THR A 114 -43.10 -11.82 -21.97
N GLN A 115 -42.43 -10.84 -21.37
CA GLN A 115 -42.21 -9.58 -22.04
C GLN A 115 -41.39 -9.79 -23.31
N SER A 116 -41.66 -8.97 -24.31
CA SER A 116 -41.03 -9.16 -25.62
C SER A 116 -40.98 -7.83 -26.34
N LEU A 117 -40.22 -7.80 -27.43
CA LEU A 117 -40.01 -6.58 -28.19
C LEU A 117 -40.27 -6.82 -29.67
N LEU A 118 -40.91 -5.85 -30.31
CA LEU A 118 -41.32 -5.98 -31.70
C LEU A 118 -40.95 -4.73 -32.47
N ILE A 119 -40.74 -4.90 -33.77
CA ILE A 119 -40.28 -3.83 -34.64
C ILE A 119 -40.76 -4.10 -36.06
N VAL A 120 -41.18 -3.04 -36.76
CA VAL A 120 -41.56 -3.13 -38.16
C VAL A 120 -40.93 -1.95 -38.89
N ASN A 121 -40.18 -2.25 -39.95
CA ASN A 121 -39.43 -1.23 -40.69
C ASN A 121 -40.21 -0.88 -41.96
N ASN A 122 -41.29 -0.12 -41.78
CA ASN A 122 -42.08 0.35 -42.91
C ASN A 122 -41.28 1.37 -43.72
N ALA A 123 -41.76 1.65 -44.94
CA ALA A 123 -41.07 2.60 -45.80
C ALA A 123 -41.02 3.98 -45.16
N THR A 124 -42.10 4.38 -44.49
CA THR A 124 -42.12 5.68 -43.83
C THR A 124 -42.74 5.65 -42.44
N ASN A 125 -43.22 4.51 -41.95
CA ASN A 125 -43.90 4.43 -40.65
C ASN A 125 -43.17 3.42 -39.76
N VAL A 126 -42.13 3.88 -39.08
CA VAL A 126 -41.30 3.02 -38.24
C VAL A 126 -41.93 2.93 -36.86
N VAL A 127 -42.10 1.71 -36.37
CA VAL A 127 -42.79 1.45 -35.11
C VAL A 127 -42.03 0.39 -34.31
N ILE A 128 -41.97 0.59 -33.00
CA ILE A 128 -41.32 -0.34 -32.08
C ILE A 128 -42.25 -0.62 -30.92
N LYS A 129 -42.35 -1.88 -30.53
CA LYS A 129 -43.32 -2.30 -29.54
C LYS A 129 -42.68 -3.20 -28.49
N VAL A 130 -43.17 -3.09 -27.26
CA VAL A 130 -42.75 -3.96 -26.16
C VAL A 130 -44.02 -4.50 -25.51
N CYS A 131 -44.49 -5.66 -25.98
CA CYS A 131 -45.69 -6.28 -25.43
C CYS A 131 -45.48 -7.78 -25.28
N GLU A 132 -46.52 -8.44 -24.80
CA GLU A 132 -46.59 -9.89 -24.71
C GLU A 132 -47.44 -10.43 -25.86
N PHE A 133 -46.97 -10.22 -27.08
CA PHE A 133 -47.73 -10.67 -28.24
C PHE A 133 -47.92 -12.17 -28.24
N GLN A 134 -49.09 -12.58 -28.69
CA GLN A 134 -49.36 -14.00 -28.91
C GLN A 134 -48.63 -14.39 -30.18
N PHE A 135 -47.35 -14.68 -30.01
CA PHE A 135 -46.44 -14.91 -31.13
C PHE A 135 -46.96 -15.99 -32.05
N CYS A 136 -47.24 -15.62 -33.29
CA CYS A 136 -47.43 -16.62 -34.32
C CYS A 136 -46.18 -17.48 -34.38
N ASN A 137 -46.36 -18.80 -34.24
CA ASN A 137 -45.22 -19.70 -34.27
C ASN A 137 -44.54 -19.71 -35.64
N ASP A 138 -45.26 -19.35 -36.69
CA ASP A 138 -44.70 -19.19 -38.03
C ASP A 138 -45.12 -17.81 -38.53
N PRO A 139 -44.53 -16.77 -37.98
CA PRO A 139 -44.96 -15.41 -38.31
C PRO A 139 -44.22 -14.84 -39.51
N PHE A 140 -44.93 -14.04 -40.30
CA PHE A 140 -44.39 -13.52 -41.54
C PHE A 140 -45.31 -12.44 -42.06
N LEU A 141 -45.02 -11.99 -43.28
CA LEU A 141 -45.88 -11.06 -44.01
C LEU A 141 -45.91 -11.46 -45.48
N GLY A 142 -46.37 -10.58 -46.36
CA GLY A 142 -46.48 -10.90 -47.76
C GLY A 142 -45.86 -9.83 -48.64
N VAL A 143 -45.50 -10.25 -49.85
CA VAL A 143 -44.80 -9.39 -50.81
C VAL A 143 -45.68 -8.24 -51.29
N GLU A 156 -50.05 -7.48 -45.07
CA GLU A 156 -50.37 -8.64 -44.25
C GLU A 156 -49.41 -8.74 -43.06
N PHE A 157 -49.51 -7.79 -42.14
CA PHE A 157 -48.61 -7.72 -40.99
C PHE A 157 -49.33 -8.26 -39.77
N ARG A 158 -49.30 -9.58 -39.59
CA ARG A 158 -49.79 -10.23 -38.38
C ARG A 158 -48.77 -11.29 -37.99
N VAL A 159 -47.75 -10.88 -37.23
CA VAL A 159 -46.74 -11.81 -36.74
C VAL A 159 -47.15 -12.44 -35.42
N TYR A 160 -48.36 -12.16 -34.96
CA TYR A 160 -48.79 -12.55 -33.62
C TYR A 160 -50.30 -12.75 -33.67
N SER A 161 -50.87 -13.13 -32.51
CA SER A 161 -52.29 -13.36 -32.40
C SER A 161 -53.01 -12.41 -31.44
N SER A 162 -52.30 -11.80 -30.50
CA SER A 162 -52.92 -10.85 -29.59
C SER A 162 -51.83 -9.93 -29.04
N ALA A 163 -52.26 -8.75 -28.60
CA ALA A 163 -51.35 -7.72 -28.08
C ALA A 163 -51.87 -7.29 -26.72
N ASN A 164 -51.48 -8.03 -25.68
CA ASN A 164 -51.98 -7.80 -24.33
C ASN A 164 -50.83 -7.57 -23.37
N ASN A 165 -51.10 -6.76 -22.35
CA ASN A 165 -50.12 -6.42 -21.32
C ASN A 165 -48.87 -5.81 -21.95
N CYS A 166 -49.10 -4.78 -22.77
CA CYS A 166 -48.00 -4.08 -23.41
C CYS A 166 -47.15 -3.32 -22.39
N THR A 167 -45.83 -3.38 -22.57
CA THR A 167 -44.90 -2.76 -21.64
C THR A 167 -44.28 -1.47 -22.16
N PHE A 168 -44.05 -1.35 -23.47
CA PHE A 168 -43.54 -0.09 -23.99
C PHE A 168 -43.83 0.02 -25.48
N GLU A 169 -43.93 1.26 -25.95
CA GLU A 169 -44.16 1.55 -27.35
C GLU A 169 -43.24 2.68 -27.79
N TYR A 170 -42.83 2.63 -29.06
CA TYR A 170 -42.09 3.73 -29.65
C TYR A 170 -42.44 3.85 -31.13
N VAL A 171 -42.37 5.09 -31.63
CA VAL A 171 -42.48 5.38 -33.06
C VAL A 171 -41.26 6.19 -33.46
N SER A 172 -40.61 5.81 -34.57
CA SER A 172 -39.47 6.58 -35.03
C SER A 172 -39.86 7.53 -36.15
N ASN A 188 -27.96 0.66 -48.64
CA ASN A 188 -28.61 -0.53 -49.18
C ASN A 188 -28.18 -1.77 -48.40
N LEU A 189 -27.09 -1.64 -47.66
CA LEU A 189 -26.65 -2.68 -46.74
C LEU A 189 -26.75 -2.13 -45.33
N ARG A 190 -27.54 -2.80 -44.49
CA ARG A 190 -27.95 -2.28 -43.20
C ARG A 190 -27.55 -3.27 -42.11
N GLU A 191 -26.69 -2.81 -41.19
CA GLU A 191 -26.17 -3.65 -40.12
C GLU A 191 -26.72 -3.19 -38.79
N PHE A 192 -27.19 -4.14 -37.98
CA PHE A 192 -27.91 -3.84 -36.75
C PHE A 192 -27.35 -4.67 -35.62
N VAL A 193 -26.74 -4.01 -34.64
CA VAL A 193 -26.14 -4.70 -33.49
C VAL A 193 -26.97 -4.39 -32.26
N PHE A 194 -27.35 -5.44 -31.55
CA PHE A 194 -28.26 -5.33 -30.42
C PHE A 194 -27.52 -5.73 -29.16
N LYS A 195 -27.83 -5.06 -28.05
CA LYS A 195 -27.48 -5.63 -26.76
C LYS A 195 -28.41 -5.13 -25.68
N ASN A 196 -28.94 -6.06 -24.90
CA ASN A 196 -29.70 -5.75 -23.70
C ASN A 196 -28.70 -5.67 -22.55
N ILE A 197 -28.18 -4.48 -22.30
CA ILE A 197 -27.09 -4.28 -21.35
C ILE A 197 -27.57 -3.40 -20.22
N ASP A 198 -27.28 -3.81 -18.99
CA ASP A 198 -27.62 -3.03 -17.81
C ASP A 198 -29.09 -2.66 -17.81
N GLY A 199 -29.92 -3.59 -18.29
CA GLY A 199 -31.33 -3.32 -18.46
C GLY A 199 -31.67 -2.44 -19.63
N TYR A 200 -30.68 -1.98 -20.39
CA TYR A 200 -30.92 -1.08 -21.50
C TYR A 200 -30.64 -1.80 -22.81
N PHE A 201 -31.25 -1.31 -23.87
CA PHE A 201 -31.25 -1.98 -25.16
C PHE A 201 -30.64 -1.03 -26.19
N LYS A 202 -29.36 -1.24 -26.51
CA LYS A 202 -28.62 -0.36 -27.40
C LYS A 202 -28.63 -0.97 -28.79
N ILE A 203 -29.15 -0.22 -29.77
CA ILE A 203 -29.31 -0.70 -31.13
C ILE A 203 -28.54 0.23 -32.06
N TYR A 204 -27.65 -0.34 -32.86
CA TYR A 204 -26.64 0.43 -33.57
C TYR A 204 -26.76 0.12 -35.05
N SER A 205 -26.55 1.13 -35.90
CA SER A 205 -26.84 0.96 -37.32
C SER A 205 -25.75 1.57 -38.18
N LYS A 206 -25.70 1.15 -39.44
CA LYS A 206 -24.83 1.76 -40.45
C LYS A 206 -25.28 1.30 -41.82
N HIS A 207 -25.61 2.24 -42.69
CA HIS A 207 -26.12 1.93 -44.02
C HIS A 207 -25.01 2.10 -45.04
N THR A 208 -24.79 1.09 -45.85
CA THR A 208 -23.82 1.13 -46.93
C THR A 208 -24.47 0.64 -48.21
N PRO A 209 -23.95 1.04 -49.37
CA PRO A 209 -24.59 0.68 -50.64
C PRO A 209 -24.59 -0.82 -50.88
N ILE A 210 -25.35 -1.22 -51.89
CA ILE A 210 -25.37 -2.60 -52.37
C ILE A 210 -24.39 -2.68 -53.53
N ASN A 211 -23.15 -3.07 -53.24
CA ASN A 211 -22.12 -3.18 -54.26
C ASN A 211 -21.49 -4.58 -54.31
N LEU A 212 -22.05 -5.54 -53.58
CA LEU A 212 -21.55 -6.90 -53.55
C LEU A 212 -22.38 -7.80 -54.45
N VAL A 213 -21.83 -8.97 -54.76
CA VAL A 213 -22.48 -9.94 -55.63
C VAL A 213 -22.80 -11.22 -54.88
N ARG A 214 -21.79 -11.90 -54.35
CA ARG A 214 -22.01 -13.18 -53.69
C ARG A 214 -21.16 -13.34 -52.45
N ASP A 215 -20.81 -12.26 -51.77
CA ASP A 215 -20.01 -12.37 -50.57
C ASP A 215 -20.23 -11.15 -49.69
N LEU A 216 -20.03 -11.34 -48.39
CA LEU A 216 -20.09 -10.25 -47.44
C LEU A 216 -18.82 -9.42 -47.59
N PRO A 217 -18.91 -8.13 -47.90
CA PRO A 217 -17.79 -7.43 -48.52
C PRO A 217 -16.53 -7.46 -47.67
N GLN A 218 -15.39 -7.55 -48.35
CA GLN A 218 -14.09 -7.50 -47.69
C GLN A 218 -13.72 -6.06 -47.44
N GLY A 219 -14.63 -5.30 -46.85
CA GLY A 219 -14.38 -3.91 -46.55
C GLY A 219 -14.42 -3.64 -45.07
N PHE A 220 -14.35 -2.38 -44.68
CA PHE A 220 -14.39 -2.04 -43.27
C PHE A 220 -15.09 -0.70 -43.07
N SER A 221 -15.82 -0.61 -41.96
CA SER A 221 -16.42 0.64 -41.52
C SER A 221 -16.77 0.48 -40.04
N ALA A 222 -17.53 1.43 -39.51
CA ALA A 222 -17.91 1.42 -38.11
C ALA A 222 -19.42 1.41 -37.97
N LEU A 223 -19.87 1.04 -36.79
CA LEU A 223 -21.28 1.13 -36.46
C LEU A 223 -21.53 2.34 -35.58
N GLU A 224 -22.50 3.12 -35.95
CA GLU A 224 -22.93 4.33 -35.30
C GLU A 224 -24.14 4.05 -34.44
N PRO A 225 -24.18 4.49 -33.19
CA PRO A 225 -25.34 4.21 -32.35
C PRO A 225 -26.58 4.85 -32.94
N LEU A 226 -27.71 4.16 -32.84
CA LEU A 226 -28.96 4.72 -33.31
C LEU A 226 -29.92 5.02 -32.16
N VAL A 227 -30.23 4.03 -31.34
CA VAL A 227 -31.14 4.20 -30.21
C VAL A 227 -30.72 3.27 -29.09
N ASP A 228 -30.82 3.75 -27.86
CA ASP A 228 -30.58 2.96 -26.66
C ASP A 228 -31.92 2.81 -25.96
N LEU A 229 -32.35 1.60 -25.77
CA LEU A 229 -33.70 1.52 -25.21
C LEU A 229 -33.65 1.01 -23.79
N PRO A 230 -34.29 1.70 -22.88
CA PRO A 230 -34.38 1.30 -21.47
C PRO A 230 -35.53 0.32 -21.16
N ILE A 231 -35.34 -0.94 -21.53
CA ILE A 231 -36.38 -1.96 -21.34
C ILE A 231 -35.78 -3.14 -20.59
N GLY A 232 -36.34 -3.47 -19.45
CA GLY A 232 -35.82 -4.54 -18.61
C GLY A 232 -36.30 -5.93 -18.98
N ILE A 233 -35.76 -6.51 -20.05
CA ILE A 233 -36.17 -7.81 -20.54
C ILE A 233 -35.00 -8.78 -20.52
N ASN A 234 -35.25 -9.99 -20.01
CA ASN A 234 -34.32 -11.10 -20.16
C ASN A 234 -34.53 -11.66 -21.56
N ILE A 235 -33.52 -11.53 -22.40
CA ILE A 235 -33.61 -11.96 -23.80
C ILE A 235 -32.63 -13.08 -24.05
N THR A 236 -33.13 -14.18 -24.61
CA THR A 236 -32.31 -15.34 -24.94
C THR A 236 -32.19 -15.61 -26.42
N ARG A 237 -33.23 -15.31 -27.20
CA ARG A 237 -33.25 -15.64 -28.61
C ARG A 237 -33.90 -14.50 -29.38
N PHE A 238 -33.78 -14.57 -30.70
CA PHE A 238 -34.35 -13.55 -31.56
C PHE A 238 -34.75 -14.19 -32.88
N GLN A 239 -35.62 -13.50 -33.62
CA GLN A 239 -35.98 -13.98 -34.93
C GLN A 239 -36.28 -12.78 -35.83
N THR A 240 -35.87 -12.91 -37.09
CA THR A 240 -36.03 -11.86 -38.08
C THR A 240 -37.38 -12.01 -38.78
N LEU A 241 -37.94 -10.87 -39.18
CA LEU A 241 -39.30 -10.84 -39.72
C LEU A 241 -39.31 -10.20 -41.08
N LEU A 242 -39.77 -10.94 -42.08
CA LEU A 242 -39.89 -10.42 -43.44
C LEU A 242 -41.28 -10.69 -44.00
N ALA A 243 -41.46 -10.43 -45.29
CA ALA A 243 -42.73 -10.63 -45.96
C ALA A 243 -42.77 -11.95 -46.72
N ALA A 263 -34.08 -13.04 -50.76
CA ALA A 263 -32.94 -12.29 -50.25
C ALA A 263 -31.98 -13.19 -49.49
N ALA A 264 -31.19 -12.60 -48.60
CA ALA A 264 -30.19 -13.31 -47.81
C ALA A 264 -29.58 -12.32 -46.82
N TYR A 265 -28.83 -12.85 -45.86
CA TYR A 265 -28.13 -12.02 -44.89
C TYR A 265 -27.16 -12.88 -44.11
N TYR A 266 -26.52 -12.27 -43.11
CA TYR A 266 -25.54 -12.93 -42.27
C TYR A 266 -25.80 -12.58 -40.81
N VAL A 267 -25.52 -13.52 -39.92
CA VAL A 267 -25.64 -13.31 -38.48
C VAL A 267 -24.54 -14.06 -37.75
N GLY A 268 -23.81 -13.37 -36.89
CA GLY A 268 -22.85 -13.99 -36.01
C GLY A 268 -23.23 -13.78 -34.57
N TYR A 269 -22.25 -13.62 -33.68
CA TYR A 269 -22.53 -13.36 -32.27
C TYR A 269 -21.41 -12.52 -31.67
N LEU A 270 -21.79 -11.52 -30.89
CA LEU A 270 -20.82 -10.62 -30.27
C LEU A 270 -19.97 -11.37 -29.27
N GLN A 271 -18.81 -10.83 -28.94
CA GLN A 271 -17.95 -11.54 -28.02
C GLN A 271 -17.20 -10.56 -27.12
N PRO A 272 -16.80 -10.99 -25.93
CA PRO A 272 -16.04 -10.12 -25.02
C PRO A 272 -14.55 -10.10 -25.29
N ARG A 273 -14.10 -9.26 -26.22
CA ARG A 273 -12.69 -9.19 -26.56
C ARG A 273 -12.14 -7.80 -26.22
N THR A 274 -10.91 -7.56 -26.65
CA THR A 274 -10.23 -6.29 -26.41
C THR A 274 -9.73 -5.74 -27.72
N PHE A 275 -9.98 -4.46 -27.96
CA PHE A 275 -9.70 -3.85 -29.24
C PHE A 275 -8.92 -2.56 -29.06
N LEU A 276 -8.28 -2.13 -30.14
CA LEU A 276 -7.71 -0.81 -30.24
C LEU A 276 -8.37 -0.09 -31.40
N LEU A 277 -8.76 1.16 -31.18
CA LEU A 277 -9.57 1.90 -32.13
C LEU A 277 -8.85 3.19 -32.50
N LYS A 278 -8.39 3.28 -33.74
CA LYS A 278 -7.73 4.48 -34.22
C LYS A 278 -8.80 5.52 -34.50
N TYR A 279 -9.15 6.28 -33.47
CA TYR A 279 -10.02 7.42 -33.68
C TYR A 279 -9.37 8.36 -34.67
N ASN A 280 -10.14 8.85 -35.62
CA ASN A 280 -9.57 9.61 -36.73
C ASN A 280 -9.24 11.02 -36.26
N GLU A 281 -8.93 11.87 -37.23
CA GLU A 281 -8.62 13.25 -36.92
C GLU A 281 -9.85 14.05 -36.50
N ASN A 282 -11.06 13.58 -36.83
CA ASN A 282 -12.31 14.26 -36.48
C ASN A 282 -13.31 13.29 -35.88
N GLY A 283 -12.86 12.49 -34.92
CA GLY A 283 -13.80 11.78 -34.07
C GLY A 283 -14.55 10.63 -34.71
N THR A 284 -14.05 10.07 -35.81
CA THR A 284 -14.59 8.82 -36.32
C THR A 284 -13.51 7.74 -36.27
N ILE A 285 -13.93 6.52 -36.57
CA ILE A 285 -13.06 5.36 -36.46
C ILE A 285 -12.77 4.88 -37.88
N THR A 286 -11.51 4.99 -38.28
CA THR A 286 -11.11 4.56 -39.60
C THR A 286 -10.48 3.18 -39.63
N ASP A 287 -10.10 2.65 -38.48
CA ASP A 287 -9.50 1.33 -38.44
C ASP A 287 -9.47 0.85 -37.00
N ALA A 288 -9.32 -0.46 -36.85
CA ALA A 288 -9.24 -1.05 -35.53
C ALA A 288 -8.54 -2.38 -35.64
N VAL A 289 -8.06 -2.88 -34.50
CA VAL A 289 -7.29 -4.11 -34.46
C VAL A 289 -7.76 -4.95 -33.29
N ASP A 290 -7.91 -6.26 -33.53
CA ASP A 290 -8.12 -7.18 -32.44
C ASP A 290 -6.84 -7.34 -31.65
N CYS A 291 -6.95 -7.24 -30.34
CA CYS A 291 -5.84 -7.63 -29.48
C CYS A 291 -5.57 -9.11 -29.59
N ALA A 292 -6.59 -9.94 -29.40
CA ALA A 292 -6.41 -11.37 -29.16
C ALA A 292 -6.55 -12.22 -30.41
N LEU A 293 -6.32 -11.65 -31.59
CA LEU A 293 -6.44 -12.47 -32.80
C LEU A 293 -5.17 -13.28 -33.04
N ASP A 294 -4.07 -12.60 -33.32
CA ASP A 294 -2.86 -13.24 -33.82
C ASP A 294 -1.66 -12.65 -33.11
N PRO A 295 -0.51 -13.32 -33.19
CA PRO A 295 0.69 -12.75 -32.58
C PRO A 295 0.99 -11.33 -33.03
N LEU A 296 1.08 -11.11 -34.33
CA LEU A 296 1.34 -9.75 -34.82
C LEU A 296 0.37 -8.78 -34.21
N SER A 297 -0.92 -9.09 -34.30
CA SER A 297 -1.91 -8.15 -33.80
C SER A 297 -1.73 -7.92 -32.31
N GLU A 298 -1.57 -9.00 -31.54
CA GLU A 298 -1.42 -8.85 -30.10
C GLU A 298 -0.25 -7.95 -29.75
N THR A 299 0.74 -7.85 -30.65
CA THR A 299 1.82 -6.90 -30.42
C THR A 299 1.29 -5.48 -30.37
N LYS A 300 0.39 -5.13 -31.28
CA LYS A 300 -0.04 -3.74 -31.38
C LYS A 300 -0.69 -3.29 -30.09
N CYS A 301 -1.51 -4.14 -29.48
CA CYS A 301 -2.22 -3.74 -28.29
C CYS A 301 -1.26 -3.43 -27.15
N THR A 302 -0.35 -4.35 -26.85
CA THR A 302 0.58 -4.09 -25.77
C THR A 302 1.47 -2.89 -26.09
N LEU A 303 1.93 -2.78 -27.33
CA LEU A 303 2.61 -1.57 -27.74
C LEU A 303 1.67 -0.39 -27.85
N LYS A 304 0.37 -0.61 -27.75
CA LYS A 304 -0.62 0.46 -27.90
C LYS A 304 -0.31 1.33 -29.10
N SER A 305 0.22 0.70 -30.15
CA SER A 305 0.61 1.38 -31.36
C SER A 305 0.00 0.66 -32.54
N PHE A 306 -0.33 1.42 -33.57
CA PHE A 306 -1.02 0.87 -34.72
C PHE A 306 -0.09 0.33 -35.78
N THR A 307 1.22 0.48 -35.63
CA THR A 307 2.16 0.05 -36.65
C THR A 307 3.48 -0.23 -35.99
N VAL A 308 3.95 -1.48 -36.05
CA VAL A 308 5.10 -1.91 -35.29
C VAL A 308 6.36 -1.76 -36.13
N GLU A 309 7.40 -1.19 -35.53
CA GLU A 309 8.69 -1.15 -36.18
C GLU A 309 9.38 -2.51 -36.07
N LYS A 310 10.46 -2.68 -36.82
CA LYS A 310 11.11 -3.97 -36.93
C LYS A 310 11.94 -4.27 -35.69
N GLY A 311 11.75 -5.44 -35.12
CA GLY A 311 12.50 -5.82 -33.94
C GLY A 311 11.82 -6.96 -33.20
N ILE A 312 11.95 -6.92 -31.87
CA ILE A 312 11.37 -7.91 -30.97
C ILE A 312 10.67 -7.19 -29.84
N TYR A 313 9.63 -7.82 -29.30
CA TYR A 313 8.79 -7.17 -28.30
C TYR A 313 8.19 -8.22 -27.40
N GLN A 314 8.53 -8.19 -26.12
CA GLN A 314 7.84 -9.06 -25.18
C GLN A 314 6.37 -8.67 -25.12
N THR A 315 5.49 -9.66 -25.10
CA THR A 315 4.06 -9.40 -25.17
C THR A 315 3.30 -9.86 -23.94
N SER A 316 3.43 -11.13 -23.58
CA SER A 316 2.72 -11.70 -22.46
C SER A 316 3.67 -12.63 -21.73
N ASN A 317 3.11 -13.45 -20.85
CA ASN A 317 3.91 -14.39 -20.11
C ASN A 317 3.39 -15.79 -20.36
N PHE A 318 4.28 -16.68 -20.74
CA PHE A 318 3.91 -18.04 -21.09
C PHE A 318 4.07 -18.92 -19.87
N ARG A 319 2.95 -19.30 -19.26
CA ARG A 319 2.95 -20.09 -18.04
C ARG A 319 2.17 -21.37 -18.26
N VAL A 320 2.64 -22.46 -17.68
CA VAL A 320 1.99 -23.75 -17.78
C VAL A 320 1.08 -23.95 -16.58
N GLN A 321 -0.08 -24.32 -16.83
CA GLN A 321 -1.04 -24.50 -15.76
C GLN A 321 -0.92 -25.90 -15.16
N PRO A 322 -1.30 -26.05 -13.89
CA PRO A 322 -1.34 -27.39 -13.27
C PRO A 322 -2.47 -28.20 -13.89
N THR A 323 -2.11 -29.30 -14.53
CA THR A 323 -3.10 -30.10 -15.23
C THR A 323 -3.88 -31.03 -14.33
N GLU A 324 -3.47 -31.21 -13.08
CA GLU A 324 -4.07 -32.22 -12.24
C GLU A 324 -3.58 -32.02 -10.82
N SER A 325 -4.36 -32.50 -9.86
CA SER A 325 -3.94 -32.52 -8.48
C SER A 325 -3.38 -33.90 -8.13
N ILE A 326 -2.73 -33.97 -6.97
CA ILE A 326 -2.17 -35.21 -6.48
C ILE A 326 -1.80 -35.07 -5.01
N VAL A 327 -1.92 -36.15 -4.26
CA VAL A 327 -1.47 -36.16 -2.86
C VAL A 327 -1.27 -37.62 -2.47
N ARG A 328 -0.25 -37.87 -1.67
CA ARG A 328 0.08 -39.22 -1.24
C ARG A 328 0.43 -39.19 0.24
N PHE A 329 0.40 -40.37 0.85
CA PHE A 329 0.43 -40.50 2.31
C PHE A 329 1.05 -41.83 2.70
N PRO A 330 1.64 -41.93 3.88
CA PRO A 330 2.22 -43.21 4.31
C PRO A 330 1.12 -44.27 4.43
N ASN A 331 1.50 -45.54 4.25
CA ASN A 331 0.52 -46.62 4.40
C ASN A 331 -0.14 -46.49 5.76
N ILE A 332 -1.44 -46.23 5.76
CA ILE A 332 -2.13 -45.79 6.98
C ILE A 332 -2.10 -46.94 7.97
N THR A 333 -1.40 -46.75 9.08
CA THR A 333 -1.22 -47.78 10.09
C THR A 333 -2.11 -47.49 11.29
N ASN A 334 -1.90 -48.27 12.35
CA ASN A 334 -2.46 -48.07 13.70
C ASN A 334 -3.89 -47.55 13.68
N LEU A 335 -4.76 -48.35 13.06
CA LEU A 335 -6.18 -48.08 13.14
C LEU A 335 -6.65 -48.14 14.59
N CYS A 336 -7.46 -47.16 14.98
CA CYS A 336 -7.95 -47.14 16.35
C CYS A 336 -8.77 -48.41 16.62
N PRO A 337 -8.63 -49.01 17.78
CA PRO A 337 -9.29 -50.29 18.06
C PRO A 337 -10.79 -50.13 18.30
N PHE A 338 -11.57 -50.09 17.23
CA PHE A 338 -12.98 -49.77 17.34
C PHE A 338 -13.87 -51.00 17.52
N GLY A 339 -13.46 -52.15 17.00
CA GLY A 339 -14.30 -53.34 17.11
C GLY A 339 -14.60 -53.72 18.55
N GLU A 340 -13.61 -53.56 19.42
CA GLU A 340 -13.78 -53.86 20.83
C GLU A 340 -14.60 -52.82 21.57
N VAL A 341 -15.16 -51.85 20.86
CA VAL A 341 -16.12 -50.91 21.42
C VAL A 341 -17.52 -51.18 20.91
N PHE A 342 -17.66 -51.47 19.62
CA PHE A 342 -18.95 -51.76 19.03
C PHE A 342 -19.24 -53.26 19.06
N ASN A 343 -18.39 -54.05 18.42
CA ASN A 343 -18.55 -55.49 18.37
C ASN A 343 -18.19 -56.17 19.68
N ALA A 344 -17.92 -55.39 20.72
CA ALA A 344 -17.53 -55.97 22.00
C ALA A 344 -18.63 -56.85 22.56
N THR A 345 -18.23 -58.00 23.12
CA THR A 345 -19.21 -59.03 23.48
C THR A 345 -20.10 -58.58 24.63
N ARG A 346 -19.51 -58.03 25.69
CA ARG A 346 -20.26 -57.70 26.90
C ARG A 346 -20.05 -56.24 27.26
N PHE A 347 -21.07 -55.66 27.88
CA PHE A 347 -21.12 -54.26 28.26
C PHE A 347 -21.44 -54.12 29.74
N ALA A 348 -21.08 -52.98 30.36
CA ALA A 348 -21.38 -52.80 31.79
C ALA A 348 -22.69 -52.08 32.02
N SER A 349 -23.11 -52.01 33.30
CA SER A 349 -24.31 -51.27 33.67
C SER A 349 -24.08 -49.78 33.52
N VAL A 350 -25.18 -49.02 33.48
CA VAL A 350 -25.09 -47.64 33.06
C VAL A 350 -24.35 -46.78 34.08
N TYR A 351 -24.60 -46.96 35.37
CA TYR A 351 -23.79 -46.16 36.27
C TYR A 351 -22.35 -46.65 36.30
N ALA A 352 -22.11 -47.88 35.86
CA ALA A 352 -20.77 -48.43 35.70
C ALA A 352 -20.28 -48.30 34.26
N TRP A 353 -20.74 -47.25 33.57
CA TRP A 353 -20.32 -47.01 32.20
C TRP A 353 -18.80 -46.89 32.14
N ASN A 354 -18.20 -47.60 31.20
CA ASN A 354 -16.75 -47.60 31.04
C ASN A 354 -16.34 -46.47 30.11
N ARG A 355 -15.26 -45.79 30.46
CA ARG A 355 -14.66 -44.78 29.61
C ARG A 355 -13.42 -45.37 28.97
N LYS A 356 -13.43 -45.49 27.66
CA LYS A 356 -12.30 -46.03 26.92
C LYS A 356 -11.59 -44.86 26.25
N ARG A 357 -10.51 -44.41 26.85
CA ARG A 357 -9.69 -43.40 26.21
C ARG A 357 -9.14 -43.96 24.91
N ILE A 358 -9.12 -43.12 23.87
CA ILE A 358 -8.57 -43.49 22.58
C ILE A 358 -7.27 -42.73 22.40
N SER A 359 -6.18 -43.47 22.24
CA SER A 359 -4.85 -42.89 22.21
C SER A 359 -4.49 -42.48 20.79
N ASN A 360 -3.22 -42.22 20.55
CA ASN A 360 -2.73 -41.91 19.22
C ASN A 360 -2.98 -43.09 18.28
N CYS A 361 -3.92 -42.89 17.35
CA CYS A 361 -4.25 -43.88 16.33
C CYS A 361 -5.09 -43.17 15.29
N VAL A 362 -5.43 -43.88 14.22
CA VAL A 362 -6.24 -43.32 13.15
C VAL A 362 -7.66 -43.83 13.29
N ALA A 363 -8.63 -42.95 13.02
CA ALA A 363 -10.01 -43.25 13.36
C ALA A 363 -10.70 -44.12 12.30
N ASP A 364 -10.84 -43.59 11.08
CA ASP A 364 -11.60 -44.24 10.01
C ASP A 364 -13.05 -44.49 10.45
N TYR A 365 -13.76 -43.39 10.67
CA TYR A 365 -15.19 -43.49 10.96
C TYR A 365 -16.01 -43.95 9.76
N SER A 366 -15.36 -44.25 8.63
CA SER A 366 -16.09 -44.59 7.41
C SER A 366 -17.03 -45.75 7.64
N VAL A 367 -16.68 -46.66 8.55
CA VAL A 367 -17.50 -47.84 8.79
C VAL A 367 -18.82 -47.45 9.45
N LEU A 368 -18.80 -46.49 10.39
CA LEU A 368 -20.03 -46.16 11.11
C LEU A 368 -21.02 -45.43 10.23
N TYR A 369 -20.57 -44.78 9.17
CA TYR A 369 -21.51 -44.34 8.15
C TYR A 369 -22.20 -45.53 7.52
N ASN A 370 -21.42 -46.38 6.84
CA ASN A 370 -21.95 -47.46 6.02
C ASN A 370 -22.07 -48.76 6.81
N SER A 371 -22.72 -48.66 7.97
CA SER A 371 -23.07 -49.86 8.73
C SER A 371 -24.24 -49.46 9.63
N ALA A 372 -25.45 -49.80 9.20
CA ALA A 372 -26.66 -49.39 9.91
C ALA A 372 -26.99 -50.29 11.07
N SER A 373 -26.02 -51.07 11.55
CA SER A 373 -26.26 -51.95 12.69
C SER A 373 -26.86 -51.16 13.85
N PHE A 374 -26.19 -50.08 14.24
CA PHE A 374 -26.74 -49.18 15.22
C PHE A 374 -27.90 -48.40 14.60
N SER A 375 -28.81 -47.93 15.45
CA SER A 375 -30.07 -47.37 14.97
C SER A 375 -30.07 -45.86 14.86
N THR A 376 -29.12 -45.17 15.50
CA THR A 376 -29.17 -43.71 15.56
C THR A 376 -28.07 -43.05 14.75
N PHE A 377 -26.81 -43.41 14.96
CA PHE A 377 -25.67 -42.79 14.28
C PHE A 377 -25.74 -41.27 14.43
N LYS A 378 -26.00 -40.83 15.64
CA LYS A 378 -26.38 -39.46 15.94
C LYS A 378 -25.18 -38.68 16.47
N CYS A 379 -24.84 -37.59 15.78
CA CYS A 379 -23.73 -36.74 16.18
C CYS A 379 -24.23 -35.37 16.57
N TYR A 380 -23.48 -34.71 17.45
CA TYR A 380 -23.89 -33.45 18.06
C TYR A 380 -22.84 -32.39 17.77
N GLY A 381 -23.27 -31.27 17.18
CA GLY A 381 -22.38 -30.17 16.87
C GLY A 381 -21.45 -30.40 15.71
N VAL A 382 -21.22 -31.64 15.31
CA VAL A 382 -20.35 -31.96 14.18
C VAL A 382 -21.10 -32.87 13.24
N SER A 383 -21.09 -32.54 11.95
CA SER A 383 -21.69 -33.41 10.97
C SER A 383 -20.93 -34.71 10.89
N PRO A 384 -21.65 -35.80 10.62
CA PRO A 384 -20.99 -37.09 10.49
C PRO A 384 -19.92 -37.06 9.42
N THR A 385 -20.24 -36.47 8.26
CA THR A 385 -19.32 -36.49 7.14
C THR A 385 -18.07 -35.66 7.37
N LYS A 386 -18.13 -34.66 8.27
CA LYS A 386 -16.99 -33.79 8.47
C LYS A 386 -16.23 -34.08 9.75
N LEU A 387 -16.28 -35.32 10.24
CA LEU A 387 -15.50 -35.72 11.41
C LEU A 387 -14.57 -36.90 11.16
N ASN A 388 -14.82 -37.70 10.12
CA ASN A 388 -13.87 -38.72 9.69
C ASN A 388 -12.65 -38.14 9.01
N ASP A 389 -12.52 -36.81 9.00
CA ASP A 389 -11.47 -36.11 8.31
C ASP A 389 -10.95 -34.97 9.17
N LEU A 390 -10.73 -35.26 10.46
CA LEU A 390 -10.36 -34.23 11.42
C LEU A 390 -9.25 -34.74 12.34
N CYS A 391 -8.79 -33.87 13.23
CA CYS A 391 -7.75 -34.18 14.19
C CYS A 391 -8.07 -33.53 15.53
N PHE A 392 -7.76 -34.23 16.61
CA PHE A 392 -8.08 -33.75 17.95
C PHE A 392 -7.04 -34.24 18.94
N THR A 393 -7.16 -33.77 20.18
CA THR A 393 -6.26 -34.22 21.23
C THR A 393 -6.35 -35.73 21.39
N ASN A 394 -7.49 -36.24 21.80
CA ASN A 394 -7.71 -37.67 21.94
C ASN A 394 -9.22 -37.88 22.01
N VAL A 395 -9.63 -39.13 22.25
CA VAL A 395 -11.04 -39.52 22.22
C VAL A 395 -11.34 -40.44 23.40
N TYR A 396 -12.53 -40.26 23.98
CA TYR A 396 -13.00 -41.09 25.07
C TYR A 396 -14.36 -41.66 24.68
N ALA A 397 -14.54 -42.96 24.90
CA ALA A 397 -15.74 -43.65 24.45
C ALA A 397 -16.43 -44.33 25.61
N ASP A 398 -17.76 -44.21 25.65
CA ASP A 398 -18.58 -44.91 26.63
C ASP A 398 -19.32 -46.04 25.93
N SER A 399 -18.94 -47.27 26.24
CA SER A 399 -19.64 -48.44 25.77
C SER A 399 -20.38 -49.06 26.95
N PHE A 400 -21.70 -49.07 26.88
CA PHE A 400 -22.52 -49.68 27.92
C PHE A 400 -23.89 -49.99 27.32
N VAL A 401 -24.75 -50.55 28.15
CA VAL A 401 -26.11 -50.91 27.74
C VAL A 401 -27.11 -50.15 28.59
N ILE A 402 -28.01 -49.45 27.91
CA ILE A 402 -29.17 -48.85 28.55
C ILE A 402 -30.42 -49.48 27.97
N ARG A 403 -31.56 -49.05 28.50
CA ARG A 403 -32.87 -49.53 28.08
C ARG A 403 -33.13 -49.23 26.62
N GLY A 404 -34.07 -49.96 26.04
CA GLY A 404 -34.53 -49.65 24.70
C GLY A 404 -35.21 -48.30 24.60
N ASP A 405 -35.77 -47.81 25.71
CA ASP A 405 -36.39 -46.49 25.75
C ASP A 405 -35.46 -45.41 26.29
N GLU A 406 -34.26 -45.77 26.74
CA GLU A 406 -33.26 -44.77 27.10
C GLU A 406 -32.57 -44.18 25.90
N VAL A 407 -33.15 -44.34 24.71
CA VAL A 407 -32.51 -43.88 23.49
C VAL A 407 -32.40 -42.36 23.46
N ARG A 408 -33.47 -41.65 23.81
CA ARG A 408 -33.44 -40.20 23.65
C ARG A 408 -32.55 -39.54 24.69
N GLN A 409 -32.41 -40.18 25.86
CA GLN A 409 -31.77 -39.56 27.01
C GLN A 409 -30.29 -39.28 26.78
N ILE A 410 -29.68 -39.86 25.76
CA ILE A 410 -28.24 -39.71 25.55
C ILE A 410 -28.07 -38.49 24.67
N ALA A 411 -28.07 -37.32 25.31
CA ALA A 411 -27.99 -36.03 24.64
C ALA A 411 -27.89 -34.96 25.71
N PRO A 412 -27.40 -33.78 25.34
CA PRO A 412 -27.59 -32.62 26.22
C PRO A 412 -29.05 -32.25 26.31
N GLY A 413 -29.44 -31.71 27.47
CA GLY A 413 -30.81 -31.33 27.71
C GLY A 413 -31.71 -32.46 28.19
N GLN A 414 -31.29 -33.71 28.05
CA GLN A 414 -31.98 -34.84 28.64
C GLN A 414 -31.53 -34.98 30.09
N THR A 415 -32.49 -35.08 31.00
CA THR A 415 -32.15 -35.05 32.41
C THR A 415 -32.94 -36.11 33.19
N GLY A 416 -33.02 -37.32 32.64
CA GLY A 416 -33.67 -38.41 33.33
C GLY A 416 -32.75 -39.05 34.35
N LYS A 417 -33.24 -40.15 34.94
CA LYS A 417 -32.45 -40.91 35.90
C LYS A 417 -31.18 -41.43 35.24
N ILE A 418 -31.31 -41.98 34.04
CA ILE A 418 -30.13 -42.41 33.29
C ILE A 418 -29.23 -41.22 33.02
N ALA A 419 -29.83 -40.08 32.67
CA ALA A 419 -29.05 -38.87 32.47
C ALA A 419 -28.45 -38.38 33.79
N ASP A 420 -29.26 -38.27 34.83
CA ASP A 420 -28.81 -37.58 36.03
C ASP A 420 -28.19 -38.51 37.07
N TYR A 421 -28.76 -39.70 37.24
CA TYR A 421 -28.35 -40.60 38.31
C TYR A 421 -27.52 -41.77 37.81
N ASN A 422 -27.31 -41.90 36.51
CA ASN A 422 -26.50 -43.01 36.04
C ASN A 422 -25.40 -42.62 35.08
N TYR A 423 -25.65 -41.67 34.18
CA TYR A 423 -24.64 -41.27 33.20
C TYR A 423 -25.01 -39.90 32.64
N LYS A 424 -24.19 -38.89 32.93
CA LYS A 424 -24.47 -37.53 32.52
C LYS A 424 -23.46 -37.07 31.47
N LEU A 425 -23.95 -36.33 30.48
CA LEU A 425 -23.14 -35.65 29.49
C LEU A 425 -23.26 -34.15 29.67
N PRO A 426 -22.22 -33.39 29.34
CA PRO A 426 -22.32 -31.93 29.40
C PRO A 426 -23.36 -31.40 28.42
N ASP A 427 -23.87 -30.23 28.74
CA ASP A 427 -24.81 -29.56 27.83
C ASP A 427 -24.18 -29.15 26.51
N ASP A 428 -22.84 -29.13 26.43
CA ASP A 428 -22.12 -28.75 25.23
C ASP A 428 -21.11 -29.81 24.81
N PHE A 429 -21.51 -31.08 24.91
CA PHE A 429 -20.65 -32.18 24.48
C PHE A 429 -20.48 -32.14 22.97
N THR A 430 -19.25 -32.38 22.51
CA THR A 430 -18.91 -32.38 21.09
C THR A 430 -18.54 -33.80 20.69
N GLY A 431 -19.49 -34.49 20.05
CA GLY A 431 -19.26 -35.85 19.61
C GLY A 431 -20.46 -36.49 18.97
N CYS A 432 -20.67 -37.77 19.23
CA CYS A 432 -21.73 -38.54 18.59
C CYS A 432 -22.38 -39.48 19.60
N VAL A 433 -23.30 -40.34 19.17
CA VAL A 433 -24.00 -41.29 20.08
C VAL A 433 -24.77 -42.31 19.23
N ILE A 434 -24.79 -43.58 19.66
CA ILE A 434 -25.52 -44.62 18.90
C ILE A 434 -26.21 -45.59 19.86
N ALA A 435 -27.50 -45.83 19.63
CA ALA A 435 -28.33 -46.75 20.45
C ALA A 435 -29.13 -47.67 19.52
N TRP A 436 -28.98 -48.98 19.69
CA TRP A 436 -29.65 -49.95 18.83
C TRP A 436 -30.09 -51.15 19.67
N ASN A 437 -31.05 -51.89 19.12
CA ASN A 437 -31.57 -53.07 19.81
C ASN A 437 -30.49 -54.14 19.96
N SER A 438 -30.42 -54.72 21.15
CA SER A 438 -29.52 -55.84 21.41
C SER A 438 -30.24 -56.96 22.15
N ASN A 439 -31.57 -57.04 21.97
CA ASN A 439 -32.31 -58.15 22.55
C ASN A 439 -31.79 -59.48 22.07
N ASN A 440 -31.31 -59.52 20.82
CA ASN A 440 -30.72 -60.75 20.30
C ASN A 440 -29.52 -61.18 21.13
N LEU A 441 -28.67 -60.23 21.51
CA LEU A 441 -27.40 -60.54 22.15
C LEU A 441 -27.42 -60.26 23.65
N ASP A 442 -27.99 -59.12 24.07
CA ASP A 442 -27.96 -58.78 25.49
C ASP A 442 -29.15 -59.33 26.27
N SER A 443 -30.20 -59.79 25.60
CA SER A 443 -31.35 -60.36 26.28
C SER A 443 -31.37 -61.86 26.07
N LYS A 444 -31.49 -62.61 27.17
CA LYS A 444 -31.60 -64.06 27.14
C LYS A 444 -32.81 -64.48 27.96
N VAL A 445 -33.30 -65.69 27.70
CA VAL A 445 -34.52 -66.16 28.35
C VAL A 445 -34.33 -66.25 29.85
N GLY A 446 -33.16 -66.69 30.31
CA GLY A 446 -32.94 -66.88 31.74
C GLY A 446 -33.03 -65.57 32.52
N GLY A 447 -32.98 -64.43 31.83
CA GLY A 447 -33.13 -63.16 32.51
C GLY A 447 -31.80 -62.50 32.83
N ASN A 448 -31.63 -61.27 32.35
CA ASN A 448 -30.38 -60.54 32.52
C ASN A 448 -30.68 -59.26 33.30
N TYR A 449 -30.67 -59.35 34.62
CA TYR A 449 -30.85 -58.17 35.46
C TYR A 449 -29.55 -57.43 35.67
N ASN A 450 -28.45 -57.94 35.11
CA ASN A 450 -27.13 -57.42 35.43
C ASN A 450 -27.01 -55.94 35.14
N TYR A 451 -27.73 -55.44 34.15
CA TYR A 451 -27.77 -54.00 33.91
C TYR A 451 -28.69 -53.39 34.98
N LEU A 452 -28.17 -53.36 36.20
CA LEU A 452 -28.80 -52.71 37.33
C LEU A 452 -28.30 -51.28 37.42
N TYR A 453 -29.22 -50.33 37.53
CA TYR A 453 -28.87 -48.94 37.32
C TYR A 453 -29.22 -48.12 38.56
N ARG A 454 -28.46 -47.06 38.77
CA ARG A 454 -28.69 -46.20 39.92
C ARG A 454 -29.93 -45.35 39.67
N LEU A 455 -31.03 -45.74 40.30
CA LEU A 455 -32.27 -45.00 40.11
C LEU A 455 -32.30 -43.70 40.91
N PHE A 456 -31.46 -43.57 41.93
CA PHE A 456 -31.45 -42.39 42.77
C PHE A 456 -30.02 -41.91 42.98
N ARG A 457 -29.78 -40.63 42.76
CA ARG A 457 -28.56 -40.02 43.25
C ARG A 457 -28.89 -38.69 43.89
N LYS A 458 -28.12 -38.34 44.93
CA LYS A 458 -28.49 -37.26 45.83
C LYS A 458 -28.74 -35.95 45.09
N SER A 459 -28.03 -35.73 43.99
CA SER A 459 -28.32 -34.64 43.08
C SER A 459 -28.22 -35.17 41.67
N ASN A 460 -28.36 -34.27 40.70
CA ASN A 460 -27.98 -34.61 39.34
C ASN A 460 -26.46 -34.71 39.29
N LEU A 461 -25.95 -35.89 38.95
CA LEU A 461 -24.51 -36.04 38.86
C LEU A 461 -23.97 -35.13 37.77
N LYS A 462 -22.77 -34.59 38.00
CA LYS A 462 -22.19 -33.65 37.07
C LYS A 462 -21.95 -34.32 35.71
N PRO A 463 -21.85 -33.52 34.66
CA PRO A 463 -21.45 -34.08 33.37
C PRO A 463 -20.18 -34.91 33.51
N PHE A 464 -20.16 -36.07 32.85
CA PHE A 464 -19.05 -37.02 32.85
C PHE A 464 -18.85 -37.68 34.20
N GLU A 465 -19.74 -37.47 35.16
CA GLU A 465 -19.54 -38.06 36.47
C GLU A 465 -19.98 -39.52 36.49
N ARG A 466 -19.47 -40.26 37.47
CA ARG A 466 -19.75 -41.68 37.57
C ARG A 466 -19.68 -42.07 39.04
N ASP A 467 -20.82 -42.44 39.62
CA ASP A 467 -20.90 -42.92 40.99
C ASP A 467 -21.23 -44.41 40.98
N ILE A 468 -20.33 -45.21 41.54
CA ILE A 468 -20.55 -46.65 41.68
C ILE A 468 -20.77 -47.06 43.12
N SER A 469 -20.49 -46.19 44.09
CA SER A 469 -20.78 -46.50 45.48
C SER A 469 -22.28 -46.56 45.70
N THR A 470 -22.71 -47.51 46.52
CA THR A 470 -24.13 -47.80 46.74
C THR A 470 -24.56 -47.49 48.17
N GLU A 471 -24.13 -46.36 48.70
CA GLU A 471 -24.56 -45.95 50.03
C GLU A 471 -26.09 -45.93 50.10
N ILE A 472 -26.62 -46.24 51.28
CA ILE A 472 -28.05 -46.47 51.43
C ILE A 472 -28.78 -45.17 51.16
N TYR A 473 -29.47 -45.11 50.02
CA TYR A 473 -29.96 -43.83 49.50
C TYR A 473 -31.02 -43.25 50.44
N GLN A 474 -31.12 -41.92 50.40
CA GLN A 474 -31.92 -41.17 51.36
C GLN A 474 -33.31 -40.90 50.78
N ALA A 475 -34.35 -41.33 51.52
CA ALA A 475 -35.74 -41.07 51.16
C ALA A 475 -36.55 -40.42 52.25
N GLY A 476 -36.01 -40.28 53.46
CA GLY A 476 -36.67 -39.56 54.54
C GLY A 476 -35.67 -39.17 55.59
N SER A 477 -36.15 -38.47 56.63
CA SER A 477 -35.30 -38.12 57.75
C SER A 477 -34.88 -39.32 58.57
N THR A 478 -35.49 -40.47 58.33
CA THR A 478 -35.13 -41.69 59.03
C THR A 478 -33.75 -42.15 58.56
N PRO A 479 -32.76 -42.30 59.45
CA PRO A 479 -31.47 -42.87 59.03
C PRO A 479 -31.62 -44.33 58.65
N CYS A 480 -31.19 -44.65 57.44
CA CYS A 480 -31.41 -45.96 56.83
C CYS A 480 -30.08 -46.70 56.77
N ASN A 481 -29.93 -47.71 57.61
CA ASN A 481 -28.66 -48.43 57.73
C ASN A 481 -28.77 -49.89 57.33
N GLY A 482 -29.84 -50.58 57.71
CA GLY A 482 -30.07 -51.95 57.31
C GLY A 482 -30.76 -52.03 55.97
N VAL A 483 -31.19 -53.24 55.62
CA VAL A 483 -31.92 -53.45 54.38
C VAL A 483 -33.36 -53.03 54.63
N GLU A 484 -33.65 -51.75 54.41
CA GLU A 484 -34.93 -51.17 54.77
C GLU A 484 -35.54 -50.51 53.54
N GLY A 485 -36.82 -50.78 53.32
CA GLY A 485 -37.64 -49.99 52.43
C GLY A 485 -38.23 -48.85 53.20
N PHE A 486 -39.42 -48.40 52.78
CA PHE A 486 -40.31 -47.65 53.66
C PHE A 486 -39.62 -46.38 54.19
N ASN A 487 -39.40 -45.45 53.27
CA ASN A 487 -38.61 -44.22 53.44
C ASN A 487 -37.12 -44.51 53.33
N CYS A 488 -36.75 -45.72 52.90
CA CYS A 488 -35.36 -46.10 52.73
C CYS A 488 -35.23 -46.87 51.43
N TYR A 489 -34.33 -46.45 50.55
CA TYR A 489 -34.18 -47.06 49.24
C TYR A 489 -32.73 -47.34 48.90
N PHE A 490 -32.50 -48.45 48.22
CA PHE A 490 -31.22 -48.65 47.56
C PHE A 490 -31.01 -47.65 46.44
N PRO A 491 -29.79 -47.19 46.25
CA PRO A 491 -29.49 -46.31 45.13
C PRO A 491 -29.37 -47.07 43.82
N LEU A 492 -29.89 -48.29 43.78
CA LEU A 492 -29.80 -49.16 42.61
C LEU A 492 -31.16 -49.27 41.94
N GLN A 493 -31.19 -49.92 40.77
CA GLN A 493 -32.44 -50.32 40.12
C GLN A 493 -32.16 -51.33 39.02
N SER A 494 -32.88 -52.45 39.02
CA SER A 494 -32.63 -53.56 38.12
C SER A 494 -33.47 -53.43 36.86
N TYR A 495 -32.81 -53.39 35.72
CA TYR A 495 -33.52 -53.63 34.47
C TYR A 495 -33.86 -55.11 34.38
N GLY A 496 -35.13 -55.41 34.13
CA GLY A 496 -35.54 -56.78 33.98
C GLY A 496 -35.50 -57.21 32.53
N PHE A 497 -34.42 -57.88 32.12
CA PHE A 497 -34.22 -58.24 30.71
C PHE A 497 -34.68 -59.67 30.50
N GLN A 498 -35.81 -59.81 29.83
CA GLN A 498 -36.44 -61.08 29.50
C GLN A 498 -36.55 -61.16 27.99
N PRO A 499 -36.66 -62.36 27.42
CA PRO A 499 -36.74 -62.47 25.96
C PRO A 499 -37.93 -61.76 25.38
N THR A 500 -38.96 -61.50 26.18
CA THR A 500 -40.23 -61.00 25.68
C THR A 500 -40.43 -59.50 25.90
N ASN A 501 -39.59 -58.86 26.70
CA ASN A 501 -39.80 -57.47 27.12
C ASN A 501 -40.05 -56.53 25.95
N GLY A 502 -40.70 -55.39 26.23
CA GLY A 502 -40.99 -54.45 25.17
C GLY A 502 -39.72 -54.00 24.46
N VAL A 503 -39.88 -53.69 23.16
CA VAL A 503 -38.73 -53.30 22.35
C VAL A 503 -38.06 -52.08 22.95
N GLY A 504 -38.84 -51.17 23.54
CA GLY A 504 -38.29 -50.06 24.28
C GLY A 504 -37.75 -50.43 25.65
N TYR A 505 -37.97 -51.67 26.08
CA TYR A 505 -37.42 -52.14 27.34
C TYR A 505 -36.19 -53.01 27.16
N GLN A 506 -36.06 -53.62 25.98
CA GLN A 506 -34.97 -54.55 25.73
C GLN A 506 -33.63 -53.84 25.81
N PRO A 507 -32.57 -54.55 26.16
CA PRO A 507 -31.27 -53.89 26.34
C PRO A 507 -30.72 -53.33 25.04
N TYR A 508 -30.16 -52.12 25.12
CA TYR A 508 -29.63 -51.41 23.96
C TYR A 508 -28.17 -51.02 24.17
N ARG A 509 -27.39 -51.04 23.09
CA ARG A 509 -25.96 -50.77 23.14
C ARG A 509 -25.66 -49.39 22.56
N VAL A 510 -24.90 -48.60 23.32
CA VAL A 510 -24.73 -47.17 23.07
C VAL A 510 -23.26 -46.83 23.08
N VAL A 511 -22.82 -46.05 22.09
CA VAL A 511 -21.46 -45.56 21.99
C VAL A 511 -21.49 -44.04 21.96
N VAL A 512 -20.75 -43.40 22.86
CA VAL A 512 -20.61 -41.96 22.90
C VAL A 512 -19.11 -41.64 22.84
N LEU A 513 -18.69 -41.04 21.74
CA LEU A 513 -17.28 -40.74 21.52
C LEU A 513 -17.05 -39.24 21.74
N SER A 514 -16.03 -38.91 22.52
CA SER A 514 -15.78 -37.53 22.90
C SER A 514 -14.67 -36.95 22.04
N PHE A 515 -14.87 -35.72 21.59
CA PHE A 515 -13.83 -34.96 20.92
C PHE A 515 -13.19 -33.98 21.89
N GLU A 516 -11.95 -33.61 21.62
CA GLU A 516 -11.19 -32.81 22.57
C GLU A 516 -9.94 -32.21 21.93
N ALA A 520 -1.12 -28.55 23.62
CA ALA A 520 -0.96 -30.01 23.60
C ALA A 520 -1.04 -30.53 22.18
N PRO A 521 -0.25 -31.56 21.87
CA PRO A 521 -0.29 -32.14 20.54
C PRO A 521 -1.63 -32.79 20.26
N ALA A 522 -2.07 -32.71 19.01
CA ALA A 522 -3.24 -33.41 18.54
C ALA A 522 -2.78 -34.59 17.70
N THR A 523 -3.06 -35.79 18.15
CA THR A 523 -2.50 -36.99 17.54
C THR A 523 -3.53 -37.86 16.85
N VAL A 524 -4.75 -37.92 17.38
CA VAL A 524 -5.81 -38.71 16.75
C VAL A 524 -6.27 -38.00 15.49
N CYS A 525 -6.03 -38.62 14.34
CA CYS A 525 -6.30 -37.99 13.04
C CYS A 525 -7.07 -38.95 12.15
N GLY A 526 -8.01 -38.40 11.39
CA GLY A 526 -8.73 -39.17 10.41
C GLY A 526 -7.81 -39.62 9.30
N PRO A 527 -8.17 -40.69 8.62
CA PRO A 527 -7.32 -41.22 7.55
C PRO A 527 -7.37 -40.37 6.29
N LYS A 528 -6.28 -39.69 5.95
CA LYS A 528 -6.20 -38.89 4.75
C LYS A 528 -5.89 -39.79 3.57
N LYS A 529 -6.82 -39.85 2.62
CA LYS A 529 -6.66 -40.77 1.51
C LYS A 529 -5.62 -40.25 0.52
N SER A 530 -4.75 -41.14 0.06
CA SER A 530 -3.73 -40.79 -0.90
C SER A 530 -4.34 -40.74 -2.30
N THR A 531 -3.48 -40.71 -3.32
CA THR A 531 -3.94 -40.73 -4.69
C THR A 531 -2.85 -41.34 -5.54
N ASN A 532 -3.22 -41.70 -6.77
CA ASN A 532 -2.26 -42.25 -7.70
C ASN A 532 -1.15 -41.24 -7.94
N LEU A 533 0.06 -41.73 -8.08
CA LEU A 533 1.20 -40.85 -8.23
C LEU A 533 1.30 -40.38 -9.68
N VAL A 534 1.93 -39.23 -9.86
CA VAL A 534 2.13 -38.65 -11.18
C VAL A 534 3.57 -38.19 -11.28
N LYS A 535 4.17 -38.38 -12.45
CA LYS A 535 5.47 -37.82 -12.72
C LYS A 535 5.42 -37.02 -14.00
N ASN A 536 6.42 -36.17 -14.18
CA ASN A 536 6.70 -35.56 -15.46
C ASN A 536 5.59 -34.64 -15.94
N LYS A 537 4.76 -34.13 -15.04
CA LYS A 537 3.66 -33.26 -15.44
C LYS A 537 3.50 -32.12 -14.44
N CYS A 538 2.97 -31.00 -14.94
CA CYS A 538 2.71 -29.84 -14.11
C CYS A 538 1.51 -30.14 -13.22
N VAL A 539 1.80 -30.51 -11.98
CA VAL A 539 0.77 -31.04 -11.09
C VAL A 539 0.81 -30.29 -9.77
N ASN A 540 -0.32 -30.33 -9.08
CA ASN A 540 -0.47 -29.71 -7.78
C ASN A 540 -0.41 -30.79 -6.72
N PHE A 541 0.47 -30.64 -5.74
CA PHE A 541 0.82 -31.76 -4.89
C PHE A 541 0.85 -31.36 -3.42
N ASN A 542 0.93 -32.39 -2.60
CA ASN A 542 1.24 -32.28 -1.18
C ASN A 542 1.76 -33.62 -0.72
N PHE A 543 2.93 -33.64 -0.11
CA PHE A 543 3.46 -34.87 0.46
C PHE A 543 3.47 -34.70 1.97
N ASN A 544 2.29 -34.88 2.55
CA ASN A 544 2.07 -35.15 3.96
C ASN A 544 2.39 -33.97 4.84
N GLY A 545 3.13 -32.99 4.34
CA GLY A 545 3.22 -31.77 5.11
C GLY A 545 3.28 -30.50 4.29
N LEU A 546 3.61 -30.62 3.02
CA LEU A 546 4.12 -29.48 2.25
C LEU A 546 3.43 -29.45 0.89
N THR A 547 2.81 -28.32 0.59
CA THR A 547 2.12 -28.14 -0.67
C THR A 547 3.14 -27.82 -1.75
N GLY A 548 2.65 -27.33 -2.87
CA GLY A 548 3.53 -26.78 -3.89
C GLY A 548 3.13 -27.27 -5.27
N THR A 549 3.37 -26.44 -6.27
CA THR A 549 3.22 -26.83 -7.64
C THR A 549 4.54 -27.37 -8.13
N GLY A 550 4.51 -28.36 -9.01
CA GLY A 550 5.77 -28.83 -9.54
C GLY A 550 5.61 -29.99 -10.50
N VAL A 551 6.75 -30.37 -11.07
CA VAL A 551 6.89 -31.51 -11.96
C VAL A 551 7.90 -32.44 -11.33
N LEU A 552 7.44 -33.60 -10.89
CA LEU A 552 8.26 -34.51 -10.10
C LEU A 552 8.99 -35.49 -11.00
N THR A 553 10.06 -36.06 -10.46
CA THR A 553 10.70 -37.18 -11.11
C THR A 553 11.53 -37.95 -10.11
N GLU A 554 11.82 -39.20 -10.45
CA GLU A 554 12.58 -40.08 -9.58
C GLU A 554 14.04 -39.67 -9.61
N SER A 555 14.50 -38.99 -8.55
CA SER A 555 15.88 -38.55 -8.49
C SER A 555 16.81 -39.71 -8.16
N ASN A 556 18.10 -39.44 -8.22
CA ASN A 556 19.11 -40.40 -7.81
C ASN A 556 19.69 -40.07 -6.46
N LYS A 557 19.15 -39.05 -5.78
CA LYS A 557 19.64 -38.70 -4.46
C LYS A 557 19.41 -39.84 -3.50
N LYS A 558 20.35 -40.05 -2.59
CA LYS A 558 20.19 -41.01 -1.52
C LYS A 558 20.25 -40.21 -0.24
N PHE A 559 19.11 -40.02 0.40
CA PHE A 559 19.06 -39.23 1.61
C PHE A 559 19.64 -40.02 2.77
N LEU A 560 19.60 -39.45 3.89
CA LEU A 560 19.76 -40.47 4.91
C LEU A 560 18.42 -41.04 5.28
N PRO A 561 18.39 -42.34 5.62
CA PRO A 561 17.12 -43.07 5.61
C PRO A 561 16.05 -42.45 6.47
N PHE A 562 16.41 -41.89 7.61
CA PHE A 562 15.42 -41.31 8.48
C PHE A 562 14.70 -40.13 7.84
N GLN A 563 15.32 -39.47 6.88
CA GLN A 563 14.81 -38.23 6.30
C GLN A 563 13.81 -38.48 5.18
N GLN A 564 12.80 -37.61 5.07
CA GLN A 564 11.91 -37.75 3.93
C GLN A 564 12.36 -36.89 2.75
N PHE A 565 12.44 -35.58 2.95
CA PHE A 565 12.35 -34.65 1.84
C PHE A 565 13.53 -33.69 1.84
N GLY A 566 13.92 -33.27 0.65
CA GLY A 566 15.11 -32.49 0.45
C GLY A 566 14.85 -31.04 0.07
N ARG A 567 15.79 -30.18 0.48
CA ARG A 567 15.67 -28.74 0.34
C ARG A 567 16.95 -28.18 -0.24
N ASP A 568 16.83 -27.14 -1.04
CA ASP A 568 17.97 -26.55 -1.73
C ASP A 568 18.69 -25.57 -0.82
N ILE A 569 19.77 -24.99 -1.36
CA ILE A 569 20.63 -24.10 -0.57
C ILE A 569 19.87 -22.88 -0.11
N ALA A 570 18.97 -22.37 -0.93
CA ALA A 570 18.25 -21.15 -0.63
C ALA A 570 16.99 -21.39 0.19
N ASP A 571 16.93 -22.49 0.92
CA ASP A 571 15.78 -22.81 1.76
C ASP A 571 14.50 -22.93 0.92
N THR A 572 14.49 -23.94 0.05
CA THR A 572 13.31 -24.23 -0.74
C THR A 572 13.17 -25.73 -0.93
N THR A 573 11.94 -26.21 -0.86
CA THR A 573 11.67 -27.62 -1.03
C THR A 573 12.19 -28.11 -2.38
N ASP A 574 13.20 -28.97 -2.37
CA ASP A 574 13.77 -29.45 -3.61
C ASP A 574 13.60 -30.94 -3.82
N ALA A 575 13.15 -31.68 -2.81
CA ALA A 575 12.96 -33.10 -3.00
C ALA A 575 12.02 -33.61 -1.91
N VAL A 576 11.32 -34.69 -2.23
CA VAL A 576 10.46 -35.39 -1.28
C VAL A 576 10.56 -36.88 -1.55
N ARG A 577 10.57 -37.67 -0.50
CA ARG A 577 10.55 -39.12 -0.66
C ARG A 577 9.10 -39.57 -0.64
N ASP A 578 8.64 -40.16 -1.75
CA ASP A 578 7.27 -40.66 -1.84
C ASP A 578 7.06 -41.72 -0.78
N PRO A 579 6.31 -41.42 0.26
CA PRO A 579 6.25 -42.29 1.43
C PRO A 579 5.65 -43.65 1.14
N GLN A 580 5.14 -43.90 -0.06
CA GLN A 580 4.68 -45.25 -0.37
C GLN A 580 5.79 -46.07 -1.00
N THR A 581 6.24 -45.65 -2.17
CA THR A 581 7.47 -46.19 -2.77
C THR A 581 8.54 -45.15 -2.52
N LEU A 582 9.47 -45.46 -1.62
CA LEU A 582 10.29 -44.43 -1.04
C LEU A 582 11.32 -43.93 -2.03
N GLU A 583 10.87 -43.56 -3.22
CA GLU A 583 11.78 -42.97 -4.18
C GLU A 583 12.10 -41.55 -3.75
N ILE A 584 13.18 -41.02 -4.31
CA ILE A 584 13.55 -39.63 -4.10
C ILE A 584 13.07 -38.84 -5.29
N LEU A 585 12.17 -37.92 -5.03
CA LEU A 585 11.50 -37.18 -6.08
C LEU A 585 12.15 -35.81 -6.19
N ASP A 586 12.46 -35.42 -7.41
CA ASP A 586 12.98 -34.08 -7.63
C ASP A 586 11.82 -33.18 -8.01
N ILE A 587 11.69 -32.08 -7.29
CA ILE A 587 10.67 -31.09 -7.58
C ILE A 587 11.24 -30.09 -8.57
N THR A 588 10.54 -29.88 -9.68
CA THR A 588 10.92 -28.86 -10.63
C THR A 588 9.66 -28.08 -10.98
N PRO A 589 9.68 -26.76 -10.84
CA PRO A 589 8.47 -25.98 -11.10
C PRO A 589 8.12 -26.03 -12.57
N CYS A 590 6.86 -25.70 -12.85
CA CYS A 590 6.33 -25.82 -14.19
C CYS A 590 7.07 -24.89 -15.13
N SER A 591 7.66 -25.46 -16.17
CA SER A 591 8.49 -24.67 -17.08
C SER A 591 7.68 -23.55 -17.69
N PHE A 592 8.25 -22.35 -17.67
CA PHE A 592 7.52 -21.14 -18.05
C PHE A 592 8.51 -20.07 -18.46
N GLY A 593 7.99 -19.02 -19.07
CA GLY A 593 8.80 -17.89 -19.42
C GLY A 593 7.95 -16.84 -20.10
N GLY A 594 8.61 -15.77 -20.52
CA GLY A 594 7.94 -14.74 -21.26
C GLY A 594 7.78 -15.11 -22.71
N VAL A 595 6.99 -14.30 -23.42
CA VAL A 595 6.83 -14.48 -24.86
C VAL A 595 7.03 -13.15 -25.54
N SER A 596 7.86 -13.15 -26.57
CA SER A 596 8.14 -11.97 -27.37
C SER A 596 7.88 -12.30 -28.82
N VAL A 597 7.28 -11.37 -29.54
CA VAL A 597 6.83 -11.63 -30.90
C VAL A 597 7.94 -11.25 -31.86
N ILE A 598 8.52 -12.25 -32.53
CA ILE A 598 9.42 -11.98 -33.64
C ILE A 598 8.67 -11.25 -34.73
N THR A 599 9.21 -10.14 -35.18
CA THR A 599 8.61 -9.52 -36.32
C THR A 599 9.59 -8.65 -37.07
N PRO A 600 9.57 -8.68 -38.39
CA PRO A 600 10.03 -7.53 -39.16
C PRO A 600 9.05 -6.39 -38.93
N GLY A 601 9.40 -5.22 -39.43
CA GLY A 601 8.46 -4.13 -39.32
C GLY A 601 7.17 -4.48 -40.01
N THR A 602 6.02 -4.24 -39.36
CA THR A 602 4.72 -4.48 -39.99
C THR A 602 4.73 -3.91 -41.38
N ASN A 603 5.44 -2.81 -41.52
CA ASN A 603 5.76 -2.24 -42.82
C ASN A 603 6.17 -3.29 -43.83
N THR A 604 6.81 -4.36 -43.38
CA THR A 604 7.32 -5.37 -44.31
C THR A 604 6.30 -6.47 -44.57
N SER A 605 5.93 -7.21 -43.53
CA SER A 605 5.05 -8.35 -43.74
C SER A 605 4.22 -8.56 -42.50
N ASN A 606 3.04 -9.11 -42.69
CA ASN A 606 2.22 -9.49 -41.55
C ASN A 606 2.63 -10.82 -40.96
N GLN A 607 3.45 -11.59 -41.67
CA GLN A 607 3.82 -12.92 -41.18
C GLN A 607 4.88 -12.77 -40.11
N VAL A 608 4.67 -13.44 -38.97
CA VAL A 608 5.52 -13.26 -37.81
C VAL A 608 6.10 -14.58 -37.36
N ALA A 609 6.89 -14.53 -36.30
CA ALA A 609 7.35 -15.71 -35.61
C ALA A 609 7.23 -15.45 -34.12
N VAL A 610 7.23 -16.50 -33.33
CA VAL A 610 7.00 -16.39 -31.90
C VAL A 610 8.10 -17.10 -31.14
N LEU A 611 8.54 -16.49 -30.04
CA LEU A 611 9.48 -17.09 -29.11
C LEU A 611 8.77 -17.40 -27.80
N TYR A 612 8.82 -18.66 -27.38
CA TYR A 612 8.45 -19.04 -26.04
C TYR A 612 9.70 -19.26 -25.23
N GLN A 613 9.81 -18.57 -24.10
CA GLN A 613 11.09 -18.37 -23.44
C GLN A 613 11.53 -19.66 -22.76
N ASP A 614 12.47 -20.36 -23.37
CA ASP A 614 13.19 -21.46 -22.72
C ASP A 614 12.25 -22.46 -22.05
N VAL A 615 11.53 -23.17 -22.89
CA VAL A 615 10.96 -24.46 -22.51
C VAL A 615 11.31 -25.44 -23.62
N ASN A 616 11.56 -26.68 -23.24
CA ASN A 616 11.75 -27.71 -24.24
C ASN A 616 10.50 -27.75 -25.11
N CYS A 617 10.69 -27.72 -26.42
CA CYS A 617 9.56 -27.58 -27.33
C CYS A 617 8.51 -28.65 -27.06
N THR A 618 8.95 -29.85 -26.69
CA THR A 618 8.01 -30.90 -26.35
C THR A 618 7.14 -30.50 -25.17
N GLU A 619 7.57 -29.55 -24.37
CA GLU A 619 6.76 -29.10 -23.25
C GLU A 619 5.73 -28.05 -23.64
N VAL A 620 5.76 -27.54 -24.87
CA VAL A 620 4.82 -26.52 -25.29
C VAL A 620 3.41 -27.09 -25.44
N ASN A 641 6.43 -24.83 -38.52
CA ASN A 641 7.62 -25.54 -38.06
C ASN A 641 8.10 -25.04 -36.72
N VAL A 642 9.10 -25.71 -36.18
CA VAL A 642 9.74 -25.33 -34.92
C VAL A 642 11.24 -25.52 -35.07
N PHE A 643 12.01 -24.52 -34.63
CA PHE A 643 13.46 -24.66 -34.53
C PHE A 643 13.89 -24.31 -33.12
N GLN A 644 14.18 -25.34 -32.32
CA GLN A 644 14.62 -25.12 -30.96
C GLN A 644 15.95 -24.39 -30.95
N THR A 645 16.18 -23.61 -29.91
CA THR A 645 17.45 -22.95 -29.71
C THR A 645 17.73 -22.88 -28.22
N ARG A 646 18.96 -22.49 -27.88
CA ARG A 646 19.32 -22.32 -26.48
C ARG A 646 18.55 -21.16 -25.86
N ALA A 647 17.98 -20.30 -26.68
CA ALA A 647 17.18 -19.19 -26.18
C ALA A 647 15.72 -19.54 -26.03
N GLY A 648 15.31 -20.73 -26.43
CA GLY A 648 13.96 -21.17 -26.17
C GLY A 648 13.42 -21.96 -27.35
N CYS A 649 12.10 -22.06 -27.38
CA CYS A 649 11.39 -22.71 -28.46
C CYS A 649 10.81 -21.61 -29.34
N LEU A 650 11.27 -21.54 -30.56
CA LEU A 650 11.03 -20.40 -31.44
C LEU A 650 10.23 -20.88 -32.64
N ILE A 651 8.91 -20.87 -32.51
CA ILE A 651 8.05 -21.38 -33.57
C ILE A 651 8.04 -20.37 -34.71
N GLY A 652 7.50 -20.78 -35.85
CA GLY A 652 7.45 -19.88 -36.98
C GLY A 652 8.80 -19.48 -37.50
N ALA A 653 9.82 -20.26 -37.22
CA ALA A 653 11.16 -19.92 -37.66
C ALA A 653 11.85 -21.15 -38.23
N GLU A 654 12.58 -20.95 -39.31
CA GLU A 654 13.36 -21.99 -39.95
C GLU A 654 14.83 -21.63 -39.77
N HIS A 655 15.59 -22.54 -39.15
CA HIS A 655 17.01 -22.27 -39.01
C HIS A 655 17.70 -22.30 -40.36
N VAL A 656 18.80 -21.58 -40.45
CA VAL A 656 19.63 -21.59 -41.64
C VAL A 656 21.09 -21.76 -41.22
N ASN A 657 21.84 -22.55 -42.00
CA ASN A 657 23.24 -22.81 -41.69
C ASN A 657 24.12 -21.63 -42.07
N ASN A 658 23.82 -20.98 -43.19
CA ASN A 658 24.67 -19.91 -43.68
C ASN A 658 24.80 -18.82 -42.63
N SER A 659 26.02 -18.38 -42.36
CA SER A 659 26.23 -17.32 -41.40
C SER A 659 25.62 -16.03 -41.92
N TYR A 660 24.91 -15.32 -41.05
CA TYR A 660 24.36 -14.02 -41.40
C TYR A 660 24.54 -13.06 -40.24
N GLU A 661 24.75 -11.79 -40.59
CA GLU A 661 24.94 -10.77 -39.58
C GLU A 661 23.68 -10.64 -38.73
N CYS A 662 23.86 -10.32 -37.46
CA CYS A 662 22.72 -10.23 -36.58
C CYS A 662 21.85 -9.05 -36.96
N ASP A 663 20.55 -9.27 -36.91
CA ASP A 663 19.56 -8.23 -37.19
C ASP A 663 18.64 -7.99 -36.00
N ILE A 664 18.12 -9.06 -35.40
CA ILE A 664 17.22 -8.98 -34.27
C ILE A 664 17.81 -9.83 -33.15
N PRO A 665 17.92 -9.31 -31.93
CA PRO A 665 18.50 -10.11 -30.85
C PRO A 665 17.49 -11.04 -30.20
N ILE A 666 17.94 -12.25 -29.89
CA ILE A 666 17.12 -13.24 -29.21
C ILE A 666 17.84 -13.71 -27.96
N GLY A 667 19.08 -14.12 -28.13
CA GLY A 667 19.89 -14.68 -27.07
C GLY A 667 20.77 -15.77 -27.62
N ALA A 668 21.88 -15.99 -26.95
CA ALA A 668 22.82 -17.03 -27.34
C ALA A 668 23.16 -16.92 -28.82
N GLY A 669 23.36 -15.68 -29.28
CA GLY A 669 23.79 -15.44 -30.64
C GLY A 669 22.80 -15.85 -31.71
N ILE A 670 21.51 -15.61 -31.48
CA ILE A 670 20.47 -16.05 -32.39
C ILE A 670 19.79 -14.81 -32.95
N CYS A 671 19.86 -14.64 -34.26
CA CYS A 671 19.29 -13.49 -34.92
C CYS A 671 18.65 -13.93 -36.23
N ALA A 672 17.78 -13.07 -36.76
CA ALA A 672 16.83 -13.46 -37.80
C ALA A 672 16.65 -12.34 -38.81
N SER A 673 15.94 -12.64 -39.89
CA SER A 673 15.55 -11.65 -40.87
C SER A 673 14.57 -12.29 -41.84
N TYR A 674 13.87 -11.46 -42.60
CA TYR A 674 13.04 -11.94 -43.68
C TYR A 674 13.92 -12.43 -44.82
N GLN A 675 13.41 -13.38 -45.60
CA GLN A 675 14.19 -13.93 -46.68
C GLN A 675 13.30 -14.32 -47.85
N THR A 676 13.95 -14.79 -48.91
CA THR A 676 13.28 -15.22 -50.12
C THR A 676 14.12 -16.28 -50.84
N GLN A 690 10.02 -17.66 -49.06
CA GLN A 690 9.91 -16.29 -48.58
C GLN A 690 9.19 -16.22 -47.24
N SER A 691 9.94 -16.30 -46.14
CA SER A 691 9.37 -16.31 -44.80
C SER A 691 10.43 -15.83 -43.82
N ILE A 692 10.17 -16.03 -42.53
CA ILE A 692 11.09 -15.65 -41.47
C ILE A 692 12.07 -16.77 -41.19
N ILE A 693 13.35 -16.43 -41.12
CA ILE A 693 14.39 -17.40 -40.85
C ILE A 693 14.96 -17.12 -39.48
N ALA A 694 15.92 -17.92 -39.06
CA ALA A 694 16.68 -17.67 -37.86
C ALA A 694 18.03 -18.37 -38.00
N TYR A 695 18.98 -17.99 -37.16
CA TYR A 695 20.30 -18.58 -37.29
C TYR A 695 21.15 -18.16 -36.10
N THR A 696 22.14 -18.99 -35.80
CA THR A 696 23.23 -18.53 -34.96
C THR A 696 23.91 -17.37 -35.66
N MET A 697 24.06 -16.27 -34.95
CA MET A 697 24.39 -15.04 -35.66
C MET A 697 25.85 -15.02 -36.09
N SER A 698 26.12 -14.17 -37.07
CA SER A 698 27.49 -13.95 -37.50
C SER A 698 28.30 -13.30 -36.40
N LEU A 699 29.56 -13.66 -36.34
CA LEU A 699 30.51 -13.08 -35.43
C LEU A 699 30.88 -11.67 -35.84
N GLY A 700 30.22 -11.16 -36.87
CA GLY A 700 30.74 -10.10 -37.70
C GLY A 700 31.38 -10.68 -38.96
N ALA A 701 31.56 -9.83 -39.95
CA ALA A 701 32.17 -10.28 -41.20
C ALA A 701 33.68 -10.44 -41.00
N GLU A 702 34.21 -11.60 -41.37
CA GLU A 702 35.63 -11.84 -41.22
C GLU A 702 36.42 -11.03 -42.23
N ASN A 703 37.58 -10.55 -41.81
CA ASN A 703 38.50 -9.85 -42.68
C ASN A 703 39.91 -10.12 -42.17
N SER A 704 40.55 -11.15 -42.72
CA SER A 704 41.94 -11.37 -42.37
C SER A 704 42.82 -10.33 -43.04
N VAL A 705 44.00 -10.11 -42.48
CA VAL A 705 44.94 -9.12 -42.98
C VAL A 705 46.30 -9.77 -43.15
N ALA A 706 47.00 -9.37 -44.20
CA ALA A 706 48.26 -10.00 -44.56
C ALA A 706 49.38 -9.34 -43.79
N TYR A 707 49.67 -9.87 -42.61
CA TYR A 707 50.86 -9.43 -41.90
C TYR A 707 52.10 -10.02 -42.55
N SER A 708 53.20 -9.29 -42.43
CA SER A 708 54.51 -9.90 -42.57
C SER A 708 55.47 -9.13 -41.70
N ASN A 709 56.67 -9.65 -41.58
CA ASN A 709 57.72 -8.86 -40.95
C ASN A 709 58.20 -7.74 -41.86
N ASN A 710 57.61 -7.56 -43.03
CA ASN A 710 58.04 -6.46 -43.89
C ASN A 710 56.93 -5.78 -44.68
N SER A 711 55.67 -6.09 -44.45
CA SER A 711 54.59 -5.56 -45.28
C SER A 711 53.94 -4.37 -44.59
N ILE A 712 54.02 -3.21 -45.21
CA ILE A 712 53.47 -1.96 -44.67
C ILE A 712 52.35 -1.48 -45.57
N ALA A 713 51.26 -1.03 -44.96
CA ALA A 713 50.10 -0.53 -45.68
C ALA A 713 49.88 0.94 -45.32
N ILE A 714 50.02 1.82 -46.29
CA ILE A 714 49.94 3.26 -46.06
C ILE A 714 48.80 3.83 -46.89
N PRO A 715 47.84 4.53 -46.29
CA PRO A 715 46.70 5.03 -47.05
C PRO A 715 47.09 6.15 -48.00
N THR A 716 46.27 6.30 -49.05
CA THR A 716 46.51 7.25 -50.12
C THR A 716 45.42 8.29 -50.28
N ASN A 717 44.16 7.92 -50.07
CA ASN A 717 43.06 8.87 -50.07
C ASN A 717 42.29 8.68 -48.78
N PHE A 718 41.38 9.60 -48.52
CA PHE A 718 40.76 9.66 -47.21
C PHE A 718 39.45 10.40 -47.33
N THR A 719 38.63 10.26 -46.30
CA THR A 719 37.34 10.93 -46.27
C THR A 719 37.14 11.57 -44.92
N ILE A 720 36.53 12.76 -44.94
CA ILE A 720 36.19 13.43 -43.70
C ILE A 720 34.76 13.12 -43.35
N SER A 721 34.55 12.00 -42.68
CA SER A 721 33.19 11.70 -42.28
C SER A 721 32.75 12.67 -41.20
N VAL A 722 31.47 12.61 -40.90
CA VAL A 722 30.91 13.28 -39.74
C VAL A 722 29.78 12.42 -39.20
N THR A 723 29.81 12.15 -37.92
CA THR A 723 28.79 11.34 -37.28
C THR A 723 28.17 12.14 -36.16
N THR A 724 27.05 11.65 -35.67
CA THR A 724 26.23 12.41 -34.72
C THR A 724 26.09 11.60 -33.44
N GLU A 725 27.07 11.73 -32.56
CA GLU A 725 26.88 11.26 -31.20
C GLU A 725 25.88 12.18 -30.52
N ILE A 726 24.84 11.60 -29.92
CA ILE A 726 23.76 12.39 -29.35
C ILE A 726 23.62 12.04 -27.89
N LEU A 727 23.73 13.05 -27.04
CA LEU A 727 23.65 12.83 -25.62
C LEU A 727 22.56 13.70 -25.02
N PRO A 728 21.85 13.19 -24.05
CA PRO A 728 20.89 14.03 -23.34
C PRO A 728 21.62 15.04 -22.50
N VAL A 729 20.88 16.04 -22.03
CA VAL A 729 21.44 17.05 -21.14
C VAL A 729 20.63 17.17 -19.85
N SER A 730 19.31 17.23 -19.96
CA SER A 730 18.49 17.36 -18.76
C SER A 730 17.09 16.85 -19.02
N MET A 731 16.51 16.25 -18.01
CA MET A 731 15.13 15.84 -18.05
C MET A 731 14.25 16.95 -17.51
N THR A 732 12.96 16.87 -17.82
CA THR A 732 12.04 17.92 -17.42
C THR A 732 12.02 18.09 -15.92
N LYS A 733 12.13 19.33 -15.46
CA LYS A 733 12.25 19.61 -14.04
C LYS A 733 10.91 19.42 -13.36
N THR A 734 10.54 18.16 -13.15
CA THR A 734 9.27 17.91 -12.49
C THR A 734 9.31 18.35 -11.04
N SER A 735 8.17 18.81 -10.55
CA SER A 735 8.03 19.11 -9.14
C SER A 735 6.62 18.78 -8.69
N VAL A 736 6.51 18.20 -7.50
CA VAL A 736 5.22 17.90 -6.91
C VAL A 736 5.24 18.35 -5.47
N ASP A 737 4.07 18.77 -5.00
CA ASP A 737 3.86 19.05 -3.59
C ASP A 737 3.06 17.89 -3.04
N CYS A 738 3.70 17.11 -2.16
CA CYS A 738 3.00 16.00 -1.53
C CYS A 738 1.62 16.41 -1.06
N THR A 739 1.58 17.39 -0.16
CA THR A 739 0.35 17.65 0.57
C THR A 739 -0.80 17.86 -0.40
N MET A 740 -0.53 18.46 -1.56
CA MET A 740 -1.54 18.48 -2.61
C MET A 740 -1.70 17.11 -3.24
N TYR A 741 -0.61 16.51 -3.71
CA TYR A 741 -0.71 15.22 -4.37
C TYR A 741 -1.27 14.17 -3.42
N ILE A 742 -0.80 14.15 -2.18
CA ILE A 742 -1.33 13.20 -1.23
C ILE A 742 -2.74 13.55 -0.85
N CYS A 743 -3.03 14.83 -0.66
CA CYS A 743 -4.35 15.25 -0.20
C CYS A 743 -4.79 16.43 -1.06
N GLY A 744 -5.66 16.18 -2.01
CA GLY A 744 -6.13 17.25 -2.86
C GLY A 744 -7.05 18.18 -2.08
N ASP A 745 -6.46 18.90 -1.12
CA ASP A 745 -7.19 19.83 -0.27
C ASP A 745 -8.26 19.11 0.56
N SER A 746 -7.79 18.21 1.42
CA SER A 746 -8.64 17.54 2.40
C SER A 746 -7.94 17.69 3.74
N THR A 747 -8.37 18.68 4.54
CA THR A 747 -7.67 19.00 5.77
C THR A 747 -7.56 17.80 6.69
N GLU A 748 -8.55 16.91 6.66
CA GLU A 748 -8.44 15.67 7.43
C GLU A 748 -7.26 14.85 6.94
N CYS A 749 -7.06 14.78 5.62
CA CYS A 749 -5.95 13.99 5.08
C CYS A 749 -4.60 14.54 5.55
N SER A 750 -4.39 15.84 5.36
CA SER A 750 -3.11 16.42 5.74
C SER A 750 -2.85 16.24 7.22
N ASN A 751 -3.90 16.34 8.04
CA ASN A 751 -3.73 16.22 9.48
C ASN A 751 -3.12 14.87 9.84
N LEU A 752 -3.60 13.79 9.21
CA LEU A 752 -3.02 12.48 9.49
C LEU A 752 -1.60 12.38 8.97
N LEU A 753 -1.34 12.96 7.79
CA LEU A 753 -0.02 12.85 7.20
C LEU A 753 1.05 13.45 8.09
N LEU A 754 0.76 14.60 8.70
CA LEU A 754 1.74 15.29 9.50
C LEU A 754 2.38 14.37 10.53
N GLN A 755 1.65 13.34 10.96
CA GLN A 755 2.26 12.34 11.82
C GLN A 755 3.46 11.69 11.16
N TYR A 756 3.44 11.54 9.84
CA TYR A 756 4.55 10.89 9.16
C TYR A 756 5.80 11.74 9.14
N GLY A 757 5.72 13.00 9.54
CA GLY A 757 6.93 13.77 9.73
C GLY A 757 7.62 14.16 8.44
N SER A 758 8.92 14.26 8.53
CA SER A 758 9.67 14.96 7.51
C SER A 758 9.72 14.26 6.22
N PHE A 759 8.99 13.20 5.92
CA PHE A 759 9.07 12.64 4.58
C PHE A 759 8.76 13.71 3.56
N CYS A 760 7.52 14.13 3.51
CA CYS A 760 7.14 15.04 2.45
C CYS A 760 7.66 16.44 2.62
N THR A 761 8.64 16.63 3.49
CA THR A 761 9.58 17.71 3.26
C THR A 761 10.74 17.21 2.40
N GLN A 762 11.41 16.14 2.84
CA GLN A 762 12.56 15.67 2.11
C GLN A 762 12.19 15.21 0.72
N LEU A 763 11.04 14.52 0.58
CA LEU A 763 10.60 14.12 -0.74
C LEU A 763 10.52 15.32 -1.66
N ASN A 764 9.95 16.41 -1.16
CA ASN A 764 9.96 17.63 -1.94
C ASN A 764 11.39 18.07 -2.19
N ARG A 765 12.25 17.98 -1.18
CA ARG A 765 13.59 18.52 -1.29
C ARG A 765 14.34 17.86 -2.43
N ALA A 766 14.33 16.52 -2.48
CA ALA A 766 15.14 15.83 -3.46
C ALA A 766 14.78 16.27 -4.87
N LEU A 767 13.49 16.47 -5.14
CA LEU A 767 13.10 16.94 -6.46
C LEU A 767 13.74 18.28 -6.78
N THR A 768 13.68 19.21 -5.83
CA THR A 768 14.34 20.48 -6.05
C THR A 768 15.83 20.27 -6.28
N GLY A 769 16.45 19.42 -5.47
CA GLY A 769 17.81 19.03 -5.75
C GLY A 769 17.94 18.46 -7.15
N ILE A 770 16.99 17.63 -7.54
CA ILE A 770 16.93 17.24 -8.94
C ILE A 770 16.67 18.45 -9.81
N ALA A 771 15.74 19.31 -9.38
CA ALA A 771 15.35 20.43 -10.23
C ALA A 771 16.53 21.34 -10.50
N VAL A 772 17.20 21.80 -9.45
CA VAL A 772 18.30 22.73 -9.64
C VAL A 772 19.41 22.07 -10.44
N GLU A 773 19.74 20.83 -10.10
CA GLU A 773 20.85 20.15 -10.76
C GLU A 773 20.64 20.07 -12.25
N GLN A 774 19.39 20.08 -12.71
CA GLN A 774 19.16 20.12 -14.14
C GLN A 774 19.80 21.36 -14.76
N ASP A 775 19.52 22.52 -14.19
CA ASP A 775 19.99 23.75 -14.82
C ASP A 775 21.51 23.79 -14.88
N LYS A 776 22.17 23.46 -13.78
CA LYS A 776 23.63 23.49 -13.77
C LYS A 776 24.18 22.55 -14.84
N ASN A 777 23.52 21.42 -15.07
CA ASN A 777 23.88 20.61 -16.20
C ASN A 777 23.85 21.45 -17.47
N THR A 778 22.74 22.14 -17.70
CA THR A 778 22.62 22.94 -18.90
C THR A 778 23.72 23.98 -18.94
N GLN A 779 23.95 24.67 -17.82
CA GLN A 779 25.02 25.65 -17.78
C GLN A 779 26.36 25.01 -18.07
N GLU A 780 26.60 23.84 -17.52
CA GLU A 780 27.92 23.26 -17.67
C GLU A 780 28.12 22.61 -19.02
N VAL A 781 27.11 22.57 -19.86
CA VAL A 781 27.31 22.11 -21.23
C VAL A 781 27.20 23.24 -22.24
N PHE A 782 26.69 24.39 -21.86
CA PHE A 782 26.70 25.50 -22.80
C PHE A 782 27.30 26.77 -22.23
N ALA A 783 27.04 27.08 -20.96
CA ALA A 783 27.51 28.33 -20.39
C ALA A 783 29.02 28.20 -20.13
N GLN A 784 29.73 27.91 -21.20
CA GLN A 784 31.13 27.62 -21.09
C GLN A 784 32.00 28.76 -21.54
N VAL A 785 31.46 29.72 -22.28
CA VAL A 785 32.22 30.83 -22.80
C VAL A 785 31.61 32.12 -22.29
N LYS A 786 32.45 33.02 -21.79
CA LYS A 786 31.97 34.24 -21.16
C LYS A 786 31.95 35.42 -22.12
N GLN A 787 31.89 35.15 -23.41
CA GLN A 787 31.64 36.20 -24.38
C GLN A 787 30.78 35.62 -25.49
N ILE A 788 29.58 36.17 -25.65
CA ILE A 788 28.69 35.72 -26.71
C ILE A 788 29.24 36.28 -28.01
N TYR A 789 30.03 35.48 -28.71
CA TYR A 789 30.54 35.93 -29.98
C TYR A 789 29.41 35.98 -31.01
N LYS A 790 29.73 36.46 -32.20
CA LYS A 790 28.78 36.43 -33.30
C LYS A 790 29.53 36.17 -34.59
N THR A 791 28.91 35.39 -35.46
CA THR A 791 29.46 35.23 -36.78
C THR A 791 29.42 36.56 -37.52
N PRO A 792 30.37 36.79 -38.41
CA PRO A 792 30.39 38.03 -39.16
C PRO A 792 29.51 37.95 -40.40
N PRO A 793 29.12 39.09 -40.97
CA PRO A 793 28.33 39.04 -42.21
C PRO A 793 29.01 38.31 -43.34
N ILE A 794 30.33 38.44 -43.45
CA ILE A 794 31.05 37.82 -44.55
C ILE A 794 31.08 36.31 -44.32
N LYS A 795 30.54 35.55 -45.25
CA LYS A 795 30.66 34.11 -45.24
C LYS A 795 31.75 33.64 -46.19
N ASP A 796 32.99 34.04 -45.90
CA ASP A 796 34.14 33.50 -46.62
C ASP A 796 34.79 32.46 -45.71
N PHE A 797 34.46 31.21 -45.95
CA PHE A 797 35.00 30.10 -45.19
C PHE A 797 35.62 29.08 -46.13
N GLY A 798 36.36 29.57 -47.12
CA GLY A 798 37.03 28.68 -48.04
C GLY A 798 36.07 27.69 -48.66
N GLY A 799 34.82 28.10 -48.83
CA GLY A 799 33.81 27.23 -49.38
C GLY A 799 33.13 26.33 -48.38
N PHE A 800 33.51 26.39 -47.10
CA PHE A 800 32.91 25.52 -46.11
C PHE A 800 31.49 26.01 -45.82
N ASN A 801 30.56 25.61 -46.69
CA ASN A 801 29.24 26.21 -46.70
C ASN A 801 28.52 25.77 -45.43
N PHE A 802 28.81 26.47 -44.34
CA PHE A 802 28.23 26.21 -43.03
C PHE A 802 26.81 26.59 -42.93
N SER A 803 26.15 26.93 -44.03
CA SER A 803 24.80 27.47 -43.95
C SER A 803 23.89 26.56 -43.15
N GLN A 804 24.10 25.25 -43.25
CA GLN A 804 23.25 24.32 -42.51
C GLN A 804 23.41 24.48 -41.02
N ILE A 805 24.54 25.01 -40.54
CA ILE A 805 24.84 25.00 -39.12
C ILE A 805 24.80 26.38 -38.49
N LEU A 806 25.08 27.44 -39.23
CA LEU A 806 24.91 28.75 -38.64
C LEU A 806 23.45 29.14 -38.66
N PRO A 807 22.89 29.53 -37.53
CA PRO A 807 21.47 29.89 -37.50
C PRO A 807 21.20 31.05 -38.46
N ASP A 808 20.02 31.02 -39.08
CA ASP A 808 19.59 32.16 -39.87
C ASP A 808 18.25 32.66 -39.34
N PRO A 809 18.02 33.97 -39.36
CA PRO A 809 16.85 34.52 -38.66
C PRO A 809 15.54 34.38 -39.41
N SER A 810 15.53 33.70 -40.56
CA SER A 810 14.28 33.53 -41.29
C SER A 810 13.24 32.86 -40.39
N LYS A 811 13.58 31.74 -39.78
CA LYS A 811 12.79 31.24 -38.68
C LYS A 811 12.92 32.18 -37.49
N PRO A 812 11.87 32.36 -36.71
CA PRO A 812 11.90 33.39 -35.66
C PRO A 812 12.98 33.17 -34.62
N SER A 813 13.32 31.93 -34.33
CA SER A 813 14.21 31.63 -33.22
C SER A 813 15.67 31.76 -33.59
N LYS A 814 15.99 32.07 -34.85
CA LYS A 814 17.36 32.14 -35.32
C LYS A 814 18.10 30.83 -35.00
N ARG A 815 17.63 29.78 -35.65
CA ARG A 815 18.16 28.45 -35.41
C ARG A 815 18.75 27.89 -36.69
N SER A 816 19.70 26.98 -36.54
CA SER A 816 20.36 26.42 -37.70
C SER A 816 19.41 25.51 -38.46
N PRO A 817 19.62 25.37 -39.76
CA PRO A 817 18.83 24.39 -40.53
C PRO A 817 18.90 23.01 -39.94
N ILE A 818 20.05 22.60 -39.42
CA ILE A 818 20.13 21.29 -38.80
C ILE A 818 19.20 21.23 -37.58
N GLU A 819 19.32 22.20 -36.69
CA GLU A 819 18.48 22.20 -35.51
C GLU A 819 17.02 22.29 -35.90
N ASP A 820 16.73 22.85 -37.07
CA ASP A 820 15.36 22.87 -37.56
C ASP A 820 14.79 21.45 -37.59
N LEU A 821 15.50 20.52 -38.22
CA LEU A 821 15.05 19.14 -38.21
C LEU A 821 14.96 18.59 -36.80
N LEU A 822 15.94 18.93 -35.97
CA LEU A 822 15.95 18.45 -34.60
C LEU A 822 14.67 18.83 -33.89
N PHE A 823 14.23 20.07 -34.07
CA PHE A 823 13.13 20.54 -33.25
C PHE A 823 11.83 19.85 -33.60
N ASN A 824 11.63 19.50 -34.86
CA ASN A 824 10.35 18.91 -35.23
C ASN A 824 10.23 17.46 -34.79
N LYS A 825 11.36 16.75 -34.69
CA LYS A 825 11.36 15.29 -34.54
C LYS A 825 11.19 14.85 -33.09
N VAL A 826 10.67 15.70 -32.22
CA VAL A 826 10.42 15.27 -30.86
C VAL A 826 9.02 15.66 -30.39
N ASN A 856 -3.88 18.15 -9.25
CA ASN A 856 -3.37 16.78 -9.22
C ASN A 856 -2.10 16.70 -8.40
N GLY A 857 -1.47 17.84 -8.15
CA GLY A 857 -0.31 17.91 -7.29
C GLY A 857 1.04 18.04 -7.97
N LEU A 858 1.08 18.09 -9.30
CA LEU A 858 2.34 18.13 -10.02
C LEU A 858 2.54 19.51 -10.59
N THR A 859 3.74 19.73 -11.13
CA THR A 859 4.02 20.92 -11.93
C THR A 859 5.29 20.69 -12.71
N VAL A 860 5.56 21.62 -13.63
CA VAL A 860 6.73 21.51 -14.49
C VAL A 860 7.41 22.86 -14.60
N LEU A 861 8.45 23.08 -13.82
CA LEU A 861 9.17 24.33 -13.95
C LEU A 861 9.86 24.38 -15.30
N PRO A 862 9.65 25.43 -16.09
CA PRO A 862 10.40 25.55 -17.33
C PRO A 862 11.89 25.74 -17.03
N PRO A 863 12.75 25.31 -17.93
CA PRO A 863 14.18 25.40 -17.66
C PRO A 863 14.62 26.84 -17.54
N LEU A 864 15.73 27.06 -16.85
CA LEU A 864 16.27 28.40 -16.76
C LEU A 864 16.47 29.01 -18.13
N LEU A 865 17.16 28.30 -18.99
CA LEU A 865 17.54 28.84 -20.28
C LEU A 865 16.49 28.42 -21.30
N THR A 866 15.77 29.40 -21.82
CA THR A 866 14.96 29.16 -23.01
C THR A 866 15.88 28.81 -24.16
N ASP A 867 15.35 28.06 -25.12
CA ASP A 867 16.20 27.57 -26.19
C ASP A 867 16.89 28.71 -26.94
N GLU A 868 16.23 29.87 -27.05
CA GLU A 868 16.87 30.99 -27.72
C GLU A 868 18.22 31.27 -27.07
N MET A 869 18.21 31.43 -25.74
CA MET A 869 19.47 31.56 -25.04
C MET A 869 20.36 30.35 -25.32
N ILE A 870 19.78 29.16 -25.27
CA ILE A 870 20.54 27.98 -25.66
C ILE A 870 21.10 28.17 -27.04
N ALA A 871 20.29 28.68 -27.96
CA ALA A 871 20.72 28.83 -29.33
C ALA A 871 21.96 29.71 -29.42
N GLN A 872 21.92 30.86 -28.75
CA GLN A 872 23.05 31.80 -28.83
C GLN A 872 24.34 31.14 -28.38
N TYR A 873 24.31 30.49 -27.21
CA TYR A 873 25.51 29.83 -26.72
C TYR A 873 26.12 28.97 -27.80
N THR A 874 25.35 28.03 -28.31
CA THR A 874 25.80 27.27 -29.46
C THR A 874 26.23 28.21 -30.56
N SER A 875 25.35 29.13 -30.92
CA SER A 875 25.67 30.05 -32.01
C SER A 875 27.01 30.73 -31.76
N ALA A 876 27.19 31.29 -30.56
CA ALA A 876 28.48 31.87 -30.24
C ALA A 876 29.56 30.81 -30.29
N LEU A 877 29.29 29.65 -29.72
CA LEU A 877 30.30 28.60 -29.72
C LEU A 877 30.80 28.33 -31.11
N LEU A 878 29.93 28.44 -32.10
CA LEU A 878 30.39 28.33 -33.48
C LEU A 878 31.42 29.39 -33.80
N ALA A 879 31.05 30.66 -33.62
CA ALA A 879 31.86 31.73 -34.21
C ALA A 879 33.30 31.66 -33.74
N GLY A 880 33.50 31.63 -32.43
CA GLY A 880 34.85 31.49 -31.93
C GLY A 880 35.50 30.22 -32.45
N THR A 881 34.75 29.12 -32.45
CA THR A 881 35.26 27.91 -33.06
C THR A 881 35.49 28.12 -34.55
N ILE A 882 34.52 28.72 -35.22
CA ILE A 882 34.68 28.98 -36.65
C ILE A 882 35.82 29.95 -36.88
N THR A 883 35.87 31.01 -36.09
CA THR A 883 36.83 32.06 -36.36
C THR A 883 38.12 31.86 -35.56
N SER A 884 38.01 31.89 -34.24
CA SER A 884 39.22 31.99 -33.45
C SER A 884 39.90 30.64 -33.21
N GLY A 885 39.32 29.56 -33.68
CA GLY A 885 39.94 28.28 -33.38
C GLY A 885 39.84 27.97 -31.90
N TRP A 886 40.53 26.91 -31.50
CA TRP A 886 40.37 26.44 -30.13
C TRP A 886 40.77 27.48 -29.11
N THR A 887 41.55 28.47 -29.50
CA THR A 887 42.19 29.33 -28.50
C THR A 887 41.17 29.98 -27.59
N PHE A 888 40.05 30.45 -28.15
CA PHE A 888 39.13 31.21 -27.33
C PHE A 888 38.70 30.43 -26.12
N GLY A 889 38.70 29.10 -26.22
CA GLY A 889 38.42 28.30 -25.05
C GLY A 889 39.43 28.51 -23.95
N ALA A 890 40.68 28.79 -24.32
CA ALA A 890 41.72 28.97 -23.33
C ALA A 890 41.77 30.39 -22.78
N GLY A 891 41.49 31.40 -23.60
CA GLY A 891 41.54 32.77 -23.14
C GLY A 891 40.90 33.72 -24.12
N PRO A 892 41.51 34.89 -24.30
CA PRO A 892 40.99 35.85 -25.27
C PRO A 892 41.02 35.28 -26.68
N ALA A 893 39.88 35.35 -27.35
CA ALA A 893 39.74 34.74 -28.67
C ALA A 893 40.74 35.34 -29.64
N LEU A 894 41.35 34.49 -30.43
CA LEU A 894 42.32 34.91 -31.43
C LEU A 894 41.81 34.46 -32.79
N GLN A 895 41.28 35.38 -33.55
CA GLN A 895 40.68 35.03 -34.82
C GLN A 895 41.75 34.53 -35.80
N ILE A 896 41.42 33.47 -36.52
CA ILE A 896 42.31 32.84 -37.49
C ILE A 896 41.49 32.43 -38.71
N PRO A 897 41.93 32.72 -39.93
CA PRO A 897 41.14 32.31 -41.09
C PRO A 897 41.06 30.80 -41.17
N PHE A 898 39.84 30.31 -41.43
CA PHE A 898 39.50 28.91 -41.23
C PHE A 898 40.43 27.93 -41.92
N PRO A 899 40.81 28.12 -43.18
CA PRO A 899 41.69 27.13 -43.80
C PRO A 899 42.94 26.91 -43.00
N MET A 900 43.41 27.93 -42.30
CA MET A 900 44.52 27.69 -41.39
C MET A 900 44.12 26.75 -40.26
N GLN A 901 42.91 26.89 -39.73
CA GLN A 901 42.59 26.15 -38.53
C GLN A 901 42.69 24.65 -38.78
N MET A 902 42.10 24.18 -39.87
CA MET A 902 42.30 22.79 -40.22
C MET A 902 43.77 22.50 -40.45
N ALA A 903 44.51 23.46 -41.00
CA ALA A 903 45.92 23.22 -41.26
C ALA A 903 46.65 22.85 -39.98
N TYR A 904 46.31 23.50 -38.87
CA TYR A 904 46.84 23.01 -37.61
C TYR A 904 46.26 21.66 -37.22
N ARG A 905 44.95 21.51 -37.26
CA ARG A 905 44.40 20.25 -36.81
C ARG A 905 44.99 19.09 -37.60
N PHE A 906 45.23 19.31 -38.90
CA PHE A 906 46.03 18.35 -39.65
C PHE A 906 47.41 18.20 -39.05
N ASN A 907 48.09 19.33 -38.83
CA ASN A 907 49.35 19.29 -38.12
C ASN A 907 49.16 18.66 -36.75
N GLY A 908 47.97 18.76 -36.20
CA GLY A 908 47.71 18.15 -34.91
C GLY A 908 47.39 16.69 -34.94
N ILE A 909 47.12 16.12 -36.12
CA ILE A 909 46.73 14.72 -36.19
C ILE A 909 47.85 13.84 -36.70
N GLY A 910 48.87 14.39 -37.32
CA GLY A 910 49.91 13.58 -37.90
C GLY A 910 50.01 13.71 -39.40
N VAL A 911 49.70 14.88 -39.92
CA VAL A 911 49.83 15.10 -41.36
C VAL A 911 50.24 16.54 -41.60
N THR A 912 51.13 16.73 -42.56
CA THR A 912 51.73 18.04 -42.81
C THR A 912 50.72 19.01 -43.36
N GLN A 913 50.88 20.27 -42.97
CA GLN A 913 49.91 21.29 -43.31
C GLN A 913 49.79 21.48 -44.81
N ASN A 914 50.76 20.99 -45.57
CA ASN A 914 50.75 21.21 -47.01
C ASN A 914 49.51 20.64 -47.65
N VAL A 915 49.11 19.43 -47.22
CA VAL A 915 48.11 18.70 -47.99
C VAL A 915 46.79 19.45 -48.02
N LEU A 916 46.37 20.00 -46.88
CA LEU A 916 45.10 20.67 -46.82
C LEU A 916 45.01 21.76 -47.86
N TYR A 917 46.00 22.66 -47.89
CA TYR A 917 46.06 23.63 -48.95
C TYR A 917 46.15 22.95 -50.30
N GLU A 918 46.89 21.86 -50.38
CA GLU A 918 47.03 21.17 -51.65
C GLU A 918 45.70 20.67 -52.17
N ASN A 919 44.70 20.54 -51.30
CA ASN A 919 43.48 19.88 -51.74
C ASN A 919 42.25 20.55 -51.18
N GLN A 920 42.31 21.88 -50.99
CA GLN A 920 41.23 22.59 -50.33
C GLN A 920 39.89 22.33 -50.98
N LYS A 921 39.82 22.52 -52.30
CA LYS A 921 38.54 22.37 -53.01
C LYS A 921 37.93 21.01 -52.76
N LEU A 922 38.71 19.96 -53.01
CA LEU A 922 38.20 18.61 -52.79
C LEU A 922 37.77 18.41 -51.35
N ILE A 923 38.58 18.90 -50.41
CA ILE A 923 38.19 18.81 -49.02
C ILE A 923 36.89 19.55 -48.79
N ALA A 924 36.72 20.67 -49.49
CA ALA A 924 35.55 21.50 -49.28
C ALA A 924 34.27 20.72 -49.55
N ASN A 925 34.06 20.31 -50.81
CA ASN A 925 32.84 19.58 -51.15
C ASN A 925 32.68 18.37 -50.27
N GLN A 926 33.77 17.64 -50.05
CA GLN A 926 33.71 16.48 -49.18
C GLN A 926 33.17 16.86 -47.82
N PHE A 927 33.61 17.99 -47.29
CA PHE A 927 33.02 18.46 -46.05
C PHE A 927 31.55 18.78 -46.25
N ASN A 928 31.22 19.39 -47.38
CA ASN A 928 29.86 19.84 -47.59
C ASN A 928 28.87 18.69 -47.58
N SER A 929 29.12 17.70 -48.43
CA SER A 929 28.11 16.66 -48.65
C SER A 929 27.81 15.92 -47.36
N ALA A 930 28.85 15.55 -46.61
CA ALA A 930 28.62 14.88 -45.35
C ALA A 930 27.74 15.74 -44.46
N ILE A 931 28.06 17.02 -44.36
CA ILE A 931 27.19 17.95 -43.66
C ILE A 931 25.79 17.87 -44.26
N GLY A 932 25.70 17.92 -45.58
CA GLY A 932 24.41 17.74 -46.21
C GLY A 932 23.80 16.39 -45.90
N LYS A 933 24.62 15.34 -45.98
CA LYS A 933 24.10 14.00 -45.74
C LYS A 933 23.55 13.85 -44.34
N ILE A 934 23.92 14.74 -43.42
CA ILE A 934 23.32 14.70 -42.10
C ILE A 934 21.82 14.80 -42.19
N GLN A 935 21.34 15.75 -43.01
CA GLN A 935 19.92 16.03 -43.05
C GLN A 935 19.12 14.78 -43.38
N ASP A 936 19.45 14.13 -44.49
CA ASP A 936 18.68 12.96 -44.89
C ASP A 936 18.84 11.84 -43.87
N SER A 937 20.08 11.61 -43.43
CA SER A 937 20.29 10.66 -42.34
C SER A 937 19.44 11.04 -41.14
N LEU A 938 19.36 12.33 -40.85
CA LEU A 938 18.44 12.78 -39.82
C LEU A 938 17.00 12.61 -40.28
N SER A 939 16.72 12.91 -41.55
CA SER A 939 15.34 12.98 -42.01
C SER A 939 14.68 11.62 -42.02
N SER A 940 15.18 10.71 -42.86
CA SER A 940 14.46 9.46 -43.11
C SER A 940 14.41 8.58 -41.87
N THR A 941 15.55 8.34 -41.25
CA THR A 941 15.59 7.47 -40.10
C THR A 941 15.15 8.25 -38.86
N PRO A 942 14.04 7.86 -38.21
CA PRO A 942 13.66 8.53 -36.95
C PRO A 942 14.44 8.00 -35.76
N SER A 943 14.95 6.77 -35.84
CA SER A 943 15.79 6.25 -34.77
C SER A 943 17.09 7.03 -34.64
N ALA A 944 17.42 7.87 -35.62
CA ALA A 944 18.60 8.72 -35.50
C ALA A 944 18.57 9.53 -34.22
N LEU A 945 17.39 10.01 -33.84
CA LEU A 945 17.21 10.79 -32.61
C LEU A 945 16.47 10.02 -31.54
N GLY A 946 16.50 8.69 -31.63
CA GLY A 946 15.77 7.90 -30.66
C GLY A 946 16.27 8.11 -29.24
N LYS A 947 17.58 8.33 -29.10
CA LYS A 947 18.17 8.38 -27.77
C LYS A 947 17.44 9.37 -26.88
N LEU A 948 17.30 10.61 -27.35
CA LEU A 948 16.61 11.61 -26.56
C LEU A 948 15.16 11.22 -26.33
N GLN A 949 14.49 10.73 -27.37
CA GLN A 949 13.10 10.37 -27.24
C GLN A 949 12.89 9.42 -26.08
N ASP A 950 13.87 8.54 -25.85
CA ASP A 950 13.80 7.67 -24.69
C ASP A 950 13.66 8.47 -23.42
N VAL A 951 14.45 9.54 -23.28
CA VAL A 951 14.42 10.33 -22.06
C VAL A 951 13.01 10.82 -21.78
N VAL A 952 12.45 11.60 -22.70
CA VAL A 952 11.11 12.12 -22.50
C VAL A 952 10.13 10.98 -22.29
N ASN A 953 10.17 9.99 -23.16
CA ASN A 953 9.27 8.86 -23.03
C ASN A 953 9.38 8.24 -21.65
N GLN A 954 10.59 8.17 -21.11
CA GLN A 954 10.74 7.67 -19.76
C GLN A 954 9.90 8.50 -18.79
N ASN A 955 10.23 9.77 -18.65
CA ASN A 955 9.61 10.58 -17.60
C ASN A 955 8.12 10.68 -17.79
N ALA A 956 7.68 10.86 -19.04
CA ALA A 956 6.25 10.84 -19.30
C ALA A 956 5.61 9.59 -18.71
N GLN A 957 6.23 8.44 -18.96
CA GLN A 957 5.73 7.21 -18.35
C GLN A 957 5.74 7.34 -16.84
N ALA A 958 6.84 7.85 -16.28
CA ALA A 958 6.91 7.99 -14.84
C ALA A 958 5.76 8.83 -14.33
N LEU A 959 5.58 10.01 -14.90
CA LEU A 959 4.51 10.88 -14.42
C LEU A 959 3.16 10.21 -14.59
N ASN A 960 2.87 9.70 -15.78
CA ASN A 960 1.59 9.03 -15.97
C ASN A 960 1.43 7.90 -14.98
N THR A 961 2.43 7.02 -14.89
CA THR A 961 2.40 5.98 -13.88
C THR A 961 2.14 6.57 -12.52
N LEU A 962 2.81 7.69 -12.22
CA LEU A 962 2.56 8.35 -10.95
C LEU A 962 1.10 8.76 -10.83
N VAL A 963 0.55 9.33 -11.90
CA VAL A 963 -0.84 9.73 -11.87
C VAL A 963 -1.74 8.51 -11.87
N LYS A 964 -1.46 7.54 -12.73
CA LYS A 964 -2.34 6.39 -12.81
C LYS A 964 -2.44 5.68 -11.47
N GLN A 965 -1.46 5.87 -10.61
CA GLN A 965 -1.53 5.27 -9.30
C GLN A 965 -2.71 5.78 -8.49
N LEU A 966 -3.20 6.99 -8.77
CA LEU A 966 -4.22 7.57 -7.91
C LEU A 966 -5.47 6.71 -7.88
N SER A 967 -5.92 6.22 -9.03
CA SER A 967 -7.18 5.50 -9.06
C SER A 967 -7.11 4.20 -8.28
N SER A 968 -5.99 3.51 -8.32
CA SER A 968 -5.85 2.31 -7.50
C SER A 968 -5.93 2.71 -6.04
N ASN A 969 -6.71 1.97 -5.26
CA ASN A 969 -7.02 2.42 -3.91
C ASN A 969 -6.15 1.75 -2.86
N PHE A 970 -5.12 1.02 -3.27
CA PHE A 970 -4.18 0.43 -2.33
C PHE A 970 -4.87 -0.40 -1.27
N GLY A 971 -5.99 -1.02 -1.62
CA GLY A 971 -6.73 -1.81 -0.69
C GLY A 971 -7.71 -1.04 0.17
N ALA A 972 -7.97 0.23 -0.15
CA ALA A 972 -8.97 0.96 0.60
C ALA A 972 -10.35 0.60 0.10
N ILE A 973 -11.36 1.02 0.85
CA ILE A 973 -12.74 0.79 0.43
C ILE A 973 -13.03 1.56 -0.84
N SER A 974 -12.64 2.82 -0.88
CA SER A 974 -12.93 3.68 -2.00
C SER A 974 -11.67 4.43 -2.39
N SER A 975 -11.64 4.87 -3.64
CA SER A 975 -10.44 5.47 -4.21
C SER A 975 -10.44 6.98 -4.16
N VAL A 976 -11.43 7.61 -3.54
CA VAL A 976 -11.53 9.05 -3.48
C VAL A 976 -11.51 9.47 -2.03
N LEU A 977 -10.62 10.41 -1.71
CA LEU A 977 -10.51 10.87 -0.32
C LEU A 977 -11.78 11.58 0.12
N ASN A 978 -12.46 12.26 -0.79
CA ASN A 978 -13.69 12.95 -0.40
C ASN A 978 -14.77 11.95 -0.02
N ASP A 979 -15.02 10.97 -0.89
CA ASP A 979 -16.09 10.01 -0.63
C ASP A 979 -15.81 9.18 0.61
N ILE A 980 -14.57 8.73 0.77
CA ILE A 980 -14.26 7.87 1.91
C ILE A 980 -14.46 8.61 3.21
N LEU A 981 -14.30 9.94 3.21
CA LEU A 981 -14.62 10.71 4.40
C LEU A 981 -16.09 10.59 4.74
N SER A 982 -16.96 10.63 3.72
CA SER A 982 -18.39 10.46 3.94
C SER A 982 -18.78 8.99 3.97
N ARG A 983 -18.51 8.27 2.88
CA ARG A 983 -18.95 6.89 2.76
C ARG A 983 -18.32 5.97 3.78
N LEU A 984 -17.45 6.48 4.65
CA LEU A 984 -16.96 5.75 5.80
C LEU A 984 -17.02 6.65 7.02
N ASP A 985 -17.24 6.02 8.18
CA ASP A 985 -17.26 6.78 9.43
C ASP A 985 -15.87 7.34 9.74
N PRO A 986 -15.80 8.53 10.32
CA PRO A 986 -14.51 9.23 10.43
C PRO A 986 -13.49 8.45 11.27
N PRO A 987 -13.82 8.02 12.50
CA PRO A 987 -12.81 7.24 13.24
C PRO A 987 -12.39 5.99 12.51
N GLU A 988 -13.33 5.30 11.88
CA GLU A 988 -12.96 4.18 11.02
C GLU A 988 -12.29 4.66 9.74
N ALA A 989 -12.52 5.90 9.35
CA ALA A 989 -11.88 6.42 8.15
C ALA A 989 -10.38 6.44 8.29
N GLU A 990 -9.89 6.81 9.47
CA GLU A 990 -8.45 6.99 9.66
C GLU A 990 -7.68 5.76 9.21
N VAL A 991 -8.06 4.58 9.72
CA VAL A 991 -7.39 3.36 9.31
C VAL A 991 -7.53 3.17 7.81
N GLN A 992 -8.73 3.42 7.28
CA GLN A 992 -8.88 3.46 5.84
C GLN A 992 -8.03 4.55 5.23
N ILE A 993 -8.00 5.73 5.85
CA ILE A 993 -7.19 6.81 5.32
C ILE A 993 -5.72 6.41 5.28
N ASP A 994 -5.26 5.73 6.32
CA ASP A 994 -3.85 5.36 6.41
C ASP A 994 -3.40 4.63 5.15
N ARG A 995 -4.25 3.74 4.63
CA ARG A 995 -3.84 2.93 3.50
C ARG A 995 -3.46 3.79 2.31
N LEU A 996 -4.34 4.72 1.93
CA LEU A 996 -4.01 5.61 0.83
C LEU A 996 -2.75 6.38 1.12
N ILE A 997 -2.59 6.85 2.35
CA ILE A 997 -1.35 7.52 2.73
C ILE A 997 -0.17 6.60 2.43
N THR A 998 -0.12 5.45 3.11
CA THR A 998 1.01 4.56 2.92
C THR A 998 1.13 4.16 1.47
N GLY A 999 0.02 3.81 0.84
CA GLY A 999 0.06 3.47 -0.56
C GLY A 999 0.57 4.61 -1.39
N ARG A 1000 -0.18 5.70 -1.44
CA ARG A 1000 0.19 6.81 -2.31
C ARG A 1000 1.59 7.29 -1.96
N LEU A 1001 1.88 7.47 -0.68
CA LEU A 1001 3.18 8.00 -0.29
C LEU A 1001 4.30 7.16 -0.85
N GLN A 1002 4.25 5.85 -0.62
CA GLN A 1002 5.27 4.98 -1.16
C GLN A 1002 5.29 5.08 -2.67
N SER A 1003 4.12 5.10 -3.30
CA SER A 1003 4.07 5.23 -4.74
C SER A 1003 4.76 6.51 -5.18
N LEU A 1004 4.50 7.61 -4.49
CA LEU A 1004 5.25 8.84 -4.78
C LEU A 1004 6.73 8.60 -4.57
N GLN A 1005 7.09 8.03 -3.44
CA GLN A 1005 8.49 7.91 -3.09
C GLN A 1005 9.24 7.10 -4.14
N THR A 1006 8.65 6.00 -4.58
CA THR A 1006 9.31 5.20 -5.60
C THR A 1006 9.54 6.03 -6.85
N TYR A 1007 8.63 6.95 -7.16
CA TYR A 1007 8.86 7.81 -8.31
C TYR A 1007 10.13 8.63 -8.12
N VAL A 1008 10.32 9.17 -6.92
CA VAL A 1008 11.51 9.96 -6.64
C VAL A 1008 12.76 9.15 -6.92
N THR A 1009 12.93 8.05 -6.18
CA THR A 1009 14.06 7.19 -6.39
C THR A 1009 14.20 6.83 -7.85
N GLN A 1010 13.08 6.55 -8.50
CA GLN A 1010 13.12 6.32 -9.93
C GLN A 1010 13.69 7.53 -10.66
N GLN A 1011 13.22 8.72 -10.31
CA GLN A 1011 13.76 9.91 -10.94
C GLN A 1011 15.22 10.11 -10.57
N LEU A 1012 15.52 10.11 -9.27
CA LEU A 1012 16.84 10.49 -8.81
C LEU A 1012 17.91 9.67 -9.49
N ILE A 1013 17.73 8.34 -9.49
CA ILE A 1013 18.69 7.49 -10.15
C ILE A 1013 18.83 7.87 -11.61
N ARG A 1014 17.72 8.13 -12.29
CA ARG A 1014 17.83 8.51 -13.69
C ARG A 1014 18.52 9.85 -13.82
N ALA A 1015 18.25 10.77 -12.89
CA ALA A 1015 18.89 12.07 -12.94
C ALA A 1015 20.40 11.93 -12.84
N ALA A 1016 20.86 11.22 -11.81
CA ALA A 1016 22.29 11.01 -11.67
C ALA A 1016 22.86 10.39 -12.93
N GLU A 1017 22.12 9.47 -13.54
CA GLU A 1017 22.55 8.89 -14.79
C GLU A 1017 22.77 9.98 -15.83
N ILE A 1018 21.81 10.89 -15.94
CA ILE A 1018 21.96 11.97 -16.91
C ILE A 1018 23.20 12.79 -16.60
N ARG A 1019 23.35 13.19 -15.34
CA ARG A 1019 24.46 14.05 -14.97
C ARG A 1019 25.77 13.43 -15.40
N ALA A 1020 25.94 12.15 -15.12
CA ALA A 1020 27.11 11.44 -15.64
C ALA A 1020 27.22 11.64 -17.14
N SER A 1021 26.12 11.42 -17.85
CA SER A 1021 26.13 11.67 -19.28
C SER A 1021 26.44 13.13 -19.57
N ALA A 1022 25.80 14.03 -18.84
CA ALA A 1022 26.01 15.44 -19.11
C ALA A 1022 27.48 15.78 -19.04
N ASN A 1023 28.13 15.40 -17.95
CA ASN A 1023 29.55 15.68 -17.80
C ASN A 1023 30.32 15.21 -19.02
N LEU A 1024 30.00 14.02 -19.51
CA LEU A 1024 30.67 13.51 -20.69
C LEU A 1024 30.63 14.55 -21.79
N ALA A 1025 29.42 14.89 -22.24
CA ALA A 1025 29.31 15.94 -23.24
C ALA A 1025 29.96 17.22 -22.74
N ALA A 1026 29.68 17.57 -21.49
CA ALA A 1026 30.26 18.78 -20.92
C ALA A 1026 31.77 18.76 -21.12
N THR A 1027 32.39 17.64 -20.78
CA THR A 1027 33.77 17.46 -21.18
C THR A 1027 33.88 17.44 -22.69
N LYS A 1028 32.99 16.70 -23.34
CA LYS A 1028 33.21 16.35 -24.74
C LYS A 1028 33.26 17.60 -25.59
N MET A 1029 32.28 18.50 -25.40
CA MET A 1029 32.31 19.77 -26.08
C MET A 1029 33.59 20.52 -25.74
N SER A 1030 33.87 20.65 -24.45
CA SER A 1030 35.12 21.26 -24.06
C SER A 1030 36.31 20.40 -24.44
N GLU A 1031 36.09 19.25 -25.07
CA GLU A 1031 37.17 18.46 -25.62
C GLU A 1031 37.21 18.48 -27.14
N CYS A 1032 36.12 18.10 -27.79
CA CYS A 1032 36.13 17.99 -29.25
C CYS A 1032 35.72 19.28 -29.94
N VAL A 1033 35.40 20.33 -29.18
CA VAL A 1033 35.13 21.65 -29.75
C VAL A 1033 36.22 22.63 -29.39
N LEU A 1034 36.43 22.87 -28.10
CA LEU A 1034 37.40 23.86 -27.70
C LEU A 1034 38.83 23.41 -27.91
N GLY A 1035 39.05 22.26 -28.52
CA GLY A 1035 40.39 21.78 -28.76
C GLY A 1035 40.36 20.69 -29.79
N GLN A 1036 41.35 19.81 -29.74
CA GLN A 1036 41.38 18.64 -30.63
C GLN A 1036 41.85 17.45 -29.81
N SER A 1037 40.90 16.72 -29.24
CA SER A 1037 41.27 15.64 -28.34
C SER A 1037 41.90 14.50 -29.09
N LYS A 1038 43.11 14.14 -28.71
CA LYS A 1038 43.83 13.07 -29.35
C LYS A 1038 43.27 11.71 -28.97
N ARG A 1039 42.37 11.66 -28.01
CA ARG A 1039 41.82 10.39 -27.58
C ARG A 1039 41.06 9.74 -28.72
N VAL A 1040 41.55 8.58 -29.16
CA VAL A 1040 40.87 7.88 -30.22
C VAL A 1040 39.48 7.45 -29.76
N ASP A 1041 38.51 7.56 -30.66
CA ASP A 1041 37.12 7.20 -30.48
C ASP A 1041 36.38 8.10 -29.50
N PHE A 1042 37.07 9.04 -28.85
CA PHE A 1042 36.35 9.90 -27.93
C PHE A 1042 35.51 10.93 -28.66
N CYS A 1043 35.97 11.39 -29.82
CA CYS A 1043 35.19 12.26 -30.67
C CYS A 1043 34.52 11.50 -31.80
N GLY A 1044 34.17 10.24 -31.57
CA GLY A 1044 33.61 9.43 -32.63
C GLY A 1044 34.69 8.71 -33.40
N LYS A 1045 34.24 7.90 -34.36
CA LYS A 1045 35.16 7.04 -35.07
C LYS A 1045 36.20 7.86 -35.81
N GLY A 1046 37.41 7.33 -35.84
CA GLY A 1046 38.48 7.92 -36.62
C GLY A 1046 39.20 9.03 -35.88
N TYR A 1047 40.35 9.38 -36.43
CA TYR A 1047 41.10 10.54 -35.94
C TYR A 1047 40.20 11.75 -35.99
N HIS A 1048 40.28 12.56 -34.94
CA HIS A 1048 39.33 13.65 -34.74
C HIS A 1048 39.87 14.97 -35.24
N LEU A 1049 38.99 15.76 -35.87
CA LEU A 1049 39.36 17.06 -36.38
C LEU A 1049 38.69 18.20 -35.63
N MET A 1050 37.37 18.18 -35.52
CA MET A 1050 36.63 19.22 -34.81
C MET A 1050 35.24 18.69 -34.55
N SER A 1051 34.60 19.25 -33.53
CA SER A 1051 33.21 18.92 -33.28
C SER A 1051 32.39 20.18 -33.33
N PHE A 1052 31.10 20.01 -33.59
CA PHE A 1052 30.19 21.13 -33.81
C PHE A 1052 28.93 20.91 -33.00
N PRO A 1053 28.71 21.70 -31.97
CA PRO A 1053 27.49 21.54 -31.18
C PRO A 1053 26.29 22.12 -31.89
N GLN A 1054 25.14 21.52 -31.62
CA GLN A 1054 23.86 22.07 -32.03
C GLN A 1054 22.85 21.73 -30.93
N SER A 1055 22.04 22.70 -30.56
CA SER A 1055 21.14 22.53 -29.43
C SER A 1055 19.91 21.73 -29.84
N ALA A 1056 19.49 20.84 -28.98
CA ALA A 1056 18.31 20.02 -29.18
C ALA A 1056 17.52 20.02 -27.89
N PRO A 1057 16.23 19.73 -27.95
CA PRO A 1057 15.44 19.72 -26.71
C PRO A 1057 16.05 18.76 -25.72
N HIS A 1058 16.36 19.27 -24.53
CA HIS A 1058 16.81 18.48 -23.40
C HIS A 1058 18.17 17.88 -23.60
N GLY A 1059 18.76 18.00 -24.77
CA GLY A 1059 20.02 17.31 -24.99
C GLY A 1059 20.74 18.01 -26.10
N VAL A 1060 21.95 17.55 -26.36
CA VAL A 1060 22.74 18.17 -27.41
C VAL A 1060 23.11 17.10 -28.42
N VAL A 1061 23.25 17.53 -29.65
CA VAL A 1061 23.77 16.68 -30.71
C VAL A 1061 25.18 17.14 -30.99
N PHE A 1062 26.02 16.23 -31.42
CA PHE A 1062 27.42 16.52 -31.70
C PHE A 1062 27.76 16.07 -33.10
N LEU A 1063 27.86 17.03 -34.01
CA LEU A 1063 28.51 16.74 -35.27
C LEU A 1063 29.98 16.57 -34.99
N HIS A 1064 30.49 15.37 -35.17
CA HIS A 1064 31.90 15.07 -34.97
C HIS A 1064 32.57 15.07 -36.34
N VAL A 1065 33.18 16.19 -36.70
CA VAL A 1065 33.91 16.27 -37.95
C VAL A 1065 35.22 15.53 -37.76
N THR A 1066 35.27 14.28 -38.19
CA THR A 1066 36.41 13.42 -37.96
C THR A 1066 37.10 13.11 -39.28
N TYR A 1067 38.33 12.62 -39.16
CA TYR A 1067 39.17 12.33 -40.30
C TYR A 1067 39.41 10.84 -40.41
N VAL A 1068 39.34 10.31 -41.62
CA VAL A 1068 39.45 8.87 -41.84
C VAL A 1068 40.17 8.56 -43.14
N PRO A 1069 41.28 7.83 -43.11
CA PRO A 1069 41.94 7.40 -44.34
C PRO A 1069 41.09 6.41 -45.10
N ALA A 1070 41.22 6.41 -46.42
CA ALA A 1070 40.34 5.60 -47.26
C ALA A 1070 41.05 4.48 -47.99
N GLN A 1071 42.01 4.81 -48.84
CA GLN A 1071 42.54 3.85 -49.81
C GLN A 1071 44.05 3.77 -49.71
N GLU A 1072 44.58 2.56 -49.88
CA GLU A 1072 46.01 2.35 -49.70
C GLU A 1072 46.56 1.45 -50.79
N LYS A 1073 47.81 1.03 -50.62
CA LYS A 1073 48.41 0.05 -51.49
C LYS A 1073 49.38 -0.80 -50.68
N ASN A 1074 49.76 -1.94 -51.23
CA ASN A 1074 50.80 -2.73 -50.62
C ASN A 1074 52.12 -2.00 -50.67
N PHE A 1075 52.90 -2.11 -49.60
CA PHE A 1075 54.24 -1.57 -49.61
C PHE A 1075 55.12 -2.45 -48.72
N THR A 1076 56.41 -2.43 -49.01
CA THR A 1076 57.36 -3.25 -48.28
C THR A 1076 58.30 -2.33 -47.52
N THR A 1077 58.59 -2.69 -46.28
CA THR A 1077 59.25 -1.80 -45.34
C THR A 1077 60.56 -2.39 -44.87
N ALA A 1078 61.47 -1.50 -44.47
CA ALA A 1078 62.69 -1.88 -43.81
C ALA A 1078 62.87 -0.85 -42.70
N PRO A 1079 63.07 -1.28 -41.45
CA PRO A 1079 62.96 -0.36 -40.32
C PRO A 1079 64.16 0.53 -40.10
N ALA A 1080 65.10 0.60 -41.03
CA ALA A 1080 66.20 1.55 -40.98
C ALA A 1080 66.95 1.44 -42.29
N ILE A 1081 67.95 2.30 -42.46
CA ILE A 1081 68.80 2.28 -43.65
C ILE A 1081 70.24 2.49 -43.21
N CYS A 1082 71.14 1.72 -43.80
CA CYS A 1082 72.57 1.86 -43.61
C CYS A 1082 73.20 2.34 -44.91
N HIS A 1083 73.88 3.48 -44.86
CA HIS A 1083 74.46 4.06 -46.06
C HIS A 1083 75.98 4.10 -46.03
N ASP A 1084 76.56 4.65 -44.97
CA ASP A 1084 78.00 4.81 -44.89
C ASP A 1084 78.52 3.91 -43.78
N GLY A 1085 78.04 2.68 -43.76
CA GLY A 1085 78.28 1.83 -42.61
C GLY A 1085 77.57 2.31 -41.38
N LYS A 1086 76.60 3.20 -41.54
CA LYS A 1086 76.03 3.93 -40.43
C LYS A 1086 74.51 3.85 -40.51
N ALA A 1087 73.88 3.77 -39.35
CA ALA A 1087 72.45 3.53 -39.29
C ALA A 1087 71.66 4.83 -39.48
N HIS A 1088 70.40 4.66 -39.87
CA HIS A 1088 69.49 5.79 -40.01
C HIS A 1088 68.11 5.41 -39.52
N PHE A 1089 67.43 6.38 -38.93
CA PHE A 1089 66.06 6.23 -38.53
C PHE A 1089 65.27 7.41 -39.07
N PRO A 1090 64.08 7.18 -39.59
CA PRO A 1090 63.27 8.29 -40.09
C PRO A 1090 62.85 9.19 -38.95
N ARG A 1091 63.04 10.50 -39.13
CA ARG A 1091 62.64 11.42 -38.09
C ARG A 1091 61.15 11.39 -37.86
N GLU A 1092 60.36 11.35 -38.94
CA GLU A 1092 58.93 11.30 -38.79
C GLU A 1092 58.19 10.38 -39.76
N GLY A 1093 58.88 9.72 -40.67
CA GLY A 1093 58.20 8.97 -41.72
C GLY A 1093 58.22 7.47 -41.49
N VAL A 1094 58.36 6.73 -42.57
CA VAL A 1094 58.67 5.30 -42.53
C VAL A 1094 59.15 4.88 -43.91
N PHE A 1095 60.18 4.06 -43.94
CA PHE A 1095 60.79 3.65 -45.20
C PHE A 1095 59.87 2.71 -45.97
N VAL A 1096 59.64 2.99 -47.25
CA VAL A 1096 58.70 2.21 -48.04
C VAL A 1096 59.31 1.93 -49.41
N SER A 1097 58.74 0.93 -50.08
CA SER A 1097 59.32 0.43 -51.32
C SER A 1097 58.25 0.36 -52.41
N ASN A 1098 58.45 1.13 -53.48
CA ASN A 1098 57.70 0.89 -54.70
C ASN A 1098 58.34 -0.20 -55.54
N GLY A 1099 59.16 -1.03 -54.90
CA GLY A 1099 59.83 -2.11 -55.58
C GLY A 1099 61.27 -1.79 -55.93
N THR A 1100 61.51 -0.59 -56.44
CA THR A 1100 62.85 -0.21 -56.87
C THR A 1100 63.42 0.91 -56.01
N HIS A 1101 62.75 2.04 -55.94
CA HIS A 1101 63.25 3.20 -55.20
C HIS A 1101 62.62 3.21 -53.83
N TRP A 1102 63.44 3.28 -52.79
CA TRP A 1102 62.91 3.38 -51.44
C TRP A 1102 62.39 4.78 -51.18
N PHE A 1103 61.47 4.89 -50.23
CA PHE A 1103 60.93 6.18 -49.86
C PHE A 1103 60.52 6.16 -48.41
N VAL A 1104 60.39 7.35 -47.85
CA VAL A 1104 59.96 7.56 -46.47
C VAL A 1104 58.92 8.66 -46.45
N THR A 1105 57.85 8.46 -45.68
CA THR A 1105 56.73 9.36 -45.78
C THR A 1105 55.98 9.43 -44.46
N GLN A 1106 55.26 10.54 -44.28
CA GLN A 1106 54.41 10.71 -43.11
C GLN A 1106 53.49 9.51 -42.96
N ARG A 1107 53.18 9.19 -41.72
CA ARG A 1107 52.71 7.85 -41.40
C ARG A 1107 51.21 7.73 -41.47
N ASN A 1108 50.51 8.73 -41.98
CA ASN A 1108 49.06 8.62 -42.11
C ASN A 1108 48.55 9.15 -43.43
N PHE A 1109 49.40 9.23 -44.45
CA PHE A 1109 48.98 9.54 -45.81
C PHE A 1109 50.13 9.26 -46.76
N TYR A 1110 49.87 8.52 -47.84
CA TYR A 1110 50.98 8.19 -48.72
C TYR A 1110 51.45 9.45 -49.40
N GLU A 1111 52.56 9.99 -48.91
CA GLU A 1111 53.21 11.15 -49.50
C GLU A 1111 54.68 10.82 -49.62
N PRO A 1112 55.04 10.03 -50.62
CA PRO A 1112 56.41 9.54 -50.71
C PRO A 1112 57.40 10.69 -50.79
N GLN A 1113 58.57 10.49 -50.21
CA GLN A 1113 59.56 11.54 -50.13
C GLN A 1113 60.96 10.96 -50.28
N ILE A 1114 61.86 11.79 -50.78
CA ILE A 1114 63.22 11.37 -51.13
C ILE A 1114 64.07 11.25 -49.88
N ILE A 1115 65.04 10.36 -49.96
CA ILE A 1115 65.98 10.15 -48.86
C ILE A 1115 66.97 11.30 -48.82
N THR A 1116 67.15 11.89 -47.64
CA THR A 1116 68.13 12.94 -47.45
C THR A 1116 68.80 12.73 -46.12
N THR A 1117 69.76 13.60 -45.80
CA THR A 1117 70.19 13.72 -44.43
C THR A 1117 69.18 14.50 -43.62
N ASP A 1118 68.56 15.51 -44.23
CA ASP A 1118 67.67 16.39 -43.49
C ASP A 1118 66.41 15.68 -43.05
N ASN A 1119 65.88 14.78 -43.87
CA ASN A 1119 64.64 14.11 -43.55
C ASN A 1119 64.80 12.98 -42.54
N THR A 1120 66.00 12.46 -42.34
CA THR A 1120 66.23 11.40 -41.38
C THR A 1120 67.28 11.83 -40.37
N PHE A 1121 67.66 10.88 -39.52
CA PHE A 1121 68.75 11.09 -38.57
C PHE A 1121 69.46 9.76 -38.34
N VAL A 1122 70.48 9.81 -37.50
CA VAL A 1122 71.47 8.75 -37.41
C VAL A 1122 71.75 8.40 -35.95
N SER A 1123 71.85 7.10 -35.66
CA SER A 1123 72.21 6.61 -34.34
C SER A 1123 72.72 5.19 -34.48
N GLY A 1124 73.84 4.89 -33.82
CA GLY A 1124 74.42 3.57 -33.87
C GLY A 1124 74.84 3.14 -35.27
N ASN A 1125 75.51 1.99 -35.37
CA ASN A 1125 75.94 1.50 -36.67
C ASN A 1125 75.10 0.28 -37.03
N CYS A 1126 75.47 -0.38 -38.12
CA CYS A 1126 74.57 -1.29 -38.82
C CYS A 1126 74.73 -2.74 -38.41
N ASP A 1127 75.09 -3.00 -37.15
CA ASP A 1127 75.35 -4.35 -36.71
C ASP A 1127 74.27 -4.93 -35.80
N VAL A 1128 73.21 -4.18 -35.51
CA VAL A 1128 72.21 -4.59 -34.54
C VAL A 1128 70.82 -4.62 -35.15
N VAL A 1129 70.46 -3.58 -35.89
CA VAL A 1129 69.09 -3.46 -36.38
C VAL A 1129 68.76 -4.60 -37.32
N ILE A 1130 67.60 -5.19 -37.12
CA ILE A 1130 67.15 -6.30 -37.95
C ILE A 1130 66.60 -5.74 -39.26
N GLY A 1131 67.11 -6.24 -40.37
CA GLY A 1131 66.50 -5.96 -41.64
C GLY A 1131 66.75 -4.57 -42.18
N ILE A 1132 67.54 -3.77 -41.48
CA ILE A 1132 68.01 -2.54 -42.09
C ILE A 1132 68.68 -2.88 -43.42
N VAL A 1133 68.51 -2.02 -44.41
CA VAL A 1133 68.77 -2.38 -45.80
C VAL A 1133 69.82 -1.46 -46.39
N ASN A 1134 70.81 -2.06 -47.06
CA ASN A 1134 71.81 -1.31 -47.80
C ASN A 1134 71.14 -0.38 -48.79
N ASN A 1135 71.56 0.88 -48.79
CA ASN A 1135 70.93 1.88 -49.66
C ASN A 1135 71.73 3.17 -49.58
N THR A 1136 71.40 4.09 -50.48
CA THR A 1136 71.99 5.41 -50.52
C THR A 1136 71.21 6.40 -49.69
N VAL A 1137 71.87 7.48 -49.31
CA VAL A 1137 71.23 8.66 -48.75
C VAL A 1137 71.86 9.89 -49.38
N TYR A 1138 71.04 10.86 -49.72
CA TYR A 1138 71.45 12.09 -50.39
C TYR A 1138 71.96 13.14 -49.42
N ASP A 1139 72.74 14.08 -49.95
CA ASP A 1139 73.16 15.27 -49.24
C ASP A 1139 72.75 16.48 -50.07
N PRO A 1140 71.98 17.42 -49.53
CA PRO A 1140 71.71 18.65 -50.28
C PRO A 1140 72.97 19.40 -50.65
N LEU A 1141 73.96 19.36 -49.77
CA LEU A 1141 75.10 20.26 -49.90
C LEU A 1141 75.96 19.92 -51.09
N GLN A 1142 76.31 18.64 -51.24
CA GLN A 1142 77.34 18.23 -52.20
C GLN A 1142 77.11 18.72 -53.62
N PRO A 1143 75.92 18.61 -54.22
CA PRO A 1143 75.78 19.11 -55.59
C PRO A 1143 76.13 20.59 -55.72
N GLU A 1144 75.71 21.40 -54.76
CA GLU A 1144 76.18 22.78 -54.75
C GLU A 1144 77.65 22.84 -54.38
N LEU A 1145 78.03 22.20 -53.29
CA LEU A 1145 79.42 22.03 -52.90
C LEU A 1145 79.56 20.81 -52.01
N ALA B 27 33.37 -34.56 40.16
CA ALA B 27 34.21 -34.60 38.96
C ALA B 27 33.55 -33.86 37.80
N TYR B 28 34.33 -33.01 37.13
CA TYR B 28 33.81 -32.17 36.07
C TYR B 28 34.84 -32.12 34.95
N THR B 29 34.38 -31.89 33.73
CA THR B 29 35.29 -31.90 32.61
C THR B 29 34.71 -31.06 31.47
N ASN B 30 35.34 -31.18 30.31
CA ASN B 30 35.20 -30.23 29.22
C ASN B 30 34.51 -30.93 28.07
N SER B 31 33.26 -30.58 27.84
CA SER B 31 32.48 -31.08 26.70
C SER B 31 33.01 -30.39 25.43
N PHE B 32 34.03 -30.99 24.85
CA PHE B 32 34.85 -30.32 23.84
C PHE B 32 34.04 -29.74 22.70
N THR B 33 33.48 -30.61 21.86
CA THR B 33 32.56 -30.21 20.81
C THR B 33 31.42 -31.20 20.69
N ARG B 34 31.30 -32.12 21.64
CA ARG B 34 30.31 -33.18 21.57
C ARG B 34 28.92 -32.63 21.86
N GLY B 35 27.90 -33.32 21.36
CA GLY B 35 26.56 -32.91 21.68
C GLY B 35 25.87 -32.08 20.62
N VAL B 36 25.89 -32.55 19.37
CA VAL B 36 25.21 -31.88 18.28
C VAL B 36 24.12 -32.81 17.75
N TYR B 37 22.93 -32.27 17.51
CA TYR B 37 21.80 -33.05 17.05
C TYR B 37 21.18 -32.36 15.84
N TYR B 38 20.71 -33.16 14.91
CA TYR B 38 20.12 -32.61 13.70
C TYR B 38 18.92 -31.76 14.07
N PRO B 39 18.85 -30.51 13.64
CA PRO B 39 17.76 -29.65 14.06
C PRO B 39 16.42 -30.11 13.57
N ASP B 40 16.38 -30.74 12.41
CA ASP B 40 15.15 -31.12 11.79
C ASP B 40 15.38 -32.40 11.02
N LYS B 41 14.35 -32.83 10.29
CA LYS B 41 14.48 -33.85 9.27
C LYS B 41 14.48 -33.11 7.93
N VAL B 42 15.67 -32.61 7.56
CA VAL B 42 15.88 -31.89 6.31
C VAL B 42 17.08 -32.46 5.59
N PHE B 43 16.95 -32.66 4.29
CA PHE B 43 18.06 -33.12 3.47
C PHE B 43 18.67 -31.93 2.75
N ARG B 44 19.99 -31.84 2.79
CA ARG B 44 20.71 -30.74 2.16
C ARG B 44 21.95 -31.31 1.49
N SER B 45 22.78 -30.44 0.91
CA SER B 45 23.92 -30.91 0.14
C SER B 45 25.03 -29.87 0.17
N SER B 46 26.11 -30.17 0.90
CA SER B 46 27.33 -29.37 0.88
C SER B 46 27.03 -27.90 1.10
N VAL B 47 26.26 -27.61 2.14
CA VAL B 47 25.78 -26.27 2.43
C VAL B 47 26.01 -25.98 3.90
N LEU B 48 26.16 -24.70 4.23
CA LEU B 48 26.25 -24.28 5.62
C LEU B 48 24.93 -23.66 6.04
N HIS B 49 23.98 -24.51 6.37
CA HIS B 49 22.75 -24.01 6.97
C HIS B 49 23.06 -23.51 8.36
N SER B 50 22.58 -22.33 8.68
CA SER B 50 22.68 -21.78 10.02
C SER B 50 21.34 -21.91 10.73
N THR B 51 21.40 -21.89 12.05
CA THR B 51 20.18 -22.14 12.80
C THR B 51 20.33 -21.71 14.24
N GLN B 52 19.18 -21.56 14.88
CA GLN B 52 19.09 -21.30 16.31
C GLN B 52 18.17 -22.34 16.93
N ASP B 53 18.60 -22.96 18.02
CA ASP B 53 17.79 -23.93 18.74
C ASP B 53 18.42 -24.10 20.11
N LEU B 54 17.85 -25.01 20.90
CA LEU B 54 18.42 -25.32 22.20
C LEU B 54 19.64 -26.19 22.01
N PHE B 55 20.74 -25.83 22.66
CA PHE B 55 22.03 -26.38 22.28
C PHE B 55 22.89 -26.60 23.51
N LEU B 56 23.83 -27.53 23.38
CA LEU B 56 24.90 -27.67 24.35
C LEU B 56 26.08 -26.84 23.87
N PRO B 57 26.45 -25.78 24.57
CA PRO B 57 27.56 -24.95 24.09
C PRO B 57 28.86 -25.73 24.10
N PHE B 58 29.72 -25.40 23.14
CA PHE B 58 31.06 -25.99 23.11
C PHE B 58 31.79 -25.74 24.42
N PHE B 59 32.63 -26.71 24.79
CA PHE B 59 33.49 -26.56 25.95
C PHE B 59 32.69 -26.19 27.19
N SER B 60 31.58 -26.88 27.39
CA SER B 60 30.79 -26.63 28.57
C SER B 60 31.21 -27.56 29.70
N ASN B 61 30.73 -27.23 30.89
CA ASN B 61 31.03 -28.00 32.09
C ASN B 61 29.97 -29.07 32.27
N VAL B 62 30.39 -30.31 32.39
CA VAL B 62 29.46 -31.42 32.55
C VAL B 62 29.69 -32.06 33.90
N THR B 63 28.64 -32.64 34.45
CA THR B 63 28.66 -33.24 35.78
C THR B 63 28.85 -34.74 35.63
N TRP B 64 30.01 -35.23 36.04
CA TRP B 64 30.35 -36.63 35.89
C TRP B 64 29.81 -37.42 37.07
N PHE B 65 29.47 -38.68 36.83
CA PHE B 65 29.00 -39.58 37.87
C PHE B 65 29.66 -40.93 37.70
N HIS B 66 29.34 -41.84 38.61
CA HIS B 66 30.00 -43.13 38.63
C HIS B 66 29.05 -44.26 39.03
N ASP B 80 26.48 -44.22 41.82
CA ASP B 80 25.56 -43.20 42.32
C ASP B 80 24.36 -43.02 41.39
N ASN B 81 23.26 -42.49 41.92
CA ASN B 81 22.08 -42.23 41.10
C ASN B 81 21.15 -41.27 41.82
N PRO B 82 21.46 -39.97 41.85
CA PRO B 82 20.57 -39.01 42.52
C PRO B 82 19.57 -38.38 41.57
N VAL B 83 18.70 -37.52 42.09
CA VAL B 83 17.82 -36.72 41.26
C VAL B 83 18.63 -35.63 40.58
N LEU B 84 18.34 -35.35 39.30
CA LEU B 84 18.95 -34.25 38.60
C LEU B 84 17.87 -33.41 37.91
N PRO B 85 17.92 -32.09 38.01
CA PRO B 85 16.87 -31.28 37.41
C PRO B 85 17.06 -31.18 35.91
N PHE B 86 15.95 -31.33 35.17
CA PHE B 86 15.96 -31.11 33.72
C PHE B 86 15.75 -29.62 33.49
N ASN B 87 16.84 -28.90 33.29
CA ASN B 87 16.77 -27.45 33.38
C ASN B 87 16.11 -26.86 32.14
N ASP B 88 16.75 -27.02 30.98
CA ASP B 88 16.17 -26.60 29.72
C ASP B 88 16.35 -27.64 28.64
N GLY B 89 17.16 -28.66 28.88
CA GLY B 89 17.40 -29.75 27.97
C GLY B 89 18.56 -30.56 28.50
N VAL B 90 18.45 -31.87 28.52
CA VAL B 90 19.44 -32.72 29.17
C VAL B 90 20.24 -33.43 28.11
N TYR B 91 21.55 -33.19 28.11
CA TYR B 91 22.46 -33.99 27.30
C TYR B 91 22.94 -35.16 28.13
N PHE B 92 23.10 -36.32 27.49
CA PHE B 92 23.33 -37.55 28.22
C PHE B 92 24.23 -38.46 27.40
N ALA B 93 25.18 -39.10 28.09
CA ALA B 93 26.04 -40.08 27.47
C ALA B 93 26.72 -40.90 28.55
N SER B 94 26.93 -42.17 28.26
CA SER B 94 27.54 -43.09 29.21
C SER B 94 28.74 -43.75 28.58
N THR B 95 29.82 -43.85 29.35
CA THR B 95 31.05 -44.47 28.90
C THR B 95 31.17 -45.80 29.61
N GLU B 96 30.56 -46.83 29.03
CA GLU B 96 30.62 -48.16 29.60
C GLU B 96 30.23 -49.18 28.56
N LYS B 97 30.88 -50.33 28.59
CA LYS B 97 30.49 -51.49 27.80
C LYS B 97 29.57 -52.43 28.57
N SER B 98 29.14 -52.03 29.76
CA SER B 98 28.43 -52.93 30.66
C SER B 98 26.95 -53.07 30.35
N ASN B 99 26.39 -52.21 29.50
CA ASN B 99 24.95 -52.14 29.26
C ASN B 99 24.18 -51.96 30.55
N ILE B 100 24.88 -51.59 31.62
CA ILE B 100 24.28 -51.56 32.94
C ILE B 100 23.17 -50.53 32.99
N ILE B 101 23.41 -49.36 32.41
CA ILE B 101 22.46 -48.26 32.51
C ILE B 101 21.37 -48.47 31.48
N ARG B 102 20.13 -48.67 31.95
CA ARG B 102 19.03 -48.96 31.05
C ARG B 102 17.74 -48.29 31.50
N GLY B 103 17.80 -47.03 31.91
CA GLY B 103 16.56 -46.38 32.31
C GLY B 103 16.72 -44.90 32.56
N TRP B 104 15.60 -44.20 32.42
CA TRP B 104 15.51 -42.76 32.64
C TRP B 104 14.19 -42.45 33.32
N ILE B 105 14.15 -41.32 34.01
CA ILE B 105 12.92 -40.73 34.50
C ILE B 105 12.84 -39.31 33.96
N PHE B 106 11.63 -38.84 33.76
CA PHE B 106 11.37 -37.45 33.43
C PHE B 106 10.09 -37.03 34.12
N GLY B 107 10.11 -35.85 34.72
CA GLY B 107 8.94 -35.35 35.41
C GLY B 107 9.35 -34.44 36.54
N THR B 108 8.37 -34.15 37.41
CA THR B 108 8.59 -33.19 38.47
C THR B 108 8.47 -33.82 39.86
N THR B 109 7.31 -34.39 40.19
CA THR B 109 7.08 -34.86 41.56
C THR B 109 7.42 -36.32 41.72
N LEU B 110 7.17 -37.12 40.69
CA LEU B 110 7.76 -38.44 40.53
C LEU B 110 7.23 -39.46 41.53
N ASP B 111 6.15 -39.14 42.24
CA ASP B 111 5.53 -40.10 43.14
C ASP B 111 4.03 -40.12 42.93
N SER B 112 3.61 -40.00 41.67
CA SER B 112 2.22 -39.96 41.24
C SER B 112 1.49 -38.71 41.73
N LYS B 113 2.21 -37.71 42.24
CA LYS B 113 1.55 -36.43 42.52
C LYS B 113 1.11 -35.74 41.25
N THR B 114 1.62 -36.16 40.10
CA THR B 114 1.15 -35.70 38.80
C THR B 114 1.54 -36.75 37.77
N GLN B 115 0.96 -36.64 36.57
CA GLN B 115 1.29 -37.56 35.50
C GLN B 115 2.80 -37.54 35.27
N SER B 116 3.39 -38.71 35.17
CA SER B 116 4.84 -38.84 35.16
C SER B 116 5.25 -39.76 34.01
N LEU B 117 6.55 -39.77 33.71
CA LEU B 117 7.10 -40.54 32.62
C LEU B 117 8.27 -41.39 33.10
N LEU B 118 8.34 -42.61 32.58
CA LEU B 118 9.44 -43.52 32.87
C LEU B 118 9.86 -44.22 31.60
N ILE B 119 11.03 -44.84 31.64
CA ILE B 119 11.54 -45.66 30.55
C ILE B 119 12.20 -46.89 31.13
N VAL B 120 11.97 -48.04 30.51
CA VAL B 120 12.67 -49.27 30.85
C VAL B 120 13.14 -49.93 29.56
N ASN B 121 14.42 -50.26 29.51
CA ASN B 121 14.99 -50.96 28.36
C ASN B 121 15.57 -52.28 28.86
N ASN B 122 14.78 -53.34 28.77
CA ASN B 122 15.23 -54.66 29.19
C ASN B 122 15.94 -55.34 28.02
N ALA B 123 16.15 -56.65 28.14
CA ALA B 123 16.97 -57.37 27.17
C ALA B 123 16.43 -57.25 25.75
N THR B 124 15.13 -57.39 25.57
CA THR B 124 14.64 -57.43 24.21
C THR B 124 13.57 -56.38 23.91
N ASN B 125 12.63 -56.19 24.82
CA ASN B 125 11.44 -55.38 24.55
C ASN B 125 11.62 -54.00 25.19
N VAL B 126 12.22 -53.08 24.45
CA VAL B 126 12.45 -51.72 24.91
C VAL B 126 11.11 -50.98 24.85
N VAL B 127 10.57 -50.59 26.01
CA VAL B 127 9.26 -49.95 26.07
C VAL B 127 9.33 -48.78 27.04
N ILE B 128 8.34 -47.89 26.91
CA ILE B 128 8.24 -46.74 27.79
C ILE B 128 6.81 -46.23 27.75
N LYS B 129 6.42 -45.54 28.82
CA LYS B 129 5.08 -44.97 28.89
C LYS B 129 5.09 -43.88 29.95
N VAL B 130 4.07 -43.03 29.89
CA VAL B 130 3.90 -41.94 30.84
C VAL B 130 2.56 -42.11 31.53
N CYS B 131 2.57 -42.15 32.86
CA CYS B 131 1.37 -42.45 33.64
C CYS B 131 1.40 -41.61 34.93
N GLU B 132 0.46 -41.88 35.82
CA GLU B 132 0.49 -41.33 37.18
C GLU B 132 1.41 -42.22 38.00
N PHE B 133 2.71 -41.97 37.87
CA PHE B 133 3.74 -42.89 38.30
C PHE B 133 4.13 -42.65 39.76
N GLN B 134 3.99 -43.68 40.59
CA GLN B 134 4.55 -43.68 41.93
C GLN B 134 5.77 -44.61 41.94
N PHE B 135 6.92 -44.04 42.27
CA PHE B 135 8.21 -44.72 42.20
C PHE B 135 8.77 -44.97 43.58
N CYS B 136 9.71 -45.93 43.63
CA CYS B 136 10.62 -46.00 44.75
C CYS B 136 11.44 -44.72 44.81
N ASN B 137 11.49 -44.08 45.98
CA ASN B 137 12.26 -42.85 46.11
C ASN B 137 13.75 -43.08 45.85
N ASP B 138 14.22 -44.32 45.95
CA ASP B 138 15.58 -44.69 45.59
C ASP B 138 15.50 -45.92 44.69
N PRO B 139 15.11 -45.73 43.43
CA PRO B 139 14.89 -46.88 42.55
C PRO B 139 16.17 -47.62 42.22
N PHE B 140 16.03 -48.92 41.96
CA PHE B 140 17.15 -49.79 41.65
C PHE B 140 16.63 -50.87 40.71
N LEU B 141 17.38 -51.95 40.59
CA LEU B 141 16.95 -53.13 39.83
C LEU B 141 17.89 -54.28 40.16
N GLY B 142 17.71 -55.41 39.48
CA GLY B 142 18.50 -56.60 39.74
C GLY B 142 19.88 -56.57 39.10
N VAL B 143 20.31 -57.71 38.55
CA VAL B 143 21.62 -57.82 37.93
C VAL B 143 21.73 -59.12 37.14
N GLU B 156 14.46 -60.25 37.40
CA GLU B 156 14.97 -59.30 38.38
C GLU B 156 14.38 -57.92 38.14
N PHE B 157 13.05 -57.83 38.12
CA PHE B 157 12.33 -56.62 37.75
C PHE B 157 11.76 -55.96 39.00
N ARG B 158 12.36 -54.86 39.41
CA ARG B 158 11.88 -54.08 40.56
C ARG B 158 12.42 -52.67 40.40
N VAL B 159 11.56 -51.75 39.96
CA VAL B 159 11.95 -50.37 39.70
C VAL B 159 11.21 -49.38 40.58
N TYR B 160 9.94 -49.63 40.86
CA TYR B 160 9.05 -48.61 41.40
C TYR B 160 7.89 -49.32 42.11
N SER B 161 6.81 -48.57 42.37
CA SER B 161 5.64 -49.11 43.03
C SER B 161 4.40 -49.15 42.14
N SER B 162 3.97 -48.01 41.60
CA SER B 162 2.63 -47.91 41.05
C SER B 162 2.64 -47.53 39.58
N ALA B 163 1.65 -48.06 38.86
CA ALA B 163 1.45 -47.80 37.43
C ALA B 163 -0.03 -47.56 37.21
N ASN B 164 -0.47 -46.30 37.32
CA ASN B 164 -1.88 -45.97 37.30
C ASN B 164 -2.16 -44.84 36.32
N ASN B 165 -3.24 -45.00 35.53
CA ASN B 165 -3.85 -43.91 34.76
C ASN B 165 -2.85 -43.29 33.78
N CYS B 166 -2.49 -44.10 32.78
CA CYS B 166 -1.43 -43.78 31.85
C CYS B 166 -1.87 -42.70 30.85
N THR B 167 -0.97 -42.42 29.90
CA THR B 167 -1.21 -41.42 28.88
C THR B 167 -0.85 -41.95 27.50
N PHE B 168 0.07 -42.90 27.44
CA PHE B 168 0.53 -43.44 26.16
C PHE B 168 1.30 -44.73 26.44
N GLU B 169 1.94 -45.25 25.39
CA GLU B 169 2.79 -46.43 25.48
C GLU B 169 3.64 -46.47 24.23
N TYR B 170 4.57 -47.42 24.19
CA TYR B 170 5.44 -47.59 23.02
C TYR B 170 6.30 -48.83 23.22
N VAL B 171 6.93 -49.24 22.12
CA VAL B 171 7.89 -50.34 22.12
C VAL B 171 8.66 -50.29 20.81
N SER B 172 9.95 -50.64 20.88
CA SER B 172 10.84 -50.55 19.73
C SER B 172 12.18 -51.26 19.95
N ASN B 188 32.31 -49.22 26.14
CA ASN B 188 31.53 -48.71 25.03
C ASN B 188 30.84 -47.40 25.41
N LEU B 189 30.13 -46.82 24.45
CA LEU B 189 29.57 -45.48 24.63
C LEU B 189 28.28 -45.32 23.85
N ARG B 190 27.32 -44.62 24.45
CA ARG B 190 26.12 -44.19 23.76
C ARG B 190 25.87 -42.73 24.11
N GLU B 191 25.11 -42.05 23.26
CA GLU B 191 24.78 -40.65 23.46
C GLU B 191 23.29 -40.43 23.32
N PHE B 192 22.78 -39.46 24.06
CA PHE B 192 21.36 -39.17 24.09
C PHE B 192 21.15 -37.67 24.14
N VAL B 193 19.96 -37.25 23.74
CA VAL B 193 19.54 -35.86 23.83
C VAL B 193 18.06 -35.84 24.19
N PHE B 194 17.68 -34.92 25.07
CA PHE B 194 16.29 -34.85 25.52
C PHE B 194 15.84 -33.41 25.60
N LYS B 195 14.62 -33.16 25.15
CA LYS B 195 13.99 -31.86 25.30
C LYS B 195 12.51 -31.97 25.00
N ASN B 196 11.72 -31.14 25.66
CA ASN B 196 10.28 -31.13 25.50
C ASN B 196 9.87 -29.76 24.98
N ILE B 197 9.42 -29.72 23.73
CA ILE B 197 8.95 -28.49 23.10
C ILE B 197 7.61 -28.74 22.45
N ASP B 198 6.68 -27.81 22.64
CA ASP B 198 5.35 -27.89 22.05
C ASP B 198 4.67 -29.20 22.45
N GLY B 199 4.87 -29.61 23.70
CA GLY B 199 4.37 -30.88 24.15
C GLY B 199 5.00 -32.09 23.51
N TYR B 200 5.72 -31.91 22.41
CA TYR B 200 6.52 -32.99 21.84
C TYR B 200 7.84 -33.10 22.60
N PHE B 201 8.00 -34.18 23.34
CA PHE B 201 9.30 -34.54 23.88
C PHE B 201 10.05 -35.35 22.84
N LYS B 202 10.87 -34.66 22.07
CA LYS B 202 11.72 -35.35 21.11
C LYS B 202 12.84 -36.04 21.87
N ILE B 203 13.48 -37.01 21.19
CA ILE B 203 14.61 -37.74 21.75
C ILE B 203 15.59 -38.03 20.63
N TYR B 204 16.85 -37.69 20.86
CA TYR B 204 17.89 -37.93 19.87
C TYR B 204 18.99 -38.75 20.53
N SER B 205 19.49 -39.73 19.80
CA SER B 205 20.51 -40.62 20.33
C SER B 205 21.58 -40.86 19.26
N LYS B 206 22.66 -41.49 19.71
CA LYS B 206 23.74 -41.90 18.83
C LYS B 206 24.65 -42.82 19.62
N HIS B 207 25.05 -43.92 19.00
CA HIS B 207 25.90 -44.91 19.64
C HIS B 207 27.21 -45.03 18.88
N THR B 208 28.32 -44.76 19.57
CA THR B 208 29.65 -44.90 19.01
C THR B 208 30.54 -45.64 20.00
N PRO B 209 31.43 -46.50 19.52
CA PRO B 209 32.29 -47.28 20.42
C PRO B 209 33.18 -46.38 21.27
N ILE B 210 33.76 -46.96 22.30
CA ILE B 210 34.63 -46.25 23.21
C ILE B 210 35.95 -46.98 23.33
N ASN B 211 37.04 -46.31 22.98
CA ASN B 211 38.39 -46.79 23.22
C ASN B 211 39.11 -45.96 24.27
N LEU B 212 38.39 -45.08 24.96
CA LEU B 212 38.95 -44.21 25.98
C LEU B 212 38.56 -44.73 27.36
N VAL B 213 39.31 -44.27 28.37
CA VAL B 213 39.14 -44.81 29.72
C VAL B 213 38.07 -44.03 30.46
N ARG B 214 38.34 -42.74 30.72
CA ARG B 214 37.41 -41.95 31.51
C ARG B 214 37.30 -40.52 31.02
N ASP B 215 37.52 -40.31 29.72
CA ASP B 215 37.50 -38.96 29.16
C ASP B 215 36.42 -38.89 28.07
N LEU B 216 35.54 -37.91 28.19
CA LEU B 216 34.56 -37.68 27.14
C LEU B 216 35.31 -37.45 25.84
N PRO B 217 35.24 -38.38 24.91
CA PRO B 217 36.22 -38.44 23.82
C PRO B 217 36.22 -37.16 22.99
N GLN B 218 37.43 -36.75 22.59
CA GLN B 218 37.53 -35.69 21.61
C GLN B 218 37.09 -36.23 20.26
N GLY B 219 35.79 -36.41 20.10
CA GLY B 219 35.26 -36.90 18.84
C GLY B 219 34.33 -35.89 18.22
N PHE B 220 33.48 -36.36 17.30
CA PHE B 220 32.48 -35.49 16.67
C PHE B 220 31.44 -36.37 16.03
N SER B 221 30.20 -36.27 16.48
CA SER B 221 29.10 -37.01 15.88
C SER B 221 27.80 -36.24 16.04
N ALA B 222 26.96 -36.32 15.04
CA ALA B 222 25.66 -35.69 15.09
C ALA B 222 24.66 -36.67 15.67
N LEU B 223 23.90 -36.22 16.66
CA LEU B 223 22.87 -37.09 17.19
C LEU B 223 21.62 -36.96 16.35
N GLU B 224 20.87 -38.04 16.29
CA GLU B 224 19.81 -38.11 15.32
C GLU B 224 18.49 -38.45 16.00
N PRO B 225 17.36 -38.06 15.42
CA PRO B 225 16.09 -38.32 16.06
C PRO B 225 15.84 -39.81 16.23
N LEU B 226 15.16 -40.14 17.32
CA LEU B 226 14.70 -41.49 17.57
C LEU B 226 13.18 -41.57 17.51
N VAL B 227 12.48 -40.77 18.30
CA VAL B 227 11.03 -40.64 18.24
C VAL B 227 10.66 -39.20 18.61
N ASP B 228 9.39 -38.87 18.42
CA ASP B 228 8.84 -37.57 18.80
C ASP B 228 7.61 -37.85 19.65
N LEU B 229 7.81 -37.98 20.95
CA LEU B 229 6.73 -38.34 21.83
C LEU B 229 5.79 -37.17 22.04
N PRO B 230 4.52 -37.30 21.69
CA PRO B 230 3.55 -36.21 21.84
C PRO B 230 2.85 -36.26 23.19
N ILE B 231 3.63 -36.22 24.26
CA ILE B 231 3.09 -36.36 25.61
C ILE B 231 3.21 -35.02 26.32
N GLY B 232 2.07 -34.49 26.71
CA GLY B 232 2.03 -33.16 27.30
C GLY B 232 2.41 -33.17 28.77
N ILE B 233 3.70 -33.27 29.06
CA ILE B 233 4.18 -33.37 30.43
C ILE B 233 5.24 -32.30 30.69
N ASN B 234 5.08 -31.55 31.78
CA ASN B 234 6.16 -30.68 32.24
C ASN B 234 7.33 -31.53 32.69
N ILE B 235 8.51 -31.20 32.19
CA ILE B 235 9.72 -31.90 32.60
C ILE B 235 10.69 -30.88 33.16
N THR B 236 10.89 -30.91 34.47
CA THR B 236 11.89 -30.10 35.13
C THR B 236 12.96 -30.91 35.84
N ARG B 237 12.68 -32.18 36.14
CA ARG B 237 13.59 -33.02 36.88
C ARG B 237 13.71 -34.36 36.17
N PHE B 238 14.85 -35.01 36.33
CA PHE B 238 15.02 -36.30 35.67
C PHE B 238 16.12 -37.09 36.35
N GLN B 239 15.87 -38.38 36.54
CA GLN B 239 16.81 -39.27 37.22
C GLN B 239 16.98 -40.55 36.43
N THR B 240 18.21 -41.00 36.31
CA THR B 240 18.48 -42.17 35.51
C THR B 240 18.21 -43.44 36.30
N LEU B 241 18.24 -44.57 35.59
CA LEU B 241 17.90 -45.86 36.17
C LEU B 241 18.94 -46.87 35.75
N LEU B 242 19.59 -47.51 36.71
CA LEU B 242 20.51 -48.60 36.43
C LEU B 242 20.18 -49.76 37.35
N ALA B 243 20.47 -50.97 36.88
CA ALA B 243 20.29 -52.16 37.70
C ALA B 243 21.20 -52.12 38.93
N ALA B 263 31.00 -48.09 37.25
CA ALA B 263 30.06 -47.33 36.42
C ALA B 263 30.50 -45.89 36.29
N ALA B 264 30.07 -45.23 35.21
CA ALA B 264 30.39 -43.83 34.95
C ALA B 264 29.59 -43.34 33.75
N TYR B 265 29.14 -42.09 33.83
CA TYR B 265 28.45 -41.46 32.72
C TYR B 265 28.44 -39.95 32.96
N TYR B 266 28.14 -39.21 31.91
CA TYR B 266 28.25 -37.77 31.96
C TYR B 266 26.90 -37.12 31.66
N VAL B 267 26.75 -35.89 32.13
CA VAL B 267 25.53 -35.11 31.94
C VAL B 267 25.90 -33.64 31.78
N GLY B 268 25.31 -32.97 30.79
CA GLY B 268 25.44 -31.54 30.64
C GLY B 268 24.08 -30.88 30.61
N TYR B 269 23.98 -29.68 30.04
CA TYR B 269 22.68 -29.04 29.92
C TYR B 269 22.60 -28.20 28.66
N LEU B 270 21.50 -28.34 27.95
CA LEU B 270 21.26 -27.58 26.73
C LEU B 270 21.09 -26.11 27.08
N GLN B 271 21.23 -25.24 26.07
CA GLN B 271 21.04 -23.82 26.27
C GLN B 271 20.50 -23.22 24.99
N PRO B 272 19.82 -22.07 25.07
CA PRO B 272 19.31 -21.44 23.84
C PRO B 272 20.42 -20.76 23.07
N ARG B 273 21.18 -21.54 22.33
CA ARG B 273 22.30 -21.04 21.57
C ARG B 273 21.92 -20.87 20.11
N THR B 274 22.90 -20.49 19.32
CA THR B 274 22.76 -20.42 17.87
C THR B 274 24.04 -20.91 17.24
N PHE B 275 23.95 -21.90 16.36
CA PHE B 275 25.14 -22.43 15.72
C PHE B 275 24.99 -22.44 14.21
N LEU B 276 26.14 -22.58 13.58
CA LEU B 276 26.26 -22.95 12.19
C LEU B 276 26.54 -24.44 12.14
N LEU B 277 25.89 -25.14 11.22
CA LEU B 277 26.13 -26.55 10.99
C LEU B 277 26.58 -26.73 9.56
N LYS B 278 27.44 -27.71 9.34
CA LYS B 278 27.96 -28.01 8.02
C LYS B 278 27.42 -29.36 7.58
N TYR B 279 26.77 -29.39 6.42
CA TYR B 279 26.33 -30.64 5.83
C TYR B 279 27.27 -31.02 4.70
N ASN B 280 27.51 -32.31 4.56
CA ASN B 280 28.34 -32.83 3.50
C ASN B 280 27.54 -32.87 2.20
N GLU B 281 28.02 -33.61 1.21
CA GLU B 281 27.18 -33.87 0.06
C GLU B 281 26.06 -34.83 0.41
N ASN B 282 26.26 -35.71 1.39
CA ASN B 282 25.35 -36.81 1.66
C ASN B 282 24.44 -36.53 2.83
N GLY B 283 24.41 -35.31 3.33
CA GLY B 283 23.57 -35.01 4.48
C GLY B 283 24.12 -35.43 5.82
N THR B 284 25.42 -35.66 5.92
CA THR B 284 26.04 -35.97 7.19
C THR B 284 26.83 -34.77 7.69
N ILE B 285 26.72 -34.51 8.98
CA ILE B 285 27.34 -33.34 9.58
C ILE B 285 28.82 -33.60 9.80
N THR B 286 29.66 -32.71 9.30
CA THR B 286 31.10 -32.85 9.45
C THR B 286 31.68 -31.93 10.51
N ASP B 287 31.13 -30.74 10.68
CA ASP B 287 31.67 -29.82 11.66
C ASP B 287 30.61 -28.80 12.04
N ALA B 288 30.56 -28.46 13.32
CA ALA B 288 29.62 -27.50 13.84
C ALA B 288 30.37 -26.40 14.56
N VAL B 289 29.83 -25.20 14.51
CA VAL B 289 30.55 -24.01 14.94
C VAL B 289 29.69 -23.22 15.89
N ASP B 290 30.27 -22.75 16.97
CA ASP B 290 29.53 -21.93 17.90
C ASP B 290 29.53 -20.49 17.44
N CYS B 291 28.44 -19.79 17.76
CA CYS B 291 28.42 -18.35 17.58
C CYS B 291 29.01 -17.63 18.78
N ALA B 292 28.69 -18.10 19.99
CA ALA B 292 29.03 -17.38 21.21
C ALA B 292 30.27 -17.94 21.90
N LEU B 293 30.98 -18.89 21.28
CA LEU B 293 32.11 -19.49 21.96
C LEU B 293 33.23 -18.48 22.17
N ASP B 294 33.63 -17.79 21.11
CA ASP B 294 34.71 -16.80 21.22
C ASP B 294 34.50 -15.75 20.14
N PRO B 295 35.15 -14.61 20.27
CA PRO B 295 35.05 -13.61 19.21
C PRO B 295 35.40 -14.15 17.84
N LEU B 296 36.45 -14.96 17.72
CA LEU B 296 36.77 -15.49 16.41
C LEU B 296 35.63 -16.32 15.87
N SER B 297 35.08 -17.19 16.71
CA SER B 297 33.98 -18.03 16.27
C SER B 297 32.84 -17.21 15.69
N GLU B 298 32.44 -16.15 16.42
CA GLU B 298 31.28 -15.39 15.99
C GLU B 298 31.45 -14.88 14.57
N THR B 299 32.69 -14.61 14.17
CA THR B 299 32.94 -14.22 12.78
C THR B 299 32.45 -15.28 11.81
N LYS B 300 32.66 -16.55 12.16
CA LYS B 300 32.22 -17.64 11.29
C LYS B 300 30.71 -17.61 11.14
N CYS B 301 30.00 -17.31 12.23
CA CYS B 301 28.56 -17.19 12.13
C CYS B 301 28.16 -16.07 11.19
N THR B 302 28.82 -14.92 11.32
CA THR B 302 28.43 -13.78 10.50
C THR B 302 28.79 -13.99 9.04
N LEU B 303 30.01 -14.42 8.76
CA LEU B 303 30.34 -14.69 7.37
C LEU B 303 29.61 -15.90 6.83
N LYS B 304 28.95 -16.68 7.68
CA LYS B 304 28.28 -17.91 7.30
C LYS B 304 29.22 -18.89 6.61
N SER B 305 30.51 -18.62 6.66
CA SER B 305 31.52 -19.44 6.02
C SER B 305 32.34 -20.12 7.08
N PHE B 306 32.66 -21.38 6.85
CA PHE B 306 33.35 -22.14 7.87
C PHE B 306 34.80 -21.70 8.01
N THR B 307 35.28 -20.86 7.10
CA THR B 307 36.65 -20.37 7.13
C THR B 307 36.61 -18.86 6.92
N VAL B 308 37.61 -18.17 7.45
CA VAL B 308 37.64 -16.72 7.42
C VAL B 308 38.98 -16.25 6.87
N GLU B 309 38.95 -15.28 5.95
CA GLU B 309 40.15 -14.73 5.36
C GLU B 309 40.65 -13.54 6.19
N LYS B 310 41.63 -12.82 5.66
CA LYS B 310 42.21 -11.67 6.37
C LYS B 310 41.20 -10.55 6.51
N GLY B 311 41.41 -9.72 7.53
CA GLY B 311 40.69 -8.47 7.61
C GLY B 311 39.77 -8.30 8.80
N ILE B 312 39.49 -7.05 9.17
CA ILE B 312 38.56 -6.72 10.24
C ILE B 312 37.17 -7.19 9.88
N TYR B 313 36.27 -7.23 10.86
CA TYR B 313 34.94 -7.76 10.61
C TYR B 313 34.00 -7.13 11.63
N GLN B 314 33.22 -6.16 11.19
CA GLN B 314 32.12 -5.73 12.03
C GLN B 314 31.20 -6.91 12.23
N THR B 315 30.98 -7.28 13.47
CA THR B 315 30.16 -8.48 13.67
C THR B 315 29.02 -8.28 14.66
N SER B 316 29.24 -7.52 15.72
CA SER B 316 28.19 -7.33 16.71
C SER B 316 28.36 -5.92 17.28
N ASN B 317 27.72 -5.68 18.42
CA ASN B 317 27.64 -4.33 18.93
C ASN B 317 27.68 -4.40 20.44
N PHE B 318 28.82 -4.05 21.02
CA PHE B 318 28.92 -4.10 22.46
C PHE B 318 28.00 -3.07 23.09
N ARG B 319 27.47 -3.41 24.26
CA ARG B 319 26.69 -2.48 25.05
C ARG B 319 27.00 -2.75 26.51
N VAL B 320 27.44 -1.71 27.22
CA VAL B 320 27.59 -1.84 28.66
C VAL B 320 26.24 -2.19 29.25
N GLN B 321 26.14 -3.37 29.85
CA GLN B 321 24.97 -3.68 30.63
C GLN B 321 24.90 -2.77 31.84
N PRO B 322 23.71 -2.36 32.26
CA PRO B 322 23.61 -1.47 33.41
C PRO B 322 24.01 -2.17 34.70
N THR B 323 24.04 -1.45 35.81
CA THR B 323 24.43 -2.06 37.08
C THR B 323 23.31 -2.07 38.11
N GLU B 324 22.70 -0.93 38.39
CA GLU B 324 21.71 -0.82 39.45
C GLU B 324 20.35 -0.51 38.88
N SER B 325 19.33 -0.82 39.67
CA SER B 325 17.95 -0.55 39.31
C SER B 325 17.47 0.73 39.99
N ILE B 326 17.98 1.85 39.51
CA ILE B 326 17.66 3.15 40.10
C ILE B 326 16.24 3.53 39.70
N VAL B 327 15.41 3.77 40.72
CA VAL B 327 14.01 4.25 40.57
C VAL B 327 13.87 5.52 41.41
N ARG B 328 12.89 6.38 41.10
CA ARG B 328 12.79 7.64 41.88
C ARG B 328 11.39 8.24 41.74
N PHE B 329 10.87 8.82 42.83
CA PHE B 329 9.54 9.49 42.84
C PHE B 329 9.37 10.29 44.14
N PRO B 330 8.49 11.32 44.19
CA PRO B 330 8.26 12.05 45.43
C PRO B 330 7.56 11.10 46.42
N ASN B 331 7.90 11.19 47.70
CA ASN B 331 7.39 10.29 48.77
C ASN B 331 5.86 10.30 48.88
N ILE B 332 5.29 11.40 49.39
CA ILE B 332 3.82 11.63 49.55
C ILE B 332 3.20 10.81 50.70
N THR B 333 1.87 10.80 50.76
CA THR B 333 1.05 10.17 51.79
C THR B 333 0.50 8.85 51.27
N ASN B 334 0.67 7.78 52.06
CA ASN B 334 0.31 6.43 51.62
C ASN B 334 -1.18 6.27 51.41
N LEU B 335 -1.95 7.34 51.59
CA LEU B 335 -3.39 7.28 51.43
C LEU B 335 -3.76 7.08 49.97
N CYS B 336 -4.75 6.25 49.74
CA CYS B 336 -5.33 6.10 48.41
C CYS B 336 -6.76 6.62 48.44
N PRO B 337 -6.95 7.90 48.15
CA PRO B 337 -8.28 8.50 48.32
C PRO B 337 -9.34 7.84 47.48
N PHE B 338 -8.97 7.37 46.30
CA PHE B 338 -9.95 6.76 45.40
C PHE B 338 -10.67 5.60 46.06
N GLY B 339 -10.00 4.90 46.98
CA GLY B 339 -10.64 3.77 47.63
C GLY B 339 -11.94 4.14 48.29
N GLU B 340 -12.08 5.41 48.67
CA GLU B 340 -13.34 5.87 49.25
C GLU B 340 -14.47 5.76 48.25
N VAL B 341 -14.29 6.30 47.06
CA VAL B 341 -15.40 6.45 46.14
C VAL B 341 -15.86 5.11 45.57
N PHE B 342 -15.23 4.02 45.93
CA PHE B 342 -15.67 2.74 45.38
C PHE B 342 -16.60 2.01 46.35
N ASN B 343 -16.13 1.71 47.55
CA ASN B 343 -17.03 1.28 48.62
C ASN B 343 -17.73 2.53 49.15
N ALA B 344 -18.55 3.13 48.29
CA ALA B 344 -19.03 4.49 48.48
C ALA B 344 -20.55 4.53 48.61
N THR B 345 -21.03 5.69 49.07
CA THR B 345 -22.41 5.79 49.56
C THR B 345 -23.41 6.03 48.44
N ARG B 346 -23.33 7.18 47.78
CA ARG B 346 -24.42 7.67 46.94
C ARG B 346 -23.86 8.27 45.68
N PHE B 347 -24.35 7.82 44.53
CA PHE B 347 -23.80 8.26 43.26
C PHE B 347 -24.82 8.99 42.42
N ALA B 348 -24.32 9.95 41.64
CA ALA B 348 -25.13 10.93 40.93
C ALA B 348 -25.67 10.36 39.62
N SER B 349 -26.15 11.25 38.77
CA SER B 349 -26.70 10.91 37.47
C SER B 349 -25.58 10.73 36.45
N VAL B 350 -25.91 10.70 35.17
CA VAL B 350 -24.91 10.55 34.13
C VAL B 350 -24.67 11.88 33.43
N TYR B 351 -25.72 12.69 33.26
CA TYR B 351 -25.51 13.97 32.61
C TYR B 351 -24.72 14.90 33.52
N ALA B 352 -24.78 14.66 34.82
CA ALA B 352 -23.95 15.37 35.77
C ALA B 352 -23.34 14.33 36.70
N TRP B 353 -22.12 14.59 37.13
CA TRP B 353 -21.39 13.60 37.90
C TRP B 353 -20.45 14.34 38.85
N ASN B 354 -19.48 13.61 39.40
CA ASN B 354 -18.56 14.16 40.40
C ASN B 354 -17.10 13.85 40.09
N ARG B 355 -16.49 14.69 39.26
CA ARG B 355 -15.05 14.60 39.03
C ARG B 355 -14.32 14.91 40.32
N LYS B 356 -13.80 13.90 40.98
CA LYS B 356 -13.05 14.10 42.21
C LYS B 356 -11.56 13.96 41.87
N ARG B 357 -10.92 15.09 41.61
CA ARG B 357 -9.48 15.10 41.43
C ARG B 357 -8.81 14.53 42.68
N ILE B 358 -7.83 13.67 42.48
CA ILE B 358 -7.13 13.02 43.58
C ILE B 358 -5.66 13.35 43.48
N SER B 359 -5.04 13.60 44.62
CA SER B 359 -3.63 13.99 44.67
C SER B 359 -2.94 13.25 45.80
N ASN B 360 -1.63 13.47 45.89
CA ASN B 360 -0.80 13.02 47.00
C ASN B 360 -0.85 11.52 47.20
N CYS B 361 -1.49 10.79 46.30
CA CYS B 361 -1.72 9.38 46.50
C CYS B 361 -0.53 8.56 46.01
N VAL B 362 -0.57 7.28 46.34
CA VAL B 362 0.50 6.35 45.96
C VAL B 362 -0.17 5.18 45.26
N ALA B 363 -1.29 5.46 44.59
CA ALA B 363 -2.21 4.44 44.10
C ALA B 363 -1.50 3.27 43.44
N ASP B 364 -2.04 2.08 43.65
CA ASP B 364 -1.53 0.87 43.03
C ASP B 364 -2.47 0.30 41.98
N TYR B 365 -3.78 0.40 42.20
CA TYR B 365 -4.80 -0.18 41.33
C TYR B 365 -4.68 -1.68 41.28
N SER B 366 -3.68 -2.23 41.97
CA SER B 366 -3.60 -3.67 42.13
C SER B 366 -4.42 -4.14 43.32
N VAL B 367 -4.77 -3.23 44.22
CA VAL B 367 -5.89 -3.50 45.11
C VAL B 367 -7.11 -3.75 44.25
N LEU B 368 -7.11 -3.24 43.04
CA LEU B 368 -8.13 -3.51 42.05
C LEU B 368 -7.55 -4.43 40.99
N TYR B 369 -8.38 -4.77 40.01
CA TYR B 369 -8.10 -5.77 38.99
C TYR B 369 -7.70 -7.11 39.59
N ASN B 370 -7.93 -7.29 40.88
CA ASN B 370 -7.91 -8.59 41.51
C ASN B 370 -9.20 -8.83 42.27
N SER B 371 -9.96 -7.79 42.56
CA SER B 371 -11.28 -7.93 43.17
C SER B 371 -12.27 -8.17 42.04
N ALA B 372 -12.64 -9.43 41.84
CA ALA B 372 -13.57 -9.78 40.77
C ALA B 372 -14.89 -9.02 40.87
N SER B 373 -15.10 -8.29 41.95
CA SER B 373 -16.29 -7.47 42.13
C SER B 373 -16.36 -6.35 41.11
N PHE B 374 -15.40 -6.30 40.20
CA PHE B 374 -15.44 -5.38 39.06
C PHE B 374 -15.92 -6.16 37.84
N SER B 375 -17.05 -5.75 37.28
CA SER B 375 -17.72 -6.57 36.27
C SER B 375 -16.92 -6.61 34.98
N THR B 376 -16.79 -5.45 34.32
CA THR B 376 -15.95 -5.35 33.14
C THR B 376 -14.95 -4.22 33.34
N PHE B 377 -13.70 -4.52 33.04
CA PHE B 377 -12.59 -3.62 33.34
C PHE B 377 -11.70 -3.59 32.10
N LYS B 378 -12.01 -2.67 31.20
CA LYS B 378 -11.32 -2.53 29.92
C LYS B 378 -10.62 -1.19 29.89
N CYS B 379 -9.35 -1.19 29.52
CA CYS B 379 -8.50 -0.02 29.64
C CYS B 379 -7.87 0.29 28.29
N TYR B 380 -7.63 1.57 28.04
CA TYR B 380 -7.24 2.02 26.71
C TYR B 380 -5.84 2.58 26.64
N GLY B 381 -5.53 3.64 27.39
CA GLY B 381 -4.17 4.14 27.40
C GLY B 381 -3.20 3.15 28.02
N VAL B 382 -3.66 2.42 29.02
CA VAL B 382 -2.82 1.55 29.84
C VAL B 382 -3.45 0.17 29.90
N SER B 383 -2.66 -0.75 30.04
CA SER B 383 -3.21 -2.05 30.34
C SER B 383 -3.21 -2.28 31.85
N PRO B 384 -4.16 -3.04 32.36
CA PRO B 384 -4.19 -3.31 33.80
C PRO B 384 -2.95 -4.10 34.21
N THR B 385 -2.69 -4.07 35.50
CA THR B 385 -1.49 -4.64 36.12
C THR B 385 -0.24 -3.91 35.69
N LYS B 386 -0.35 -2.93 34.80
CA LYS B 386 0.78 -2.10 34.42
C LYS B 386 0.66 -0.68 34.93
N LEU B 387 -0.54 -0.23 35.31
CA LEU B 387 -0.77 1.14 35.75
C LEU B 387 -0.26 1.32 37.17
N ASN B 388 0.99 0.96 37.33
CA ASN B 388 1.64 1.08 38.62
C ASN B 388 2.99 1.75 38.50
N ASP B 389 3.41 2.11 37.29
CA ASP B 389 4.81 2.35 37.09
C ASP B 389 5.19 3.83 37.13
N LEU B 390 4.82 4.61 36.12
CA LEU B 390 5.19 6.01 36.10
C LEU B 390 4.16 6.96 35.49
N CYS B 391 2.99 6.47 35.07
CA CYS B 391 2.10 7.24 34.20
C CYS B 391 1.01 7.93 35.02
N PHE B 392 1.33 9.15 35.47
CA PHE B 392 0.46 9.81 36.45
C PHE B 392 0.84 11.27 36.66
N THR B 393 -0.11 12.18 36.38
CA THR B 393 -0.06 13.59 36.82
C THR B 393 -1.51 14.08 36.93
N ASN B 394 -2.07 14.06 38.13
CA ASN B 394 -3.41 14.57 38.40
C ASN B 394 -4.46 13.91 37.51
N VAL B 395 -4.68 12.63 37.78
CA VAL B 395 -5.78 11.90 37.16
C VAL B 395 -7.09 12.37 37.75
N TYR B 396 -8.20 11.98 37.14
CA TYR B 396 -9.52 12.35 37.62
C TYR B 396 -10.46 11.17 37.57
N ALA B 397 -11.47 11.21 38.42
CA ALA B 397 -12.40 10.11 38.59
C ALA B 397 -13.78 10.51 38.09
N ASP B 398 -14.63 9.52 37.95
CA ASP B 398 -15.96 9.72 37.39
C ASP B 398 -16.88 8.65 37.93
N SER B 399 -17.89 9.06 38.69
CA SER B 399 -18.83 8.15 39.29
C SER B 399 -20.23 8.46 38.78
N PHE B 400 -20.96 7.42 38.43
CA PHE B 400 -22.34 7.55 37.99
C PHE B 400 -22.92 6.14 37.94
N VAL B 401 -24.18 6.06 37.52
CA VAL B 401 -24.94 4.82 37.61
C VAL B 401 -25.70 4.64 36.31
N ILE B 402 -25.85 3.38 35.88
CA ILE B 402 -26.59 3.07 34.67
C ILE B 402 -26.90 1.58 34.66
N ARG B 403 -27.85 1.18 33.84
CA ARG B 403 -28.27 -0.22 33.76
C ARG B 403 -27.34 -1.03 32.86
N GLY B 404 -27.69 -2.30 32.69
CA GLY B 404 -26.79 -3.31 32.13
C GLY B 404 -26.12 -3.01 30.81
N ASP B 405 -26.89 -3.00 29.71
CA ASP B 405 -26.29 -2.92 28.38
C ASP B 405 -25.47 -1.65 28.20
N GLU B 406 -25.78 -0.62 28.97
CA GLU B 406 -25.25 0.71 28.72
C GLU B 406 -23.73 0.78 28.88
N VAL B 407 -23.12 -0.21 29.53
CA VAL B 407 -21.69 -0.12 29.79
C VAL B 407 -20.89 -0.05 28.50
N ARG B 408 -21.28 -0.86 27.50
CA ARG B 408 -20.50 -0.89 26.27
C ARG B 408 -20.49 0.47 25.59
N GLN B 409 -21.54 1.26 25.77
CA GLN B 409 -21.65 2.56 25.14
C GLN B 409 -20.57 3.52 25.58
N ILE B 410 -19.86 3.25 26.67
CA ILE B 410 -19.01 4.24 27.28
C ILE B 410 -17.61 4.33 26.68
N ALA B 411 -17.23 3.36 25.84
CA ALA B 411 -15.90 3.32 25.23
C ALA B 411 -15.68 4.52 24.31
N PRO B 412 -14.49 4.71 23.74
CA PRO B 412 -14.33 5.72 22.71
C PRO B 412 -15.28 5.47 21.55
N GLY B 413 -15.78 6.57 20.97
CA GLY B 413 -16.80 6.47 19.96
C GLY B 413 -18.09 5.96 20.57
N GLN B 414 -18.52 4.76 20.15
CA GLN B 414 -19.61 4.05 20.79
C GLN B 414 -20.86 4.94 20.93
N THR B 415 -21.37 5.37 19.79
CA THR B 415 -22.47 6.33 19.79
C THR B 415 -23.73 5.71 20.38
N GLY B 416 -24.41 6.48 21.22
CA GLY B 416 -25.62 6.05 21.88
C GLY B 416 -26.13 7.10 22.83
N LYS B 417 -27.40 6.99 23.20
CA LYS B 417 -28.10 8.09 23.88
C LYS B 417 -27.31 8.62 25.05
N ILE B 418 -26.82 7.73 25.91
CA ILE B 418 -26.04 8.20 27.06
C ILE B 418 -24.74 8.82 26.57
N ALA B 419 -24.18 8.33 25.49
CA ALA B 419 -22.96 8.91 24.94
C ALA B 419 -23.24 10.10 24.04
N ASP B 420 -24.49 10.41 23.76
CA ASP B 420 -24.83 11.48 22.84
C ASP B 420 -25.22 12.76 23.58
N TYR B 421 -26.25 12.68 24.43
CA TYR B 421 -26.71 13.82 25.21
C TYR B 421 -26.35 13.72 26.68
N ASN B 422 -25.63 12.69 27.11
CA ASN B 422 -25.54 12.46 28.54
C ASN B 422 -24.12 12.33 29.06
N TYR B 423 -23.21 11.68 28.32
CA TYR B 423 -21.83 11.58 28.77
C TYR B 423 -20.94 11.23 27.58
N LYS B 424 -20.10 12.18 27.17
CA LYS B 424 -19.25 12.00 26.00
C LYS B 424 -17.83 11.67 26.43
N LEU B 425 -17.26 10.66 25.80
CA LEU B 425 -15.90 10.28 26.10
C LEU B 425 -15.00 10.61 24.93
N PRO B 426 -13.87 11.28 25.15
CA PRO B 426 -12.99 11.63 24.04
C PRO B 426 -12.35 10.42 23.40
N ASP B 427 -11.55 10.63 22.37
CA ASP B 427 -11.00 9.55 21.57
C ASP B 427 -9.55 9.24 21.90
N ASP B 428 -9.03 9.77 23.00
CA ASP B 428 -7.62 9.59 23.31
C ASP B 428 -7.42 9.49 24.82
N PHE B 429 -6.33 8.82 25.21
CA PHE B 429 -5.81 8.79 26.57
C PHE B 429 -6.83 8.32 27.59
N THR B 430 -7.97 7.84 27.16
CA THR B 430 -8.92 7.27 28.10
C THR B 430 -8.24 6.14 28.85
N GLY B 431 -8.41 6.14 30.16
CA GLY B 431 -7.72 5.16 30.98
C GLY B 431 -8.55 3.94 31.23
N CYS B 432 -8.92 3.73 32.48
CA CYS B 432 -9.68 2.55 32.85
C CYS B 432 -11.17 2.84 32.74
N VAL B 433 -11.96 1.78 32.73
CA VAL B 433 -13.41 1.88 32.89
C VAL B 433 -13.84 0.76 33.82
N ILE B 434 -14.28 1.13 35.01
CA ILE B 434 -14.78 0.16 35.97
C ILE B 434 -16.28 0.09 35.84
N ALA B 435 -16.79 -1.11 35.63
CA ALA B 435 -18.21 -1.36 35.69
C ALA B 435 -18.45 -2.49 36.67
N TRP B 436 -19.50 -2.34 37.48
CA TRP B 436 -19.90 -3.37 38.43
C TRP B 436 -21.33 -3.08 38.85
N ASN B 437 -21.96 -4.08 39.45
CA ASN B 437 -23.40 -4.00 39.65
C ASN B 437 -23.75 -3.01 40.74
N SER B 438 -24.74 -2.17 40.47
CA SER B 438 -25.37 -1.33 41.47
C SER B 438 -26.80 -1.84 41.61
N ASN B 439 -26.96 -2.88 42.44
CA ASN B 439 -28.26 -3.48 42.66
C ASN B 439 -28.60 -3.67 44.13
N ASN B 440 -27.61 -3.78 44.99
CA ASN B 440 -27.84 -3.89 46.42
C ASN B 440 -27.91 -2.53 47.08
N LEU B 441 -27.71 -1.48 46.32
CA LEU B 441 -27.86 -0.12 46.80
C LEU B 441 -28.89 0.65 45.98
N ASP B 442 -29.47 0.02 44.96
CA ASP B 442 -30.27 0.72 43.98
C ASP B 442 -31.48 -0.15 43.66
N SER B 443 -32.17 0.21 42.57
CA SER B 443 -33.35 -0.51 42.11
C SER B 443 -34.45 -0.49 43.17
N LYS B 444 -34.97 0.71 43.43
CA LYS B 444 -36.03 0.85 44.42
C LYS B 444 -37.20 -0.05 44.10
N VAL B 445 -37.99 -0.37 45.12
CA VAL B 445 -39.02 -1.39 44.99
C VAL B 445 -39.96 -1.05 43.85
N GLY B 446 -40.57 0.13 43.90
CA GLY B 446 -41.40 0.57 42.80
C GLY B 446 -40.62 1.04 41.61
N GLY B 447 -39.30 1.05 41.71
CA GLY B 447 -38.45 1.55 40.65
C GLY B 447 -37.50 2.60 41.16
N ASN B 448 -36.26 2.60 40.68
CA ASN B 448 -35.29 3.62 41.07
C ASN B 448 -35.49 4.80 40.12
N TYR B 449 -36.22 5.80 40.59
CA TYR B 449 -36.76 6.86 39.76
C TYR B 449 -35.85 8.07 39.67
N ASN B 450 -34.64 7.96 40.20
CA ASN B 450 -33.82 9.12 40.50
C ASN B 450 -32.53 9.20 39.69
N TYR B 451 -32.49 8.55 38.52
CA TYR B 451 -31.31 8.54 37.66
C TYR B 451 -31.70 9.17 36.33
N LEU B 452 -31.14 10.35 36.07
CA LEU B 452 -31.66 11.25 35.05
C LEU B 452 -30.70 11.35 33.87
N TYR B 453 -31.22 11.13 32.67
CA TYR B 453 -30.47 11.24 31.43
C TYR B 453 -31.12 12.30 30.56
N ARG B 454 -30.30 13.11 29.91
CA ARG B 454 -30.79 14.19 29.07
C ARG B 454 -31.42 13.61 27.81
N LEU B 455 -32.74 13.61 27.74
CA LEU B 455 -33.43 13.02 26.60
C LEU B 455 -33.24 13.86 25.34
N PHE B 456 -33.38 15.18 25.46
CA PHE B 456 -33.12 16.11 24.37
C PHE B 456 -31.98 17.05 24.70
N ARG B 457 -31.13 17.28 23.70
CA ARG B 457 -30.15 18.35 23.70
C ARG B 457 -29.63 18.49 22.29
N LYS B 458 -29.60 19.73 21.80
CA LYS B 458 -28.84 20.00 20.60
C LYS B 458 -27.36 19.75 20.89
N SER B 459 -26.57 19.64 19.83
CA SER B 459 -25.12 19.57 19.97
C SER B 459 -24.71 18.37 20.84
N ASN B 460 -24.87 17.19 20.26
CA ASN B 460 -24.34 15.96 20.83
C ASN B 460 -23.03 16.24 21.55
N LEU B 461 -22.90 15.73 22.77
CA LEU B 461 -22.01 16.33 23.77
C LEU B 461 -20.59 16.51 23.28
N LYS B 462 -20.00 17.63 23.65
CA LYS B 462 -18.57 17.82 23.52
C LYS B 462 -17.85 16.96 24.56
N PRO B 463 -16.56 16.71 24.39
CA PRO B 463 -15.83 15.90 25.37
C PRO B 463 -15.95 16.42 26.79
N PHE B 464 -16.37 15.54 27.69
CA PHE B 464 -16.43 15.84 29.13
C PHE B 464 -17.26 17.07 29.44
N GLU B 465 -18.22 17.37 28.58
CA GLU B 465 -19.04 18.56 28.79
C GLU B 465 -20.11 18.27 29.83
N ARG B 466 -20.35 19.24 30.72
CA ARG B 466 -21.36 19.11 31.77
C ARG B 466 -22.44 20.15 31.53
N ASP B 467 -23.51 19.74 30.85
CA ASP B 467 -24.67 20.61 30.67
C ASP B 467 -25.70 20.19 31.71
N ILE B 468 -25.72 20.90 32.83
CA ILE B 468 -26.53 20.49 33.97
C ILE B 468 -27.87 21.21 33.99
N SER B 469 -27.99 22.35 33.33
CA SER B 469 -29.21 23.14 33.43
C SER B 469 -30.34 22.46 32.67
N THR B 470 -31.54 22.51 33.24
CA THR B 470 -32.71 21.79 32.75
C THR B 470 -33.73 22.79 32.22
N GLU B 471 -33.59 23.15 30.94
CA GLU B 471 -34.56 23.98 30.25
C GLU B 471 -35.26 23.15 29.18
N ILE B 472 -36.55 23.39 29.01
CA ILE B 472 -37.33 22.66 28.01
C ILE B 472 -36.70 22.80 26.65
N TYR B 473 -36.82 21.76 25.83
CA TYR B 473 -36.01 21.65 24.62
C TYR B 473 -36.32 22.71 23.58
N GLN B 474 -37.48 23.35 23.65
CA GLN B 474 -37.92 24.32 22.64
C GLN B 474 -37.89 23.69 21.25
N ALA B 475 -38.32 22.43 21.17
CA ALA B 475 -38.20 21.68 19.93
C ALA B 475 -39.23 22.14 18.90
N GLY B 476 -38.81 22.21 17.65
CA GLY B 476 -39.68 22.64 16.57
C GLY B 476 -39.92 24.13 16.58
N SER B 477 -40.36 24.69 15.45
CA SER B 477 -40.65 26.12 15.37
C SER B 477 -41.89 26.38 16.21
N THR B 478 -41.68 26.84 17.43
CA THR B 478 -42.72 26.86 18.43
C THR B 478 -42.23 27.63 19.65
N PRO B 479 -43.10 28.33 20.36
CA PRO B 479 -42.74 28.79 21.72
C PRO B 479 -42.92 27.66 22.72
N CYS B 480 -41.84 27.32 23.42
CA CYS B 480 -41.87 26.40 24.55
C CYS B 480 -41.14 27.13 25.67
N ASN B 481 -41.85 28.00 26.37
CA ASN B 481 -41.24 28.99 27.24
C ASN B 481 -41.77 28.79 28.65
N GLY B 482 -41.13 27.89 29.39
CA GLY B 482 -41.66 27.48 30.68
C GLY B 482 -42.94 26.69 30.57
N VAL B 483 -43.36 26.35 29.35
CA VAL B 483 -44.67 25.74 29.13
C VAL B 483 -44.59 24.22 28.98
N GLU B 484 -43.42 23.68 28.67
CA GLU B 484 -43.20 22.24 28.49
C GLU B 484 -44.33 21.63 27.67
N GLY B 485 -44.85 22.39 26.72
CA GLY B 485 -46.10 22.02 26.09
C GLY B 485 -45.94 21.14 24.87
N PHE B 486 -46.45 21.60 23.74
CA PHE B 486 -46.40 20.80 22.53
C PHE B 486 -44.97 20.70 22.05
N ASN B 487 -44.59 19.50 21.58
CA ASN B 487 -43.29 19.24 20.98
C ASN B 487 -42.15 19.48 21.95
N CYS B 488 -42.45 19.70 23.22
CA CYS B 488 -41.44 20.12 24.18
C CYS B 488 -41.84 19.56 25.53
N TYR B 489 -40.90 18.96 26.23
CA TYR B 489 -41.18 18.47 27.57
C TYR B 489 -39.86 18.26 28.30
N PHE B 490 -39.94 17.70 29.50
CA PHE B 490 -38.83 17.75 30.42
C PHE B 490 -37.61 17.03 29.83
N PRO B 491 -36.45 17.69 29.79
CA PRO B 491 -35.32 17.13 29.05
C PRO B 491 -34.78 15.82 29.61
N LEU B 492 -35.14 15.47 30.84
CA LEU B 492 -34.50 14.38 31.54
C LEU B 492 -35.54 13.40 32.08
N GLN B 493 -35.20 12.11 32.01
CA GLN B 493 -36.09 11.04 32.40
C GLN B 493 -35.36 10.05 33.28
N SER B 494 -36.13 9.19 33.94
CA SER B 494 -35.63 8.20 34.86
C SER B 494 -35.59 6.83 34.20
N TYR B 495 -35.31 5.81 35.01
CA TYR B 495 -35.34 4.41 34.61
C TYR B 495 -36.25 3.57 35.48
N GLY B 496 -36.32 3.85 36.78
CA GLY B 496 -37.18 3.07 37.64
C GLY B 496 -36.78 1.61 37.77
N PHE B 497 -35.50 1.36 38.01
CA PHE B 497 -35.03 0.00 38.21
C PHE B 497 -35.73 -0.62 39.41
N GLN B 498 -36.14 -1.87 39.26
CA GLN B 498 -36.78 -2.61 40.34
C GLN B 498 -35.81 -3.57 41.00
N PRO B 499 -36.03 -3.92 42.26
CA PRO B 499 -35.10 -4.84 42.94
C PRO B 499 -34.99 -6.17 42.23
N THR B 500 -36.06 -6.62 41.57
CA THR B 500 -36.04 -7.82 40.76
C THR B 500 -35.99 -7.51 39.27
N ASN B 501 -35.44 -6.36 38.88
CA ASN B 501 -35.44 -5.95 37.50
C ASN B 501 -34.60 -6.89 36.64
N GLY B 502 -34.60 -6.65 35.34
CA GLY B 502 -33.92 -7.55 34.41
C GLY B 502 -32.44 -7.26 34.26
N VAL B 503 -31.68 -8.30 33.93
CA VAL B 503 -30.24 -8.18 33.85
C VAL B 503 -29.82 -7.24 32.72
N GLY B 504 -30.55 -7.26 31.60
CA GLY B 504 -30.26 -6.31 30.55
C GLY B 504 -30.42 -4.88 31.01
N TYR B 505 -31.18 -4.70 32.09
CA TYR B 505 -31.36 -3.38 32.68
C TYR B 505 -31.04 -3.37 34.16
N GLN B 506 -30.44 -4.42 34.69
CA GLN B 506 -29.93 -4.37 36.05
C GLN B 506 -28.88 -3.28 36.15
N PRO B 507 -28.98 -2.36 37.12
CA PRO B 507 -28.17 -1.12 37.05
C PRO B 507 -26.76 -1.29 37.58
N TYR B 508 -25.82 -0.70 36.86
CA TYR B 508 -24.42 -0.83 37.17
C TYR B 508 -23.88 0.50 37.68
N ARG B 509 -22.94 0.42 38.61
CA ARG B 509 -22.21 1.60 39.07
C ARG B 509 -20.86 1.62 38.36
N VAL B 510 -20.62 2.71 37.63
CA VAL B 510 -19.55 2.76 36.65
C VAL B 510 -18.55 3.82 37.04
N VAL B 511 -17.27 3.47 36.99
CA VAL B 511 -16.19 4.37 37.35
C VAL B 511 -15.31 4.53 36.12
N VAL B 512 -14.93 5.76 35.82
CA VAL B 512 -14.07 6.06 34.68
C VAL B 512 -12.95 6.96 35.14
N LEU B 513 -11.72 6.61 34.78
CA LEU B 513 -10.55 7.34 35.22
C LEU B 513 -9.86 7.98 34.02
N SER B 514 -9.75 9.30 34.03
CA SER B 514 -8.93 10.00 33.07
C SER B 514 -7.48 10.00 33.55
N PHE B 515 -6.56 10.20 32.62
CA PHE B 515 -5.15 10.14 32.95
C PHE B 515 -4.43 11.26 32.21
N GLU B 516 -3.77 12.13 32.97
CA GLU B 516 -3.02 13.25 32.45
C GLU B 516 -1.54 12.91 32.53
N LEU B 517 -0.86 12.91 31.38
CA LEU B 517 0.42 12.23 31.25
C LEU B 517 1.58 13.20 31.10
N LEU B 518 2.50 13.15 32.06
CA LEU B 518 3.90 13.54 31.89
C LEU B 518 4.16 15.05 31.78
N HIS B 519 3.09 15.84 31.67
CA HIS B 519 3.28 17.27 31.45
C HIS B 519 3.97 17.97 32.61
N ALA B 520 3.87 17.44 33.80
CA ALA B 520 4.11 18.27 34.98
C ALA B 520 4.72 17.44 36.10
N PRO B 521 4.98 18.02 37.25
CA PRO B 521 5.32 17.20 38.41
C PRO B 521 4.24 16.17 38.66
N ALA B 522 4.68 14.95 38.90
CA ALA B 522 3.77 13.85 39.13
C ALA B 522 3.16 13.94 40.52
N THR B 523 2.12 13.14 40.75
CA THR B 523 1.44 13.23 42.03
C THR B 523 1.02 11.89 42.64
N VAL B 524 0.73 10.86 41.85
CA VAL B 524 0.13 9.62 42.35
C VAL B 524 0.95 8.42 41.87
N CYS B 525 2.06 8.16 42.55
CA CYS B 525 3.01 7.13 42.03
C CYS B 525 2.68 5.72 42.50
N GLY B 526 3.46 4.76 41.99
CA GLY B 526 3.35 3.33 42.35
C GLY B 526 4.50 2.95 43.27
N PRO B 527 4.25 2.18 44.35
CA PRO B 527 5.29 1.79 45.32
C PRO B 527 6.66 1.41 44.75
N LYS B 528 7.73 2.04 45.25
CA LYS B 528 9.14 1.79 44.80
C LYS B 528 10.10 2.57 45.69
N LYS B 529 10.57 3.73 45.19
CA LYS B 529 11.46 4.75 45.80
C LYS B 529 12.96 4.40 45.63
N SER B 530 13.31 3.11 45.78
CA SER B 530 14.71 2.65 45.66
C SER B 530 15.63 3.43 46.62
N THR B 531 15.05 4.37 47.37
CA THR B 531 15.76 5.20 48.34
C THR B 531 17.10 5.69 47.81
N ASN B 532 17.39 5.45 46.54
CA ASN B 532 18.74 5.46 46.03
C ASN B 532 18.87 6.45 44.90
N LEU B 533 20.11 6.88 44.67
CA LEU B 533 20.43 7.68 43.50
C LEU B 533 21.94 7.64 43.35
N VAL B 534 22.40 7.30 42.15
CA VAL B 534 23.82 7.15 41.89
C VAL B 534 24.14 7.79 40.55
N LYS B 535 25.35 8.30 40.43
CA LYS B 535 25.79 9.01 39.26
C LYS B 535 26.88 8.20 38.57
N ASN B 536 27.26 8.67 37.38
CA ASN B 536 28.45 8.19 36.70
C ASN B 536 28.43 6.69 36.45
N LYS B 537 27.26 6.06 36.54
CA LYS B 537 27.16 4.62 36.41
C LYS B 537 26.00 4.26 35.50
N CYS B 538 26.25 3.44 34.49
CA CYS B 538 25.14 2.84 33.75
C CYS B 538 24.18 2.14 34.66
N VAL B 539 23.01 2.73 34.81
CA VAL B 539 21.91 2.17 35.58
C VAL B 539 20.63 2.51 34.85
N ASN B 540 19.74 1.54 34.75
CA ASN B 540 18.41 1.85 34.29
C ASN B 540 17.71 2.80 35.28
N PHE B 541 16.89 3.68 34.75
CA PHE B 541 16.32 4.75 35.55
C PHE B 541 14.82 4.83 35.31
N ASN B 542 14.12 5.37 36.31
CA ASN B 542 12.68 5.56 36.22
C ASN B 542 12.28 6.88 36.86
N PHE B 543 12.96 7.96 36.49
CA PHE B 543 12.76 9.22 37.17
C PHE B 543 11.40 9.83 36.87
N ASN B 544 10.37 9.03 37.19
CA ASN B 544 8.92 9.33 37.12
C ASN B 544 8.43 9.82 35.75
N GLY B 545 9.35 10.29 34.90
CA GLY B 545 9.00 10.96 33.69
C GLY B 545 9.43 10.18 32.47
N LEU B 546 10.04 9.02 32.69
CA LEU B 546 10.52 8.17 31.63
C LEU B 546 11.14 6.94 32.28
N THR B 547 11.40 5.95 31.46
CA THR B 547 12.27 4.85 31.82
C THR B 547 13.49 4.88 30.93
N GLY B 548 14.44 3.99 31.20
CA GLY B 548 15.60 3.88 30.36
C GLY B 548 16.88 3.78 31.15
N THR B 549 18.01 3.73 30.43
CA THR B 549 19.30 3.46 31.04
C THR B 549 20.32 4.47 30.54
N GLY B 550 21.13 4.98 31.46
CA GLY B 550 22.12 5.96 31.08
C GLY B 550 23.07 6.28 32.23
N VAL B 551 23.73 7.44 32.09
CA VAL B 551 24.68 7.91 33.07
C VAL B 551 24.29 9.33 33.47
N LEU B 552 24.21 9.58 34.78
CA LEU B 552 23.53 10.73 35.34
C LEU B 552 24.52 11.64 36.04
N THR B 553 24.52 12.92 35.67
CA THR B 553 25.43 13.89 36.25
C THR B 553 24.65 15.12 36.71
N GLU B 554 25.14 15.75 37.78
CA GLU B 554 24.60 17.05 38.15
C GLU B 554 24.91 18.03 37.04
N SER B 555 23.87 18.59 36.42
CA SER B 555 24.01 19.24 35.12
C SER B 555 24.30 20.73 35.27
N ASN B 556 25.14 21.23 34.37
CA ASN B 556 25.58 22.63 34.36
C ASN B 556 24.61 23.55 33.66
N LYS B 557 23.36 23.13 33.48
CA LYS B 557 22.38 23.94 32.79
C LYS B 557 21.28 24.33 33.76
N LYS B 558 20.76 25.54 33.58
CA LYS B 558 19.72 26.06 34.46
C LYS B 558 18.36 25.83 33.84
N PHE B 559 17.40 25.47 34.68
CA PHE B 559 16.02 25.28 34.26
C PHE B 559 15.11 26.33 34.89
N LEU B 560 13.90 26.38 34.39
CA LEU B 560 12.90 27.19 35.04
C LEU B 560 12.27 26.40 36.19
N PRO B 561 11.88 27.08 37.27
CA PRO B 561 11.53 26.36 38.50
C PRO B 561 10.36 25.42 38.28
N PHE B 562 9.28 25.98 37.75
CA PHE B 562 8.13 25.16 37.41
C PHE B 562 8.47 24.07 36.40
N GLN B 563 9.54 24.26 35.65
CA GLN B 563 9.77 23.47 34.44
C GLN B 563 10.28 22.09 34.78
N GLN B 564 9.66 21.07 34.17
CA GLN B 564 9.95 19.68 34.54
C GLN B 564 11.32 19.23 34.08
N PHE B 565 11.52 19.17 32.77
CA PHE B 565 12.74 18.55 32.26
C PHE B 565 12.86 18.78 30.77
N GLY B 566 14.09 18.62 30.28
CA GLY B 566 14.40 18.89 28.90
C GLY B 566 14.09 17.74 27.98
N ARG B 567 14.58 17.86 26.75
CA ARG B 567 14.41 16.82 25.74
C ARG B 567 15.42 17.07 24.63
N ASP B 568 15.95 15.98 24.08
CA ASP B 568 16.90 16.10 23.00
C ASP B 568 16.20 16.46 21.71
N ILE B 569 16.95 17.08 20.80
CA ILE B 569 16.47 17.28 19.44
C ILE B 569 16.04 15.95 18.86
N ALA B 570 16.65 14.88 19.34
CA ALA B 570 16.28 13.53 18.98
C ALA B 570 14.98 13.09 19.63
N ASP B 571 14.24 13.99 20.26
CA ASP B 571 13.00 13.64 20.92
C ASP B 571 13.24 12.56 21.98
N THR B 572 14.39 12.63 22.63
CA THR B 572 14.72 11.77 23.75
C THR B 572 15.06 12.65 24.95
N THR B 573 15.02 12.04 26.12
CA THR B 573 15.09 12.79 27.37
C THR B 573 16.49 13.36 27.55
N ASP B 574 16.63 14.67 27.31
CA ASP B 574 17.93 15.31 27.52
C ASP B 574 18.34 15.22 28.97
N ALA B 575 17.41 15.48 29.89
CA ALA B 575 17.72 15.51 31.31
C ALA B 575 16.42 15.59 32.08
N VAL B 576 16.49 15.26 33.37
CA VAL B 576 15.35 15.37 34.24
C VAL B 576 15.77 16.06 35.53
N ARG B 577 14.76 16.46 36.31
CA ARG B 577 14.96 16.96 37.65
C ARG B 577 14.59 15.86 38.63
N ASP B 578 15.56 15.42 39.42
CA ASP B 578 15.27 14.44 40.43
C ASP B 578 14.26 15.05 41.40
N PRO B 579 13.12 14.42 41.61
CA PRO B 579 12.07 15.07 42.40
C PRO B 579 12.47 15.32 43.85
N GLN B 580 13.50 14.62 44.32
CA GLN B 580 13.98 14.88 45.68
C GLN B 580 15.15 15.84 45.51
N THR B 581 16.20 15.40 44.81
CA THR B 581 17.33 16.29 44.53
C THR B 581 16.86 17.18 43.40
N LEU B 582 16.23 18.30 43.75
CA LEU B 582 15.42 19.00 42.78
C LEU B 582 16.34 19.68 41.77
N GLU B 583 17.17 18.91 41.10
CA GLU B 583 18.26 19.45 40.31
C GLU B 583 18.24 18.88 38.91
N ILE B 584 18.78 19.66 37.98
CA ILE B 584 18.97 19.20 36.62
C ILE B 584 19.98 18.07 36.60
N LEU B 585 19.61 16.95 36.01
CA LEU B 585 20.50 15.81 35.87
C LEU B 585 20.61 15.45 34.41
N ASP B 586 21.71 15.86 33.78
CA ASP B 586 21.98 15.42 32.43
C ASP B 586 21.96 13.91 32.39
N ILE B 587 21.39 13.36 31.32
CA ILE B 587 21.28 11.93 31.11
C ILE B 587 22.04 11.58 29.85
N THR B 588 22.99 10.65 29.96
CA THR B 588 23.84 10.29 28.85
C THR B 588 23.89 8.78 28.74
N PRO B 589 23.62 8.21 27.57
CA PRO B 589 23.59 6.76 27.44
C PRO B 589 24.96 6.16 27.66
N CYS B 590 24.97 4.84 27.73
CA CYS B 590 26.19 4.13 28.10
C CYS B 590 27.16 4.14 26.94
N SER B 591 28.41 3.86 27.24
CA SER B 591 29.37 3.62 26.18
C SER B 591 28.85 2.49 25.31
N PHE B 592 28.86 2.70 24.00
CA PHE B 592 28.25 1.73 23.10
C PHE B 592 28.86 1.88 21.73
N GLY B 593 28.65 0.87 20.92
CA GLY B 593 29.17 0.86 19.57
C GLY B 593 29.40 -0.56 19.11
N GLY B 594 29.51 -0.72 17.80
CA GLY B 594 29.74 -2.03 17.25
C GLY B 594 31.05 -2.62 17.72
N VAL B 595 31.17 -3.94 17.55
CA VAL B 595 32.39 -4.66 17.87
C VAL B 595 32.86 -5.37 16.62
N SER B 596 34.17 -5.34 16.40
CA SER B 596 34.74 -5.95 15.21
C SER B 596 35.84 -6.91 15.63
N VAL B 597 36.16 -7.83 14.73
CA VAL B 597 37.11 -8.90 14.99
C VAL B 597 38.33 -8.71 14.10
N ILE B 598 39.50 -8.71 14.70
CA ILE B 598 40.75 -8.57 13.99
C ILE B 598 41.34 -9.96 13.84
N THR B 599 41.76 -10.31 12.63
CA THR B 599 42.51 -11.55 12.51
C THR B 599 43.26 -11.67 11.21
N PRO B 600 44.37 -12.41 11.21
CA PRO B 600 44.87 -12.97 9.97
C PRO B 600 43.89 -14.03 9.49
N GLY B 601 44.09 -14.50 8.28
CA GLY B 601 43.30 -15.62 7.81
C GLY B 601 43.45 -16.77 8.78
N THR B 602 42.33 -17.43 9.13
CA THR B 602 42.39 -18.61 9.98
C THR B 602 43.52 -19.51 9.54
N ASN B 603 43.81 -19.48 8.26
CA ASN B 603 44.95 -20.04 7.59
C ASN B 603 46.23 -19.79 8.40
N THR B 604 46.29 -18.67 9.11
CA THR B 604 47.39 -18.46 10.03
C THR B 604 47.12 -19.18 11.34
N SER B 605 46.11 -18.74 12.09
CA SER B 605 45.86 -19.29 13.41
C SER B 605 44.57 -18.72 13.96
N ASN B 606 43.94 -19.48 14.84
CA ASN B 606 42.76 -18.98 15.53
C ASN B 606 43.09 -17.85 16.49
N GLN B 607 44.34 -17.41 16.54
CA GLN B 607 44.69 -16.31 17.42
C GLN B 607 44.20 -15.00 16.82
N VAL B 608 43.55 -14.17 17.63
CA VAL B 608 42.78 -13.03 17.12
C VAL B 608 43.01 -11.81 18.01
N ALA B 609 42.52 -10.68 17.52
CA ALA B 609 42.45 -9.45 18.28
C ALA B 609 41.07 -8.85 18.10
N VAL B 610 40.62 -8.11 19.11
CA VAL B 610 39.23 -7.65 19.16
C VAL B 610 39.22 -6.15 19.34
N LEU B 611 38.26 -5.51 18.67
CA LEU B 611 38.11 -4.06 18.69
C LEU B 611 36.76 -3.68 19.26
N TYR B 612 36.73 -2.64 20.08
CA TYR B 612 35.48 -1.98 20.44
C TYR B 612 35.58 -0.53 19.98
N GLN B 613 34.62 -0.11 19.18
CA GLN B 613 34.69 1.22 18.62
C GLN B 613 34.35 2.25 19.68
N ASP B 614 35.28 3.16 19.93
CA ASP B 614 35.01 4.39 20.65
C ASP B 614 34.59 4.12 22.10
N VAL B 615 35.46 3.43 22.83
CA VAL B 615 35.29 3.24 24.27
C VAL B 615 36.65 3.35 24.93
N ASN B 616 36.72 4.06 26.05
CA ASN B 616 37.93 3.99 26.85
C ASN B 616 38.13 2.56 27.30
N CYS B 617 39.37 2.09 27.20
CA CYS B 617 39.67 0.73 27.63
C CYS B 617 39.31 0.54 29.09
N THR B 618 39.60 1.54 29.93
CA THR B 618 39.25 1.43 31.33
C THR B 618 37.75 1.24 31.53
N GLU B 619 36.95 1.64 30.56
CA GLU B 619 35.50 1.53 30.66
C GLU B 619 34.98 0.18 30.20
N VAL B 620 35.84 -0.70 29.71
CA VAL B 620 35.41 -1.99 29.17
C VAL B 620 34.65 -2.82 30.20
N ASN B 641 47.03 -7.48 27.85
CA ASN B 641 47.49 -6.71 26.69
C ASN B 641 46.36 -5.93 26.07
N VAL B 642 46.10 -4.75 26.64
CA VAL B 642 45.08 -3.84 26.15
C VAL B 642 45.78 -2.58 25.69
N PHE B 643 45.53 -2.17 24.46
CA PHE B 643 46.14 -0.97 23.91
C PHE B 643 45.05 -0.03 23.44
N GLN B 644 45.00 1.15 24.02
CA GLN B 644 44.04 2.15 23.62
C GLN B 644 44.45 2.77 22.28
N THR B 645 43.47 3.25 21.53
CA THR B 645 43.72 3.99 20.32
C THR B 645 42.65 5.05 20.15
N ARG B 646 42.94 6.03 19.29
CA ARG B 646 41.97 7.10 19.06
C ARG B 646 40.72 6.59 18.39
N ALA B 647 40.77 5.42 17.77
CA ALA B 647 39.60 4.86 17.11
C ALA B 647 38.76 4.00 18.03
N GLY B 648 39.25 3.67 19.21
CA GLY B 648 38.51 2.87 20.15
C GLY B 648 39.45 2.12 21.06
N CYS B 649 38.92 1.08 21.69
CA CYS B 649 39.71 0.21 22.55
C CYS B 649 39.93 -1.12 21.86
N LEU B 650 41.16 -1.59 21.90
CA LEU B 650 41.59 -2.75 21.15
C LEU B 650 42.22 -3.75 22.10
N ILE B 651 41.89 -5.02 21.93
CA ILE B 651 42.36 -6.07 22.81
C ILE B 651 43.03 -7.15 21.97
N GLY B 652 44.14 -7.66 22.45
CA GLY B 652 44.78 -8.76 21.77
C GLY B 652 45.87 -8.38 20.82
N ALA B 653 46.40 -7.17 20.90
CA ALA B 653 47.57 -6.80 20.13
C ALA B 653 48.52 -6.03 21.02
N GLU B 654 49.81 -6.12 20.69
CA GLU B 654 50.84 -5.38 21.37
C GLU B 654 51.22 -4.21 20.47
N HIS B 655 50.84 -3.00 20.88
CA HIS B 655 51.23 -1.83 20.11
C HIS B 655 52.73 -1.71 20.11
N VAL B 656 53.29 -1.29 18.97
CA VAL B 656 54.73 -1.17 18.86
C VAL B 656 55.08 0.23 18.43
N ASN B 657 56.32 0.62 18.71
CA ASN B 657 56.86 1.87 18.22
C ASN B 657 57.35 1.77 16.80
N ASN B 658 57.61 0.56 16.31
CA ASN B 658 58.21 0.37 15.00
C ASN B 658 57.25 0.83 13.91
N SER B 659 57.70 0.71 12.68
CA SER B 659 56.93 1.14 11.51
C SER B 659 56.86 -0.01 10.51
N TYR B 660 55.66 -0.24 9.99
CA TYR B 660 55.44 -1.27 8.99
C TYR B 660 54.28 -0.85 8.10
N GLU B 661 54.26 -1.38 6.89
CA GLU B 661 53.19 -1.07 5.96
C GLU B 661 51.87 -1.63 6.47
N CYS B 662 50.78 -1.08 5.96
CA CYS B 662 49.47 -1.48 6.46
C CYS B 662 49.11 -2.87 5.99
N ASP B 663 48.47 -3.62 6.87
CA ASP B 663 48.04 -5.00 6.62
C ASP B 663 46.54 -5.16 6.83
N ILE B 664 45.99 -4.54 7.86
CA ILE B 664 44.57 -4.63 8.18
C ILE B 664 44.16 -3.31 8.81
N PRO B 665 43.32 -2.51 8.14
CA PRO B 665 43.03 -1.17 8.65
C PRO B 665 42.21 -1.26 9.93
N ILE B 666 42.77 -0.69 10.99
CA ILE B 666 42.06 -0.62 12.27
C ILE B 666 41.21 0.63 12.29
N GLY B 667 41.84 1.77 12.19
CA GLY B 667 41.19 3.06 12.27
C GLY B 667 42.15 4.05 12.88
N ALA B 668 42.07 5.29 12.42
CA ALA B 668 42.96 6.35 12.87
C ALA B 668 44.42 5.92 12.69
N GLY B 669 44.76 5.52 11.47
CA GLY B 669 46.14 5.23 11.14
C GLY B 669 46.75 4.05 11.85
N ILE B 670 46.00 2.96 12.02
CA ILE B 670 46.45 1.81 12.79
C ILE B 670 46.25 0.55 11.94
N CYS B 671 47.29 -0.28 11.86
CA CYS B 671 47.21 -1.54 11.12
C CYS B 671 47.93 -2.63 11.91
N ALA B 672 47.50 -3.87 11.72
CA ALA B 672 47.91 -4.98 12.57
C ALA B 672 48.46 -6.14 11.75
N SER B 673 49.24 -6.99 12.42
CA SER B 673 49.77 -8.20 11.79
C SER B 673 50.31 -9.10 12.88
N TYR B 674 50.59 -10.34 12.50
CA TYR B 674 51.11 -11.36 13.40
C TYR B 674 52.56 -11.61 13.06
N GLN B 675 53.37 -11.91 14.06
CA GLN B 675 54.79 -12.17 13.88
C GLN B 675 55.20 -13.49 14.52
N THR B 676 56.43 -13.88 14.27
CA THR B 676 56.98 -15.07 14.90
C THR B 676 58.17 -14.70 15.77
N GLN B 690 56.31 -13.46 19.03
CA GLN B 690 55.53 -14.35 18.19
C GLN B 690 54.04 -14.19 18.43
N SER B 691 53.54 -12.95 18.34
CA SER B 691 52.16 -12.65 18.69
C SER B 691 51.63 -11.57 17.75
N ILE B 692 50.30 -11.41 17.78
CA ILE B 692 49.64 -10.40 16.96
C ILE B 692 50.01 -9.01 17.44
N ILE B 693 50.40 -8.13 16.52
CA ILE B 693 50.75 -6.77 16.87
C ILE B 693 49.86 -5.81 16.12
N ALA B 694 49.81 -4.58 16.61
CA ALA B 694 49.20 -3.46 15.92
C ALA B 694 50.12 -2.26 16.06
N TYR B 695 49.99 -1.31 15.14
CA TYR B 695 50.92 -0.18 15.14
C TYR B 695 50.34 0.96 14.34
N THR B 696 50.89 2.14 14.57
CA THR B 696 50.64 3.24 13.67
C THR B 696 51.32 2.97 12.35
N MET B 697 50.59 3.10 11.25
CA MET B 697 51.10 2.62 9.98
C MET B 697 52.27 3.47 9.53
N SER B 698 53.25 2.80 8.95
CA SER B 698 54.27 3.51 8.20
C SER B 698 53.72 3.86 6.83
N LEU B 699 54.48 4.62 6.08
CA LEU B 699 54.09 4.96 4.73
C LEU B 699 55.16 4.63 3.71
N GLY B 700 56.25 4.01 4.12
CA GLY B 700 57.32 3.65 3.20
C GLY B 700 58.56 4.48 3.45
N ALA B 701 59.58 4.17 2.65
CA ALA B 701 60.89 4.81 2.76
C ALA B 701 60.76 6.28 2.40
N GLU B 702 60.91 7.14 3.40
CA GLU B 702 60.82 8.58 3.16
C GLU B 702 62.03 8.98 2.35
N ASN B 703 61.86 9.01 1.04
CA ASN B 703 62.97 9.04 0.11
C ASN B 703 63.17 10.48 -0.31
N SER B 704 63.87 11.25 0.52
CA SER B 704 64.28 12.57 0.12
C SER B 704 65.16 12.47 -1.12
N VAL B 705 65.02 13.42 -2.02
CA VAL B 705 65.74 13.36 -3.27
C VAL B 705 66.79 14.45 -3.30
N ALA B 706 67.84 14.23 -4.10
CA ALA B 706 68.98 15.12 -4.17
C ALA B 706 68.67 16.24 -5.17
N TYR B 707 67.83 17.17 -4.73
CA TYR B 707 67.58 18.34 -5.54
C TYR B 707 68.78 19.27 -5.50
N SER B 708 68.94 20.04 -6.56
CA SER B 708 69.77 21.23 -6.50
C SER B 708 69.32 22.15 -7.61
N ASN B 709 69.89 23.33 -7.62
CA ASN B 709 69.66 24.22 -8.74
C ASN B 709 70.46 23.80 -9.97
N ASN B 710 71.24 22.73 -9.87
CA ASN B 710 72.10 22.38 -10.99
C ASN B 710 72.27 20.90 -11.25
N SER B 711 71.64 20.01 -10.49
CA SER B 711 71.88 18.59 -10.66
C SER B 711 70.70 17.95 -11.37
N ILE B 712 71.00 17.11 -12.34
CA ILE B 712 70.00 16.47 -13.19
C ILE B 712 70.05 14.98 -12.99
N ALA B 713 68.90 14.33 -13.14
CA ALA B 713 68.81 12.88 -13.12
C ALA B 713 68.27 12.39 -14.45
N ILE B 714 68.98 11.44 -15.07
CA ILE B 714 68.49 10.77 -16.27
C ILE B 714 68.75 9.27 -16.19
N PRO B 715 67.77 8.45 -16.53
CA PRO B 715 67.95 7.00 -16.46
C PRO B 715 68.66 6.44 -17.68
N THR B 716 69.29 5.28 -17.48
CA THR B 716 70.06 4.61 -18.50
C THR B 716 69.44 3.29 -18.93
N ASN B 717 69.28 2.35 -18.02
CA ASN B 717 68.62 1.08 -18.33
C ASN B 717 67.24 1.13 -17.71
N PHE B 718 66.29 0.54 -18.41
CA PHE B 718 64.87 0.67 -18.10
C PHE B 718 64.28 -0.72 -17.91
N THR B 719 62.96 -0.79 -17.83
CA THR B 719 62.27 -2.06 -17.88
C THR B 719 61.04 -1.93 -18.75
N ILE B 720 60.54 -3.08 -19.19
CA ILE B 720 59.19 -3.21 -19.73
C ILE B 720 58.39 -3.98 -18.70
N SER B 721 57.24 -3.46 -18.32
CA SER B 721 56.48 -4.09 -17.27
C SER B 721 55.05 -4.27 -17.71
N VAL B 722 54.36 -5.19 -17.05
CA VAL B 722 52.97 -5.50 -17.33
C VAL B 722 52.22 -5.57 -16.01
N THR B 723 51.11 -4.87 -15.92
CA THR B 723 50.24 -4.96 -14.76
C THR B 723 48.83 -5.25 -15.23
N THR B 724 48.02 -5.78 -14.33
CA THR B 724 46.70 -6.26 -14.68
C THR B 724 45.65 -5.33 -14.09
N GLU B 725 44.82 -4.77 -14.96
CA GLU B 725 43.68 -3.96 -14.56
C GLU B 725 42.42 -4.72 -14.92
N ILE B 726 41.55 -4.91 -13.94
CA ILE B 726 40.43 -5.82 -14.09
C ILE B 726 39.15 -5.11 -13.68
N LEU B 727 38.21 -5.01 -14.60
CA LEU B 727 36.98 -4.29 -14.34
C LEU B 727 35.78 -5.16 -14.68
N PRO B 728 34.74 -5.09 -13.88
CA PRO B 728 33.49 -5.75 -14.26
C PRO B 728 32.97 -5.12 -15.53
N VAL B 729 32.24 -5.91 -16.31
CA VAL B 729 31.66 -5.45 -17.57
C VAL B 729 30.15 -5.64 -17.58
N SER B 730 29.69 -6.80 -17.14
CA SER B 730 28.28 -7.11 -17.13
C SER B 730 27.92 -7.71 -15.80
N MET B 731 26.69 -8.19 -15.68
CA MET B 731 26.25 -8.85 -14.47
C MET B 731 25.05 -9.71 -14.80
N THR B 732 24.74 -10.63 -13.89
CA THR B 732 23.75 -11.66 -14.17
C THR B 732 22.39 -11.04 -14.50
N LYS B 733 21.92 -11.29 -15.72
CA LYS B 733 20.69 -10.68 -16.20
C LYS B 733 19.52 -11.33 -15.48
N THR B 734 19.34 -10.97 -14.22
CA THR B 734 18.22 -11.51 -13.49
C THR B 734 16.92 -10.97 -14.07
N SER B 735 15.83 -11.65 -13.72
CA SER B 735 14.50 -11.14 -14.03
C SER B 735 13.46 -11.89 -13.23
N VAL B 736 12.61 -11.16 -12.52
CA VAL B 736 11.57 -11.75 -11.71
C VAL B 736 10.24 -11.21 -12.18
N ASP B 737 9.25 -12.07 -12.28
CA ASP B 737 7.93 -11.59 -12.67
C ASP B 737 7.32 -10.79 -11.55
N CYS B 738 6.24 -10.07 -11.85
CA CYS B 738 5.49 -9.47 -10.77
C CYS B 738 5.03 -10.57 -9.82
N THR B 739 4.05 -11.32 -10.27
CA THR B 739 3.19 -12.06 -9.36
C THR B 739 3.89 -13.28 -8.83
N MET B 740 4.39 -14.12 -9.73
CA MET B 740 4.99 -15.38 -9.33
C MET B 740 6.05 -15.22 -8.27
N TYR B 741 6.50 -13.99 -8.00
CA TYR B 741 7.21 -13.78 -6.76
C TYR B 741 6.25 -13.55 -5.62
N ILE B 742 5.45 -12.49 -5.69
CA ILE B 742 4.52 -12.19 -4.60
C ILE B 742 3.52 -13.32 -4.42
N CYS B 743 2.92 -13.80 -5.50
CA CYS B 743 1.89 -14.82 -5.43
C CYS B 743 2.33 -16.02 -6.23
N GLY B 744 2.42 -17.17 -5.57
CA GLY B 744 2.81 -18.39 -6.25
C GLY B 744 1.66 -19.00 -7.01
N ASP B 745 1.03 -18.21 -7.88
CA ASP B 745 -0.11 -18.65 -8.68
C ASP B 745 -1.27 -19.05 -7.78
N SER B 746 -1.68 -18.11 -6.93
CA SER B 746 -2.87 -18.24 -6.10
C SER B 746 -3.75 -17.04 -6.43
N THR B 747 -4.78 -17.27 -7.25
CA THR B 747 -5.57 -16.17 -7.77
C THR B 747 -6.05 -15.26 -6.66
N GLU B 748 -6.40 -15.83 -5.51
CA GLU B 748 -6.75 -15.02 -4.36
C GLU B 748 -5.68 -13.99 -4.07
N CYS B 749 -4.43 -14.45 -4.00
CA CYS B 749 -3.34 -13.51 -3.81
C CYS B 749 -3.27 -12.52 -4.95
N SER B 750 -3.41 -13.01 -6.18
CA SER B 750 -3.38 -12.12 -7.33
C SER B 750 -4.50 -11.10 -7.25
N ASN B 751 -5.72 -11.57 -6.98
CA ASN B 751 -6.86 -10.66 -6.97
C ASN B 751 -6.65 -9.53 -5.97
N LEU B 752 -6.07 -9.84 -4.81
CA LEU B 752 -5.73 -8.78 -3.88
C LEU B 752 -4.64 -7.88 -4.45
N LEU B 753 -3.66 -8.48 -5.13
CA LEU B 753 -2.51 -7.71 -5.58
C LEU B 753 -2.91 -6.61 -6.56
N LEU B 754 -3.77 -6.93 -7.52
CA LEU B 754 -4.11 -5.97 -8.56
C LEU B 754 -4.54 -4.64 -7.99
N GLN B 755 -4.89 -4.59 -6.71
CA GLN B 755 -5.33 -3.34 -6.13
C GLN B 755 -4.19 -2.40 -5.82
N TYR B 756 -2.96 -2.88 -5.77
CA TYR B 756 -1.84 -1.98 -5.62
C TYR B 756 -1.44 -1.32 -6.91
N GLY B 757 -2.31 -1.33 -7.89
CA GLY B 757 -2.04 -0.57 -9.08
C GLY B 757 -0.98 -1.25 -9.91
N SER B 758 0.01 -0.49 -10.34
CA SER B 758 0.89 -0.91 -11.41
C SER B 758 2.34 -1.01 -10.99
N PHE B 759 2.63 -1.14 -9.70
CA PHE B 759 4.03 -1.25 -9.28
C PHE B 759 4.77 -2.28 -10.09
N CYS B 760 4.25 -3.51 -10.14
CA CYS B 760 5.14 -4.58 -10.54
C CYS B 760 5.59 -4.36 -11.96
N THR B 761 4.66 -3.92 -12.82
CA THR B 761 5.04 -3.52 -14.17
C THR B 761 6.18 -2.53 -14.12
N GLN B 762 6.00 -1.47 -13.33
CA GLN B 762 7.11 -0.56 -13.09
C GLN B 762 8.30 -1.32 -12.54
N LEU B 763 8.09 -2.14 -11.51
CA LEU B 763 9.17 -2.99 -11.04
C LEU B 763 9.72 -3.84 -12.17
N ASN B 764 8.84 -4.58 -12.83
CA ASN B 764 9.32 -5.51 -13.84
C ASN B 764 10.03 -4.78 -14.96
N ARG B 765 9.50 -3.64 -15.37
CA ARG B 765 10.15 -2.88 -16.44
C ARG B 765 11.56 -2.49 -16.03
N ALA B 766 11.75 -2.11 -14.77
CA ALA B 766 13.07 -1.70 -14.31
C ALA B 766 14.09 -2.81 -14.56
N LEU B 767 13.78 -4.02 -14.12
CA LEU B 767 14.70 -5.13 -14.39
C LEU B 767 14.87 -5.33 -15.87
N THR B 768 13.78 -5.19 -16.63
CA THR B 768 13.89 -5.36 -18.07
C THR B 768 14.96 -4.43 -18.62
N GLY B 769 14.90 -3.15 -18.28
CA GLY B 769 15.93 -2.23 -18.70
C GLY B 769 17.30 -2.66 -18.20
N ILE B 770 17.37 -3.08 -16.94
CA ILE B 770 18.62 -3.62 -16.43
C ILE B 770 19.09 -4.75 -17.31
N ALA B 771 18.19 -5.64 -17.68
CA ALA B 771 18.56 -6.71 -18.59
C ALA B 771 19.11 -6.13 -19.89
N VAL B 772 18.35 -5.24 -20.52
CA VAL B 772 18.79 -4.71 -21.80
C VAL B 772 20.09 -3.96 -21.65
N GLU B 773 20.20 -3.14 -20.60
CA GLU B 773 21.42 -2.37 -20.41
C GLU B 773 22.64 -3.29 -20.36
N GLN B 774 22.50 -4.46 -19.75
CA GLN B 774 23.60 -5.39 -19.68
C GLN B 774 24.13 -5.71 -21.07
N ASP B 775 23.32 -6.38 -21.88
CA ASP B 775 23.81 -6.74 -23.21
C ASP B 775 24.20 -5.51 -23.99
N LYS B 776 23.61 -4.36 -23.66
CA LYS B 776 24.12 -3.14 -24.27
C LYS B 776 25.54 -2.86 -23.80
N ASN B 777 25.83 -3.10 -22.52
CA ASN B 777 27.17 -2.83 -22.02
C ASN B 777 28.21 -3.54 -22.87
N THR B 778 28.04 -4.84 -23.04
CA THR B 778 29.08 -5.63 -23.66
C THR B 778 29.33 -5.18 -25.08
N GLN B 779 28.27 -4.91 -25.83
CA GLN B 779 28.46 -4.40 -27.18
C GLN B 779 29.19 -3.07 -27.15
N GLU B 780 28.83 -2.20 -26.21
CA GLU B 780 29.51 -0.92 -26.11
C GLU B 780 30.98 -1.07 -25.77
N VAL B 781 31.38 -2.20 -25.22
CA VAL B 781 32.77 -2.38 -24.84
C VAL B 781 33.51 -3.34 -25.75
N PHE B 782 32.82 -4.09 -26.61
CA PHE B 782 33.53 -5.07 -27.41
C PHE B 782 33.28 -4.89 -28.89
N ALA B 783 32.07 -4.50 -29.26
CA ALA B 783 31.82 -4.38 -30.68
C ALA B 783 32.39 -3.06 -31.18
N GLN B 784 33.63 -2.79 -30.83
CA GLN B 784 34.28 -1.60 -31.32
C GLN B 784 34.87 -1.81 -32.70
N VAL B 785 34.84 -3.04 -33.19
CA VAL B 785 35.39 -3.38 -34.49
C VAL B 785 34.25 -3.86 -35.36
N LYS B 786 34.10 -3.23 -36.51
CA LYS B 786 33.06 -3.65 -37.43
C LYS B 786 33.42 -4.97 -38.09
N GLN B 787 34.68 -5.15 -38.47
CA GLN B 787 35.07 -6.28 -39.28
C GLN B 787 36.12 -7.11 -38.57
N ILE B 788 35.92 -8.41 -38.52
CA ILE B 788 36.73 -9.31 -37.72
C ILE B 788 38.09 -9.51 -38.39
N TYR B 789 39.07 -9.90 -37.60
CA TYR B 789 40.40 -10.18 -38.08
C TYR B 789 40.84 -11.56 -37.64
N LYS B 790 41.91 -12.04 -38.28
CA LYS B 790 42.55 -13.29 -37.87
C LYS B 790 44.05 -13.10 -37.87
N THR B 791 44.70 -13.77 -36.98
CA THR B 791 46.14 -13.72 -37.02
C THR B 791 46.65 -14.68 -38.08
N PRO B 792 47.82 -14.40 -38.66
CA PRO B 792 48.35 -15.25 -39.72
C PRO B 792 48.73 -16.62 -39.20
N PRO B 793 49.03 -17.57 -40.09
CA PRO B 793 49.43 -18.91 -39.62
C PRO B 793 50.77 -18.89 -38.93
N ILE B 794 51.78 -18.34 -39.59
CA ILE B 794 53.14 -18.31 -39.05
C ILE B 794 53.28 -17.07 -38.17
N LYS B 795 53.61 -17.28 -36.91
CA LYS B 795 53.61 -16.20 -35.92
C LYS B 795 55.02 -15.67 -35.67
N ASP B 796 55.61 -15.06 -36.70
CA ASP B 796 56.96 -14.48 -36.60
C ASP B 796 56.84 -13.00 -36.28
N PHE B 797 57.04 -12.66 -35.01
CA PHE B 797 56.76 -11.32 -34.53
C PHE B 797 58.03 -10.66 -34.02
N GLY B 798 59.10 -10.77 -34.78
CA GLY B 798 60.35 -10.15 -34.37
C GLY B 798 60.88 -10.70 -33.07
N GLY B 799 60.19 -11.66 -32.46
CA GLY B 799 60.66 -12.23 -31.22
C GLY B 799 59.74 -12.01 -30.05
N PHE B 800 58.44 -11.99 -30.28
CA PHE B 800 57.47 -11.76 -29.23
C PHE B 800 56.53 -12.95 -29.15
N ASN B 801 56.46 -13.60 -27.99
CA ASN B 801 55.69 -14.84 -27.86
C ASN B 801 54.34 -14.52 -27.24
N PHE B 802 53.42 -14.04 -28.08
CA PHE B 802 52.05 -13.86 -27.64
C PHE B 802 51.28 -15.15 -27.57
N SER B 803 51.94 -16.29 -27.67
CA SER B 803 51.20 -17.53 -27.65
C SER B 803 50.41 -17.70 -26.38
N GLN B 804 50.78 -16.99 -25.31
CA GLN B 804 49.99 -17.06 -24.10
C GLN B 804 48.63 -16.40 -24.25
N ILE B 805 48.52 -15.41 -25.13
CA ILE B 805 47.29 -14.62 -25.21
C ILE B 805 46.47 -14.90 -26.46
N LEU B 806 47.08 -15.32 -27.56
CA LEU B 806 46.27 -15.67 -28.71
C LEU B 806 45.47 -16.93 -28.42
N PRO B 807 44.33 -17.10 -29.06
CA PRO B 807 43.53 -18.30 -28.81
C PRO B 807 44.29 -19.55 -29.21
N ASP B 808 44.04 -20.63 -28.50
CA ASP B 808 44.71 -21.86 -28.88
C ASP B 808 43.73 -22.81 -29.56
N PRO B 809 44.12 -23.40 -30.68
CA PRO B 809 43.26 -24.41 -31.29
C PRO B 809 43.03 -25.62 -30.40
N SER B 810 44.01 -25.96 -29.55
CA SER B 810 43.94 -27.21 -28.80
C SER B 810 42.73 -27.25 -27.88
N LYS B 811 42.45 -26.15 -27.20
CA LYS B 811 41.24 -26.11 -26.40
C LYS B 811 40.02 -26.19 -27.33
N PRO B 812 39.01 -27.01 -26.97
CA PRO B 812 37.78 -27.05 -27.78
C PRO B 812 36.95 -25.79 -27.69
N SER B 813 37.27 -24.86 -26.79
CA SER B 813 36.56 -23.60 -26.73
C SER B 813 37.24 -22.49 -27.52
N LYS B 814 38.29 -22.82 -28.27
CA LYS B 814 39.02 -21.85 -29.09
C LYS B 814 39.48 -20.66 -28.27
N ARG B 815 39.74 -20.87 -26.99
CA ARG B 815 40.10 -19.79 -26.09
C ARG B 815 41.62 -19.68 -26.00
N SER B 816 42.06 -18.76 -25.16
CA SER B 816 43.48 -18.54 -25.04
C SER B 816 43.98 -18.94 -23.65
N PRO B 817 45.26 -19.30 -23.51
CA PRO B 817 45.72 -19.84 -22.23
C PRO B 817 45.46 -18.93 -21.05
N ILE B 818 45.69 -17.63 -21.19
CA ILE B 818 45.50 -16.73 -20.07
C ILE B 818 44.08 -16.84 -19.57
N GLU B 819 43.13 -16.42 -20.40
CA GLU B 819 41.72 -16.47 -20.04
C GLU B 819 41.30 -17.87 -19.63
N ASP B 820 41.94 -18.89 -20.19
CA ASP B 820 41.65 -20.26 -19.76
C ASP B 820 41.86 -20.40 -18.27
N LEU B 821 42.93 -19.79 -17.76
CA LEU B 821 43.10 -19.72 -16.32
C LEU B 821 41.93 -18.99 -15.67
N LEU B 822 41.52 -17.87 -16.26
CA LEU B 822 40.49 -17.05 -15.64
C LEU B 822 39.21 -17.83 -15.43
N PHE B 823 38.74 -18.55 -16.44
CA PHE B 823 37.60 -19.40 -16.21
C PHE B 823 37.88 -20.41 -15.11
N ASN B 824 39.07 -21.00 -15.14
CA ASN B 824 39.42 -21.93 -14.08
C ASN B 824 39.41 -21.25 -12.73
N LYS B 825 39.96 -20.03 -12.66
CA LYS B 825 40.00 -19.35 -11.37
C LYS B 825 38.64 -18.85 -10.92
N VAL B 826 37.64 -18.82 -11.81
CA VAL B 826 36.30 -18.48 -11.38
C VAL B 826 35.36 -19.61 -11.79
N ASN B 856 11.89 -20.99 -9.13
CA ASN B 856 11.28 -20.79 -7.83
C ASN B 856 10.61 -19.45 -7.72
N GLY B 857 10.20 -18.92 -8.87
CA GLY B 857 9.59 -17.60 -8.95
C GLY B 857 10.36 -16.60 -9.79
N LEU B 858 11.61 -16.87 -10.13
CA LEU B 858 12.47 -15.94 -10.85
C LEU B 858 12.89 -16.52 -12.18
N THR B 859 13.71 -15.77 -12.90
CA THR B 859 14.26 -16.20 -14.17
C THR B 859 15.66 -15.63 -14.33
N VAL B 860 16.42 -16.19 -15.27
CA VAL B 860 17.77 -15.73 -15.56
C VAL B 860 17.95 -15.69 -17.07
N LEU B 861 18.05 -14.59 -17.56
CA LEU B 861 18.24 -14.57 -18.99
C LEU B 861 19.69 -14.86 -19.33
N PRO B 862 19.94 -15.52 -20.46
CA PRO B 862 21.30 -15.66 -20.95
C PRO B 862 21.78 -14.34 -21.55
N PRO B 863 23.08 -14.15 -21.66
CA PRO B 863 23.58 -12.96 -22.33
C PRO B 863 23.24 -13.01 -23.80
N LEU B 864 23.11 -11.83 -24.42
CA LEU B 864 22.89 -11.80 -25.85
C LEU B 864 24.05 -12.42 -26.59
N LEU B 865 25.26 -12.10 -26.17
CA LEU B 865 26.46 -12.54 -26.84
C LEU B 865 26.95 -13.84 -26.20
N THR B 866 27.35 -14.79 -27.03
CA THR B 866 27.89 -16.02 -26.50
C THR B 866 29.33 -15.80 -26.11
N ASP B 867 29.76 -16.44 -25.02
CA ASP B 867 31.06 -16.12 -24.46
C ASP B 867 32.17 -16.33 -25.47
N GLU B 868 32.02 -17.33 -26.34
CA GLU B 868 33.05 -17.55 -27.35
C GLU B 868 33.16 -16.36 -28.29
N MET B 869 32.02 -15.80 -28.70
CA MET B 869 32.11 -14.56 -29.47
C MET B 869 32.76 -13.48 -28.63
N ILE B 870 32.42 -13.43 -27.34
CA ILE B 870 33.09 -12.48 -26.46
C ILE B 870 34.57 -12.67 -26.58
N ALA B 871 35.03 -13.91 -26.52
CA ALA B 871 36.43 -14.18 -26.81
C ALA B 871 36.76 -13.77 -28.24
N GLN B 872 35.84 -14.04 -29.17
CA GLN B 872 36.20 -13.89 -30.58
C GLN B 872 36.43 -12.43 -30.95
N TYR B 873 35.66 -11.50 -30.40
CA TYR B 873 36.05 -10.10 -30.54
C TYR B 873 37.42 -9.86 -29.97
N THR B 874 37.66 -10.31 -28.74
CA THR B 874 38.99 -10.18 -28.19
C THR B 874 40.00 -10.80 -29.14
N SER B 875 39.65 -11.94 -29.72
CA SER B 875 40.54 -12.56 -30.70
C SER B 875 40.93 -11.56 -31.77
N ALA B 876 39.95 -11.06 -32.52
CA ALA B 876 40.26 -10.09 -33.55
C ALA B 876 40.88 -8.85 -32.94
N LEU B 877 40.33 -8.39 -31.81
CA LEU B 877 40.85 -7.19 -31.17
C LEU B 877 42.35 -7.27 -31.00
N LEU B 878 42.85 -8.43 -30.62
CA LEU B 878 44.29 -8.60 -30.52
C LEU B 878 44.93 -8.43 -31.89
N ALA B 879 44.42 -9.15 -32.88
CA ALA B 879 45.08 -9.17 -34.18
C ALA B 879 45.27 -7.76 -34.71
N GLY B 880 44.19 -7.00 -34.76
CA GLY B 880 44.31 -5.63 -35.19
C GLY B 880 45.28 -4.85 -34.34
N THR B 881 45.20 -5.03 -33.03
CA THR B 881 46.23 -4.48 -32.17
C THR B 881 47.58 -5.10 -32.52
N ILE B 882 47.61 -6.40 -32.75
CA ILE B 882 48.88 -7.05 -33.04
C ILE B 882 49.35 -6.70 -34.44
N THR B 883 48.58 -7.08 -35.45
CA THR B 883 49.08 -7.01 -36.81
C THR B 883 48.56 -5.83 -37.60
N SER B 884 48.01 -4.83 -36.94
CA SER B 884 47.70 -3.61 -37.66
C SER B 884 48.15 -2.34 -36.96
N GLY B 885 48.32 -2.37 -35.66
CA GLY B 885 48.52 -1.13 -34.94
C GLY B 885 47.22 -0.39 -34.81
N TRP B 886 47.32 0.84 -34.31
CA TRP B 886 46.13 1.58 -33.97
C TRP B 886 45.23 1.83 -35.17
N THR B 887 45.76 1.70 -36.38
CA THR B 887 45.03 2.16 -37.54
C THR B 887 43.63 1.58 -37.62
N PHE B 888 43.47 0.30 -37.32
CA PHE B 888 42.16 -0.30 -37.51
C PHE B 888 41.10 0.37 -36.66
N GLY B 889 41.51 0.90 -35.52
CA GLY B 889 40.54 1.57 -34.67
C GLY B 889 39.89 2.76 -35.34
N ALA B 890 40.51 3.30 -36.39
CA ALA B 890 40.01 4.49 -37.03
C ALA B 890 39.43 4.26 -38.41
N GLY B 891 39.64 3.09 -39.01
CA GLY B 891 39.13 2.83 -40.32
C GLY B 891 39.70 1.57 -40.94
N PRO B 892 40.00 1.62 -42.24
CA PRO B 892 40.55 0.45 -42.92
C PRO B 892 41.88 0.06 -42.29
N ALA B 893 41.91 -1.16 -41.76
CA ALA B 893 43.10 -1.63 -41.06
C ALA B 893 44.28 -1.70 -42.01
N LEU B 894 45.44 -1.39 -41.48
CA LEU B 894 46.69 -1.42 -42.22
C LEU B 894 47.66 -2.30 -41.47
N GLN B 895 48.39 -3.14 -42.19
CA GLN B 895 49.29 -4.10 -41.57
C GLN B 895 50.69 -3.52 -41.53
N ILE B 896 51.25 -3.43 -40.32
CA ILE B 896 52.59 -2.93 -40.11
C ILE B 896 53.37 -3.94 -39.27
N PRO B 897 54.53 -4.37 -39.72
CA PRO B 897 55.31 -5.35 -38.97
C PRO B 897 55.55 -4.90 -37.54
N PHE B 898 55.22 -5.79 -36.61
CA PHE B 898 55.08 -5.43 -35.21
C PHE B 898 56.26 -4.68 -34.61
N PRO B 899 57.52 -5.05 -34.86
CA PRO B 899 58.60 -4.30 -34.24
C PRO B 899 58.48 -2.81 -34.47
N MET B 900 58.13 -2.39 -35.68
CA MET B 900 57.97 -0.97 -35.90
C MET B 900 56.86 -0.41 -35.03
N GLN B 901 55.78 -1.17 -34.86
CA GLN B 901 54.67 -0.63 -34.07
C GLN B 901 55.13 -0.25 -32.69
N MET B 902 56.02 -1.03 -32.11
CA MET B 902 56.66 -0.57 -30.88
C MET B 902 57.35 0.75 -31.10
N ALA B 903 58.15 0.85 -32.15
CA ALA B 903 58.97 2.04 -32.36
C ALA B 903 58.11 3.29 -32.31
N TYR B 904 56.97 3.24 -32.99
CA TYR B 904 56.07 4.38 -32.95
C TYR B 904 55.63 4.67 -31.54
N ARG B 905 55.21 3.64 -30.81
CA ARG B 905 54.81 3.88 -29.43
C ARG B 905 55.97 4.42 -28.62
N PHE B 906 57.17 3.91 -28.87
CA PHE B 906 58.34 4.53 -28.25
C PHE B 906 58.46 5.98 -28.71
N ASN B 907 58.28 6.22 -30.00
CA ASN B 907 58.24 7.58 -30.49
C ASN B 907 57.16 8.36 -29.79
N GLY B 908 56.13 7.68 -29.33
CA GLY B 908 55.09 8.36 -28.61
C GLY B 908 55.41 8.67 -27.18
N ILE B 909 56.57 8.26 -26.69
CA ILE B 909 56.89 8.51 -25.30
C ILE B 909 58.17 9.33 -25.22
N GLY B 910 58.40 10.17 -26.21
CA GLY B 910 59.64 10.90 -26.21
C GLY B 910 60.84 9.98 -26.13
N VAL B 911 60.79 8.88 -26.86
CA VAL B 911 61.85 7.90 -26.86
C VAL B 911 62.18 7.60 -28.31
N THR B 912 63.32 8.08 -28.77
CA THR B 912 63.65 8.00 -30.18
C THR B 912 63.70 6.57 -30.65
N GLN B 913 63.25 6.35 -31.89
CA GLN B 913 63.20 5.02 -32.46
C GLN B 913 64.48 4.24 -32.33
N ASN B 914 65.61 4.92 -32.15
CA ASN B 914 66.87 4.21 -32.14
C ASN B 914 66.91 3.17 -31.03
N VAL B 915 66.31 3.47 -29.88
CA VAL B 915 66.51 2.62 -28.72
C VAL B 915 65.97 1.22 -28.99
N LEU B 916 64.83 1.13 -29.65
CA LEU B 916 64.14 -0.14 -29.78
C LEU B 916 65.01 -1.14 -30.52
N TYR B 917 65.25 -0.89 -31.80
CA TYR B 917 66.05 -1.82 -32.59
C TYR B 917 67.42 -2.02 -31.99
N GLU B 918 67.97 -0.99 -31.36
CA GLU B 918 69.23 -1.16 -30.66
C GLU B 918 69.14 -2.28 -29.65
N ASN B 919 68.03 -2.39 -28.96
CA ASN B 919 67.91 -3.36 -27.88
C ASN B 919 66.82 -4.39 -28.16
N GLN B 920 66.62 -4.74 -29.43
CA GLN B 920 65.45 -5.52 -29.79
C GLN B 920 65.34 -6.79 -28.98
N LYS B 921 66.40 -7.60 -28.97
CA LYS B 921 66.35 -8.89 -28.30
C LYS B 921 66.05 -8.71 -26.82
N LEU B 922 66.85 -7.88 -26.13
CA LEU B 922 66.59 -7.63 -24.72
C LEU B 922 65.21 -7.05 -24.53
N ILE B 923 64.82 -6.13 -25.40
CA ILE B 923 63.46 -5.61 -25.36
C ILE B 923 62.49 -6.76 -25.55
N ALA B 924 62.75 -7.61 -26.53
CA ALA B 924 61.89 -8.76 -26.74
C ALA B 924 61.83 -9.64 -25.49
N ASN B 925 62.98 -10.19 -25.11
CA ASN B 925 62.98 -11.21 -24.07
C ASN B 925 62.33 -10.71 -22.79
N GLN B 926 62.50 -9.43 -22.47
CA GLN B 926 61.81 -8.88 -21.32
C GLN B 926 60.32 -9.03 -21.46
N PHE B 927 59.78 -8.65 -22.62
CA PHE B 927 58.35 -8.72 -22.78
C PHE B 927 57.86 -10.16 -22.66
N ASN B 928 58.49 -11.07 -23.38
CA ASN B 928 58.12 -12.47 -23.27
C ASN B 928 58.27 -12.96 -21.85
N SER B 929 59.38 -12.60 -21.20
CA SER B 929 59.58 -12.95 -19.81
C SER B 929 58.50 -12.35 -18.94
N ALA B 930 58.14 -11.10 -19.20
CA ALA B 930 57.07 -10.48 -18.43
C ALA B 930 55.81 -11.28 -18.53
N ILE B 931 55.42 -11.67 -19.75
CA ILE B 931 54.15 -12.34 -19.98
C ILE B 931 53.93 -13.46 -18.97
N GLY B 932 54.89 -14.36 -18.87
CA GLY B 932 54.70 -15.52 -18.01
C GLY B 932 54.40 -15.13 -16.58
N LYS B 933 55.06 -14.09 -16.08
CA LYS B 933 54.87 -13.68 -14.70
C LYS B 933 53.41 -13.33 -14.42
N ILE B 934 52.67 -12.92 -15.44
CA ILE B 934 51.24 -12.72 -15.24
C ILE B 934 50.56 -14.05 -14.97
N GLN B 935 50.88 -15.06 -15.77
CA GLN B 935 50.11 -16.30 -15.75
C GLN B 935 50.04 -16.89 -14.35
N ASP B 936 51.20 -17.06 -13.73
CA ASP B 936 51.23 -17.56 -12.36
C ASP B 936 50.77 -16.50 -11.37
N SER B 937 51.01 -15.23 -11.66
CA SER B 937 50.58 -14.18 -10.74
C SER B 937 49.08 -14.26 -10.51
N LEU B 938 48.33 -14.44 -11.58
CA LEU B 938 46.92 -14.74 -11.41
C LEU B 938 46.75 -16.06 -10.67
N SER B 939 47.55 -17.06 -11.03
CA SER B 939 47.47 -18.35 -10.36
C SER B 939 47.83 -18.21 -8.89
N SER B 940 48.82 -17.37 -8.58
CA SER B 940 49.30 -17.26 -7.21
C SER B 940 48.28 -16.58 -6.32
N THR B 941 47.96 -15.33 -6.63
CA THR B 941 47.14 -14.54 -5.73
C THR B 941 45.73 -15.11 -5.68
N PRO B 942 45.26 -15.55 -4.51
CA PRO B 942 43.87 -16.00 -4.41
C PRO B 942 42.88 -14.87 -4.44
N SER B 943 43.33 -13.64 -4.16
CA SER B 943 42.48 -12.46 -4.18
C SER B 943 42.72 -11.60 -5.42
N ALA B 944 43.31 -12.18 -6.46
CA ALA B 944 43.57 -11.42 -7.68
C ALA B 944 42.28 -10.89 -8.29
N LEU B 945 41.42 -11.80 -8.72
CA LEU B 945 40.22 -11.41 -9.46
C LEU B 945 39.08 -11.03 -8.55
N GLY B 946 39.38 -10.64 -7.32
CA GLY B 946 38.31 -10.37 -6.38
C GLY B 946 37.28 -9.40 -6.92
N LYS B 947 37.74 -8.44 -7.71
CA LYS B 947 36.83 -7.43 -8.24
C LYS B 947 35.67 -8.08 -8.96
N LEU B 948 35.96 -8.95 -9.92
CA LEU B 948 34.91 -9.77 -10.50
C LEU B 948 34.34 -10.72 -9.48
N GLN B 949 35.22 -11.38 -8.73
CA GLN B 949 34.77 -12.42 -7.83
C GLN B 949 33.76 -11.87 -6.84
N ASP B 950 33.92 -10.61 -6.44
CA ASP B 950 32.95 -9.98 -5.56
C ASP B 950 31.60 -9.83 -6.26
N VAL B 951 31.61 -9.37 -7.51
CA VAL B 951 30.36 -9.00 -8.17
C VAL B 951 29.39 -10.16 -8.16
N VAL B 952 29.78 -11.27 -8.78
CA VAL B 952 28.92 -12.45 -8.77
C VAL B 952 28.60 -12.84 -7.34
N ASN B 953 29.59 -12.82 -6.47
CA ASN B 953 29.33 -13.11 -5.07
C ASN B 953 28.33 -12.13 -4.48
N GLN B 954 28.39 -10.87 -4.88
CA GLN B 954 27.39 -9.93 -4.38
C GLN B 954 26.00 -10.27 -4.91
N ASN B 955 25.87 -10.45 -6.21
CA ASN B 955 24.55 -10.69 -6.77
C ASN B 955 23.93 -11.94 -6.18
N ALA B 956 24.70 -13.02 -6.07
CA ALA B 956 24.18 -14.20 -5.41
C ALA B 956 23.68 -13.84 -4.02
N GLN B 957 24.45 -13.04 -3.28
CA GLN B 957 23.97 -12.61 -1.99
C GLN B 957 22.69 -11.81 -2.11
N ALA B 958 22.52 -11.12 -3.23
CA ALA B 958 21.27 -10.38 -3.43
C ALA B 958 20.11 -11.33 -3.63
N LEU B 959 20.18 -12.17 -4.67
CA LEU B 959 19.06 -13.06 -4.96
C LEU B 959 18.77 -13.97 -3.78
N ASN B 960 19.80 -14.63 -3.25
CA ASN B 960 19.58 -15.49 -2.09
C ASN B 960 19.00 -14.69 -0.95
N THR B 961 19.37 -13.42 -0.81
CA THR B 961 18.65 -12.57 0.10
C THR B 961 17.19 -12.46 -0.33
N LEU B 962 16.97 -12.26 -1.62
CA LEU B 962 15.61 -12.04 -2.09
C LEU B 962 14.73 -13.24 -1.79
N VAL B 963 15.23 -14.44 -2.09
CA VAL B 963 14.45 -15.62 -1.79
C VAL B 963 14.33 -15.83 -0.29
N LYS B 964 15.43 -15.64 0.43
CA LYS B 964 15.38 -15.87 1.87
C LYS B 964 14.31 -15.02 2.52
N GLN B 965 14.16 -13.77 2.07
CA GLN B 965 13.05 -12.97 2.56
C GLN B 965 11.72 -13.65 2.36
N LEU B 966 11.60 -14.48 1.33
CA LEU B 966 10.31 -15.07 1.04
C LEU B 966 9.78 -15.92 2.20
N SER B 967 10.58 -16.13 3.23
CA SER B 967 10.16 -16.99 4.33
C SER B 967 10.06 -16.24 5.65
N SER B 968 9.43 -15.08 5.65
CA SER B 968 9.17 -14.38 6.89
C SER B 968 7.71 -13.97 6.94
N ASN B 969 7.28 -13.47 8.11
CA ASN B 969 5.86 -13.38 8.40
C ASN B 969 5.30 -11.96 8.42
N PHE B 970 6.13 -10.94 8.58
CA PHE B 970 5.75 -9.57 8.27
C PHE B 970 4.46 -9.15 8.94
N GLY B 971 4.35 -9.41 10.23
CA GLY B 971 3.11 -9.04 10.87
C GLY B 971 1.92 -9.83 10.38
N ALA B 972 2.14 -11.04 9.89
CA ALA B 972 1.07 -11.95 9.51
C ALA B 972 1.34 -13.32 10.11
N ILE B 973 0.32 -14.18 10.04
CA ILE B 973 0.36 -15.42 10.79
C ILE B 973 1.48 -16.34 10.31
N SER B 974 1.63 -16.52 9.00
CA SER B 974 2.70 -17.39 8.53
C SER B 974 3.05 -17.06 7.09
N SER B 975 4.13 -17.68 6.61
CA SER B 975 4.78 -17.30 5.37
C SER B 975 4.50 -18.27 4.23
N VAL B 976 3.55 -19.17 4.37
CA VAL B 976 3.14 -20.02 3.26
C VAL B 976 1.68 -19.70 2.99
N LEU B 977 1.43 -18.87 1.98
CA LEU B 977 0.10 -18.29 1.81
C LEU B 977 -0.96 -19.35 1.58
N ASN B 978 -0.59 -20.49 1.00
CA ASN B 978 -1.58 -21.54 0.78
C ASN B 978 -2.18 -22.00 2.11
N ASP B 979 -1.32 -22.31 3.09
CA ASP B 979 -1.82 -22.57 4.42
C ASP B 979 -2.56 -21.37 4.96
N ILE B 980 -2.04 -20.18 4.68
CA ILE B 980 -2.76 -18.98 5.07
C ILE B 980 -4.10 -18.94 4.36
N LEU B 981 -4.11 -19.29 3.07
CA LEU B 981 -5.37 -19.40 2.35
C LEU B 981 -6.26 -20.45 3.01
N SER B 982 -5.69 -21.58 3.39
CA SER B 982 -6.48 -22.62 4.04
C SER B 982 -6.87 -22.22 5.45
N ARG B 983 -5.87 -22.02 6.31
CA ARG B 983 -6.14 -21.87 7.74
C ARG B 983 -6.96 -20.63 8.04
N LEU B 984 -7.07 -19.70 7.11
CA LEU B 984 -7.80 -18.45 7.35
C LEU B 984 -8.88 -18.27 6.29
N ASP B 985 -10.03 -17.76 6.73
CA ASP B 985 -11.07 -17.36 5.80
C ASP B 985 -10.60 -16.16 4.99
N PRO B 986 -10.98 -16.09 3.71
CA PRO B 986 -10.42 -15.06 2.81
C PRO B 986 -10.51 -13.66 3.40
N PRO B 987 -11.72 -13.16 3.75
CA PRO B 987 -11.79 -11.74 4.12
C PRO B 987 -10.89 -11.36 5.26
N GLU B 988 -10.80 -12.22 6.27
CA GLU B 988 -9.84 -11.98 7.35
C GLU B 988 -8.43 -12.26 6.88
N ALA B 989 -8.25 -13.30 6.07
CA ALA B 989 -6.93 -13.59 5.55
C ALA B 989 -6.40 -12.45 4.72
N GLU B 990 -7.28 -11.72 4.02
CA GLU B 990 -6.81 -10.61 3.19
C GLU B 990 -6.00 -9.62 4.02
N VAL B 991 -6.53 -9.23 5.18
CA VAL B 991 -5.77 -8.37 6.07
C VAL B 991 -4.45 -9.04 6.44
N GLN B 992 -4.50 -10.31 6.79
CA GLN B 992 -3.26 -11.07 6.93
C GLN B 992 -2.45 -11.03 5.65
N ILE B 993 -3.10 -11.33 4.53
CA ILE B 993 -2.40 -11.32 3.25
C ILE B 993 -1.84 -9.94 2.98
N ASP B 994 -2.65 -8.91 3.22
CA ASP B 994 -2.22 -7.54 2.96
C ASP B 994 -0.87 -7.26 3.60
N ARG B 995 -0.75 -7.55 4.90
CA ARG B 995 0.53 -7.39 5.55
C ARG B 995 1.59 -8.20 4.82
N LEU B 996 1.28 -9.45 4.51
CA LEU B 996 2.24 -10.29 3.82
C LEU B 996 2.57 -9.71 2.46
N ILE B 997 1.57 -9.20 1.75
CA ILE B 997 1.87 -8.60 0.45
C ILE B 997 2.80 -7.42 0.63
N THR B 998 2.53 -6.58 1.62
CA THR B 998 3.31 -5.38 1.81
C THR B 998 4.79 -5.71 1.93
N GLY B 999 5.16 -6.45 2.96
CA GLY B 999 6.55 -6.76 3.18
C GLY B 999 7.16 -7.47 2.00
N ARG B 1000 6.50 -8.52 1.51
CA ARG B 1000 6.99 -9.20 0.33
C ARG B 1000 7.24 -8.20 -0.79
N LEU B 1001 6.26 -7.32 -1.03
CA LEU B 1001 6.40 -6.37 -2.12
C LEU B 1001 7.62 -5.50 -1.93
N GLN B 1002 7.60 -4.65 -0.91
CA GLN B 1002 8.68 -3.68 -0.82
C GLN B 1002 10.00 -4.36 -0.51
N SER B 1003 9.98 -5.58 0.01
CA SER B 1003 11.22 -6.34 0.04
C SER B 1003 11.76 -6.50 -1.37
N LEU B 1004 10.90 -6.88 -2.30
CA LEU B 1004 11.32 -6.89 -3.69
C LEU B 1004 11.74 -5.50 -4.13
N GLN B 1005 10.98 -4.49 -3.73
CA GLN B 1005 11.32 -3.11 -4.06
C GLN B 1005 12.77 -2.82 -3.69
N THR B 1006 13.13 -3.15 -2.46
CA THR B 1006 14.52 -2.98 -2.04
C THR B 1006 15.45 -3.67 -3.01
N TYR B 1007 15.16 -4.92 -3.35
CA TYR B 1007 16.04 -5.64 -4.25
C TYR B 1007 16.26 -4.86 -5.53
N VAL B 1008 15.19 -4.32 -6.10
CA VAL B 1008 15.31 -3.65 -7.38
C VAL B 1008 16.17 -2.39 -7.25
N THR B 1009 15.83 -1.54 -6.29
CA THR B 1009 16.64 -0.36 -6.07
C THR B 1009 18.08 -0.74 -5.80
N GLN B 1010 18.29 -1.79 -5.02
CA GLN B 1010 19.63 -2.32 -4.85
C GLN B 1010 20.25 -2.64 -6.20
N GLN B 1011 19.48 -3.26 -7.08
CA GLN B 1011 20.04 -3.67 -8.36
C GLN B 1011 20.45 -2.46 -9.19
N LEU B 1012 19.51 -1.52 -9.37
CA LEU B 1012 19.76 -0.38 -10.25
C LEU B 1012 21.09 0.28 -9.94
N ILE B 1013 21.24 0.75 -8.71
CA ILE B 1013 22.43 1.51 -8.36
C ILE B 1013 23.68 0.71 -8.65
N ARG B 1014 23.66 -0.58 -8.33
CA ARG B 1014 24.79 -1.41 -8.68
C ARG B 1014 24.99 -1.42 -10.19
N ALA B 1015 23.91 -1.57 -10.94
CA ALA B 1015 24.04 -1.63 -12.39
C ALA B 1015 24.66 -0.36 -12.93
N ALA B 1016 24.17 0.79 -12.48
CA ALA B 1016 24.74 2.04 -12.94
C ALA B 1016 26.22 2.11 -12.60
N GLU B 1017 26.58 1.70 -11.39
CA GLU B 1017 27.98 1.66 -11.02
C GLU B 1017 28.76 0.81 -12.01
N ILE B 1018 28.23 -0.35 -12.34
CA ILE B 1018 28.84 -1.16 -13.38
C ILE B 1018 28.91 -0.37 -14.68
N ARG B 1019 27.79 0.22 -15.08
CA ARG B 1019 27.80 1.02 -16.30
C ARG B 1019 28.88 2.07 -16.22
N ALA B 1020 28.95 2.77 -15.10
CA ALA B 1020 30.06 3.69 -14.90
C ALA B 1020 31.38 2.97 -15.11
N SER B 1021 31.54 1.81 -14.49
CA SER B 1021 32.73 1.03 -14.77
C SER B 1021 32.77 0.61 -16.23
N ALA B 1022 31.62 0.21 -16.77
CA ALA B 1022 31.59 -0.30 -18.12
C ALA B 1022 32.17 0.71 -19.10
N ASN B 1023 31.53 1.87 -19.22
CA ASN B 1023 32.02 2.89 -20.12
C ASN B 1023 33.49 3.16 -19.87
N LEU B 1024 33.86 3.25 -18.60
CA LEU B 1024 35.26 3.45 -18.27
C LEU B 1024 36.12 2.43 -19.00
N ALA B 1025 35.74 1.17 -18.91
CA ALA B 1025 36.46 0.16 -19.68
C ALA B 1025 36.40 0.47 -21.16
N ALA B 1026 35.21 0.76 -21.67
CA ALA B 1026 35.09 1.05 -23.09
C ALA B 1026 36.00 2.21 -23.47
N THR B 1027 35.88 3.31 -22.74
CA THR B 1027 36.83 4.39 -22.89
C THR B 1027 38.24 3.86 -22.77
N LYS B 1028 38.48 3.05 -21.74
CA LYS B 1028 39.80 2.47 -21.57
C LYS B 1028 40.15 1.58 -22.74
N MET B 1029 39.20 0.77 -23.20
CA MET B 1029 39.49 -0.12 -24.30
C MET B 1029 39.55 0.60 -25.64
N SER B 1030 38.99 1.80 -25.72
CA SER B 1030 39.34 2.63 -26.87
C SER B 1030 40.74 3.18 -26.72
N GLU B 1031 40.95 3.99 -25.69
CA GLU B 1031 42.19 4.77 -25.61
C GLU B 1031 43.40 3.89 -25.32
N CYS B 1032 43.28 2.98 -24.36
CA CYS B 1032 44.43 2.15 -24.04
C CYS B 1032 44.69 1.09 -25.09
N VAL B 1033 43.65 0.64 -25.80
CA VAL B 1033 43.81 -0.51 -26.68
C VAL B 1033 43.92 -0.05 -28.12
N LEU B 1034 42.85 0.59 -28.60
CA LEU B 1034 42.69 0.87 -30.01
C LEU B 1034 43.74 1.86 -30.45
N GLY B 1035 44.42 2.44 -29.49
CA GLY B 1035 45.50 3.39 -29.72
C GLY B 1035 46.32 3.46 -28.46
N GLN B 1036 47.23 4.43 -28.44
CA GLN B 1036 48.08 4.65 -27.28
C GLN B 1036 47.71 5.97 -26.64
N SER B 1037 47.38 5.93 -25.36
CA SER B 1037 47.02 7.15 -24.67
C SER B 1037 48.24 7.90 -24.21
N LYS B 1038 47.99 9.01 -23.53
CA LYS B 1038 49.01 9.74 -22.83
C LYS B 1038 48.54 10.12 -21.44
N ARG B 1039 47.34 9.70 -21.04
CA ARG B 1039 46.88 10.00 -19.70
C ARG B 1039 47.70 9.20 -18.72
N VAL B 1040 48.76 9.80 -18.20
CA VAL B 1040 49.69 9.06 -17.37
C VAL B 1040 48.93 8.46 -16.20
N ASP B 1041 49.31 7.25 -15.83
CA ASP B 1041 48.64 6.51 -14.77
C ASP B 1041 47.15 6.36 -15.07
N PHE B 1042 46.82 6.17 -16.34
CA PHE B 1042 45.51 5.66 -16.72
C PHE B 1042 45.57 4.33 -17.43
N CYS B 1043 46.50 4.17 -18.36
CA CYS B 1043 46.72 2.91 -19.05
C CYS B 1043 47.81 2.12 -18.39
N GLY B 1044 47.88 2.16 -17.08
CA GLY B 1044 48.88 1.43 -16.34
C GLY B 1044 49.95 2.35 -15.79
N LYS B 1045 50.50 1.97 -14.64
CA LYS B 1045 51.52 2.80 -14.03
C LYS B 1045 52.71 2.90 -14.94
N GLY B 1046 53.28 4.10 -15.01
CA GLY B 1046 54.37 4.35 -15.92
C GLY B 1046 53.87 4.74 -17.30
N TYR B 1047 54.81 5.26 -18.10
CA TYR B 1047 54.48 5.63 -19.46
C TYR B 1047 53.90 4.43 -20.19
N HIS B 1048 52.90 4.69 -21.02
CA HIS B 1048 52.08 3.64 -21.58
C HIS B 1048 52.52 3.30 -22.99
N LEU B 1049 52.29 2.05 -23.39
CA LEU B 1049 52.67 1.56 -24.69
C LEU B 1049 51.48 1.09 -25.50
N MET B 1050 50.71 0.16 -24.96
CA MET B 1050 49.59 -0.46 -25.65
C MET B 1050 48.77 -1.16 -24.60
N SER B 1051 47.89 -2.04 -25.03
CA SER B 1051 47.12 -2.82 -24.11
C SER B 1051 46.87 -4.18 -24.71
N PHE B 1052 46.22 -5.02 -23.94
CA PHE B 1052 45.84 -6.35 -24.41
C PHE B 1052 44.61 -6.74 -23.66
N PRO B 1053 43.45 -6.59 -24.26
CA PRO B 1053 42.22 -7.01 -23.62
C PRO B 1053 42.15 -8.52 -23.52
N GLN B 1054 41.38 -9.00 -22.56
CA GLN B 1054 41.29 -10.43 -22.38
C GLN B 1054 39.96 -10.73 -21.74
N SER B 1055 39.18 -11.61 -22.38
CA SER B 1055 37.81 -11.85 -21.96
C SER B 1055 37.78 -12.55 -20.60
N ALA B 1056 36.68 -12.36 -19.88
CA ALA B 1056 36.56 -12.87 -18.54
C ALA B 1056 35.09 -13.03 -18.23
N PRO B 1057 34.73 -13.88 -17.28
CA PRO B 1057 33.32 -14.02 -16.91
C PRO B 1057 32.74 -12.68 -16.49
N HIS B 1058 31.70 -12.26 -17.21
CA HIS B 1058 30.98 -11.05 -16.86
C HIS B 1058 31.86 -9.81 -16.91
N GLY B 1059 33.13 -9.98 -17.27
CA GLY B 1059 34.06 -8.90 -17.07
C GLY B 1059 35.22 -8.97 -18.03
N VAL B 1060 36.15 -8.04 -17.86
CA VAL B 1060 37.29 -7.90 -18.75
C VAL B 1060 38.56 -7.83 -17.94
N VAL B 1061 39.68 -8.14 -18.61
CA VAL B 1061 41.01 -8.00 -18.04
C VAL B 1061 41.89 -7.32 -19.07
N PHE B 1062 42.66 -6.34 -18.63
CA PHE B 1062 43.56 -5.61 -19.50
C PHE B 1062 45.01 -5.94 -19.14
N LEU B 1063 45.86 -5.90 -20.14
CA LEU B 1063 47.30 -6.02 -19.95
C LEU B 1063 47.94 -4.74 -20.47
N HIS B 1064 48.18 -3.80 -19.56
CA HIS B 1064 48.87 -2.58 -19.94
C HIS B 1064 50.35 -2.88 -19.96
N VAL B 1065 50.90 -3.06 -21.15
CA VAL B 1065 52.34 -3.29 -21.23
C VAL B 1065 53.01 -1.94 -21.08
N THR B 1066 53.32 -1.58 -19.85
CA THR B 1066 53.75 -0.22 -19.55
C THR B 1066 55.27 -0.12 -19.51
N TYR B 1067 55.75 1.11 -19.60
CA TYR B 1067 57.17 1.42 -19.60
C TYR B 1067 57.60 1.89 -18.23
N VAL B 1068 58.85 1.59 -17.87
CA VAL B 1068 59.44 2.12 -16.64
C VAL B 1068 60.94 2.30 -16.81
N PRO B 1069 61.45 3.52 -16.69
CA PRO B 1069 62.90 3.70 -16.58
C PRO B 1069 63.41 3.12 -15.29
N ALA B 1070 64.56 2.47 -15.33
CA ALA B 1070 65.02 1.70 -14.18
C ALA B 1070 66.30 2.25 -13.57
N GLN B 1071 67.39 2.31 -14.32
CA GLN B 1071 68.69 2.64 -13.75
C GLN B 1071 69.08 4.03 -14.18
N GLU B 1072 69.47 4.86 -13.20
CA GLU B 1072 69.81 6.24 -13.47
C GLU B 1072 71.12 6.59 -12.78
N LYS B 1073 71.73 7.67 -13.25
CA LYS B 1073 72.93 8.19 -12.65
C LYS B 1073 72.77 9.68 -12.45
N ASN B 1074 73.55 10.23 -11.51
CA ASN B 1074 73.56 11.66 -11.30
C ASN B 1074 74.34 12.34 -12.42
N PHE B 1075 73.92 13.55 -12.75
CA PHE B 1075 74.64 14.34 -13.73
C PHE B 1075 74.44 15.81 -13.40
N THR B 1076 75.25 16.67 -13.99
CA THR B 1076 75.19 18.10 -13.77
C THR B 1076 74.56 18.77 -14.99
N THR B 1077 73.59 19.64 -14.75
CA THR B 1077 72.74 20.19 -15.79
C THR B 1077 73.30 21.51 -16.32
N ALA B 1078 72.68 21.99 -17.40
CA ALA B 1078 73.04 23.25 -18.02
C ALA B 1078 71.88 23.80 -18.84
N PRO B 1079 71.04 24.64 -18.26
CA PRO B 1079 69.79 25.00 -18.93
C PRO B 1079 69.97 25.85 -20.17
N ALA B 1080 71.22 26.09 -20.55
CA ALA B 1080 71.53 26.83 -21.77
C ALA B 1080 73.03 26.89 -21.92
N ILE B 1081 73.50 27.14 -23.14
CA ILE B 1081 74.92 27.37 -23.38
C ILE B 1081 75.09 28.59 -24.27
N CYS B 1082 76.03 29.43 -23.90
CA CYS B 1082 76.54 30.46 -24.78
C CYS B 1082 77.84 29.94 -25.37
N HIS B 1083 77.88 29.75 -26.69
CA HIS B 1083 79.09 29.29 -27.34
C HIS B 1083 79.68 30.31 -28.28
N ASP B 1084 78.89 30.80 -29.22
CA ASP B 1084 79.33 31.81 -30.19
C ASP B 1084 78.83 33.18 -29.79
N GLY B 1085 78.84 33.47 -28.50
CA GLY B 1085 78.25 34.71 -28.04
C GLY B 1085 76.74 34.70 -28.03
N LYS B 1086 76.13 33.53 -28.24
CA LYS B 1086 74.69 33.41 -28.32
C LYS B 1086 74.25 32.30 -27.37
N ALA B 1087 73.09 32.48 -26.76
CA ALA B 1087 72.53 31.40 -25.97
C ALA B 1087 72.19 30.21 -26.86
N HIS B 1088 72.04 29.04 -26.24
CA HIS B 1088 71.68 27.84 -26.99
C HIS B 1088 70.84 26.92 -26.13
N PHE B 1089 69.67 26.62 -26.62
CA PHE B 1089 68.71 25.72 -26.03
C PHE B 1089 68.62 24.44 -26.84
N PRO B 1090 68.38 23.30 -26.19
CA PRO B 1090 68.32 22.04 -26.93
C PRO B 1090 67.03 21.93 -27.72
N ARG B 1091 67.12 21.34 -28.90
CA ARG B 1091 65.88 21.09 -29.64
C ARG B 1091 65.07 20.00 -28.99
N GLU B 1092 65.73 18.99 -28.44
CA GLU B 1092 65.02 17.77 -28.10
C GLU B 1092 65.20 17.39 -26.64
N GLY B 1093 66.35 17.69 -26.05
CA GLY B 1093 66.68 17.13 -24.76
C GLY B 1093 67.12 18.08 -23.68
N VAL B 1094 68.26 17.79 -23.05
CA VAL B 1094 68.72 18.59 -21.93
C VAL B 1094 70.23 18.41 -21.81
N PHE B 1095 70.91 19.45 -21.34
CA PHE B 1095 72.37 19.52 -21.39
C PHE B 1095 72.97 18.95 -20.10
N VAL B 1096 73.62 17.80 -20.22
CA VAL B 1096 74.12 17.08 -19.06
C VAL B 1096 75.61 17.02 -19.12
N SER B 1097 76.24 17.03 -17.96
CA SER B 1097 77.68 16.90 -17.86
C SER B 1097 78.02 15.68 -17.03
N ASN B 1098 78.86 14.81 -17.57
CA ASN B 1098 79.49 13.81 -16.73
C ASN B 1098 80.52 14.44 -15.82
N GLY B 1099 80.78 15.73 -16.00
CA GLY B 1099 81.77 16.45 -15.23
C GLY B 1099 82.84 16.99 -16.14
N THR B 1100 83.21 16.22 -17.15
CA THR B 1100 84.32 16.55 -18.02
C THR B 1100 83.88 17.23 -19.30
N HIS B 1101 83.03 16.60 -20.07
CA HIS B 1101 82.57 17.14 -21.34
C HIS B 1101 81.06 17.18 -21.34
N TRP B 1102 80.50 18.18 -22.01
CA TRP B 1102 79.06 18.39 -22.01
C TRP B 1102 78.39 17.56 -23.08
N PHE B 1103 77.15 17.16 -22.80
CA PHE B 1103 76.36 16.42 -23.76
C PHE B 1103 74.89 16.72 -23.55
N VAL B 1104 74.11 16.40 -24.56
CA VAL B 1104 72.67 16.58 -24.54
C VAL B 1104 72.01 15.33 -25.09
N THR B 1105 70.92 14.92 -24.46
CA THR B 1105 70.26 13.68 -24.84
C THR B 1105 68.78 13.79 -24.55
N GLN B 1106 68.04 12.79 -25.03
CA GLN B 1106 66.59 12.80 -24.86
C GLN B 1106 66.23 12.69 -23.40
N ARG B 1107 65.05 13.19 -23.07
CA ARG B 1107 64.73 13.49 -21.70
C ARG B 1107 64.38 12.27 -20.86
N ASN B 1108 64.26 11.08 -21.46
CA ASN B 1108 63.80 9.94 -20.69
C ASN B 1108 64.64 8.68 -20.92
N PHE B 1109 65.85 8.83 -21.43
CA PHE B 1109 66.77 7.70 -21.52
C PHE B 1109 68.16 8.23 -21.80
N TYR B 1110 69.11 7.90 -20.95
CA TYR B 1110 70.47 8.37 -21.14
C TYR B 1110 71.02 7.86 -22.45
N GLU B 1111 71.38 8.78 -23.33
CA GLU B 1111 72.17 8.47 -24.52
C GLU B 1111 72.81 9.76 -24.96
N PRO B 1112 73.84 10.21 -24.27
CA PRO B 1112 74.37 11.54 -24.51
C PRO B 1112 74.90 11.70 -25.93
N GLN B 1113 74.82 12.93 -26.43
CA GLN B 1113 75.24 13.24 -27.79
C GLN B 1113 76.13 14.46 -27.80
N ILE B 1114 76.78 14.66 -28.93
CA ILE B 1114 77.67 15.80 -29.13
C ILE B 1114 76.84 16.99 -29.57
N ILE B 1115 77.21 18.18 -29.11
CA ILE B 1115 76.43 19.37 -29.37
C ILE B 1115 76.73 19.87 -30.77
N THR B 1116 75.90 19.49 -31.72
CA THR B 1116 75.96 20.09 -33.04
C THR B 1116 75.20 21.40 -32.98
N THR B 1117 74.88 21.95 -34.14
CA THR B 1117 73.89 23.01 -34.19
C THR B 1117 72.50 22.46 -34.45
N ASP B 1118 72.39 21.47 -35.34
CA ASP B 1118 71.09 20.96 -35.74
C ASP B 1118 70.32 20.37 -34.57
N ASN B 1119 70.99 20.03 -33.49
CA ASN B 1119 70.33 19.49 -32.31
C ASN B 1119 69.81 20.57 -31.39
N THR B 1120 70.05 21.84 -31.71
CA THR B 1120 69.73 22.92 -30.78
C THR B 1120 69.27 24.16 -31.55
N PHE B 1121 68.57 25.05 -30.86
CA PHE B 1121 68.09 26.27 -31.47
C PHE B 1121 68.43 27.47 -30.60
N VAL B 1122 68.65 28.59 -31.27
CA VAL B 1122 69.38 29.73 -30.73
C VAL B 1122 68.43 30.89 -30.51
N SER B 1123 68.60 31.57 -29.37
CA SER B 1123 67.79 32.74 -29.05
C SER B 1123 68.58 33.71 -28.19
N GLY B 1124 68.38 34.99 -28.42
CA GLY B 1124 68.85 36.04 -27.54
C GLY B 1124 70.37 36.13 -27.43
N ASN B 1125 70.80 36.75 -26.33
CA ASN B 1125 72.20 36.91 -26.00
C ASN B 1125 72.49 36.14 -24.73
N CYS B 1126 73.67 36.36 -24.17
CA CYS B 1126 74.19 35.52 -23.10
C CYS B 1126 74.24 36.24 -21.77
N ASP B 1127 73.20 37.01 -21.44
CA ASP B 1127 73.15 37.67 -20.15
C ASP B 1127 71.88 37.41 -19.37
N VAL B 1128 70.78 37.04 -20.01
CA VAL B 1128 69.50 36.95 -19.34
C VAL B 1128 69.34 35.62 -18.63
N VAL B 1129 69.57 34.52 -19.34
CA VAL B 1129 69.37 33.21 -18.74
C VAL B 1129 70.36 33.01 -17.61
N ILE B 1130 69.94 32.29 -16.60
CA ILE B 1130 70.76 32.03 -15.43
C ILE B 1130 71.29 30.61 -15.51
N GLY B 1131 72.45 30.38 -14.94
CA GLY B 1131 73.03 29.05 -14.91
C GLY B 1131 73.60 28.59 -16.22
N ILE B 1132 73.50 29.40 -17.27
CA ILE B 1132 74.09 29.04 -18.54
C ILE B 1132 75.58 28.85 -18.35
N VAL B 1133 76.17 28.00 -19.19
CA VAL B 1133 77.56 27.65 -19.03
C VAL B 1133 78.31 27.85 -20.34
N ASN B 1134 79.56 28.28 -20.22
CA ASN B 1134 80.43 28.47 -21.38
C ASN B 1134 80.84 27.10 -21.91
N ASN B 1135 80.71 26.91 -23.22
CA ASN B 1135 81.09 25.64 -23.84
C ASN B 1135 81.16 25.84 -25.35
N THR B 1136 81.81 24.91 -26.02
CA THR B 1136 81.86 24.95 -27.47
C THR B 1136 80.61 24.35 -28.08
N VAL B 1137 80.39 24.67 -29.35
CA VAL B 1137 79.39 23.99 -30.17
C VAL B 1137 80.02 23.76 -31.53
N TYR B 1138 80.23 22.50 -31.87
CA TYR B 1138 80.77 22.16 -33.18
C TYR B 1138 79.71 22.40 -34.26
N ASP B 1139 80.20 22.59 -35.48
CA ASP B 1139 79.36 22.75 -36.66
C ASP B 1139 79.75 21.71 -37.69
N PRO B 1140 78.84 20.88 -38.18
CA PRO B 1140 79.20 19.97 -39.28
C PRO B 1140 79.72 20.71 -40.49
N LEU B 1141 79.17 21.89 -40.76
CA LEU B 1141 79.48 22.60 -42.00
C LEU B 1141 80.94 23.02 -42.06
N GLN B 1142 81.50 23.48 -40.94
CA GLN B 1142 82.83 24.06 -40.98
C GLN B 1142 83.91 23.09 -41.47
N PRO B 1143 84.01 21.86 -40.96
CA PRO B 1143 85.02 20.95 -41.51
C PRO B 1143 84.79 20.63 -42.97
N GLU B 1144 83.54 20.74 -43.42
CA GLU B 1144 83.29 20.58 -44.85
C GLU B 1144 84.05 21.64 -45.64
N LEU B 1145 84.03 22.89 -45.18
CA LEU B 1145 84.77 23.96 -45.83
C LEU B 1145 85.28 24.98 -44.82
N ALA C 27 -10.36 53.36 20.03
CA ALA C 27 -8.92 53.42 20.25
C ALA C 27 -8.26 52.11 19.84
N TYR C 28 -7.56 52.14 18.71
CA TYR C 28 -7.00 50.93 18.12
C TYR C 28 -5.51 51.15 17.88
N THR C 29 -4.69 50.30 18.49
CA THR C 29 -3.26 50.32 18.32
C THR C 29 -2.82 49.03 17.64
N ASN C 30 -1.55 48.97 17.27
CA ASN C 30 -1.03 47.86 16.48
C ASN C 30 -0.25 46.93 17.39
N SER C 31 -0.77 45.73 17.60
CA SER C 31 -0.07 44.71 18.39
C SER C 31 1.07 44.16 17.54
N PHE C 32 2.27 44.68 17.73
CA PHE C 32 3.37 44.36 16.84
C PHE C 32 3.75 42.88 16.86
N THR C 33 4.31 42.39 17.97
CA THR C 33 4.71 41.00 18.05
C THR C 33 4.49 40.35 19.41
N ARG C 34 3.83 41.01 20.34
CA ARG C 34 3.59 40.36 21.62
C ARG C 34 2.58 39.23 21.48
N GLY C 35 2.63 38.30 22.43
CA GLY C 35 1.67 37.22 22.50
C GLY C 35 2.26 35.83 22.45
N VAL C 36 3.54 35.67 22.16
CA VAL C 36 4.14 34.33 22.11
C VAL C 36 4.23 33.77 23.52
N TYR C 37 3.73 32.56 23.71
CA TYR C 37 3.66 31.96 25.02
C TYR C 37 4.13 30.52 24.96
N TYR C 38 4.64 30.03 26.09
CA TYR C 38 5.24 28.71 26.11
C TYR C 38 4.23 27.66 25.67
N PRO C 39 4.55 26.86 24.67
CA PRO C 39 3.59 25.83 24.23
C PRO C 39 3.30 24.80 25.29
N ASP C 40 4.27 24.49 26.14
CA ASP C 40 4.16 23.35 27.03
C ASP C 40 5.31 23.38 28.02
N LYS C 41 5.25 22.47 28.97
CA LYS C 41 6.29 22.35 30.00
C LYS C 41 7.25 21.22 29.65
N VAL C 42 7.98 21.38 28.55
CA VAL C 42 9.09 20.48 28.22
C VAL C 42 10.27 21.33 27.79
N PHE C 43 11.34 21.29 28.57
CA PHE C 43 12.48 22.15 28.28
C PHE C 43 13.17 21.71 27.00
N ARG C 44 13.72 22.67 26.28
CA ARG C 44 14.60 22.39 25.16
C ARG C 44 15.76 23.37 25.21
N SER C 45 16.84 23.03 24.51
CA SER C 45 18.10 23.76 24.65
C SER C 45 18.57 24.26 23.29
N SER C 46 18.59 25.57 23.13
CA SER C 46 19.26 26.24 22.01
C SER C 46 18.90 25.63 20.66
N VAL C 47 17.73 25.03 20.58
CA VAL C 47 17.29 24.32 19.38
C VAL C 47 16.08 25.04 18.82
N LEU C 48 16.10 25.27 17.51
CA LEU C 48 14.92 25.81 16.85
C LEU C 48 13.83 24.76 16.81
N HIS C 49 12.58 25.21 16.88
CA HIS C 49 11.47 24.28 16.92
C HIS C 49 10.21 24.96 16.44
N SER C 50 9.41 24.24 15.67
CA SER C 50 8.16 24.75 15.14
C SER C 50 7.00 23.97 15.74
N THR C 51 5.81 24.56 15.66
CA THR C 51 4.62 23.96 16.22
C THR C 51 3.41 24.81 15.81
N GLN C 52 2.23 24.27 16.10
CA GLN C 52 0.99 24.96 15.81
C GLN C 52 0.06 24.89 17.00
N ASP C 53 -0.43 26.05 17.43
CA ASP C 53 -1.53 26.12 18.38
C ASP C 53 -2.12 27.52 18.32
N LEU C 54 -3.32 27.66 18.89
CA LEU C 54 -4.09 28.89 18.75
C LEU C 54 -3.36 30.06 19.40
N PHE C 55 -2.90 31.02 18.60
CA PHE C 55 -2.10 32.12 19.11
C PHE C 55 -2.67 33.46 18.61
N LEU C 56 -2.03 34.52 19.06
CA LEU C 56 -2.28 35.85 18.52
C LEU C 56 -1.26 36.15 17.43
N PRO C 57 -1.69 36.43 16.20
CA PRO C 57 -0.73 36.67 15.13
C PRO C 57 0.03 37.96 15.33
N PHE C 58 1.20 38.04 14.68
CA PHE C 58 1.98 39.27 14.65
C PHE C 58 1.24 40.39 13.94
N PHE C 59 1.56 41.61 14.35
CA PHE C 59 1.07 42.82 13.70
C PHE C 59 -0.45 42.82 13.64
N SER C 60 -1.09 42.21 14.63
CA SER C 60 -2.54 42.14 14.65
C SER C 60 -3.11 43.47 15.12
N ASN C 61 -4.41 43.46 15.36
CA ASN C 61 -5.17 44.69 15.60
C ASN C 61 -5.81 44.54 16.96
N VAL C 62 -5.36 45.34 17.93
CA VAL C 62 -5.87 45.27 19.29
C VAL C 62 -6.46 46.60 19.66
N THR C 63 -7.63 46.55 20.26
CA THR C 63 -8.35 47.76 20.64
C THR C 63 -7.83 48.24 21.98
N TRP C 64 -7.50 49.52 22.07
CA TRP C 64 -7.03 50.13 23.30
C TRP C 64 -8.25 50.53 24.13
N PHE C 65 -8.32 50.06 25.36
CA PHE C 65 -9.45 50.32 26.24
C PHE C 65 -9.01 51.10 27.45
N HIS C 66 -9.71 52.19 27.75
CA HIS C 66 -9.39 53.00 28.91
C HIS C 66 -10.16 52.53 30.13
N ASP C 80 -12.64 51.15 28.96
CA ASP C 80 -13.53 51.23 30.10
C ASP C 80 -13.98 49.84 30.55
N ASN C 81 -15.29 49.65 30.74
CA ASN C 81 -15.83 48.45 31.39
C ASN C 81 -16.94 47.82 30.57
N PRO C 82 -16.64 47.36 29.37
CA PRO C 82 -17.66 46.73 28.52
C PRO C 82 -17.65 45.21 28.68
N VAL C 83 -18.63 44.58 28.05
CA VAL C 83 -18.64 43.13 27.89
C VAL C 83 -18.13 42.81 26.49
N LEU C 84 -17.09 42.01 26.42
CA LEU C 84 -16.45 41.71 25.15
C LEU C 84 -16.42 40.21 24.94
N PRO C 85 -16.96 39.72 23.83
CA PRO C 85 -17.11 38.27 23.65
C PRO C 85 -15.78 37.58 23.49
N PHE C 86 -15.81 36.26 23.28
CA PHE C 86 -14.62 35.44 23.29
C PHE C 86 -14.78 34.34 22.26
N ASN C 87 -13.86 34.27 21.30
CA ASN C 87 -14.03 33.32 20.20
C ASN C 87 -13.46 31.97 20.58
N ASP C 88 -12.15 31.90 20.71
CA ASP C 88 -11.48 30.72 21.24
C ASP C 88 -10.34 31.03 22.19
N GLY C 89 -9.69 32.20 22.07
CA GLY C 89 -8.57 32.55 22.92
C GLY C 89 -8.35 34.05 22.98
N VAL C 90 -8.16 34.59 24.19
CA VAL C 90 -8.10 36.02 24.40
C VAL C 90 -6.75 36.39 24.99
N TYR C 91 -6.09 37.37 24.36
CA TYR C 91 -4.94 38.06 24.91
C TYR C 91 -5.40 39.25 25.71
N PHE C 92 -4.98 39.34 26.96
CA PHE C 92 -5.30 40.47 27.81
C PHE C 92 -4.02 40.96 28.47
N ALA C 93 -3.91 42.27 28.62
CA ALA C 93 -2.75 42.83 29.28
C ALA C 93 -3.03 44.28 29.61
N SER C 94 -2.24 44.82 30.54
CA SER C 94 -2.39 46.21 30.94
C SER C 94 -1.06 46.74 31.45
N THR C 95 -0.93 48.06 31.43
CA THR C 95 0.19 48.76 32.06
C THR C 95 -0.38 49.51 33.25
N GLU C 96 -0.51 48.81 34.36
CA GLU C 96 -1.25 49.29 35.52
C GLU C 96 -0.26 49.61 36.63
N LYS C 97 -0.24 50.88 37.06
CA LYS C 97 0.62 51.33 38.13
C LYS C 97 -0.08 51.35 39.49
N SER C 98 -1.32 50.90 39.56
CA SER C 98 -2.07 50.89 40.81
C SER C 98 -2.86 49.61 40.99
N ASN C 99 -2.51 48.55 40.24
CA ASN C 99 -3.30 47.33 40.22
C ASN C 99 -4.78 47.66 39.97
N ILE C 100 -5.02 48.73 39.21
CA ILE C 100 -6.37 49.24 39.03
C ILE C 100 -7.27 48.16 38.43
N ILE C 101 -6.75 47.43 37.46
CA ILE C 101 -7.46 46.29 36.89
C ILE C 101 -7.07 45.04 37.68
N ARG C 102 -8.04 44.43 38.38
CA ARG C 102 -7.68 43.34 39.28
C ARG C 102 -8.71 42.20 39.26
N GLY C 103 -9.20 41.84 38.09
CA GLY C 103 -10.03 40.64 38.01
C GLY C 103 -10.66 40.51 36.64
N TRP C 104 -11.14 39.28 36.38
CA TRP C 104 -11.75 38.94 35.11
C TRP C 104 -13.15 38.39 35.30
N ILE C 105 -13.80 38.17 34.16
CA ILE C 105 -15.10 37.54 34.05
C ILE C 105 -15.06 36.61 32.86
N PHE C 106 -15.86 35.54 32.89
CA PHE C 106 -16.04 34.65 31.76
C PHE C 106 -17.44 34.07 31.80
N GLY C 107 -17.82 33.40 30.72
CA GLY C 107 -19.02 32.60 30.76
C GLY C 107 -19.85 32.74 29.49
N THR C 108 -21.11 32.32 29.60
CA THR C 108 -22.06 32.31 28.49
C THR C 108 -23.30 33.15 28.77
N THR C 109 -23.93 32.99 29.94
CA THR C 109 -25.13 33.76 30.30
C THR C 109 -24.94 34.64 31.52
N LEU C 110 -23.98 34.33 32.38
CA LEU C 110 -23.40 35.24 33.36
C LEU C 110 -24.31 35.61 34.52
N ASP C 111 -25.57 35.19 34.53
CA ASP C 111 -26.50 35.55 35.60
C ASP C 111 -27.25 34.31 36.09
N SER C 112 -26.52 33.23 36.32
CA SER C 112 -27.01 31.96 36.84
C SER C 112 -27.91 31.22 35.86
N LYS C 113 -28.12 31.74 34.65
CA LYS C 113 -28.85 30.96 33.66
C LYS C 113 -27.98 29.84 33.10
N THR C 114 -26.66 30.01 33.13
CA THR C 114 -25.72 28.94 32.80
C THR C 114 -24.48 29.13 33.66
N GLN C 115 -23.73 28.04 33.82
CA GLN C 115 -22.56 28.06 34.69
C GLN C 115 -21.61 29.15 34.23
N SER C 116 -21.05 29.88 35.19
CA SER C 116 -20.31 31.10 34.90
C SER C 116 -18.95 31.04 35.58
N LEU C 117 -18.09 31.97 35.18
CA LEU C 117 -16.71 32.00 35.64
C LEU C 117 -16.21 33.43 35.78
N LEU C 118 -15.54 33.71 36.89
CA LEU C 118 -14.90 35.01 37.11
C LEU C 118 -13.79 34.83 38.12
N ILE C 119 -12.91 35.81 38.20
CA ILE C 119 -11.75 35.75 39.06
C ILE C 119 -11.54 37.14 39.65
N VAL C 120 -11.08 37.20 40.90
CA VAL C 120 -10.84 38.46 41.58
C VAL C 120 -9.44 38.46 42.17
N ASN C 121 -8.70 39.53 41.94
CA ASN C 121 -7.34 39.67 42.45
C ASN C 121 -7.35 40.67 43.60
N ASN C 122 -7.03 40.18 44.80
CA ASN C 122 -6.90 41.00 45.99
C ASN C 122 -5.56 41.72 45.97
N ALA C 123 -5.12 42.25 47.12
CA ALA C 123 -3.79 42.84 47.19
C ALA C 123 -2.69 41.78 46.99
N THR C 124 -2.85 40.59 47.58
CA THR C 124 -1.72 39.66 47.56
C THR C 124 -2.05 38.20 47.27
N ASN C 125 -3.28 37.73 47.35
CA ASN C 125 -3.59 36.31 47.23
C ASN C 125 -4.72 36.09 46.23
N VAL C 126 -4.41 35.37 45.14
CA VAL C 126 -5.37 35.20 44.06
C VAL C 126 -6.64 34.54 44.56
N VAL C 127 -7.78 35.00 44.03
CA VAL C 127 -9.09 34.49 44.42
C VAL C 127 -9.90 34.23 43.15
N ILE C 128 -10.35 32.98 42.98
CA ILE C 128 -11.09 32.57 41.79
C ILE C 128 -12.18 31.60 42.20
N LYS C 129 -13.15 31.43 41.30
CA LYS C 129 -14.23 30.48 41.49
C LYS C 129 -15.06 30.42 40.22
N VAL C 130 -15.70 29.27 40.02
CA VAL C 130 -16.72 29.09 38.98
C VAL C 130 -17.94 28.53 39.69
N CYS C 131 -19.11 29.10 39.40
CA CYS C 131 -20.24 29.01 40.33
C CYS C 131 -21.52 29.02 39.51
N GLU C 132 -22.64 29.36 40.13
CA GLU C 132 -23.80 29.87 39.39
C GLU C 132 -23.87 31.37 39.64
N PHE C 133 -23.01 32.11 38.95
CA PHE C 133 -22.85 33.53 39.20
C PHE C 133 -24.08 34.32 38.75
N GLN C 134 -24.39 35.37 39.51
CA GLN C 134 -25.41 36.36 39.14
C GLN C 134 -24.72 37.73 39.18
N PHE C 135 -24.12 38.10 38.06
CA PHE C 135 -23.23 39.25 38.00
C PHE C 135 -23.95 40.56 38.28
N CYS C 136 -23.18 41.52 38.80
CA CYS C 136 -23.52 42.91 38.60
C CYS C 136 -23.42 43.22 37.11
N ASN C 137 -24.34 44.05 36.62
CA ASN C 137 -24.33 44.39 35.21
C ASN C 137 -23.10 45.20 34.80
N ASP C 138 -22.37 45.77 35.77
CA ASP C 138 -21.13 46.48 35.47
C ASP C 138 -20.19 46.39 36.68
N PRO C 139 -19.00 45.81 36.51
CA PRO C 139 -18.14 45.53 37.66
C PRO C 139 -17.49 46.77 38.25
N PHE C 140 -17.04 46.61 39.49
CA PHE C 140 -16.22 47.61 40.17
C PHE C 140 -15.58 46.93 41.37
N LEU C 141 -14.91 47.72 42.21
CA LEU C 141 -14.29 47.21 43.41
C LEU C 141 -14.07 48.36 44.38
N GLY C 142 -13.51 48.03 45.53
CA GLY C 142 -13.41 48.95 46.65
C GLY C 142 -12.14 49.76 46.65
N VAL C 143 -11.62 49.99 47.86
CA VAL C 143 -10.41 50.77 48.04
C VAL C 143 -9.77 50.47 49.39
N GLU C 156 -15.19 48.00 49.41
CA GLU C 156 -16.37 47.58 48.65
C GLU C 156 -16.04 46.46 47.68
N PHE C 157 -17.07 45.79 47.17
CA PHE C 157 -16.88 44.76 46.16
C PHE C 157 -18.13 44.72 45.29
N ARG C 158 -18.10 45.44 44.17
CA ARG C 158 -19.21 45.51 43.24
C ARG C 158 -19.02 44.42 42.21
N VAL C 159 -19.52 43.23 42.52
CA VAL C 159 -19.22 42.03 41.75
C VAL C 159 -20.48 41.44 41.17
N TYR C 160 -21.37 40.97 42.04
CA TYR C 160 -22.46 40.11 41.64
C TYR C 160 -23.48 40.07 42.76
N SER C 161 -24.51 39.25 42.56
CA SER C 161 -25.52 39.01 43.58
C SER C 161 -25.50 37.58 44.10
N SER C 162 -25.68 36.60 43.22
CA SER C 162 -25.85 35.20 43.61
C SER C 162 -24.76 34.35 42.96
N ALA C 163 -24.19 33.43 43.74
CA ALA C 163 -23.24 32.43 43.25
C ALA C 163 -23.61 31.11 43.92
N ASN C 164 -24.48 30.36 43.26
CA ASN C 164 -24.93 29.06 43.74
C ASN C 164 -24.19 27.95 43.00
N ASN C 165 -24.45 26.71 43.42
CA ASN C 165 -23.83 25.50 42.86
C ASN C 165 -22.38 25.77 42.46
N CYS C 166 -21.64 26.29 43.43
CA CYS C 166 -20.27 26.72 43.19
C CYS C 166 -19.39 25.50 42.92
N THR C 167 -18.45 25.65 41.99
CA THR C 167 -17.74 24.47 41.48
C THR C 167 -16.28 24.38 41.88
N PHE C 168 -15.63 25.49 42.24
CA PHE C 168 -14.20 25.39 42.47
C PHE C 168 -13.69 26.64 43.15
N GLU C 169 -12.53 26.52 43.80
CA GLU C 169 -11.81 27.65 44.33
C GLU C 169 -10.33 27.34 44.40
N TYR C 170 -9.50 28.38 44.24
CA TYR C 170 -8.06 28.29 44.33
C TYR C 170 -7.51 29.59 44.91
N VAL C 171 -6.38 29.51 45.60
CA VAL C 171 -5.68 30.66 46.12
C VAL C 171 -4.21 30.56 45.78
N SER C 172 -3.55 31.70 45.65
CA SER C 172 -2.13 31.76 45.37
C SER C 172 -1.34 32.35 46.54
N ASN C 188 4.40 49.31 36.00
CA ASN C 188 4.93 48.13 35.34
C ASN C 188 3.93 47.59 34.33
N LEU C 189 4.23 46.41 33.79
CA LEU C 189 3.40 45.79 32.77
C LEU C 189 3.17 44.33 33.09
N ARG C 190 1.95 43.88 32.86
CA ARG C 190 1.58 42.49 33.03
C ARG C 190 0.76 42.03 31.83
N GLU C 191 0.93 40.77 31.47
CA GLU C 191 0.28 40.17 30.30
C GLU C 191 -0.27 38.82 30.69
N PHE C 192 -1.45 38.47 30.17
CA PHE C 192 -2.08 37.22 30.55
C PHE C 192 -2.95 36.70 29.42
N VAL C 193 -2.94 35.39 29.23
CA VAL C 193 -3.58 34.75 28.09
C VAL C 193 -4.59 33.73 28.60
N PHE C 194 -5.74 33.68 27.95
CA PHE C 194 -6.88 32.90 28.45
C PHE C 194 -7.49 32.13 27.29
N LYS C 195 -7.30 30.82 27.28
CA LYS C 195 -7.84 29.97 26.24
C LYS C 195 -8.29 28.66 26.83
N ASN C 196 -9.23 28.02 26.13
CA ASN C 196 -9.84 26.78 26.59
C ASN C 196 -9.78 25.75 25.48
N ILE C 197 -9.25 24.57 25.81
CA ILE C 197 -9.24 23.43 24.89
C ILE C 197 -9.55 22.18 25.70
N ASP C 198 -10.45 21.35 25.18
CA ASP C 198 -10.76 20.04 25.77
C ASP C 198 -11.15 20.17 27.23
N GLY C 199 -11.95 21.19 27.54
CA GLY C 199 -12.46 21.36 28.88
C GLY C 199 -11.49 21.92 29.89
N TYR C 200 -10.29 22.32 29.46
CA TYR C 200 -9.35 22.93 30.38
C TYR C 200 -9.44 24.44 30.34
N PHE C 201 -8.49 25.08 31.01
CA PHE C 201 -8.32 26.51 30.95
C PHE C 201 -6.89 26.83 31.34
N LYS C 202 -6.25 27.72 30.58
CA LYS C 202 -4.83 27.96 30.74
C LYS C 202 -4.57 29.46 30.86
N ILE C 203 -3.62 29.82 31.71
CA ILE C 203 -3.32 31.21 32.02
C ILE C 203 -1.81 31.38 32.06
N TYR C 204 -1.35 32.56 31.68
CA TYR C 204 0.07 32.82 31.49
C TYR C 204 0.42 34.22 31.98
N SER C 205 1.70 34.43 32.26
CA SER C 205 2.10 35.66 32.93
C SER C 205 3.48 36.11 32.46
N LYS C 206 3.78 37.37 32.75
CA LYS C 206 5.08 37.97 32.49
C LYS C 206 5.08 39.36 33.10
N HIS C 207 6.27 39.89 33.38
CA HIS C 207 6.35 41.18 34.06
C HIS C 207 7.62 41.90 33.60
N THR C 208 7.49 42.74 32.59
CA THR C 208 8.54 43.68 32.24
C THR C 208 8.12 45.08 32.63
N PRO C 209 9.06 45.99 32.86
CA PRO C 209 8.69 47.34 33.28
C PRO C 209 7.91 48.06 32.20
N ILE C 210 7.38 49.23 32.57
CA ILE C 210 6.57 50.04 31.69
C ILE C 210 7.32 51.34 31.43
N ASN C 211 7.47 51.70 30.16
CA ASN C 211 8.19 52.90 29.77
C ASN C 211 7.46 53.62 28.65
N LEU C 212 6.13 53.68 28.73
CA LEU C 212 5.34 54.36 27.72
C LEU C 212 4.13 55.00 28.38
N VAL C 213 3.53 55.95 27.68
CA VAL C 213 2.32 56.63 28.12
C VAL C 213 1.15 56.34 27.20
N ARG C 214 1.31 56.57 25.91
CA ARG C 214 0.27 56.37 24.91
C ARG C 214 0.76 55.44 23.81
N ASP C 215 1.38 54.33 24.21
CA ASP C 215 1.93 53.38 23.26
C ASP C 215 1.88 51.98 23.87
N LEU C 216 2.35 51.01 23.10
CA LEU C 216 2.50 49.63 23.55
C LEU C 216 3.90 49.19 23.15
N PRO C 217 4.67 48.58 24.05
CA PRO C 217 6.08 48.31 23.75
C PRO C 217 6.25 47.43 22.52
N GLN C 218 7.14 47.86 21.63
CA GLN C 218 7.54 47.03 20.49
C GLN C 218 8.74 46.18 20.85
N GLY C 219 8.62 45.48 21.97
CA GLY C 219 9.57 44.46 22.36
C GLY C 219 8.87 43.12 22.44
N PHE C 220 9.64 42.11 22.84
CA PHE C 220 9.07 40.79 23.02
C PHE C 220 9.67 40.07 24.22
N SER C 221 8.81 39.40 24.97
CA SER C 221 9.24 38.46 26.00
C SER C 221 8.28 37.29 25.99
N ALA C 222 8.78 36.13 26.42
CA ALA C 222 7.98 34.93 26.34
C ALA C 222 6.86 34.97 27.37
N LEU C 223 5.91 34.04 27.22
CA LEU C 223 4.83 33.89 28.18
C LEU C 223 4.80 32.46 28.68
N GLU C 224 4.62 32.32 29.99
CA GLU C 224 4.88 31.17 30.84
C GLU C 224 3.59 30.65 31.47
N PRO C 225 3.46 29.34 31.65
CA PRO C 225 2.19 28.80 32.14
C PRO C 225 1.94 29.20 33.58
N LEU C 226 0.67 29.29 33.94
CA LEU C 226 0.29 29.59 35.32
C LEU C 226 -0.50 28.46 35.96
N VAL C 227 -1.66 28.10 35.41
CA VAL C 227 -2.44 26.95 35.89
C VAL C 227 -3.15 26.33 34.70
N ASP C 228 -3.16 25.01 34.66
CA ASP C 228 -3.87 24.28 33.61
C ASP C 228 -5.27 23.94 34.09
N LEU C 229 -6.05 24.99 34.29
CA LEU C 229 -7.33 24.89 34.98
C LEU C 229 -8.28 23.91 34.29
N PRO C 230 -8.63 22.82 34.95
CA PRO C 230 -9.52 21.77 34.40
C PRO C 230 -10.99 21.95 34.79
N ILE C 231 -11.66 22.92 34.19
CA ILE C 231 -13.03 23.29 34.55
C ILE C 231 -13.94 23.13 33.34
N GLY C 232 -15.02 22.36 33.51
CA GLY C 232 -15.93 22.05 32.42
C GLY C 232 -16.98 23.12 32.14
N ILE C 233 -16.56 24.22 31.52
CA ILE C 233 -17.44 25.35 31.22
C ILE C 233 -17.25 25.78 29.77
N ASN C 234 -18.32 26.32 29.19
CA ASN C 234 -18.22 26.98 27.91
C ASN C 234 -17.95 28.46 28.13
N ILE C 235 -17.02 29.00 27.36
CA ILE C 235 -16.65 30.40 27.48
C ILE C 235 -16.92 31.07 26.14
N THR C 236 -17.75 32.10 26.17
CA THR C 236 -18.01 32.94 25.00
C THR C 236 -18.00 34.41 25.31
N ARG C 237 -18.38 34.82 26.52
CA ARG C 237 -18.33 36.21 26.93
C ARG C 237 -17.45 36.34 28.15
N PHE C 238 -16.80 37.49 28.28
CA PHE C 238 -15.87 37.68 29.38
C PHE C 238 -15.66 39.17 29.58
N GLN C 239 -15.43 39.57 30.82
CA GLN C 239 -15.22 40.97 31.12
C GLN C 239 -14.12 41.08 32.17
N THR C 240 -13.65 42.31 32.40
CA THR C 240 -12.58 42.58 33.35
C THR C 240 -13.14 43.22 34.62
N LEU C 241 -12.26 43.44 35.59
CA LEU C 241 -12.66 43.98 36.89
C LEU C 241 -11.68 45.05 37.33
N LEU C 242 -12.17 46.29 37.41
CA LEU C 242 -11.33 47.44 37.67
C LEU C 242 -11.35 47.79 39.16
N ALA C 243 -10.73 48.92 39.49
CA ALA C 243 -10.79 49.47 40.84
C ALA C 243 -11.14 50.96 40.81
N ALA C 263 -7.90 53.41 33.06
CA ALA C 263 -6.49 53.50 32.67
C ALA C 263 -6.30 53.06 31.21
N ALA C 264 -5.62 51.93 31.00
CA ALA C 264 -5.31 51.49 29.65
C ALA C 264 -5.04 50.00 29.65
N TYR C 265 -5.90 49.23 29.00
CA TYR C 265 -5.70 47.79 28.87
C TYR C 265 -6.13 47.35 27.48
N TYR C 266 -5.54 46.25 27.02
CA TYR C 266 -5.58 45.85 25.63
C TYR C 266 -6.07 44.41 25.51
N VAL C 267 -6.71 44.09 24.38
CA VAL C 267 -7.24 42.76 24.13
C VAL C 267 -7.09 42.43 22.64
N GLY C 268 -6.78 41.17 22.35
CA GLY C 268 -6.81 40.66 20.99
C GLY C 268 -7.07 39.17 21.01
N TYR C 269 -7.75 38.69 19.98
CA TYR C 269 -8.23 37.31 19.96
C TYR C 269 -7.23 36.39 19.29
N LEU C 270 -7.28 35.11 19.66
CA LEU C 270 -6.35 34.13 19.14
C LEU C 270 -6.80 33.59 17.79
N GLN C 271 -5.82 33.18 16.99
CA GLN C 271 -6.09 32.59 15.69
C GLN C 271 -5.23 31.37 15.51
N PRO C 272 -5.69 30.39 14.74
CA PRO C 272 -4.97 29.11 14.60
C PRO C 272 -3.78 29.22 13.64
N ARG C 273 -2.66 29.66 14.17
CA ARG C 273 -1.48 29.86 13.38
C ARG C 273 -0.47 28.75 13.65
N THR C 274 0.62 28.78 12.89
CA THR C 274 1.76 27.89 13.09
C THR C 274 2.96 28.76 13.41
N PHE C 275 3.71 28.40 14.43
CA PHE C 275 4.89 29.16 14.78
C PHE C 275 6.14 28.31 14.74
N LEU C 276 7.22 28.97 14.35
CA LEU C 276 8.56 28.53 14.65
C LEU C 276 9.03 29.27 15.89
N LEU C 277 9.74 28.57 16.76
CA LEU C 277 10.24 29.18 17.99
C LEU C 277 11.75 29.02 18.06
N LYS C 278 12.41 30.00 18.70
CA LYS C 278 13.86 30.04 18.83
C LYS C 278 14.19 29.92 20.30
N TYR C 279 14.52 28.72 20.73
CA TYR C 279 14.96 28.54 22.10
C TYR C 279 16.40 29.03 22.24
N ASN C 280 16.84 29.15 23.48
CA ASN C 280 18.21 29.49 23.75
C ASN C 280 18.83 28.39 24.61
N GLU C 281 20.06 28.60 25.03
CA GLU C 281 20.70 27.62 25.88
C GLU C 281 19.99 27.50 27.22
N ASN C 282 19.37 28.57 27.70
CA ASN C 282 18.75 28.58 29.02
C ASN C 282 17.25 28.29 28.96
N GLY C 283 16.70 28.02 27.78
CA GLY C 283 15.31 27.63 27.68
C GLY C 283 14.32 28.75 27.64
N THR C 284 14.76 30.00 27.51
CA THR C 284 13.86 31.13 27.36
C THR C 284 13.71 31.45 25.88
N ILE C 285 12.46 31.56 25.42
CA ILE C 285 12.19 31.71 24.00
C ILE C 285 12.49 33.16 23.62
N THR C 286 13.65 33.39 23.02
CA THR C 286 14.09 34.76 22.76
C THR C 286 13.30 35.42 21.64
N ASP C 287 12.91 34.68 20.62
CA ASP C 287 12.13 35.25 19.52
C ASP C 287 11.50 34.11 18.74
N ALA C 288 10.69 34.48 17.76
CA ALA C 288 9.92 33.50 16.99
C ALA C 288 9.46 34.16 15.71
N VAL C 289 8.91 33.34 14.81
CA VAL C 289 8.37 33.83 13.55
C VAL C 289 7.01 33.19 13.32
N ASP C 290 6.08 33.99 12.80
CA ASP C 290 4.81 33.47 12.35
C ASP C 290 4.98 32.74 11.03
N CYS C 291 4.17 31.69 10.84
CA CYS C 291 4.11 31.03 9.56
C CYS C 291 3.01 31.60 8.67
N ALA C 292 2.20 32.52 9.17
CA ALA C 292 1.10 33.07 8.41
C ALA C 292 1.19 34.57 8.21
N LEU C 293 2.26 35.21 8.72
CA LEU C 293 2.36 36.66 8.61
C LEU C 293 2.38 37.11 7.16
N ASP C 294 3.42 36.73 6.44
CA ASP C 294 3.61 37.20 5.07
C ASP C 294 4.67 36.31 4.42
N PRO C 295 4.79 36.35 3.11
CA PRO C 295 5.64 35.38 2.42
C PRO C 295 7.07 35.30 2.94
N LEU C 296 7.71 36.41 3.29
CA LEU C 296 9.05 36.30 3.82
C LEU C 296 9.06 35.45 5.07
N SER C 297 8.02 35.60 5.88
CA SER C 297 7.92 34.81 7.10
C SER C 297 7.63 33.36 6.78
N GLU C 298 6.64 33.10 5.92
CA GLU C 298 6.30 31.73 5.61
C GLU C 298 7.48 30.97 5.06
N THR C 299 8.41 31.68 4.42
CA THR C 299 9.66 31.04 4.01
C THR C 299 10.38 30.46 5.22
N LYS C 300 10.53 31.26 6.28
CA LYS C 300 11.18 30.78 7.48
C LYS C 300 10.47 29.57 8.04
N CYS C 301 9.17 29.45 7.80
CA CYS C 301 8.45 28.28 8.25
C CYS C 301 8.91 27.01 7.54
N THR C 302 9.62 27.14 6.42
CA THR C 302 10.08 25.96 5.69
C THR C 302 11.46 25.52 6.13
N LEU C 303 12.45 26.38 5.94
CA LEU C 303 13.81 26.00 6.26
C LEU C 303 14.03 25.82 7.76
N LYS C 304 13.07 26.23 8.58
CA LYS C 304 13.20 26.14 10.03
C LYS C 304 14.47 26.83 10.50
N SER C 305 14.72 28.01 9.94
CA SER C 305 15.83 28.85 10.34
C SER C 305 15.36 30.28 10.39
N PHE C 306 15.83 31.02 11.38
CA PHE C 306 15.50 32.44 11.46
C PHE C 306 16.27 33.27 10.48
N THR C 307 17.26 32.69 9.82
CA THR C 307 18.03 33.39 8.81
C THR C 307 17.96 32.58 7.53
N VAL C 308 17.75 33.27 6.43
CA VAL C 308 17.51 32.64 5.14
C VAL C 308 18.57 33.14 4.16
N GLU C 309 19.28 32.22 3.55
CA GLU C 309 20.29 32.62 2.59
C GLU C 309 19.62 33.23 1.37
N LYS C 310 20.34 34.13 0.70
CA LYS C 310 19.84 34.76 -0.50
C LYS C 310 19.57 33.69 -1.57
N GLY C 311 18.47 33.84 -2.27
CA GLY C 311 18.15 32.92 -3.34
C GLY C 311 16.69 32.89 -3.75
N ILE C 312 16.16 31.68 -3.93
CA ILE C 312 14.77 31.43 -4.25
C ILE C 312 14.32 30.23 -3.46
N TYR C 313 13.06 30.23 -3.02
CA TYR C 313 12.57 29.13 -2.19
C TYR C 313 11.13 28.84 -2.54
N GLN C 314 10.88 27.64 -3.07
CA GLN C 314 9.51 27.16 -3.17
C GLN C 314 8.89 27.16 -1.78
N THR C 315 7.94 28.05 -1.54
CA THR C 315 7.40 28.22 -0.19
C THR C 315 6.06 27.56 0.02
N SER C 316 5.04 27.96 -0.71
CA SER C 316 3.69 27.80 -0.21
C SER C 316 2.82 27.04 -1.19
N ASN C 317 1.78 26.44 -0.60
CA ASN C 317 0.83 25.60 -1.33
C ASN C 317 -0.19 26.52 -1.96
N PHE C 318 0.19 27.10 -3.10
CA PHE C 318 -0.73 27.99 -3.78
C PHE C 318 -1.91 27.22 -4.34
N ARG C 319 -3.03 27.93 -4.49
CA ARG C 319 -4.28 27.34 -4.93
C ARG C 319 -5.06 28.39 -5.71
N VAL C 320 -5.96 27.93 -6.56
CA VAL C 320 -6.91 28.79 -7.24
C VAL C 320 -8.31 28.29 -6.89
N GLN C 321 -9.26 29.21 -6.94
CA GLN C 321 -10.54 28.94 -6.32
C GLN C 321 -11.69 29.07 -7.30
N PRO C 322 -12.79 28.36 -7.05
CA PRO C 322 -14.03 28.63 -7.79
C PRO C 322 -14.82 29.72 -7.10
N THR C 323 -15.61 30.44 -7.90
CA THR C 323 -16.40 31.53 -7.36
C THR C 323 -17.90 31.40 -7.62
N GLU C 324 -18.33 30.35 -8.30
CA GLU C 324 -19.74 30.13 -8.54
C GLU C 324 -20.08 28.69 -8.17
N SER C 325 -20.91 28.54 -7.14
CA SER C 325 -21.36 27.21 -6.70
C SER C 325 -22.58 26.86 -7.53
N ILE C 326 -22.35 26.63 -8.81
CA ILE C 326 -23.43 26.51 -9.78
C ILE C 326 -24.12 25.17 -9.62
N VAL C 327 -25.43 25.21 -9.48
CA VAL C 327 -26.28 24.02 -9.57
C VAL C 327 -27.03 24.07 -10.91
N ARG C 328 -26.86 23.11 -11.88
CA ARG C 328 -27.40 23.33 -13.29
C ARG C 328 -28.06 22.15 -14.06
N PHE C 329 -28.35 22.28 -15.40
CA PHE C 329 -29.03 21.25 -16.28
C PHE C 329 -28.93 21.43 -17.84
N PRO C 330 -29.88 20.90 -18.69
CA PRO C 330 -29.90 20.91 -20.21
C PRO C 330 -30.88 21.69 -21.15
N ASN C 331 -31.50 21.11 -22.24
CA ASN C 331 -32.34 21.96 -23.13
C ASN C 331 -33.51 21.09 -23.58
N ILE C 332 -34.70 21.38 -23.05
CA ILE C 332 -35.92 20.53 -23.22
C ILE C 332 -36.56 20.65 -24.61
N THR C 333 -37.58 19.82 -24.83
CA THR C 333 -38.35 19.76 -26.10
C THR C 333 -39.74 19.18 -25.83
N ASN C 334 -39.83 17.89 -25.46
CA ASN C 334 -41.09 17.13 -25.63
C ASN C 334 -41.77 16.90 -24.27
N LEU C 335 -42.74 17.75 -23.94
CA LEU C 335 -43.53 17.69 -22.72
C LEU C 335 -44.55 16.54 -22.73
N CYS C 336 -45.01 16.16 -21.52
CA CYS C 336 -46.01 15.10 -21.34
C CYS C 336 -47.40 15.70 -21.28
N PRO C 337 -48.30 15.33 -22.18
CA PRO C 337 -49.67 15.89 -22.14
C PRO C 337 -50.63 15.24 -21.14
N PHE C 338 -50.67 15.70 -19.87
CA PHE C 338 -51.79 15.35 -19.01
C PHE C 338 -53.12 15.95 -19.44
N GLY C 339 -53.13 16.85 -20.41
CA GLY C 339 -54.39 17.32 -20.94
C GLY C 339 -55.30 16.18 -21.33
N GLU C 340 -54.72 15.03 -21.69
CA GLU C 340 -55.48 13.81 -21.93
C GLU C 340 -56.29 13.39 -20.71
N VAL C 341 -55.91 13.84 -19.52
CA VAL C 341 -56.64 13.54 -18.30
C VAL C 341 -57.18 14.80 -17.62
N PHE C 342 -56.69 15.98 -17.99
CA PHE C 342 -57.25 17.21 -17.45
C PHE C 342 -57.87 18.09 -18.51
N ASN C 343 -57.15 18.42 -19.59
CA ASN C 343 -57.73 19.27 -20.62
C ASN C 343 -58.56 18.49 -21.63
N ALA C 344 -58.64 17.17 -21.51
CA ALA C 344 -59.44 16.38 -22.45
C ALA C 344 -60.93 16.67 -22.26
N THR C 345 -61.73 16.15 -23.18
CA THR C 345 -63.16 16.45 -23.22
C THR C 345 -63.99 15.46 -22.42
N ARG C 346 -63.92 14.18 -22.78
CA ARG C 346 -64.86 13.18 -22.29
C ARG C 346 -64.17 12.16 -21.40
N PHE C 347 -64.87 11.73 -20.35
CA PHE C 347 -64.41 10.70 -19.43
C PHE C 347 -65.41 9.55 -19.33
N ALA C 348 -64.94 8.37 -18.93
CA ALA C 348 -65.86 7.28 -18.59
C ALA C 348 -66.30 7.31 -17.14
N SER C 349 -66.98 6.25 -16.72
CA SER C 349 -67.42 6.12 -15.34
C SER C 349 -66.22 5.88 -14.42
N VAL C 350 -66.54 5.62 -13.15
CA VAL C 350 -65.51 5.44 -12.12
C VAL C 350 -65.02 4.02 -12.05
N TYR C 351 -65.94 3.05 -12.04
CA TYR C 351 -65.55 1.65 -12.11
C TYR C 351 -64.92 1.28 -13.43
N ALA C 352 -65.13 2.08 -14.47
CA ALA C 352 -64.55 1.86 -15.79
C ALA C 352 -63.43 2.84 -16.05
N TRP C 353 -62.64 3.10 -15.02
CA TRP C 353 -61.57 4.08 -15.08
C TRP C 353 -60.55 3.71 -16.15
N ASN C 354 -60.39 4.59 -17.13
CA ASN C 354 -59.50 4.30 -18.26
C ASN C 354 -58.04 4.43 -17.85
N ARG C 355 -57.28 3.37 -18.05
CA ARG C 355 -55.87 3.32 -17.71
C ARG C 355 -55.08 4.01 -18.80
N LYS C 356 -54.15 4.88 -18.40
CA LYS C 356 -53.29 5.57 -19.35
C LYS C 356 -51.89 5.66 -18.77
N ARG C 357 -50.98 4.84 -19.29
CA ARG C 357 -49.58 4.88 -18.89
C ARG C 357 -48.82 5.86 -19.75
N ILE C 358 -48.07 6.75 -19.10
CA ILE C 358 -47.26 7.75 -19.81
C ILE C 358 -45.80 7.38 -19.61
N SER C 359 -45.10 7.16 -20.71
CA SER C 359 -43.68 6.83 -20.68
C SER C 359 -42.85 8.11 -20.75
N ASN C 360 -41.57 7.96 -21.07
CA ASN C 360 -40.58 9.03 -21.09
C ASN C 360 -41.00 10.30 -21.81
N CYS C 361 -41.08 11.38 -21.05
CA CYS C 361 -41.15 12.78 -21.49
C CYS C 361 -41.05 13.60 -20.22
N VAL C 362 -41.08 14.93 -20.36
CA VAL C 362 -40.97 15.80 -19.20
C VAL C 362 -42.37 16.09 -18.65
N ALA C 363 -42.56 15.84 -17.36
CA ALA C 363 -43.89 15.97 -16.76
C ALA C 363 -44.25 17.44 -16.54
N ASP C 364 -43.38 18.20 -15.87
CA ASP C 364 -43.60 19.61 -15.58
C ASP C 364 -44.89 19.80 -14.79
N TYR C 365 -44.88 19.25 -13.58
CA TYR C 365 -46.00 19.44 -12.67
C TYR C 365 -46.14 20.88 -12.20
N SER C 366 -45.25 21.77 -12.64
CA SER C 366 -45.33 23.17 -12.24
C SER C 366 -46.61 23.80 -12.75
N VAL C 367 -46.95 23.58 -14.01
CA VAL C 367 -48.22 24.06 -14.54
C VAL C 367 -49.37 23.40 -13.78
N LEU C 368 -49.15 22.18 -13.29
CA LEU C 368 -50.08 21.58 -12.35
C LEU C 368 -49.99 22.24 -10.98
N TYR C 369 -48.77 22.38 -10.45
CA TYR C 369 -48.61 23.01 -9.15
C TYR C 369 -49.19 24.41 -9.13
N ASN C 370 -48.77 25.25 -10.07
CA ASN C 370 -49.27 26.62 -10.09
C ASN C 370 -50.68 26.63 -10.67
N SER C 371 -51.54 25.77 -10.11
CA SER C 371 -52.92 25.74 -10.53
C SER C 371 -53.72 24.98 -9.47
N ALA C 372 -54.68 25.65 -8.83
CA ALA C 372 -55.53 25.03 -7.83
C ALA C 372 -56.84 24.55 -8.45
N SER C 373 -56.78 24.15 -9.72
CA SER C 373 -57.97 23.69 -10.44
C SER C 373 -58.58 22.47 -9.79
N PHE C 374 -57.90 21.85 -8.83
CA PHE C 374 -58.33 20.60 -8.24
C PHE C 374 -58.90 20.83 -6.85
N SER C 375 -59.49 19.75 -6.31
CA SER C 375 -60.01 19.74 -4.94
C SER C 375 -58.98 19.25 -3.95
N THR C 376 -58.39 18.08 -4.19
CA THR C 376 -57.46 17.48 -3.24
C THR C 376 -56.02 17.91 -3.51
N PHE C 377 -55.51 17.59 -4.69
CA PHE C 377 -54.07 17.68 -4.97
C PHE C 377 -53.31 16.97 -3.85
N LYS C 378 -53.95 15.97 -3.26
CA LYS C 378 -53.45 15.33 -2.06
C LYS C 378 -52.46 14.23 -2.43
N CYS C 379 -51.35 14.20 -1.72
CA CYS C 379 -50.23 13.34 -2.08
C CYS C 379 -49.95 12.33 -0.97
N TYR C 380 -49.50 11.14 -1.38
CA TYR C 380 -49.30 10.01 -0.47
C TYR C 380 -47.94 9.40 -0.75
N GLY C 381 -47.11 9.31 0.28
CA GLY C 381 -45.79 8.75 0.11
C GLY C 381 -44.76 9.75 -0.36
N VAL C 382 -45.16 10.66 -1.24
CA VAL C 382 -44.31 11.74 -1.71
C VAL C 382 -45.13 13.02 -1.67
N SER C 383 -44.53 14.09 -1.18
CA SER C 383 -45.27 15.30 -0.87
C SER C 383 -45.74 15.99 -2.14
N PRO C 384 -46.31 17.19 -1.95
CA PRO C 384 -47.10 17.82 -3.00
C PRO C 384 -46.24 18.15 -4.21
N THR C 385 -45.23 19.00 -4.03
CA THR C 385 -44.42 19.44 -5.16
C THR C 385 -43.06 18.77 -5.25
N LYS C 386 -42.61 18.12 -4.17
CA LYS C 386 -41.29 17.51 -4.20
C LYS C 386 -41.20 16.42 -5.26
N LEU C 387 -42.33 15.86 -5.69
CA LEU C 387 -42.26 14.83 -6.72
C LEU C 387 -41.75 15.38 -8.05
N ASN C 388 -41.76 16.71 -8.24
CA ASN C 388 -41.19 17.30 -9.45
C ASN C 388 -39.79 16.79 -9.72
N ASP C 389 -38.95 16.78 -8.69
CA ASP C 389 -37.53 16.46 -8.85
C ASP C 389 -37.23 15.04 -8.43
N LEU C 390 -38.13 14.11 -8.76
CA LEU C 390 -37.85 12.70 -8.63
C LEU C 390 -38.26 11.97 -9.91
N CYS C 391 -37.49 10.95 -10.27
CA CYS C 391 -37.71 10.16 -11.47
C CYS C 391 -38.51 8.91 -11.14
N PHE C 392 -39.32 8.48 -12.10
CA PHE C 392 -40.25 7.40 -11.90
C PHE C 392 -40.20 6.45 -13.08
N THR C 393 -40.52 5.18 -12.82
CA THR C 393 -40.49 4.18 -13.87
C THR C 393 -41.82 4.06 -14.62
N ASN C 394 -42.86 4.77 -14.19
CA ASN C 394 -44.12 4.81 -14.90
C ASN C 394 -44.99 5.95 -14.41
N VAL C 395 -46.01 6.26 -15.20
CA VAL C 395 -47.11 7.12 -14.78
C VAL C 395 -48.40 6.47 -15.21
N TYR C 396 -49.27 6.16 -14.24
CA TYR C 396 -50.60 5.64 -14.49
C TYR C 396 -51.59 6.80 -14.39
N ALA C 397 -52.50 6.89 -15.36
CA ALA C 397 -53.53 7.91 -15.36
C ALA C 397 -54.88 7.23 -15.36
N ASP C 398 -55.68 7.48 -14.33
CA ASP C 398 -57.02 6.92 -14.20
C ASP C 398 -58.01 8.06 -14.32
N SER C 399 -58.75 8.08 -15.43
CA SER C 399 -59.77 9.09 -15.68
C SER C 399 -61.12 8.52 -15.27
N PHE C 400 -61.72 9.08 -14.23
CA PHE C 400 -63.02 8.60 -13.79
C PHE C 400 -63.72 9.70 -13.00
N VAL C 401 -65.02 9.53 -12.84
CA VAL C 401 -65.90 10.54 -12.26
C VAL C 401 -66.47 9.99 -10.96
N ILE C 402 -66.32 10.74 -9.87
CA ILE C 402 -66.79 10.31 -8.56
C ILE C 402 -67.85 11.27 -8.07
N ARG C 403 -68.67 10.77 -7.14
CA ARG C 403 -69.70 11.56 -6.49
C ARG C 403 -69.07 12.59 -5.55
N GLY C 404 -69.87 13.59 -5.18
CA GLY C 404 -69.45 14.52 -4.16
C GLY C 404 -69.23 13.85 -2.81
N ASP C 405 -69.93 12.74 -2.57
CA ASP C 405 -69.69 11.91 -1.39
C ASP C 405 -68.71 10.78 -1.65
N GLU C 406 -68.06 10.77 -2.82
CA GLU C 406 -66.94 9.89 -3.09
C GLU C 406 -65.61 10.64 -3.14
N VAL C 407 -65.63 11.96 -3.01
CA VAL C 407 -64.41 12.75 -3.09
C VAL C 407 -63.39 12.38 -2.04
N ARG C 408 -63.75 11.52 -1.09
CA ARG C 408 -62.86 11.10 -0.01
C ARG C 408 -62.54 9.61 -0.04
N GLN C 409 -63.34 8.81 -0.73
CA GLN C 409 -63.21 7.36 -0.67
C GLN C 409 -61.93 6.83 -1.31
N ILE C 410 -61.21 7.65 -2.07
CA ILE C 410 -60.12 7.12 -2.87
C ILE C 410 -58.77 7.47 -2.26
N ALA C 411 -58.24 6.56 -1.45
CA ALA C 411 -56.95 6.71 -0.78
C ALA C 411 -56.62 5.41 -0.07
N PRO C 412 -55.40 5.25 0.46
CA PRO C 412 -55.15 4.16 1.39
C PRO C 412 -55.84 4.40 2.72
N GLY C 413 -56.32 3.31 3.31
CA GLY C 413 -57.03 3.35 4.58
C GLY C 413 -58.51 3.65 4.49
N GLN C 414 -59.03 3.97 3.31
CA GLN C 414 -60.45 4.27 3.16
C GLN C 414 -61.25 2.96 3.16
N THR C 415 -62.56 3.08 2.94
CA THR C 415 -63.37 1.88 2.74
C THR C 415 -64.45 2.07 1.68
N GLY C 416 -64.26 2.98 0.73
CA GLY C 416 -65.35 3.32 -0.18
C GLY C 416 -65.79 2.15 -1.02
N LYS C 417 -67.09 2.13 -1.32
CA LYS C 417 -67.60 1.16 -2.29
C LYS C 417 -66.98 1.42 -3.65
N ILE C 418 -66.75 2.69 -3.96
CA ILE C 418 -65.94 3.06 -5.12
C ILE C 418 -64.57 2.41 -5.00
N ALA C 419 -63.99 2.44 -3.79
CA ALA C 419 -62.78 1.67 -3.56
C ALA C 419 -63.07 0.17 -3.59
N ASP C 420 -64.10 -0.26 -2.88
CA ASP C 420 -64.33 -1.71 -2.72
C ASP C 420 -64.80 -2.35 -4.02
N TYR C 421 -65.77 -1.73 -4.70
CA TYR C 421 -66.40 -2.34 -5.87
C TYR C 421 -66.01 -1.69 -7.20
N ASN C 422 -65.35 -0.54 -7.19
CA ASN C 422 -65.14 0.21 -8.42
C ASN C 422 -63.68 0.50 -8.69
N TYR C 423 -62.95 1.03 -7.70
CA TYR C 423 -61.54 1.38 -7.87
C TYR C 423 -60.85 1.49 -6.52
N LYS C 424 -59.96 0.54 -6.24
CA LYS C 424 -59.25 0.48 -4.97
C LYS C 424 -57.84 1.02 -5.13
N LEU C 425 -57.31 1.55 -4.04
CA LEU C 425 -55.95 2.05 -4.00
C LEU C 425 -55.11 1.22 -3.02
N PRO C 426 -53.82 1.03 -3.30
CA PRO C 426 -52.98 0.33 -2.33
C PRO C 426 -52.82 1.10 -1.04
N ASP C 427 -52.67 0.35 0.05
CA ASP C 427 -52.22 0.93 1.30
C ASP C 427 -50.81 1.51 1.17
N ASP C 428 -50.06 1.10 0.16
CA ASP C 428 -48.75 1.64 -0.16
C ASP C 428 -48.81 2.58 -1.35
N PHE C 429 -49.84 3.43 -1.40
CA PHE C 429 -50.06 4.28 -2.57
C PHE C 429 -48.93 5.30 -2.66
N THR C 430 -48.02 5.07 -3.60
CA THR C 430 -46.82 5.89 -3.76
C THR C 430 -47.10 6.93 -4.85
N GLY C 431 -47.97 7.89 -4.51
CA GLY C 431 -48.39 8.89 -5.46
C GLY C 431 -49.43 9.80 -4.84
N CYS C 432 -50.18 10.48 -5.71
CA CYS C 432 -51.16 11.47 -5.28
C CYS C 432 -52.50 11.20 -5.94
N VAL C 433 -53.53 11.82 -5.38
CA VAL C 433 -54.88 11.77 -5.95
C VAL C 433 -55.34 13.20 -6.20
N ILE C 434 -55.89 13.44 -7.39
CA ILE C 434 -56.32 14.78 -7.78
C ILE C 434 -57.69 14.71 -8.42
N ALA C 435 -58.61 15.54 -7.94
CA ALA C 435 -59.97 15.58 -8.45
C ALA C 435 -60.53 16.98 -8.24
N TRP C 436 -61.63 17.27 -8.91
CA TRP C 436 -62.27 18.58 -8.78
C TRP C 436 -63.67 18.50 -9.37
N ASN C 437 -64.41 19.60 -9.19
CA ASN C 437 -65.77 19.68 -9.70
C ASN C 437 -65.78 19.80 -11.22
N SER C 438 -66.57 18.95 -11.87
CA SER C 438 -66.77 18.99 -13.30
C SER C 438 -68.26 18.98 -13.63
N ASN C 439 -69.04 19.78 -12.90
CA ASN C 439 -70.49 19.76 -13.09
C ASN C 439 -70.89 20.43 -14.40
N ASN C 440 -70.32 21.59 -14.71
CA ASN C 440 -70.79 22.40 -15.82
C ASN C 440 -70.63 21.67 -17.14
N LEU C 441 -69.48 21.02 -17.35
CA LEU C 441 -69.12 20.45 -18.65
C LEU C 441 -69.37 18.96 -18.72
N ASP C 442 -69.78 18.32 -17.62
CA ASP C 442 -69.92 16.87 -17.58
C ASP C 442 -71.20 16.40 -16.91
N SER C 443 -72.02 17.32 -16.41
CA SER C 443 -73.36 17.00 -15.93
C SER C 443 -74.35 17.85 -16.70
N LYS C 444 -75.51 17.26 -17.01
CA LYS C 444 -76.55 17.93 -17.78
C LYS C 444 -77.75 18.25 -16.89
N VAL C 445 -78.56 19.20 -17.38
CA VAL C 445 -79.61 19.78 -16.55
C VAL C 445 -80.61 18.72 -16.09
N GLY C 446 -81.06 17.87 -17.00
CA GLY C 446 -81.95 16.78 -16.60
C GLY C 446 -81.18 15.68 -15.88
N GLY C 447 -79.92 15.47 -16.24
CA GLY C 447 -79.12 14.45 -15.58
C GLY C 447 -78.04 13.82 -16.43
N ASN C 448 -76.89 13.58 -15.83
CA ASN C 448 -75.85 12.75 -16.42
C ASN C 448 -75.80 11.45 -15.61
N TYR C 449 -76.05 10.33 -16.28
CA TYR C 449 -76.14 9.03 -15.63
C TYR C 449 -75.17 7.99 -16.16
N ASN C 450 -74.61 8.19 -17.36
CA ASN C 450 -73.70 7.20 -17.93
C ASN C 450 -72.44 7.03 -17.10
N TYR C 451 -72.15 7.99 -16.21
CA TYR C 451 -71.09 7.80 -15.24
C TYR C 451 -71.58 6.86 -14.16
N LEU C 452 -71.51 5.56 -14.43
CA LEU C 452 -72.07 4.53 -13.58
C LEU C 452 -71.07 4.16 -12.49
N TYR C 453 -71.52 3.34 -11.55
CA TYR C 453 -70.60 2.84 -10.53
C TYR C 453 -71.14 1.51 -10.04
N ARG C 454 -70.23 0.59 -9.75
CA ARG C 454 -70.59 -0.75 -9.29
C ARG C 454 -70.98 -0.68 -7.82
N LEU C 455 -72.24 -0.95 -7.55
CA LEU C 455 -72.79 -0.91 -6.19
C LEU C 455 -72.86 -2.27 -5.53
N PHE C 456 -72.95 -3.34 -6.32
CA PHE C 456 -73.14 -4.68 -5.80
C PHE C 456 -72.16 -5.62 -6.49
N ARG C 457 -71.17 -6.10 -5.74
CA ARG C 457 -70.29 -7.13 -6.28
C ARG C 457 -69.91 -8.05 -5.11
N LYS C 458 -69.05 -9.02 -5.40
CA LYS C 458 -68.86 -10.19 -4.57
C LYS C 458 -67.61 -10.11 -3.71
N SER C 459 -66.57 -9.43 -4.19
CA SER C 459 -65.35 -9.25 -3.42
C SER C 459 -65.07 -7.76 -3.25
N ASN C 460 -64.02 -7.44 -2.51
CA ASN C 460 -63.46 -6.09 -2.50
C ASN C 460 -62.37 -6.02 -3.55
N LEU C 461 -62.46 -5.01 -4.43
CA LEU C 461 -61.49 -4.91 -5.51
C LEU C 461 -60.10 -4.76 -4.95
N LYS C 462 -59.16 -5.53 -5.52
CA LYS C 462 -57.78 -5.36 -5.14
C LYS C 462 -57.38 -3.92 -5.42
N PRO C 463 -56.46 -3.37 -4.65
CA PRO C 463 -55.87 -2.08 -5.01
C PRO C 463 -55.52 -2.02 -6.49
N PHE C 464 -56.09 -1.04 -7.20
CA PHE C 464 -55.92 -0.86 -8.64
C PHE C 464 -56.67 -1.91 -9.46
N GLU C 465 -57.88 -2.27 -9.06
CA GLU C 465 -58.65 -3.25 -9.83
C GLU C 465 -59.83 -2.58 -10.54
N ARG C 466 -60.34 -3.30 -11.55
CA ARG C 466 -61.36 -2.76 -12.44
C ARG C 466 -62.20 -3.94 -12.96
N ASP C 467 -63.34 -4.18 -12.31
CA ASP C 467 -64.27 -5.21 -12.75
C ASP C 467 -65.44 -4.54 -13.44
N ILE C 468 -65.40 -4.51 -14.78
CA ILE C 468 -66.50 -3.96 -15.58
C ILE C 468 -67.36 -5.05 -16.19
N SER C 469 -66.95 -6.31 -16.09
CA SER C 469 -67.77 -7.41 -16.61
C SER C 469 -69.17 -7.31 -16.03
N THR C 470 -70.17 -7.37 -16.90
CA THR C 470 -71.54 -7.06 -16.53
C THR C 470 -72.28 -8.26 -15.98
N GLU C 471 -71.56 -9.21 -15.39
CA GLU C 471 -72.21 -10.23 -14.57
C GLU C 471 -73.08 -9.55 -13.50
N ILE C 472 -74.37 -9.89 -13.51
CA ILE C 472 -75.30 -9.23 -12.61
C ILE C 472 -75.09 -9.75 -11.19
N TYR C 473 -74.97 -8.84 -10.24
CA TYR C 473 -74.91 -9.25 -8.85
C TYR C 473 -76.23 -9.87 -8.42
N GLN C 474 -76.15 -10.86 -7.56
CA GLN C 474 -77.31 -11.56 -7.03
C GLN C 474 -77.22 -11.62 -5.52
N ALA C 475 -78.29 -11.26 -4.85
CA ALA C 475 -78.34 -11.23 -3.39
C ALA C 475 -79.10 -12.41 -2.79
N GLY C 476 -79.48 -13.39 -3.60
CA GLY C 476 -80.30 -14.49 -3.14
C GLY C 476 -79.85 -15.81 -3.75
N SER C 477 -80.45 -16.88 -3.23
CA SER C 477 -80.18 -18.21 -3.73
C SER C 477 -80.77 -18.38 -5.14
N THR C 478 -81.91 -17.76 -5.38
CA THR C 478 -82.63 -17.98 -6.63
C THR C 478 -81.84 -17.40 -7.81
N PRO C 479 -81.64 -18.15 -8.89
CA PRO C 479 -80.79 -17.68 -9.98
C PRO C 479 -81.40 -16.50 -10.73
N CYS C 480 -80.50 -15.71 -11.32
CA CYS C 480 -80.88 -14.62 -12.21
C CYS C 480 -80.32 -14.87 -13.60
N ASN C 481 -81.13 -14.62 -14.62
CA ASN C 481 -80.73 -14.80 -16.01
C ASN C 481 -80.61 -13.47 -16.77
N GLY C 482 -81.64 -12.63 -16.70
CA GLY C 482 -81.60 -11.31 -17.29
C GLY C 482 -81.83 -10.26 -16.23
N VAL C 483 -82.93 -9.54 -16.34
CA VAL C 483 -83.34 -8.56 -15.33
C VAL C 483 -84.50 -9.15 -14.54
N GLU C 484 -84.31 -9.35 -13.23
CA GLU C 484 -85.29 -10.02 -12.40
C GLU C 484 -85.38 -9.30 -11.04
N GLY C 485 -86.45 -9.64 -10.29
CA GLY C 485 -86.70 -9.05 -9.00
C GLY C 485 -86.36 -9.97 -7.84
N PHE C 486 -86.33 -9.38 -6.64
CA PHE C 486 -85.93 -10.09 -5.43
C PHE C 486 -84.53 -10.69 -5.52
N ASN C 487 -83.51 -9.83 -5.39
CA ASN C 487 -82.10 -10.21 -5.30
C ASN C 487 -81.50 -10.50 -6.67
N CYS C 488 -82.09 -9.91 -7.70
CA CYS C 488 -81.43 -9.75 -8.99
C CYS C 488 -81.28 -8.24 -9.18
N TYR C 489 -80.22 -7.69 -8.62
CA TYR C 489 -79.95 -6.26 -8.66
C TYR C 489 -78.85 -5.99 -9.68
N PHE C 490 -79.08 -5.00 -10.53
CA PHE C 490 -78.09 -4.67 -11.54
C PHE C 490 -76.97 -3.87 -10.87
N PRO C 491 -75.72 -4.36 -10.90
CA PRO C 491 -74.69 -3.78 -10.03
C PRO C 491 -74.31 -2.35 -10.39
N LEU C 492 -74.40 -1.97 -11.66
CA LEU C 492 -73.86 -0.70 -12.12
C LEU C 492 -74.94 0.37 -11.97
N GLN C 493 -74.86 1.10 -10.87
CA GLN C 493 -75.87 2.11 -10.55
C GLN C 493 -75.45 3.44 -11.15
N SER C 494 -76.43 4.24 -11.52
CA SER C 494 -76.17 5.53 -12.15
C SER C 494 -76.20 6.63 -11.11
N TYR C 495 -75.09 7.32 -10.94
CA TYR C 495 -75.11 8.68 -10.39
C TYR C 495 -76.05 9.54 -11.22
N GLY C 496 -77.14 9.99 -10.61
CA GLY C 496 -77.97 10.98 -11.25
C GLY C 496 -77.44 12.35 -10.93
N PHE C 497 -76.66 12.91 -11.85
CA PHE C 497 -75.93 14.13 -11.60
C PHE C 497 -76.40 15.24 -12.51
N GLN C 498 -76.46 16.44 -11.96
CA GLN C 498 -77.11 17.59 -12.57
C GLN C 498 -76.47 18.84 -12.03
N PRO C 499 -76.64 19.97 -12.72
CA PRO C 499 -76.38 21.26 -12.05
C PRO C 499 -77.30 21.47 -10.85
N THR C 500 -78.52 20.92 -10.91
CA THR C 500 -79.44 21.01 -9.78
C THR C 500 -78.92 20.19 -8.60
N ASN C 501 -77.74 19.60 -8.77
CA ASN C 501 -76.99 19.04 -7.66
C ASN C 501 -75.94 20.04 -7.19
N GLY C 502 -75.89 20.27 -5.88
CA GLY C 502 -74.80 20.99 -5.27
C GLY C 502 -73.58 20.09 -5.14
N VAL C 503 -72.51 20.67 -4.58
CA VAL C 503 -71.26 19.94 -4.41
C VAL C 503 -71.42 18.66 -3.61
N GLY C 504 -72.57 18.47 -2.95
CA GLY C 504 -72.82 17.19 -2.29
C GLY C 504 -72.90 16.04 -3.27
N TYR C 505 -73.65 16.22 -4.36
CA TYR C 505 -73.89 15.15 -5.34
C TYR C 505 -73.55 15.58 -6.76
N GLN C 506 -72.41 16.26 -6.95
CA GLN C 506 -71.95 16.62 -8.28
C GLN C 506 -70.98 15.58 -8.83
N PRO C 507 -70.80 15.53 -10.15
CA PRO C 507 -69.72 14.71 -10.70
C PRO C 507 -68.38 15.32 -10.37
N TYR C 508 -67.37 14.46 -10.24
CA TYR C 508 -66.02 14.91 -9.91
C TYR C 508 -65.03 14.05 -10.67
N ARG C 509 -64.58 14.53 -11.83
CA ARG C 509 -63.53 13.86 -12.57
C ARG C 509 -62.25 13.83 -11.75
N VAL C 510 -61.55 12.72 -11.80
CA VAL C 510 -60.41 12.48 -10.91
C VAL C 510 -59.18 12.20 -11.76
N VAL C 511 -58.08 12.87 -11.42
CA VAL C 511 -56.77 12.60 -12.01
C VAL C 511 -55.98 11.83 -10.96
N VAL C 512 -55.62 10.59 -11.27
CA VAL C 512 -54.91 9.72 -10.33
C VAL C 512 -53.58 9.34 -10.94
N LEU C 513 -52.50 9.57 -10.17
CA LEU C 513 -51.14 9.28 -10.61
C LEU C 513 -50.53 8.25 -9.68
N SER C 514 -50.03 7.16 -10.26
CA SER C 514 -49.28 6.16 -9.53
C SER C 514 -47.97 5.90 -10.25
N PHE C 515 -46.89 5.77 -9.50
CA PHE C 515 -45.55 5.80 -10.06
C PHE C 515 -44.87 4.45 -9.90
N GLU C 516 -43.58 4.42 -10.18
CA GLU C 516 -42.77 3.23 -9.99
C GLU C 516 -41.30 3.59 -9.80
N ALA C 520 -35.39 0.55 -11.61
CA ALA C 520 -35.97 0.33 -12.93
C ALA C 520 -35.51 1.41 -13.91
N PRO C 521 -35.49 1.08 -15.20
CA PRO C 521 -35.22 2.11 -16.22
C PRO C 521 -36.17 3.30 -16.11
N ALA C 522 -35.62 4.47 -15.79
CA ALA C 522 -36.42 5.63 -15.46
C ALA C 522 -37.26 6.11 -16.64
N THR C 523 -38.41 6.68 -16.34
CA THR C 523 -39.29 7.23 -17.37
C THR C 523 -39.45 8.74 -17.27
N VAL C 524 -39.89 9.26 -16.12
CA VAL C 524 -40.38 10.63 -16.05
C VAL C 524 -39.35 11.51 -15.35
N CYS C 525 -38.82 12.47 -16.09
CA CYS C 525 -37.84 13.43 -15.60
C CYS C 525 -38.26 14.84 -16.01
N GLY C 526 -38.34 15.74 -15.02
CA GLY C 526 -38.71 17.15 -15.27
C GLY C 526 -37.58 17.90 -15.95
N PRO C 527 -37.87 19.00 -16.70
CA PRO C 527 -36.82 19.76 -17.40
C PRO C 527 -36.27 20.93 -16.57
N LYS C 528 -35.43 20.65 -15.56
CA LYS C 528 -34.86 21.70 -14.70
C LYS C 528 -34.20 22.78 -15.57
N LYS C 529 -34.66 24.04 -15.47
CA LYS C 529 -34.05 25.11 -16.28
C LYS C 529 -32.60 25.31 -15.85
N SER C 530 -31.66 25.19 -16.79
CA SER C 530 -30.22 25.39 -16.50
C SER C 530 -29.93 26.88 -16.41
N THR C 531 -28.82 27.24 -15.76
CA THR C 531 -28.48 28.65 -15.67
C THR C 531 -27.94 29.15 -17.00
N ASN C 532 -28.07 30.47 -17.20
CA ASN C 532 -27.53 31.07 -18.41
C ASN C 532 -26.06 30.72 -18.53
N LEU C 533 -25.66 30.25 -19.70
CA LEU C 533 -24.29 29.80 -19.90
C LEU C 533 -23.32 30.94 -19.67
N VAL C 534 -22.22 30.66 -18.97
CA VAL C 534 -21.21 31.64 -18.64
C VAL C 534 -19.88 31.21 -19.24
N LYS C 535 -19.24 32.11 -19.97
CA LYS C 535 -18.01 31.80 -20.68
C LYS C 535 -16.86 32.59 -20.09
N ASN C 536 -15.65 32.21 -20.51
CA ASN C 536 -14.41 32.89 -20.16
C ASN C 536 -14.31 33.20 -18.67
N LYS C 537 -14.82 32.32 -17.82
CA LYS C 537 -14.68 32.57 -16.39
C LYS C 537 -14.50 31.25 -15.66
N CYS C 538 -13.71 31.28 -14.58
CA CYS C 538 -13.51 30.11 -13.74
C CYS C 538 -14.77 29.75 -13.00
N VAL C 539 -15.49 28.75 -13.49
CA VAL C 539 -16.78 28.38 -12.93
C VAL C 539 -16.80 26.89 -12.69
N ASN C 540 -17.84 26.45 -12.00
CA ASN C 540 -18.18 25.05 -11.89
C ASN C 540 -19.32 24.77 -12.85
N PHE C 541 -19.39 23.55 -13.38
CA PHE C 541 -20.39 23.25 -14.39
C PHE C 541 -20.89 21.83 -14.24
N ASN C 542 -21.95 21.54 -15.00
CA ASN C 542 -22.52 20.17 -15.17
C ASN C 542 -23.42 20.16 -16.39
N PHE C 543 -22.91 19.62 -17.50
CA PHE C 543 -23.62 19.58 -18.76
C PHE C 543 -24.20 18.18 -18.91
N ASN C 544 -25.49 18.05 -18.65
CA ASN C 544 -26.23 16.81 -18.81
C ASN C 544 -25.63 15.67 -17.99
N GLY C 545 -24.82 16.00 -16.99
CA GLY C 545 -24.12 15.02 -16.19
C GLY C 545 -22.61 15.19 -16.17
N LEU C 546 -22.05 15.91 -17.15
CA LEU C 546 -20.61 16.08 -17.18
C LEU C 546 -20.17 17.07 -16.10
N THR C 547 -19.83 16.55 -14.93
CA THR C 547 -19.43 17.37 -13.81
C THR C 547 -18.02 17.93 -14.03
N GLY C 548 -17.73 19.04 -13.37
CA GLY C 548 -16.37 19.52 -13.32
C GLY C 548 -16.31 21.03 -13.33
N THR C 549 -15.08 21.53 -13.19
CA THR C 549 -14.77 22.95 -13.14
C THR C 549 -13.96 23.37 -14.35
N GLY C 550 -13.72 24.66 -14.44
CA GLY C 550 -12.86 25.19 -15.46
C GLY C 550 -13.45 26.44 -16.04
N VAL C 551 -13.16 26.64 -17.32
CA VAL C 551 -13.58 27.81 -18.08
C VAL C 551 -13.98 27.34 -19.47
N LEU C 552 -14.99 27.99 -20.03
CA LEU C 552 -15.59 27.51 -21.27
C LEU C 552 -15.36 28.50 -22.39
N THR C 553 -14.79 28.02 -23.49
CA THR C 553 -14.59 28.83 -24.68
C THR C 553 -15.20 28.12 -25.87
N GLU C 554 -15.55 28.89 -26.89
CA GLU C 554 -16.11 28.31 -28.12
C GLU C 554 -15.01 27.48 -28.76
N SER C 555 -15.11 26.17 -28.61
CA SER C 555 -14.10 25.29 -29.20
C SER C 555 -14.22 25.29 -30.71
N ASN C 556 -13.07 25.39 -31.39
CA ASN C 556 -13.07 25.26 -32.83
C ASN C 556 -13.30 23.84 -33.28
N LYS C 557 -13.36 22.90 -32.35
CA LYS C 557 -13.46 21.48 -32.67
C LYS C 557 -14.73 21.20 -33.47
N LYS C 558 -14.82 19.96 -33.96
CA LYS C 558 -15.99 19.48 -34.68
C LYS C 558 -16.37 18.13 -34.12
N PHE C 559 -17.53 18.05 -33.47
CA PHE C 559 -18.00 16.77 -32.96
C PHE C 559 -18.67 15.99 -34.08
N LEU C 560 -19.31 14.91 -33.72
CA LEU C 560 -20.25 14.23 -34.57
C LEU C 560 -21.64 14.32 -33.96
N PRO C 561 -22.69 14.32 -34.76
CA PRO C 561 -24.00 14.78 -34.25
C PRO C 561 -24.46 14.04 -33.02
N PHE C 562 -24.23 12.74 -32.97
CA PHE C 562 -24.68 11.93 -31.84
C PHE C 562 -23.84 12.14 -30.60
N GLN C 563 -22.56 12.45 -30.76
CA GLN C 563 -21.65 12.47 -29.62
C GLN C 563 -22.01 13.58 -28.64
N GLN C 564 -21.40 13.52 -27.47
CA GLN C 564 -21.64 14.51 -26.45
C GLN C 564 -20.41 15.29 -26.05
N PHE C 565 -19.27 14.63 -25.87
CA PHE C 565 -18.10 15.35 -25.36
C PHE C 565 -16.83 14.62 -25.71
N GLY C 566 -15.79 15.41 -26.01
CA GLY C 566 -14.48 14.86 -26.27
C GLY C 566 -13.67 14.68 -25.00
N ARG C 567 -12.54 13.99 -25.14
CA ARG C 567 -11.69 13.70 -24.01
C ARG C 567 -10.24 13.85 -24.43
N ASP C 568 -9.38 14.12 -23.45
CA ASP C 568 -7.95 14.17 -23.71
C ASP C 568 -7.44 12.79 -24.08
N ILE C 569 -6.43 12.78 -24.96
CA ILE C 569 -5.76 11.52 -25.30
C ILE C 569 -5.28 10.84 -24.02
N ALA C 570 -4.89 11.63 -23.02
CA ALA C 570 -4.53 11.10 -21.72
C ALA C 570 -5.74 10.98 -20.80
N ASP C 571 -6.94 10.85 -21.36
CA ASP C 571 -8.17 10.62 -20.60
C ASP C 571 -8.44 11.76 -19.62
N THR C 572 -8.74 12.92 -20.19
CA THR C 572 -9.31 14.01 -19.42
C THR C 572 -10.32 14.75 -20.29
N THR C 573 -11.43 15.14 -19.68
CA THR C 573 -12.49 15.79 -20.43
C THR C 573 -11.96 17.06 -21.09
N ASP C 574 -12.26 17.22 -22.37
CA ASP C 574 -11.69 18.31 -23.16
C ASP C 574 -12.73 19.26 -23.74
N ALA C 575 -13.94 18.79 -24.03
CA ALA C 575 -14.92 19.65 -24.66
C ALA C 575 -16.31 19.11 -24.36
N VAL C 576 -17.32 19.96 -24.55
CA VAL C 576 -18.72 19.59 -24.38
C VAL C 576 -19.56 20.32 -25.42
N ARG C 577 -20.80 19.88 -25.55
CA ARG C 577 -21.79 20.53 -26.40
C ARG C 577 -22.89 21.07 -25.52
N ASP C 578 -23.13 22.37 -25.60
CA ASP C 578 -24.21 22.97 -24.83
C ASP C 578 -25.54 22.53 -25.44
N PRO C 579 -26.41 21.88 -24.68
CA PRO C 579 -27.75 21.61 -25.21
C PRO C 579 -28.47 22.88 -25.59
N GLN C 580 -28.18 23.99 -24.91
CA GLN C 580 -28.80 25.26 -25.25
C GLN C 580 -28.53 25.62 -26.70
N THR C 581 -27.26 25.81 -27.04
CA THR C 581 -26.83 25.98 -28.43
C THR C 581 -25.79 24.91 -28.71
N LEU C 582 -26.09 24.04 -29.68
CA LEU C 582 -25.27 22.86 -29.92
C LEU C 582 -23.97 23.26 -30.59
N GLU C 583 -23.03 23.76 -29.78
CA GLU C 583 -21.70 24.11 -30.24
C GLU C 583 -20.67 23.45 -29.34
N ILE C 584 -19.44 23.37 -29.85
CA ILE C 584 -18.36 22.72 -29.14
C ILE C 584 -17.74 23.73 -28.18
N LEU C 585 -17.77 23.42 -26.89
CA LEU C 585 -17.23 24.30 -25.86
C LEU C 585 -15.99 23.66 -25.27
N ASP C 586 -14.83 24.26 -25.52
CA ASP C 586 -13.62 23.75 -24.94
C ASP C 586 -13.63 23.97 -23.43
N ILE C 587 -13.02 23.04 -22.71
CA ILE C 587 -12.94 23.08 -21.27
C ILE C 587 -11.47 23.22 -20.89
N THR C 588 -11.15 24.25 -20.12
CA THR C 588 -9.80 24.48 -19.62
C THR C 588 -9.85 24.53 -18.10
N PRO C 589 -9.08 23.69 -17.41
CA PRO C 589 -9.11 23.75 -15.94
C PRO C 589 -8.64 25.12 -15.48
N CYS C 590 -9.23 25.58 -14.39
CA CYS C 590 -8.86 26.90 -13.89
C CYS C 590 -7.38 26.91 -13.55
N SER C 591 -6.68 27.91 -14.04
CA SER C 591 -5.23 27.93 -13.93
C SER C 591 -4.84 27.96 -12.46
N PHE C 592 -3.64 27.46 -12.16
CA PHE C 592 -3.13 27.37 -10.81
C PHE C 592 -1.66 26.97 -10.90
N GLY C 593 -0.94 27.17 -9.82
CA GLY C 593 0.46 26.82 -9.82
C GLY C 593 1.04 26.81 -8.44
N GLY C 594 2.37 26.87 -8.39
CA GLY C 594 3.07 27.07 -7.14
C GLY C 594 3.57 28.50 -7.06
N VAL C 595 4.03 28.86 -5.86
CA VAL C 595 4.60 30.18 -5.63
C VAL C 595 5.80 30.05 -4.70
N SER C 596 6.98 30.33 -5.23
CA SER C 596 8.19 30.44 -4.44
C SER C 596 8.33 31.88 -3.95
N VAL C 597 9.24 32.08 -3.01
CA VAL C 597 9.57 33.42 -2.55
C VAL C 597 10.97 33.76 -3.07
N ILE C 598 11.07 34.88 -3.78
CA ILE C 598 12.35 35.41 -4.21
C ILE C 598 12.82 36.42 -3.18
N THR C 599 14.01 36.20 -2.63
CA THR C 599 14.50 37.09 -1.60
C THR C 599 15.95 37.46 -1.82
N PRO C 600 16.35 38.65 -1.40
CA PRO C 600 17.74 38.91 -1.11
C PRO C 600 18.12 38.22 0.20
N GLY C 601 19.39 38.33 0.54
CA GLY C 601 19.82 37.80 1.83
C GLY C 601 19.13 38.51 2.97
N THR C 602 18.66 37.73 3.94
CA THR C 602 18.11 38.30 5.16
C THR C 602 19.09 39.25 5.81
N ASN C 603 20.37 38.93 5.75
CA ASN C 603 21.40 39.88 6.13
C ASN C 603 21.23 41.19 5.40
N THR C 604 20.82 41.13 4.13
CA THR C 604 20.69 42.34 3.34
C THR C 604 19.43 43.10 3.68
N SER C 605 18.27 42.50 3.46
CA SER C 605 17.03 43.21 3.68
C SER C 605 15.91 42.19 3.88
N ASN C 606 14.83 42.64 4.49
CA ASN C 606 13.64 41.80 4.57
C ASN C 606 12.67 42.08 3.44
N GLN C 607 12.99 43.00 2.54
CA GLN C 607 12.12 43.30 1.42
C GLN C 607 12.23 42.21 0.37
N VAL C 608 11.10 41.63 -0.03
CA VAL C 608 11.08 40.42 -0.83
C VAL C 608 10.27 40.66 -2.10
N ALA C 609 10.30 39.67 -2.98
CA ALA C 609 9.45 39.64 -4.15
C ALA C 609 8.93 38.23 -4.33
N VAL C 610 7.65 38.10 -4.67
CA VAL C 610 6.96 36.83 -4.66
C VAL C 610 6.60 36.45 -6.09
N LEU C 611 6.95 35.23 -6.47
CA LEU C 611 6.64 34.72 -7.80
C LEU C 611 5.27 34.06 -7.79
N TYR C 612 4.60 34.12 -8.94
CA TYR C 612 3.37 33.37 -9.16
C TYR C 612 3.50 32.62 -10.47
N GLN C 613 3.54 31.30 -10.38
CA GLN C 613 3.73 30.46 -11.55
C GLN C 613 2.53 30.50 -12.46
N ASP C 614 2.79 30.42 -13.76
CA ASP C 614 1.85 29.86 -14.72
C ASP C 614 0.47 30.48 -14.60
N VAL C 615 0.42 31.81 -14.66
CA VAL C 615 -0.84 32.53 -14.53
C VAL C 615 -0.74 33.84 -15.30
N ASN C 616 -1.73 34.11 -16.14
CA ASN C 616 -1.89 35.48 -16.61
C ASN C 616 -2.36 36.28 -15.41
N CYS C 617 -1.41 36.91 -14.72
CA CYS C 617 -1.67 37.40 -13.37
C CYS C 617 -2.80 38.41 -13.31
N THR C 618 -3.34 38.85 -14.44
CA THR C 618 -4.61 39.54 -14.42
C THR C 618 -5.67 38.73 -13.69
N GLU C 619 -5.45 37.43 -13.52
CA GLU C 619 -6.39 36.55 -12.84
C GLU C 619 -5.97 36.25 -11.41
N VAL C 620 -5.41 37.23 -10.72
CA VAL C 620 -5.02 37.02 -9.34
C VAL C 620 -5.79 37.97 -8.41
N ASN C 641 3.63 47.84 -9.67
CA ASN C 641 4.79 47.10 -9.21
C ASN C 641 4.67 45.63 -9.56
N VAL C 642 4.36 45.36 -10.83
CA VAL C 642 4.08 44.01 -11.30
C VAL C 642 4.81 43.80 -12.61
N PHE C 643 5.33 42.59 -12.82
CA PHE C 643 5.94 42.25 -14.10
C PHE C 643 5.57 40.84 -14.50
N GLN C 644 5.22 40.67 -15.76
CA GLN C 644 4.80 39.41 -16.31
C GLN C 644 5.96 38.76 -17.05
N THR C 645 6.12 37.45 -16.87
CA THR C 645 7.21 36.72 -17.53
C THR C 645 6.66 35.46 -18.18
N ARG C 646 7.47 34.84 -19.03
CA ARG C 646 7.03 33.62 -19.69
C ARG C 646 6.84 32.48 -18.71
N ALA C 647 7.40 32.58 -17.52
CA ALA C 647 7.23 31.56 -16.50
C ALA C 647 6.12 31.89 -15.54
N GLY C 648 5.47 33.02 -15.72
CA GLY C 648 4.43 33.43 -14.81
C GLY C 648 4.40 34.94 -14.70
N CYS C 649 3.84 35.44 -13.61
CA CYS C 649 3.78 36.87 -13.41
C CYS C 649 4.38 37.18 -12.05
N LEU C 650 5.25 38.17 -12.02
CA LEU C 650 6.09 38.46 -10.87
C LEU C 650 5.57 39.65 -10.09
N ILE C 651 5.61 39.55 -8.77
CA ILE C 651 5.17 40.60 -7.87
C ILE C 651 6.34 40.98 -6.99
N GLY C 652 6.65 42.27 -6.95
CA GLY C 652 7.66 42.76 -6.06
C GLY C 652 8.95 43.18 -6.70
N ALA C 653 9.03 43.22 -8.03
CA ALA C 653 10.19 43.77 -8.70
C ALA C 653 9.73 44.56 -9.90
N GLU C 654 10.69 45.10 -10.64
CA GLU C 654 10.42 45.85 -11.84
C GLU C 654 11.30 45.30 -12.95
N HIS C 655 10.69 44.93 -14.06
CA HIS C 655 11.49 44.58 -15.22
C HIS C 655 12.39 45.75 -15.56
N VAL C 656 13.60 45.45 -16.01
CA VAL C 656 14.50 46.51 -16.42
C VAL C 656 15.09 46.15 -17.78
N ASN C 657 15.43 47.18 -18.54
CA ASN C 657 16.07 46.99 -19.82
C ASN C 657 17.57 46.84 -19.68
N ASN C 658 18.17 47.60 -18.78
CA ASN C 658 19.60 47.52 -18.56
C ASN C 658 19.93 46.08 -18.19
N SER C 659 20.58 45.37 -19.10
CA SER C 659 20.87 43.97 -18.87
C SER C 659 21.94 43.81 -17.81
N TYR C 660 21.83 42.74 -17.03
CA TYR C 660 22.82 42.41 -16.02
C TYR C 660 23.05 40.92 -16.03
N GLU C 661 24.20 40.51 -15.51
CA GLU C 661 24.44 39.09 -15.33
C GLU C 661 23.48 38.54 -14.28
N CYS C 662 23.28 37.23 -14.31
CA CYS C 662 22.31 36.64 -13.39
C CYS C 662 22.82 36.65 -11.98
N ASP C 663 21.89 36.88 -11.06
CA ASP C 663 22.16 36.79 -9.63
C ASP C 663 21.36 35.68 -8.98
N ILE C 664 20.04 35.68 -9.12
CA ILE C 664 19.20 34.61 -8.61
C ILE C 664 18.35 34.10 -9.77
N PRO C 665 18.54 32.87 -10.20
CA PRO C 665 17.71 32.34 -11.28
C PRO C 665 16.25 32.28 -10.87
N ILE C 666 15.37 32.51 -11.85
CA ILE C 666 13.93 32.53 -11.61
C ILE C 666 13.26 31.52 -12.52
N GLY C 667 13.37 31.73 -13.82
CA GLY C 667 12.78 30.84 -14.78
C GLY C 667 12.68 31.55 -16.12
N ALA C 668 13.00 30.85 -17.20
CA ALA C 668 12.93 31.42 -18.54
C ALA C 668 13.80 32.67 -18.69
N GLY C 669 14.84 32.78 -17.86
CA GLY C 669 15.86 33.78 -18.07
C GLY C 669 15.72 35.07 -17.30
N ILE C 670 15.40 35.01 -16.01
CA ILE C 670 15.15 36.21 -15.22
C ILE C 670 15.80 36.06 -13.85
N CYS C 671 16.39 37.15 -13.34
CA CYS C 671 17.12 37.13 -12.08
C CYS C 671 16.85 38.43 -11.32
N ALA C 672 17.35 38.51 -10.09
CA ALA C 672 16.97 39.59 -9.18
C ALA C 672 18.14 40.02 -8.30
N SER C 673 18.03 41.23 -7.76
CA SER C 673 18.98 41.77 -6.80
C SER C 673 18.45 43.09 -6.24
N TYR C 674 19.22 43.69 -5.34
CA TYR C 674 18.93 45.01 -4.81
C TYR C 674 19.87 46.04 -5.44
N GLN C 675 19.41 47.29 -5.52
CA GLN C 675 20.07 48.33 -6.30
C GLN C 675 20.06 49.63 -5.52
N THR C 676 20.36 50.72 -6.23
CA THR C 676 20.29 52.06 -5.66
C THR C 676 19.19 52.88 -6.32
N GLN C 690 16.48 51.89 -5.03
CA GLN C 690 16.83 51.00 -3.94
C GLN C 690 15.71 50.00 -3.67
N SER C 691 15.65 48.94 -4.47
CA SER C 691 14.57 47.96 -4.38
C SER C 691 15.05 46.67 -5.04
N ILE C 692 14.11 45.76 -5.30
CA ILE C 692 14.38 44.48 -5.96
C ILE C 692 14.08 44.61 -7.43
N ILE C 693 15.02 44.19 -8.28
CA ILE C 693 14.84 44.27 -9.71
C ILE C 693 14.60 42.87 -10.28
N ALA C 694 14.13 42.84 -11.51
CA ALA C 694 14.06 41.63 -12.30
C ALA C 694 14.44 41.98 -13.73
N TYR C 695 14.98 41.01 -14.47
CA TYR C 695 15.52 41.36 -15.77
C TYR C 695 15.83 40.12 -16.56
N THR C 696 15.76 40.26 -17.88
CA THR C 696 16.27 39.24 -18.77
C THR C 696 17.75 39.01 -18.47
N MET C 697 18.10 37.78 -18.11
CA MET C 697 19.45 37.53 -17.64
C MET C 697 20.42 37.62 -18.81
N SER C 698 21.51 38.34 -18.60
CA SER C 698 22.48 38.55 -19.67
C SER C 698 23.41 37.35 -19.77
N LEU C 699 24.31 37.39 -20.74
CA LEU C 699 25.30 36.34 -20.90
C LEU C 699 26.72 36.87 -20.92
N GLY C 700 26.91 38.15 -20.64
CA GLY C 700 28.18 38.78 -20.92
C GLY C 700 28.14 39.53 -22.24
N ALA C 701 29.09 40.43 -22.40
CA ALA C 701 29.06 41.33 -23.55
C ALA C 701 29.17 40.56 -24.85
N GLU C 702 28.31 40.91 -25.79
CA GLU C 702 28.46 40.38 -27.14
C GLU C 702 29.78 40.87 -27.73
N ASN C 703 30.55 39.94 -28.27
CA ASN C 703 31.89 40.28 -28.75
C ASN C 703 32.04 39.69 -30.15
N SER C 704 31.63 40.46 -31.14
CA SER C 704 31.97 40.09 -32.51
C SER C 704 33.47 40.17 -32.70
N VAL C 705 33.99 39.28 -33.52
CA VAL C 705 35.43 39.16 -33.71
C VAL C 705 35.76 39.43 -35.16
N ALA C 706 36.84 40.18 -35.38
CA ALA C 706 37.19 40.63 -36.71
C ALA C 706 37.71 39.46 -37.54
N TYR C 707 36.82 38.55 -37.90
CA TYR C 707 37.23 37.47 -38.77
C TYR C 707 37.66 38.03 -40.11
N SER C 708 38.60 37.32 -40.72
CA SER C 708 38.87 37.52 -42.13
C SER C 708 39.49 36.26 -42.67
N ASN C 709 39.71 36.25 -43.98
CA ASN C 709 40.52 35.22 -44.60
C ASN C 709 41.97 35.63 -44.73
N ASN C 710 42.39 36.69 -44.05
CA ASN C 710 43.80 37.05 -44.05
C ASN C 710 44.27 37.60 -42.71
N SER C 711 43.59 37.28 -41.62
CA SER C 711 43.82 37.98 -40.36
C SER C 711 44.11 37.00 -39.23
N ILE C 712 45.24 37.19 -38.56
CA ILE C 712 45.66 36.34 -37.46
C ILE C 712 45.90 37.18 -36.21
N ALA C 713 45.43 36.68 -35.08
CA ALA C 713 45.66 37.29 -33.78
C ALA C 713 46.66 36.44 -33.00
N ILE C 714 47.79 37.01 -32.66
CA ILE C 714 48.87 36.30 -31.98
C ILE C 714 49.16 37.02 -30.67
N PRO C 715 49.18 36.32 -29.54
CA PRO C 715 49.48 36.97 -28.27
C PRO C 715 50.93 37.40 -28.20
N THR C 716 51.20 38.35 -27.31
CA THR C 716 52.57 38.81 -27.10
C THR C 716 53.00 38.85 -25.65
N ASN C 717 52.10 38.94 -24.70
CA ASN C 717 52.44 38.86 -23.29
C ASN C 717 51.37 38.01 -22.62
N PHE C 718 51.73 37.37 -21.52
CA PHE C 718 50.85 36.35 -20.95
C PHE C 718 50.96 36.38 -19.44
N THR C 719 49.97 35.78 -18.81
CA THR C 719 49.93 35.73 -17.36
C THR C 719 49.88 34.29 -16.91
N ILE C 720 50.64 33.99 -15.86
CA ILE C 720 50.60 32.65 -15.26
C ILE C 720 49.48 32.69 -14.24
N SER C 721 48.27 32.52 -14.71
CA SER C 721 47.15 32.55 -13.79
C SER C 721 47.05 31.22 -13.06
N VAL C 722 46.45 31.26 -11.88
CA VAL C 722 46.19 30.09 -11.08
C VAL C 722 44.77 30.18 -10.52
N THR C 723 44.01 29.10 -10.65
CA THR C 723 42.65 29.07 -10.16
C THR C 723 42.46 27.88 -9.27
N THR C 724 41.48 27.97 -8.40
CA THR C 724 41.17 26.93 -7.46
C THR C 724 40.01 26.09 -7.99
N GLU C 725 40.24 24.80 -8.13
CA GLU C 725 39.21 23.84 -8.49
C GLU C 725 39.03 22.94 -7.29
N ILE C 726 37.80 22.83 -6.80
CA ILE C 726 37.52 22.15 -5.54
C ILE C 726 36.63 20.97 -5.82
N LEU C 727 37.03 19.79 -5.40
CA LEU C 727 36.19 18.62 -5.55
C LEU C 727 36.02 17.94 -4.21
N PRO C 728 34.82 17.46 -3.92
CA PRO C 728 34.65 16.62 -2.75
C PRO C 728 35.38 15.32 -2.99
N VAL C 729 35.78 14.67 -1.90
CA VAL C 729 36.53 13.43 -1.98
C VAL C 729 35.84 12.29 -1.25
N SER C 730 35.35 12.54 -0.04
CA SER C 730 34.73 11.46 0.69
C SER C 730 33.78 12.05 1.72
N MET C 731 32.63 11.42 1.88
CA MET C 731 31.67 11.89 2.86
C MET C 731 32.00 11.29 4.21
N THR C 732 31.38 11.86 5.24
CA THR C 732 31.63 11.41 6.59
C THR C 732 31.23 9.96 6.76
N LYS C 733 32.18 9.12 7.17
CA LYS C 733 31.89 7.71 7.38
C LYS C 733 30.82 7.58 8.44
N THR C 734 29.64 7.14 8.04
CA THR C 734 28.48 7.08 8.90
C THR C 734 28.07 5.63 9.12
N SER C 735 27.68 5.32 10.34
CA SER C 735 27.24 3.96 10.65
C SER C 735 26.05 4.01 11.57
N VAL C 736 25.06 3.17 11.28
CA VAL C 736 23.84 3.09 12.06
C VAL C 736 23.48 1.62 12.24
N ASP C 737 23.18 1.23 13.46
CA ASP C 737 22.84 -0.16 13.72
C ASP C 737 21.51 -0.52 13.06
N CYS C 738 21.38 -1.80 12.70
CA CYS C 738 20.07 -2.33 12.38
C CYS C 738 19.07 -1.83 13.38
N THR C 739 19.26 -2.29 14.60
CA THR C 739 18.22 -2.26 15.61
C THR C 739 18.33 -1.08 16.55
N MET C 740 19.56 -0.70 16.94
CA MET C 740 19.69 0.34 17.95
C MET C 740 18.90 1.56 17.55
N TYR C 741 18.93 1.89 16.26
CA TYR C 741 18.06 2.93 15.75
C TYR C 741 16.59 2.55 15.93
N ILE C 742 16.16 1.50 15.24
CA ILE C 742 14.75 1.13 15.30
C ILE C 742 14.37 0.77 16.72
N CYS C 743 15.12 -0.12 17.33
CA CYS C 743 14.84 -0.57 18.69
C CYS C 743 16.03 -0.18 19.55
N GLY C 744 15.89 0.89 20.30
CA GLY C 744 16.95 1.30 21.19
C GLY C 744 17.07 0.37 22.37
N ASP C 745 17.53 -0.84 22.12
CA ASP C 745 17.80 -1.82 23.17
C ASP C 745 16.54 -2.15 23.97
N SER C 746 15.58 -2.75 23.27
CA SER C 746 14.40 -3.31 23.90
C SER C 746 14.19 -4.71 23.32
N THR C 747 14.52 -5.73 24.12
CA THR C 747 14.43 -7.10 23.61
C THR C 747 13.02 -7.42 23.15
N GLU C 748 12.01 -6.78 23.74
CA GLU C 748 10.65 -6.95 23.24
C GLU C 748 10.51 -6.41 21.83
N CYS C 749 11.35 -5.46 21.44
CA CYS C 749 11.26 -4.89 20.10
C CYS C 749 11.86 -5.82 19.06
N SER C 750 13.16 -6.10 19.20
CA SER C 750 13.85 -6.88 18.18
C SER C 750 13.22 -8.26 18.02
N ASN C 751 12.83 -8.88 19.13
CA ASN C 751 12.16 -10.17 19.03
C ASN C 751 10.91 -10.07 18.17
N LEU C 752 10.25 -8.90 18.14
CA LEU C 752 9.21 -8.68 17.16
C LEU C 752 9.79 -8.36 15.79
N LEU C 753 11.02 -7.84 15.74
CA LEU C 753 11.59 -7.46 14.45
C LEU C 753 12.03 -8.68 13.65
N LEU C 754 12.65 -9.66 14.31
CA LEU C 754 13.14 -10.83 13.60
C LEU C 754 12.08 -11.52 12.78
N GLN C 755 10.82 -11.12 12.90
CA GLN C 755 9.85 -11.54 11.91
C GLN C 755 10.12 -10.94 10.55
N TYR C 756 10.98 -9.92 10.48
CA TYR C 756 11.19 -9.21 9.23
C TYR C 756 12.37 -9.73 8.43
N GLY C 757 12.69 -11.00 8.54
CA GLY C 757 13.72 -11.52 7.69
C GLY C 757 15.05 -10.85 7.94
N SER C 758 15.86 -10.79 6.89
CA SER C 758 17.21 -10.25 6.97
C SER C 758 17.29 -8.82 6.48
N PHE C 759 16.23 -8.04 6.67
CA PHE C 759 16.26 -6.63 6.29
C PHE C 759 17.51 -5.96 6.84
N CYS C 760 17.58 -5.85 8.16
CA CYS C 760 18.51 -4.89 8.72
C CYS C 760 19.94 -5.28 8.37
N THR C 761 20.24 -6.58 8.48
CA THR C 761 21.59 -7.04 8.18
C THR C 761 22.02 -6.54 6.81
N GLN C 762 21.11 -6.56 5.86
CA GLN C 762 21.38 -5.92 4.58
C GLN C 762 21.68 -4.44 4.78
N LEU C 763 20.88 -3.76 5.60
CA LEU C 763 21.05 -2.33 5.76
C LEU C 763 22.43 -2.01 6.31
N ASN C 764 22.90 -2.78 7.28
CA ASN C 764 24.24 -2.55 7.78
C ASN C 764 25.26 -2.74 6.68
N ARG C 765 25.08 -3.76 5.84
CA ARG C 765 26.03 -4.04 4.77
C ARG C 765 26.24 -2.81 3.90
N ALA C 766 25.15 -2.23 3.41
CA ALA C 766 25.27 -1.07 2.55
C ALA C 766 26.03 0.05 3.26
N LEU C 767 25.65 0.33 4.51
CA LEU C 767 26.39 1.32 5.27
C LEU C 767 27.85 0.91 5.41
N THR C 768 28.08 -0.31 5.86
CA THR C 768 29.45 -0.80 5.91
C THR C 768 30.09 -0.76 4.54
N GLY C 769 29.35 -1.17 3.52
CA GLY C 769 29.87 -1.05 2.17
C GLY C 769 30.22 0.38 1.82
N ILE C 770 29.40 1.33 2.25
CA ILE C 770 29.72 2.73 2.04
C ILE C 770 31.00 3.09 2.76
N ALA C 771 31.11 2.69 4.02
CA ALA C 771 32.23 3.14 4.83
C ALA C 771 33.55 2.67 4.24
N VAL C 772 33.67 1.38 3.98
CA VAL C 772 34.89 0.88 3.36
C VAL C 772 35.12 1.59 2.04
N GLU C 773 34.06 1.77 1.27
CA GLU C 773 34.15 2.54 0.05
C GLU C 773 34.77 3.91 0.31
N GLN C 774 34.35 4.55 1.39
CA GLN C 774 34.84 5.90 1.67
C GLN C 774 36.34 5.93 1.76
N ASP C 775 36.91 5.05 2.57
CA ASP C 775 38.36 5.08 2.73
C ASP C 775 39.07 4.74 1.43
N LYS C 776 38.55 3.77 0.69
CA LYS C 776 39.20 3.39 -0.56
C LYS C 776 39.32 4.59 -1.48
N ASN C 777 38.31 5.45 -1.51
CA ASN C 777 38.44 6.69 -2.26
C ASN C 777 39.76 7.35 -1.94
N THR C 778 39.98 7.64 -0.67
CA THR C 778 41.16 8.41 -0.30
C THR C 778 42.42 7.73 -0.75
N GLN C 779 42.51 6.42 -0.55
CA GLN C 779 43.67 5.69 -1.05
C GLN C 779 43.77 5.82 -2.57
N GLU C 780 42.65 5.65 -3.27
CA GLU C 780 42.64 5.89 -4.70
C GLU C 780 42.92 7.33 -5.04
N VAL C 781 42.71 8.24 -4.11
CA VAL C 781 42.96 9.64 -4.36
C VAL C 781 44.44 9.95 -4.17
N PHE C 782 44.95 9.73 -2.97
CA PHE C 782 46.26 10.25 -2.63
C PHE C 782 47.36 9.21 -2.65
N ALA C 783 47.11 8.00 -2.19
CA ALA C 783 48.22 7.06 -2.09
C ALA C 783 48.55 6.53 -3.47
N GLN C 784 48.77 7.43 -4.41
CA GLN C 784 49.18 7.05 -5.74
C GLN C 784 50.69 6.95 -5.85
N VAL C 785 51.40 7.12 -4.73
CA VAL C 785 52.85 7.02 -4.73
C VAL C 785 53.28 6.57 -3.34
N LYS C 786 54.29 5.72 -3.29
CA LYS C 786 54.64 5.05 -2.06
C LYS C 786 55.69 5.81 -1.26
N GLN C 787 56.79 6.19 -1.89
CA GLN C 787 57.92 6.80 -1.18
C GLN C 787 57.53 8.21 -0.76
N ILE C 788 57.36 8.42 0.54
CA ILE C 788 56.94 9.72 1.02
C ILE C 788 58.12 10.66 0.91
N TYR C 789 58.13 11.46 -0.14
CA TYR C 789 59.29 12.32 -0.37
C TYR C 789 59.35 13.41 0.69
N LYS C 790 60.50 14.07 0.75
CA LYS C 790 60.67 15.21 1.63
C LYS C 790 61.19 16.37 0.81
N THR C 791 60.65 17.55 1.08
CA THR C 791 61.17 18.72 0.42
C THR C 791 62.63 18.92 0.81
N PRO C 792 63.48 19.32 -0.12
CA PRO C 792 64.88 19.54 0.23
C PRO C 792 65.01 20.73 1.16
N PRO C 793 66.04 20.77 1.99
CA PRO C 793 66.14 21.84 2.98
C PRO C 793 66.35 23.20 2.34
N ILE C 794 67.35 23.32 1.48
CA ILE C 794 67.72 24.60 0.90
C ILE C 794 66.68 24.96 -0.16
N LYS C 795 65.87 25.98 0.13
CA LYS C 795 64.73 26.30 -0.72
C LYS C 795 65.12 27.11 -1.94
N ASP C 796 66.11 26.65 -2.69
CA ASP C 796 66.47 27.31 -3.93
C ASP C 796 65.47 26.87 -4.99
N PHE C 797 64.75 27.82 -5.57
CA PHE C 797 63.74 27.50 -6.57
C PHE C 797 63.75 28.53 -7.68
N GLY C 798 64.94 28.87 -8.15
CA GLY C 798 65.07 29.77 -9.28
C GLY C 798 64.27 31.05 -9.15
N GLY C 799 63.82 31.36 -7.94
CA GLY C 799 63.02 32.53 -7.66
C GLY C 799 61.63 32.23 -7.13
N PHE C 800 61.08 31.07 -7.50
CA PHE C 800 59.71 30.78 -7.11
C PHE C 800 59.64 30.64 -5.60
N ASN C 801 58.74 31.38 -4.96
CA ASN C 801 58.62 31.34 -3.51
C ASN C 801 57.46 30.41 -3.20
N PHE C 802 57.75 29.11 -3.15
CA PHE C 802 56.73 28.12 -2.83
C PHE C 802 56.27 28.18 -1.39
N SER C 803 56.90 29.03 -0.58
CA SER C 803 56.71 28.99 0.88
C SER C 803 55.25 28.85 1.27
N GLN C 804 54.34 29.32 0.43
CA GLN C 804 52.93 29.20 0.75
C GLN C 804 52.51 27.75 0.87
N ILE C 805 52.95 26.90 -0.05
CA ILE C 805 52.39 25.55 -0.13
C ILE C 805 53.29 24.48 0.47
N LEU C 806 54.51 24.77 0.74
CA LEU C 806 55.24 23.68 1.37
C LEU C 806 55.11 23.80 2.88
N PRO C 807 54.80 22.71 3.57
CA PRO C 807 54.46 22.79 5.00
C PRO C 807 55.58 23.47 5.80
N ASP C 808 55.18 24.43 6.62
CA ASP C 808 56.08 25.15 7.48
C ASP C 808 56.48 24.30 8.67
N PRO C 809 57.59 24.63 9.33
CA PRO C 809 57.89 23.98 10.61
C PRO C 809 57.14 24.59 11.78
N SER C 810 56.71 25.85 11.68
CA SER C 810 56.21 26.57 12.85
C SER C 810 54.98 25.89 13.44
N LYS C 811 53.98 25.66 12.61
CA LYS C 811 52.84 24.92 13.10
C LYS C 811 53.21 23.45 13.21
N PRO C 812 53.03 22.82 14.38
CA PRO C 812 53.20 21.37 14.46
C PRO C 812 52.17 20.61 13.65
N SER C 813 51.14 21.28 13.13
CA SER C 813 50.21 20.64 12.22
C SER C 813 50.90 20.15 10.96
N LYS C 814 52.08 20.68 10.67
CA LYS C 814 52.86 20.28 9.49
C LYS C 814 52.04 20.45 8.23
N ARG C 815 51.18 21.45 8.21
CA ARG C 815 50.41 21.81 7.05
C ARG C 815 51.04 23.00 6.37
N SER C 816 50.53 23.33 5.22
CA SER C 816 50.94 24.59 4.62
C SER C 816 49.87 25.63 4.89
N PRO C 817 50.25 26.92 4.87
CA PRO C 817 49.28 27.95 5.23
C PRO C 817 47.99 27.89 4.47
N ILE C 818 48.01 27.55 3.18
CA ILE C 818 46.75 27.43 2.47
C ILE C 818 45.86 26.40 3.14
N GLU C 819 46.41 25.24 3.46
CA GLU C 819 45.64 24.26 4.22
C GLU C 819 45.07 24.91 5.47
N ASP C 820 45.87 25.71 6.16
CA ASP C 820 45.41 26.35 7.38
C ASP C 820 44.12 27.11 7.12
N LEU C 821 44.12 27.96 6.09
CA LEU C 821 42.90 28.68 5.74
C LEU C 821 41.80 27.72 5.35
N LEU C 822 42.11 26.71 4.53
CA LEU C 822 41.12 25.68 4.25
C LEU C 822 40.51 25.16 5.53
N PHE C 823 41.33 24.59 6.41
CA PHE C 823 40.77 23.96 7.58
C PHE C 823 40.06 24.96 8.46
N ASN C 824 40.55 26.18 8.52
CA ASN C 824 39.92 27.15 9.40
C ASN C 824 38.61 27.68 8.88
N LYS C 825 38.31 27.47 7.60
CA LYS C 825 37.03 27.92 7.06
C LYS C 825 35.96 26.85 7.11
N VAL C 826 36.26 25.67 7.61
CA VAL C 826 35.24 24.65 7.79
C VAL C 826 35.40 24.02 9.16
N ASN C 856 24.05 8.84 20.74
CA ASN C 856 22.72 9.34 20.43
C ASN C 856 21.83 8.25 19.84
N GLY C 857 22.42 7.11 19.54
CA GLY C 857 21.68 6.02 18.91
C GLY C 857 22.40 5.41 17.74
N LEU C 858 23.50 6.05 17.33
CA LEU C 858 24.28 5.63 16.18
C LEU C 858 25.69 6.17 16.37
N THR C 859 26.57 5.88 15.41
CA THR C 859 27.96 6.26 15.56
C THR C 859 28.50 6.89 14.30
N VAL C 860 29.75 7.35 14.39
CA VAL C 860 30.51 7.83 13.25
C VAL C 860 31.88 7.20 13.31
N LEU C 861 32.26 6.51 12.28
CA LEU C 861 33.60 5.98 12.34
C LEU C 861 34.60 7.07 11.97
N PRO C 862 35.81 6.99 12.51
CA PRO C 862 36.86 7.90 12.06
C PRO C 862 37.39 7.43 10.70
N PRO C 863 37.86 8.37 9.89
CA PRO C 863 38.45 7.96 8.62
C PRO C 863 39.71 7.17 8.87
N LEU C 864 40.05 6.31 7.92
CA LEU C 864 41.24 5.49 8.08
C LEU C 864 42.49 6.36 8.21
N LEU C 865 42.61 7.34 7.35
CA LEU C 865 43.82 8.15 7.28
C LEU C 865 43.69 9.38 8.16
N THR C 866 44.65 9.55 9.06
CA THR C 866 44.75 10.74 9.88
C THR C 866 45.31 11.88 9.06
N ASP C 867 44.82 13.08 9.36
CA ASP C 867 45.01 14.22 8.47
C ASP C 867 46.47 14.43 8.12
N GLU C 868 47.36 14.23 9.08
CA GLU C 868 48.78 14.47 8.84
C GLU C 868 49.29 13.61 7.71
N MET C 869 48.89 12.34 7.69
CA MET C 869 49.27 11.50 6.56
C MET C 869 48.77 12.10 5.25
N ILE C 870 47.50 12.53 5.23
CA ILE C 870 47.04 13.21 4.04
C ILE C 870 47.96 14.37 3.73
N ALA C 871 48.32 15.14 4.73
CA ALA C 871 49.26 16.22 4.50
C ALA C 871 50.56 15.69 3.94
N GLN C 872 51.07 14.60 4.52
CA GLN C 872 52.34 14.05 4.06
C GLN C 872 52.28 13.69 2.59
N TYR C 873 51.25 12.93 2.19
CA TYR C 873 51.06 12.66 0.78
C TYR C 873 51.12 13.94 -0.02
N THR C 874 50.23 14.87 0.29
CA THR C 874 50.28 16.17 -0.35
C THR C 874 51.67 16.75 -0.26
N SER C 875 52.27 16.71 0.93
CA SER C 875 53.64 17.17 1.07
C SER C 875 54.53 16.45 0.08
N ALA C 876 54.46 15.12 0.07
CA ALA C 876 55.28 14.38 -0.89
C ALA C 876 54.90 14.76 -2.31
N LEU C 877 53.61 14.69 -2.62
CA LEU C 877 53.17 14.94 -3.99
C LEU C 877 53.74 16.25 -4.50
N LEU C 878 53.82 17.23 -3.62
CA LEU C 878 54.53 18.45 -3.99
C LEU C 878 55.96 18.16 -4.35
N ALA C 879 56.69 17.49 -3.45
CA ALA C 879 58.14 17.41 -3.59
C ALA C 879 58.53 16.74 -4.89
N GLY C 880 58.00 15.56 -5.15
CA GLY C 880 58.29 14.89 -6.40
C GLY C 880 57.93 15.77 -7.58
N THR C 881 56.76 16.38 -7.53
CA THR C 881 56.43 17.39 -8.53
C THR C 881 57.42 18.53 -8.46
N ILE C 882 57.74 18.97 -7.25
CA ILE C 882 58.64 20.10 -7.12
C ILE C 882 60.04 19.73 -7.60
N THR C 883 60.55 18.60 -7.16
CA THR C 883 61.96 18.32 -7.39
C THR C 883 62.21 17.35 -8.52
N SER C 884 61.31 16.41 -8.74
CA SER C 884 61.60 15.34 -9.69
C SER C 884 60.87 15.53 -11.01
N GLY C 885 60.47 16.75 -11.33
CA GLY C 885 59.72 16.82 -12.56
C GLY C 885 58.42 16.04 -12.39
N TRP C 886 57.88 15.61 -13.52
CA TRP C 886 56.69 14.78 -13.46
C TRP C 886 57.03 13.31 -13.32
N THR C 887 58.27 12.94 -13.59
CA THR C 887 58.56 11.54 -13.86
C THR C 887 58.23 10.65 -12.68
N PHE C 888 58.24 11.20 -11.46
CA PHE C 888 58.18 10.32 -10.31
C PHE C 888 56.91 9.50 -10.27
N GLY C 889 55.90 9.90 -11.02
CA GLY C 889 54.72 9.06 -11.11
C GLY C 889 55.01 7.74 -11.78
N ALA C 890 55.93 7.72 -12.73
CA ALA C 890 56.13 6.55 -13.58
C ALA C 890 57.18 5.58 -13.04
N GLY C 891 57.90 5.93 -12.00
CA GLY C 891 58.92 5.05 -11.47
C GLY C 891 59.72 5.71 -10.38
N PRO C 892 61.02 5.41 -10.31
CA PRO C 892 61.87 6.10 -9.36
C PRO C 892 61.91 7.58 -9.67
N ALA C 893 61.90 8.40 -8.62
CA ALA C 893 61.79 9.83 -8.78
C ALA C 893 63.13 10.41 -9.23
N LEU C 894 63.17 10.94 -10.44
CA LEU C 894 64.41 11.45 -11.01
C LEU C 894 64.45 12.96 -10.81
N GLN C 895 65.49 13.44 -10.15
CA GLN C 895 65.53 14.84 -9.74
C GLN C 895 66.01 15.73 -10.88
N ILE C 896 65.30 16.82 -11.11
CA ILE C 896 65.62 17.82 -12.13
C ILE C 896 65.37 19.20 -11.53
N PRO C 897 66.25 20.17 -11.73
CA PRO C 897 66.04 21.47 -11.10
C PRO C 897 64.87 22.20 -11.70
N PHE C 898 64.15 22.92 -10.84
CA PHE C 898 62.78 23.33 -11.17
C PHE C 898 62.68 24.23 -12.38
N PRO C 899 63.50 25.26 -12.54
CA PRO C 899 63.27 26.15 -13.68
C PRO C 899 63.22 25.45 -15.01
N MET C 900 64.02 24.41 -15.25
CA MET C 900 63.83 23.73 -16.51
C MET C 900 62.54 22.94 -16.55
N GLN C 901 61.93 22.66 -15.41
CA GLN C 901 60.72 21.87 -15.45
C GLN C 901 59.61 22.62 -16.17
N MET C 902 59.40 23.89 -15.83
CA MET C 902 58.46 24.68 -16.59
C MET C 902 58.84 24.70 -18.06
N ALA C 903 60.15 24.79 -18.33
CA ALA C 903 60.60 24.75 -19.71
C ALA C 903 60.08 23.52 -20.42
N TYR C 904 60.02 22.40 -19.71
CA TYR C 904 59.39 21.22 -20.28
C TYR C 904 57.90 21.48 -20.53
N ARG C 905 57.19 21.92 -19.49
CA ARG C 905 55.75 22.11 -19.68
C ARG C 905 55.48 23.20 -20.70
N PHE C 906 56.27 24.26 -20.69
CA PHE C 906 56.22 25.20 -21.79
C PHE C 906 56.37 24.47 -23.10
N ASN C 907 57.37 23.60 -23.19
CA ASN C 907 57.53 22.77 -24.37
C ASN C 907 56.28 21.95 -24.64
N GLY C 908 55.50 21.68 -23.60
CA GLY C 908 54.22 21.03 -23.84
C GLY C 908 53.26 21.91 -24.60
N ILE C 909 53.30 23.21 -24.38
CA ILE C 909 52.27 24.10 -24.89
C ILE C 909 52.70 24.79 -26.18
N GLY C 910 53.65 24.20 -26.90
CA GLY C 910 54.05 24.74 -28.17
C GLY C 910 55.00 25.91 -28.11
N VAL C 911 55.28 26.44 -26.92
CA VAL C 911 56.20 27.56 -26.76
C VAL C 911 57.60 27.01 -26.51
N THR C 912 58.57 27.49 -27.30
CA THR C 912 59.93 27.00 -27.16
C THR C 912 60.46 27.33 -25.77
N GLN C 913 61.04 26.32 -25.13
CA GLN C 913 61.54 26.49 -23.79
C GLN C 913 62.68 27.48 -23.71
N ASN C 914 63.07 28.08 -24.83
CA ASN C 914 63.91 29.27 -24.75
C ASN C 914 63.18 30.38 -24.03
N VAL C 915 61.89 30.53 -24.31
CA VAL C 915 61.17 31.71 -23.84
C VAL C 915 61.14 31.75 -22.31
N LEU C 916 60.91 30.60 -21.67
CA LEU C 916 60.66 30.60 -20.24
C LEU C 916 61.77 31.30 -19.47
N TYR C 917 63.02 30.92 -19.71
CA TYR C 917 64.11 31.59 -19.01
C TYR C 917 64.17 33.05 -19.38
N GLU C 918 63.90 33.36 -20.64
CA GLU C 918 63.93 34.74 -21.08
C GLU C 918 62.98 35.62 -20.28
N ASN C 919 62.16 35.04 -19.42
CA ASN C 919 61.27 35.85 -18.59
C ASN C 919 61.16 35.28 -17.19
N GLN C 920 62.23 34.64 -16.70
CA GLN C 920 62.10 33.86 -15.47
C GLN C 920 61.57 34.71 -14.33
N LYS C 921 62.19 35.86 -14.07
CA LYS C 921 61.78 36.68 -12.94
C LYS C 921 60.36 37.19 -13.13
N LEU C 922 60.06 37.73 -14.30
CA LEU C 922 58.70 38.20 -14.54
C LEU C 922 57.70 37.09 -14.36
N ILE C 923 58.01 35.91 -14.88
CA ILE C 923 57.18 34.74 -14.61
C ILE C 923 57.16 34.47 -13.12
N ALA C 924 58.34 34.50 -12.50
CA ALA C 924 58.43 34.19 -11.08
C ALA C 924 57.49 35.04 -10.27
N ASN C 925 57.70 36.36 -10.31
CA ASN C 925 56.87 37.24 -9.50
C ASN C 925 55.41 37.08 -9.85
N GLN C 926 55.10 37.00 -11.15
CA GLN C 926 53.75 36.67 -11.55
C GLN C 926 53.28 35.42 -10.85
N PHE C 927 54.09 34.36 -10.95
CA PHE C 927 53.76 33.15 -10.22
C PHE C 927 53.77 33.41 -8.73
N ASN C 928 54.77 34.14 -8.24
CA ASN C 928 54.81 34.45 -6.83
C ASN C 928 53.57 35.22 -6.41
N SER C 929 53.24 36.28 -7.14
CA SER C 929 52.08 37.07 -6.78
C SER C 929 50.80 36.28 -6.93
N ALA C 930 50.60 35.65 -8.09
CA ALA C 930 49.35 34.97 -8.34
C ALA C 930 49.03 34.02 -7.21
N ILE C 931 50.02 33.27 -6.75
CA ILE C 931 49.84 32.42 -5.59
C ILE C 931 49.35 33.25 -4.42
N GLY C 932 50.00 34.39 -4.19
CA GLY C 932 49.60 35.23 -3.07
C GLY C 932 48.15 35.64 -3.14
N LYS C 933 47.67 35.95 -4.35
CA LYS C 933 46.28 36.34 -4.49
C LYS C 933 45.35 35.21 -4.05
N ILE C 934 45.71 33.98 -4.39
CA ILE C 934 44.88 32.84 -4.00
C ILE C 934 44.67 32.85 -2.49
N GLN C 935 45.75 33.08 -1.75
CA GLN C 935 45.62 33.15 -0.31
C GLN C 935 44.55 34.15 0.07
N ASP C 936 44.63 35.36 -0.46
CA ASP C 936 43.53 36.31 -0.26
C ASP C 936 42.27 35.82 -0.92
N SER C 937 42.37 35.36 -2.18
CA SER C 937 41.18 34.93 -2.89
C SER C 937 40.39 33.93 -2.07
N LEU C 938 41.07 32.96 -1.48
CA LEU C 938 40.39 32.09 -0.54
C LEU C 938 40.03 32.84 0.72
N SER C 939 40.96 33.65 1.23
CA SER C 939 40.68 34.40 2.45
C SER C 939 39.60 35.46 2.24
N SER C 940 39.31 35.81 0.99
CA SER C 940 38.30 36.83 0.75
C SER C 940 36.90 36.25 0.79
N THR C 941 36.60 35.33 -0.12
CA THR C 941 35.22 34.92 -0.34
C THR C 941 34.84 33.81 0.63
N PRO C 942 33.79 34.00 1.44
CA PRO C 942 33.12 32.85 2.05
C PRO C 942 32.21 32.11 1.10
N SER C 943 32.15 32.54 -0.16
CA SER C 943 31.48 31.83 -1.24
C SER C 943 32.41 30.86 -1.94
N ALA C 944 33.60 30.63 -1.40
CA ALA C 944 34.60 29.82 -2.05
C ALA C 944 34.35 28.33 -1.86
N LEU C 945 34.35 27.88 -0.61
CA LEU C 945 34.38 26.47 -0.29
C LEU C 945 32.99 25.90 -0.06
N GLY C 946 31.99 26.42 -0.76
CA GLY C 946 30.64 25.93 -0.57
C GLY C 946 30.53 24.45 -0.88
N LYS C 947 31.21 24.00 -1.94
CA LYS C 947 31.04 22.64 -2.42
C LYS C 947 31.23 21.65 -1.30
N LEU C 948 32.35 21.73 -0.60
CA LEU C 948 32.58 20.83 0.51
C LEU C 948 31.51 21.01 1.57
N GLN C 949 31.27 22.26 1.98
CA GLN C 949 30.22 22.52 2.94
C GLN C 949 28.89 22.00 2.43
N ASP C 950 28.67 22.11 1.13
CA ASP C 950 27.45 21.55 0.55
C ASP C 950 27.33 20.08 0.89
N VAL C 951 28.43 19.34 0.75
CA VAL C 951 28.40 17.91 1.04
C VAL C 951 28.04 17.68 2.50
N VAL C 952 28.75 18.35 3.40
CA VAL C 952 28.47 18.16 4.82
C VAL C 952 27.04 18.58 5.12
N ASN C 953 26.64 19.75 4.63
CA ASN C 953 25.32 20.25 4.94
C ASN C 953 24.24 19.27 4.54
N GLN C 954 24.36 18.69 3.34
CA GLN C 954 23.44 17.62 2.96
C GLN C 954 23.42 16.54 4.02
N ASN C 955 24.58 15.93 4.26
CA ASN C 955 24.63 14.81 5.18
C ASN C 955 24.21 15.24 6.57
N ALA C 956 24.71 16.39 7.02
CA ALA C 956 24.29 16.88 8.34
C ALA C 956 22.78 16.95 8.40
N GLN C 957 22.17 17.60 7.42
CA GLN C 957 20.72 17.59 7.37
C GLN C 957 20.21 16.17 7.21
N ALA C 958 20.84 15.40 6.33
CA ALA C 958 20.39 14.04 6.13
C ALA C 958 20.33 13.29 7.44
N LEU C 959 21.34 13.46 8.28
CA LEU C 959 21.29 12.80 9.57
C LEU C 959 20.18 13.35 10.45
N ASN C 960 20.04 14.68 10.52
CA ASN C 960 19.04 15.25 11.40
C ASN C 960 17.67 14.68 11.10
N THR C 961 17.23 14.80 9.84
CA THR C 961 15.96 14.19 9.47
C THR C 961 15.93 12.73 9.85
N LEU C 962 17.03 12.02 9.61
CA LEU C 962 17.08 10.64 10.05
C LEU C 962 16.87 10.54 11.54
N VAL C 963 17.53 11.41 12.31
CA VAL C 963 17.26 11.45 13.73
C VAL C 963 15.91 12.09 14.00
N LYS C 964 15.61 13.18 13.29
CA LYS C 964 14.36 13.88 13.55
C LYS C 964 13.17 12.95 13.36
N GLN C 965 13.21 12.13 12.31
CA GLN C 965 12.15 11.16 12.09
C GLN C 965 11.88 10.29 13.28
N LEU C 966 12.84 10.17 14.19
CA LEU C 966 12.56 9.43 15.40
C LEU C 966 11.37 10.01 16.14
N SER C 967 11.10 11.30 15.95
CA SER C 967 10.00 11.94 16.65
C SER C 967 8.64 11.46 16.17
N SER C 968 8.50 11.15 14.90
CA SER C 968 7.19 10.85 14.36
C SER C 968 6.56 9.65 15.05
N ASN C 969 5.25 9.57 14.95
CA ASN C 969 4.49 8.55 15.64
C ASN C 969 3.71 7.64 14.73
N PHE C 970 3.67 7.92 13.43
CA PHE C 970 3.21 6.93 12.45
C PHE C 970 1.85 6.36 12.82
N GLY C 971 1.02 7.18 13.43
CA GLY C 971 -0.25 6.68 13.92
C GLY C 971 -0.11 6.12 15.31
N ALA C 972 1.03 5.55 15.64
CA ALA C 972 1.20 5.01 16.98
C ALA C 972 1.15 6.15 17.98
N ILE C 973 0.82 5.79 19.23
CA ILE C 973 0.45 6.82 20.21
C ILE C 973 1.65 7.58 20.76
N SER C 974 2.87 7.12 20.52
CA SER C 974 4.03 7.88 20.99
C SER C 974 5.29 7.31 20.35
N SER C 975 6.21 8.20 20.01
CA SER C 975 7.52 7.76 19.58
C SER C 975 8.41 7.35 20.74
N VAL C 976 7.93 7.47 21.97
CA VAL C 976 8.62 6.90 23.12
C VAL C 976 8.17 5.45 23.17
N LEU C 977 8.86 4.60 22.43
CA LEU C 977 8.48 3.20 22.40
C LEU C 977 8.53 2.58 23.79
N ASN C 978 9.30 3.17 24.69
CA ASN C 978 9.30 2.70 26.07
C ASN C 978 7.92 2.85 26.69
N ASP C 979 7.25 3.96 26.46
CA ASP C 979 5.88 4.11 26.94
C ASP C 979 5.05 2.93 26.48
N ILE C 980 5.13 2.61 25.19
CA ILE C 980 4.50 1.40 24.68
C ILE C 980 5.03 0.20 25.43
N LEU C 981 6.35 0.12 25.58
CA LEU C 981 6.91 -0.97 26.37
C LEU C 981 6.49 -0.87 27.83
N SER C 982 6.03 0.30 28.28
CA SER C 982 5.64 0.47 29.68
C SER C 982 4.13 0.48 29.86
N ARG C 983 3.43 1.38 29.19
CA ARG C 983 2.00 1.50 29.42
C ARG C 983 1.25 0.25 29.00
N LEU C 984 1.23 -0.03 27.70
CA LEU C 984 0.38 -1.10 27.20
C LEU C 984 0.92 -2.47 27.59
N ASP C 985 0.12 -3.50 27.31
CA ASP C 985 0.50 -4.90 27.46
C ASP C 985 1.03 -5.45 26.14
N PRO C 986 1.93 -6.42 26.20
CA PRO C 986 2.58 -6.92 24.98
C PRO C 986 1.57 -7.36 23.92
N PRO C 987 0.49 -8.06 24.29
CA PRO C 987 -0.50 -8.39 23.24
C PRO C 987 -1.06 -7.16 22.56
N GLU C 988 -1.30 -6.10 23.32
CA GLU C 988 -1.69 -4.84 22.71
C GLU C 988 -0.49 -4.14 22.09
N ALA C 989 0.68 -4.32 22.69
CA ALA C 989 1.87 -3.62 22.20
C ALA C 989 2.21 -4.05 20.79
N GLU C 990 2.13 -5.34 20.50
CA GLU C 990 2.55 -5.85 19.21
C GLU C 990 1.91 -5.07 18.08
N VAL C 991 0.59 -4.89 18.13
CA VAL C 991 -0.08 -4.11 17.10
C VAL C 991 0.45 -2.68 17.09
N GLN C 992 0.57 -2.08 18.27
CA GLN C 992 1.07 -0.72 18.34
C GLN C 992 2.52 -0.64 17.89
N ILE C 993 3.37 -1.50 18.46
CA ILE C 993 4.78 -1.45 18.12
C ILE C 993 4.96 -1.76 16.64
N ASP C 994 4.06 -2.54 16.06
CA ASP C 994 4.18 -2.89 14.65
C ASP C 994 4.06 -1.66 13.78
N ARG C 995 3.12 -0.78 14.09
CA ARG C 995 2.97 0.42 13.29
C ARG C 995 4.25 1.25 13.36
N LEU C 996 4.77 1.45 14.56
CA LEU C 996 5.92 2.33 14.72
C LEU C 996 7.12 1.80 13.96
N ILE C 997 7.46 0.54 14.19
CA ILE C 997 8.66 0.00 13.57
C ILE C 997 8.58 0.12 12.05
N THR C 998 7.37 -0.02 11.51
CA THR C 998 7.21 0.11 10.07
C THR C 998 7.76 1.44 9.60
N GLY C 999 7.31 2.53 10.23
CA GLY C 999 7.69 3.84 9.75
C GLY C 999 9.18 4.08 9.87
N ARG C 1000 9.76 3.76 11.03
CA ARG C 1000 11.19 3.92 11.17
C ARG C 1000 11.92 3.09 10.14
N LEU C 1001 11.60 1.80 10.08
CA LEU C 1001 12.19 0.94 9.07
C LEU C 1001 11.98 1.54 7.70
N GLN C 1002 10.80 2.12 7.47
CA GLN C 1002 10.58 2.83 6.22
C GLN C 1002 11.55 3.99 6.10
N SER C 1003 11.72 4.76 7.17
CA SER C 1003 12.58 5.93 7.09
C SER C 1003 14.03 5.51 6.89
N LEU C 1004 14.50 4.56 7.69
CA LEU C 1004 15.90 4.19 7.65
C LEU C 1004 16.33 3.84 6.24
N GLN C 1005 15.59 2.95 5.60
CA GLN C 1005 15.96 2.57 4.24
C GLN C 1005 15.93 3.77 3.33
N THR C 1006 14.98 4.68 3.55
CA THR C 1006 14.95 5.88 2.74
C THR C 1006 16.24 6.65 2.89
N TYR C 1007 16.73 6.75 4.12
CA TYR C 1007 18.01 7.40 4.33
C TYR C 1007 19.11 6.66 3.61
N VAL C 1008 19.09 5.33 3.67
CA VAL C 1008 20.17 4.55 3.08
C VAL C 1008 20.22 4.78 1.57
N THR C 1009 19.09 4.63 0.92
CA THR C 1009 19.04 4.92 -0.51
C THR C 1009 19.51 6.33 -0.78
N GLN C 1010 19.04 7.28 0.02
CA GLN C 1010 19.54 8.64 -0.08
C GLN C 1010 21.05 8.66 0.07
N GLN C 1011 21.57 7.97 1.08
CA GLN C 1011 23.01 7.86 1.18
C GLN C 1011 23.59 7.19 -0.04
N LEU C 1012 23.09 6.01 -0.37
CA LEU C 1012 23.82 5.15 -1.28
C LEU C 1012 23.96 5.81 -2.64
N ILE C 1013 22.90 6.45 -3.14
CA ILE C 1013 23.04 7.27 -4.32
C ILE C 1013 24.04 8.39 -4.08
N ARG C 1014 23.93 9.09 -2.96
CA ARG C 1014 24.86 10.18 -2.72
C ARG C 1014 26.28 9.64 -2.69
N ALA C 1015 26.48 8.49 -2.07
CA ALA C 1015 27.78 7.84 -2.14
C ALA C 1015 28.19 7.65 -3.58
N ALA C 1016 27.29 7.10 -4.39
CA ALA C 1016 27.64 6.84 -5.78
C ALA C 1016 28.08 8.11 -6.48
N GLU C 1017 27.42 9.22 -6.19
CA GLU C 1017 27.85 10.48 -6.76
C GLU C 1017 29.27 10.81 -6.32
N ILE C 1018 29.56 10.61 -5.05
CA ILE C 1018 30.87 11.00 -4.52
C ILE C 1018 31.97 10.23 -5.23
N ARG C 1019 31.81 8.91 -5.34
CA ARG C 1019 32.84 8.13 -6.00
C ARG C 1019 33.09 8.63 -7.40
N ALA C 1020 32.01 8.91 -8.14
CA ALA C 1020 32.19 9.54 -9.44
C ALA C 1020 33.03 10.78 -9.31
N SER C 1021 32.73 11.62 -8.32
CA SER C 1021 33.58 12.76 -8.06
C SER C 1021 34.98 12.33 -7.65
N ALA C 1022 35.06 11.36 -6.76
CA ALA C 1022 36.36 10.95 -6.25
C ALA C 1022 37.26 10.49 -7.38
N ASN C 1023 36.77 9.54 -8.18
CA ASN C 1023 37.55 9.12 -9.33
C ASN C 1023 37.89 10.31 -10.20
N LEU C 1024 36.90 11.16 -10.46
CA LEU C 1024 37.17 12.38 -11.21
C LEU C 1024 38.32 13.13 -10.58
N ALA C 1025 38.36 13.18 -9.26
CA ALA C 1025 39.54 13.72 -8.61
C ALA C 1025 40.75 12.83 -8.83
N ALA C 1026 40.55 11.53 -8.68
CA ALA C 1026 41.69 10.62 -8.73
C ALA C 1026 42.44 10.76 -10.04
N THR C 1027 41.72 10.68 -11.15
CA THR C 1027 42.36 10.95 -12.43
C THR C 1027 42.99 12.33 -12.43
N LYS C 1028 42.33 13.29 -11.77
CA LYS C 1028 42.74 14.66 -11.95
C LYS C 1028 44.16 14.90 -11.43
N MET C 1029 44.50 14.34 -10.27
CA MET C 1029 45.91 14.37 -9.90
C MET C 1029 46.73 13.45 -10.76
N SER C 1030 46.16 12.33 -11.18
CA SER C 1030 46.91 11.50 -12.10
C SER C 1030 47.08 12.17 -13.46
N GLU C 1031 46.42 13.29 -13.70
CA GLU C 1031 46.70 14.07 -14.89
C GLU C 1031 47.24 15.45 -14.55
N CYS C 1032 46.51 16.25 -13.79
CA CYS C 1032 46.94 17.61 -13.58
C CYS C 1032 48.09 17.72 -12.57
N VAL C 1033 48.48 16.62 -11.94
CA VAL C 1033 49.58 16.70 -10.99
C VAL C 1033 50.74 15.85 -11.47
N LEU C 1034 50.52 14.55 -11.56
CA LEU C 1034 51.63 13.66 -11.83
C LEU C 1034 52.18 13.85 -13.23
N GLY C 1035 51.44 14.52 -14.10
CA GLY C 1035 51.91 14.78 -15.44
C GLY C 1035 51.31 16.08 -15.93
N GLN C 1036 51.34 16.32 -17.23
CA GLN C 1036 50.72 17.49 -17.82
C GLN C 1036 49.69 17.03 -18.83
N SER C 1037 48.46 17.45 -18.65
CA SER C 1037 47.43 17.08 -19.60
C SER C 1037 47.46 17.99 -20.80
N LYS C 1038 46.78 17.55 -21.84
CA LYS C 1038 46.45 18.39 -22.96
C LYS C 1038 44.95 18.47 -23.13
N ARG C 1039 44.19 17.85 -22.24
CA ARG C 1039 42.74 17.91 -22.31
C ARG C 1039 42.28 19.30 -21.91
N VAL C 1040 42.06 20.15 -22.91
CA VAL C 1040 41.69 21.53 -22.64
C VAL C 1040 40.47 21.57 -21.75
N ASP C 1041 40.41 22.61 -20.92
CA ASP C 1041 39.32 22.83 -19.98
C ASP C 1041 39.16 21.69 -18.98
N PHE C 1042 40.15 20.83 -18.85
CA PHE C 1042 40.13 19.77 -17.85
C PHE C 1042 41.06 20.02 -16.69
N CYS C 1043 42.24 20.57 -16.95
CA CYS C 1043 43.16 20.97 -15.90
C CYS C 1043 43.00 22.42 -15.53
N GLY C 1044 41.80 22.96 -15.65
CA GLY C 1044 41.56 24.36 -15.38
C GLY C 1044 41.56 25.19 -16.64
N LYS C 1045 41.04 26.41 -16.52
CA LYS C 1045 40.87 27.27 -17.68
C LYS C 1045 42.20 27.51 -18.36
N GLY C 1046 42.19 27.45 -19.68
CA GLY C 1046 43.37 27.74 -20.47
C GLY C 1046 44.30 26.56 -20.55
N TYR C 1047 45.38 26.76 -21.30
CA TYR C 1047 46.43 25.76 -21.35
C TYR C 1047 46.96 25.52 -19.96
N HIS C 1048 47.39 24.28 -19.73
CA HIS C 1048 47.78 23.85 -18.41
C HIS C 1048 49.29 23.71 -18.27
N LEU C 1049 49.80 23.97 -17.06
CA LEU C 1049 51.21 23.76 -16.77
C LEU C 1049 51.40 22.70 -15.69
N MET C 1050 50.75 22.85 -14.55
CA MET C 1050 50.90 21.93 -13.43
C MET C 1050 49.82 22.27 -12.44
N SER C 1051 49.61 21.36 -11.48
CA SER C 1051 48.62 21.62 -10.45
C SER C 1051 49.09 21.03 -9.14
N PHE C 1052 49.04 21.82 -8.10
CA PHE C 1052 49.40 21.31 -6.80
C PHE C 1052 48.15 20.96 -6.03
N PRO C 1053 48.05 19.76 -5.53
CA PRO C 1053 46.95 19.41 -4.65
C PRO C 1053 47.15 20.01 -3.28
N GLN C 1054 46.05 20.14 -2.56
CA GLN C 1054 46.09 20.56 -1.18
C GLN C 1054 45.01 19.84 -0.41
N SER C 1055 45.32 19.45 0.81
CA SER C 1055 44.38 18.71 1.62
C SER C 1055 43.18 19.59 1.96
N ALA C 1056 42.15 18.97 2.53
CA ALA C 1056 40.90 19.64 2.82
C ALA C 1056 40.03 18.70 3.62
N PRO C 1057 39.10 19.23 4.40
CA PRO C 1057 38.21 18.36 5.18
C PRO C 1057 37.31 17.56 4.29
N HIS C 1058 37.52 16.26 4.22
CA HIS C 1058 36.73 15.34 3.39
C HIS C 1058 36.93 15.58 1.92
N GLY C 1059 37.72 16.57 1.53
CA GLY C 1059 37.82 16.92 0.13
C GLY C 1059 39.23 17.26 -0.26
N VAL C 1060 39.42 17.76 -1.49
CA VAL C 1060 40.72 18.21 -1.94
C VAL C 1060 40.53 19.49 -2.72
N VAL C 1061 41.59 20.27 -2.82
CA VAL C 1061 41.60 21.47 -3.64
C VAL C 1061 42.82 21.42 -4.53
N PHE C 1062 42.62 21.73 -5.80
CA PHE C 1062 43.73 21.75 -6.75
C PHE C 1062 44.09 23.18 -7.06
N LEU C 1063 45.37 23.39 -7.36
CA LEU C 1063 45.86 24.71 -7.75
C LEU C 1063 46.41 24.55 -9.16
N HIS C 1064 45.54 24.64 -10.14
CA HIS C 1064 45.99 24.57 -11.52
C HIS C 1064 46.86 25.78 -11.83
N VAL C 1065 48.10 25.53 -12.22
CA VAL C 1065 48.97 26.58 -12.73
C VAL C 1065 48.74 26.63 -14.23
N THR C 1066 47.99 27.62 -14.66
CA THR C 1066 47.45 27.64 -16.01
C THR C 1066 48.10 28.73 -16.83
N TYR C 1067 48.14 28.51 -18.14
CA TYR C 1067 48.71 29.47 -19.07
C TYR C 1067 47.59 30.27 -19.72
N VAL C 1068 47.80 31.57 -19.85
CA VAL C 1068 46.78 32.42 -20.46
C VAL C 1068 47.45 33.50 -21.30
N PRO C 1069 47.33 33.47 -22.62
CA PRO C 1069 47.74 34.59 -23.44
C PRO C 1069 46.99 35.85 -23.04
N ALA C 1070 47.69 36.98 -23.03
CA ALA C 1070 47.09 38.21 -22.51
C ALA C 1070 46.99 39.32 -23.54
N GLN C 1071 48.10 39.69 -24.18
CA GLN C 1071 48.17 40.84 -25.06
C GLN C 1071 48.53 40.40 -26.46
N GLU C 1072 47.82 40.91 -27.46
CA GLU C 1072 47.99 40.44 -28.81
C GLU C 1072 47.96 41.60 -29.79
N LYS C 1073 48.43 41.33 -31.00
CA LYS C 1073 48.44 42.30 -32.07
C LYS C 1073 48.01 41.61 -33.35
N ASN C 1074 47.31 42.36 -34.20
CA ASN C 1074 46.97 41.86 -35.52
C ASN C 1074 48.23 41.61 -36.33
N PHE C 1075 48.14 40.67 -37.25
CA PHE C 1075 49.12 40.55 -38.31
C PHE C 1075 48.40 39.97 -39.51
N THR C 1076 48.31 40.74 -40.58
CA THR C 1076 47.79 40.19 -41.81
C THR C 1076 48.63 38.99 -42.20
N THR C 1077 47.97 37.92 -42.60
CA THR C 1077 48.65 36.65 -42.74
C THR C 1077 48.55 36.10 -44.15
N ALA C 1078 49.26 35.00 -44.36
CA ALA C 1078 49.27 34.31 -45.60
C ALA C 1078 49.53 32.84 -45.30
N PRO C 1079 48.76 31.92 -45.86
CA PRO C 1079 48.84 30.52 -45.44
C PRO C 1079 50.12 29.82 -45.83
N ALA C 1080 50.95 30.42 -46.66
CA ALA C 1080 52.13 29.76 -47.17
C ALA C 1080 53.11 30.82 -47.63
N ILE C 1081 54.10 30.43 -48.44
CA ILE C 1081 54.97 31.40 -49.08
C ILE C 1081 55.67 30.71 -50.24
N CYS C 1082 55.92 31.47 -51.30
CA CYS C 1082 56.55 30.95 -52.51
C CYS C 1082 57.82 31.72 -52.77
N HIS C 1083 58.94 31.00 -52.96
CA HIS C 1083 60.23 31.68 -53.08
C HIS C 1083 60.89 31.48 -54.44
N ASP C 1084 61.14 30.25 -54.84
CA ASP C 1084 61.89 29.97 -56.07
C ASP C 1084 61.13 28.99 -56.94
N GLY C 1085 59.82 29.19 -57.05
CA GLY C 1085 58.96 28.27 -57.76
C GLY C 1085 58.27 27.24 -56.89
N LYS C 1086 58.69 27.12 -55.63
CA LYS C 1086 58.15 26.14 -54.73
C LYS C 1086 57.42 26.82 -53.59
N ALA C 1087 56.40 26.13 -53.08
CA ALA C 1087 55.69 26.61 -51.92
C ALA C 1087 56.48 26.30 -50.66
N HIS C 1088 56.10 26.99 -49.57
CA HIS C 1088 56.74 26.74 -48.28
C HIS C 1088 55.73 26.98 -47.17
N PHE C 1089 56.00 26.36 -46.04
CA PHE C 1089 55.07 26.28 -44.95
C PHE C 1089 55.82 26.37 -43.64
N PRO C 1090 55.18 26.84 -42.59
CA PRO C 1090 55.86 26.92 -41.31
C PRO C 1090 56.03 25.55 -40.67
N ARG C 1091 57.26 25.06 -40.61
CA ARG C 1091 57.48 23.78 -39.95
C ARG C 1091 56.94 23.80 -38.52
N GLU C 1092 57.04 24.94 -37.85
CA GLU C 1092 56.65 24.97 -36.44
C GLU C 1092 55.87 26.22 -36.07
N GLY C 1093 55.49 27.06 -37.02
CA GLY C 1093 54.84 28.30 -36.65
C GLY C 1093 53.72 28.79 -37.56
N VAL C 1094 53.77 30.07 -37.93
CA VAL C 1094 52.82 30.64 -38.88
C VAL C 1094 53.44 31.92 -39.42
N PHE C 1095 53.20 32.20 -40.70
CA PHE C 1095 53.78 33.37 -41.34
C PHE C 1095 53.00 34.62 -40.98
N VAL C 1096 53.70 35.66 -40.55
CA VAL C 1096 53.07 36.93 -40.22
C VAL C 1096 53.86 38.04 -40.86
N SER C 1097 53.19 39.15 -41.13
CA SER C 1097 53.84 40.30 -41.73
C SER C 1097 53.48 41.54 -40.96
N ASN C 1098 54.49 42.29 -40.53
CA ASN C 1098 54.21 43.58 -39.92
C ASN C 1098 53.82 44.61 -40.94
N GLY C 1099 53.54 44.19 -42.18
CA GLY C 1099 53.27 45.08 -43.27
C GLY C 1099 54.46 45.38 -44.15
N THR C 1100 55.67 45.19 -43.65
CA THR C 1100 56.88 45.45 -44.43
C THR C 1100 57.61 44.16 -44.76
N HIS C 1101 58.02 43.41 -43.74
CA HIS C 1101 58.74 42.17 -43.93
C HIS C 1101 57.88 41.03 -43.39
N TRP C 1102 58.02 39.85 -43.99
CA TRP C 1102 57.27 38.70 -43.54
C TRP C 1102 58.04 37.95 -42.46
N PHE C 1103 57.31 37.48 -41.45
CA PHE C 1103 57.89 36.82 -40.30
C PHE C 1103 57.09 35.58 -39.95
N VAL C 1104 57.75 34.65 -39.29
CA VAL C 1104 57.12 33.43 -38.80
C VAL C 1104 57.45 33.30 -37.31
N THR C 1105 56.45 32.92 -36.53
CA THR C 1105 56.62 32.84 -35.09
C THR C 1105 55.93 31.60 -34.55
N GLN C 1106 56.28 31.25 -33.31
CA GLN C 1106 55.58 30.19 -32.62
C GLN C 1106 54.14 30.61 -32.34
N ARG C 1107 53.24 29.65 -32.43
CA ARG C 1107 51.85 29.96 -32.70
C ARG C 1107 51.08 30.37 -31.46
N ASN C 1108 51.72 30.46 -30.30
CA ASN C 1108 51.03 30.88 -29.09
C ASN C 1108 51.77 31.96 -28.33
N PHE C 1109 52.76 32.60 -28.95
CA PHE C 1109 53.47 33.71 -28.32
C PHE C 1109 54.22 34.45 -29.40
N TYR C 1110 54.00 35.76 -29.50
CA TYR C 1110 54.63 36.51 -30.57
C TYR C 1110 56.14 36.49 -30.38
N GLU C 1111 56.83 35.98 -31.37
CA GLU C 1111 58.29 35.95 -31.36
C GLU C 1111 58.73 35.75 -32.80
N PRO C 1112 58.68 36.80 -33.60
CA PRO C 1112 58.90 36.65 -35.03
C PRO C 1112 60.29 36.14 -35.35
N GLN C 1113 60.41 35.40 -36.44
CA GLN C 1113 61.67 34.86 -36.89
C GLN C 1113 61.88 35.21 -38.35
N ILE C 1114 62.99 34.74 -38.88
CA ILE C 1114 63.31 34.92 -40.29
C ILE C 1114 63.16 33.58 -40.98
N ILE C 1115 62.58 33.61 -42.18
CA ILE C 1115 62.16 32.37 -42.84
C ILE C 1115 63.36 31.69 -43.46
N THR C 1116 63.62 30.46 -43.03
CA THR C 1116 64.70 29.65 -43.59
C THR C 1116 64.26 28.20 -43.57
N THR C 1117 64.91 27.39 -44.39
CA THR C 1117 64.63 25.96 -44.39
C THR C 1117 64.79 25.38 -42.99
N ASP C 1118 65.67 25.97 -42.19
CA ASP C 1118 65.76 25.57 -40.80
C ASP C 1118 64.47 25.80 -40.06
N ASN C 1119 63.58 26.64 -40.60
CA ASN C 1119 62.31 26.88 -39.96
C ASN C 1119 61.13 26.65 -40.89
N THR C 1120 61.35 26.01 -42.04
CA THR C 1120 60.26 25.71 -42.97
C THR C 1120 60.67 24.54 -43.83
N PHE C 1121 59.85 24.23 -44.83
CA PHE C 1121 60.19 23.19 -45.79
C PHE C 1121 59.48 23.50 -47.10
N VAL C 1122 59.51 22.52 -48.01
CA VAL C 1122 59.12 22.75 -49.39
C VAL C 1122 58.14 21.66 -49.82
N SER C 1123 57.09 22.07 -50.53
CA SER C 1123 56.13 21.12 -51.08
C SER C 1123 55.39 21.79 -52.22
N GLY C 1124 54.76 20.97 -53.06
CA GLY C 1124 53.87 21.46 -54.08
C GLY C 1124 54.58 22.36 -55.08
N ASN C 1125 53.83 23.33 -55.60
CA ASN C 1125 54.38 24.31 -56.52
C ASN C 1125 53.52 25.56 -56.45
N CYS C 1126 54.06 26.65 -57.00
CA CYS C 1126 53.56 27.99 -56.72
C CYS C 1126 52.35 28.38 -57.53
N ASP C 1127 51.59 27.43 -58.07
CA ASP C 1127 50.40 27.78 -58.83
C ASP C 1127 49.19 26.95 -58.41
N VAL C 1128 49.18 26.45 -57.18
CA VAL C 1128 48.05 25.64 -56.75
C VAL C 1128 47.46 26.18 -55.46
N VAL C 1129 48.29 26.29 -54.42
CA VAL C 1129 47.81 26.66 -53.11
C VAL C 1129 47.07 27.99 -53.14
N ILE C 1130 46.01 28.07 -52.36
CA ILE C 1130 45.19 29.28 -52.27
C ILE C 1130 45.83 30.24 -51.29
N GLY C 1131 45.88 31.51 -51.64
CA GLY C 1131 46.25 32.54 -50.69
C GLY C 1131 47.72 32.72 -50.46
N ILE C 1132 48.57 31.94 -51.14
CA ILE C 1132 49.99 32.12 -50.97
C ILE C 1132 50.40 33.51 -51.44
N VAL C 1133 51.53 33.98 -50.94
CA VAL C 1133 52.06 35.29 -51.32
C VAL C 1133 53.52 35.15 -51.69
N ASN C 1134 54.04 36.21 -52.30
CA ASN C 1134 55.36 36.21 -52.91
C ASN C 1134 56.33 36.93 -51.98
N ASN C 1135 57.33 36.20 -51.49
CA ASN C 1135 58.39 36.80 -50.68
C ASN C 1135 59.67 36.03 -50.93
N THR C 1136 60.66 36.20 -50.05
CA THR C 1136 61.94 35.54 -50.19
C THR C 1136 62.24 34.70 -48.97
N VAL C 1137 63.11 33.73 -49.16
CA VAL C 1137 63.61 32.89 -48.08
C VAL C 1137 65.12 32.83 -48.17
N TYR C 1138 65.79 33.04 -47.05
CA TYR C 1138 67.25 33.08 -47.01
C TYR C 1138 67.82 31.73 -46.62
N ASP C 1139 69.02 31.45 -47.09
CA ASP C 1139 69.72 30.21 -46.77
C ASP C 1139 70.89 30.50 -45.84
N PRO C 1140 70.89 29.93 -44.64
CA PRO C 1140 72.05 30.09 -43.76
C PRO C 1140 73.34 29.65 -44.40
N LEU C 1141 73.29 28.65 -45.29
CA LEU C 1141 74.50 28.16 -45.93
C LEU C 1141 75.17 29.22 -46.79
N GLN C 1142 74.37 30.07 -47.44
CA GLN C 1142 74.91 30.90 -48.52
C GLN C 1142 76.01 31.86 -48.06
N PRO C 1143 75.88 32.58 -46.94
CA PRO C 1143 76.95 33.52 -46.56
C PRO C 1143 78.31 32.87 -46.46
N GLU C 1144 78.34 31.58 -46.11
CA GLU C 1144 79.60 30.87 -46.06
C GLU C 1144 80.30 30.92 -47.41
N LEU C 1145 79.60 30.54 -48.47
CA LEU C 1145 80.12 30.63 -49.83
C LEU C 1145 78.98 30.80 -50.83
N SER D 1 -45.40 -23.02 33.54
CA SER D 1 -44.94 -23.54 32.26
C SER D 1 -45.33 -22.61 31.13
N ALA D 2 -44.77 -21.39 31.14
CA ALA D 2 -45.05 -20.40 30.11
C ALA D 2 -43.74 -19.77 29.67
N GLU D 3 -43.54 -19.68 28.34
CA GLU D 3 -42.33 -19.12 27.76
C GLU D 3 -42.55 -17.64 27.48
N ILE D 4 -42.32 -16.80 28.49
CA ILE D 4 -42.61 -15.38 28.38
C ILE D 4 -41.47 -14.59 29.00
N ASP D 5 -41.03 -13.55 28.31
CA ASP D 5 -40.02 -12.63 28.80
C ASP D 5 -40.74 -11.32 29.13
N LEU D 6 -41.03 -11.12 30.40
CA LEU D 6 -41.72 -9.92 30.83
C LEU D 6 -40.93 -8.67 30.45
N GLY D 7 -41.58 -7.52 30.62
CA GLY D 7 -40.95 -6.23 30.36
C GLY D 7 -39.60 -6.08 31.01
N LYS D 8 -38.73 -5.27 30.42
CA LYS D 8 -37.33 -5.18 30.83
C LYS D 8 -36.67 -6.55 30.84
N GLY D 9 -37.04 -7.37 29.86
CA GLY D 9 -36.30 -8.58 29.54
C GLY D 9 -36.13 -9.59 30.65
N ASP D 10 -37.20 -9.90 31.39
CA ASP D 10 -37.15 -10.94 32.41
C ASP D 10 -38.05 -12.09 32.00
N PHE D 11 -37.49 -13.30 31.97
CA PHE D 11 -38.19 -14.48 31.50
C PHE D 11 -38.72 -15.25 32.70
N ARG D 12 -39.99 -15.63 32.64
CA ARG D 12 -40.66 -16.30 33.76
C ARG D 12 -41.46 -17.48 33.25
N GLU D 13 -41.15 -18.67 33.77
CA GLU D 13 -41.84 -19.90 33.40
C GLU D 13 -42.57 -20.38 34.65
N ILE D 14 -43.91 -20.27 34.63
CA ILE D 14 -44.71 -20.56 35.82
C ILE D 14 -44.58 -22.03 36.21
N ARG D 15 -44.89 -22.32 37.47
CA ARG D 15 -45.03 -23.70 37.96
C ARG D 15 -46.28 -23.76 38.82
N ALA D 16 -47.41 -24.04 38.19
CA ALA D 16 -48.71 -24.05 38.87
C ALA D 16 -49.66 -24.90 38.03
N SER D 17 -50.96 -24.79 38.30
CA SER D 17 -51.97 -25.44 37.49
C SER D 17 -52.43 -24.51 36.37
N GLU D 18 -53.49 -24.92 35.67
CA GLU D 18 -53.96 -24.17 34.53
C GLU D 18 -54.45 -22.78 34.95
N ASP D 19 -55.17 -22.69 36.07
CA ASP D 19 -55.87 -21.46 36.41
C ASP D 19 -54.92 -20.28 36.44
N ALA D 20 -53.65 -20.50 36.74
CA ALA D 20 -52.65 -19.46 36.55
C ALA D 20 -52.56 -19.07 35.08
N ARG D 21 -52.50 -20.05 34.18
CA ARG D 21 -52.48 -19.74 32.75
C ARG D 21 -53.80 -19.10 32.33
N GLU D 22 -54.92 -19.70 32.71
CA GLU D 22 -56.22 -19.06 32.52
C GLU D 22 -56.37 -17.78 33.34
N ALA D 23 -55.37 -17.41 34.13
CA ALA D 23 -55.22 -16.05 34.63
C ALA D 23 -54.14 -15.28 33.90
N ALA D 24 -53.19 -15.96 33.27
CA ALA D 24 -52.08 -15.33 32.57
C ALA D 24 -52.13 -15.48 31.06
N GLU D 25 -53.20 -16.08 30.52
CA GLU D 25 -53.35 -16.10 29.07
C GLU D 25 -53.46 -14.69 28.52
N ALA D 26 -54.19 -13.83 29.23
CA ALA D 26 -54.22 -12.42 28.85
C ALA D 26 -52.85 -11.78 29.02
N LEU D 27 -52.12 -12.18 30.06
CA LEU D 27 -50.70 -11.86 30.13
C LEU D 27 -49.95 -12.50 28.96
N ALA D 28 -50.26 -13.76 28.65
CA ALA D 28 -49.74 -14.37 27.45
C ALA D 28 -50.23 -13.65 26.20
N GLU D 29 -51.27 -12.83 26.34
CA GLU D 29 -51.64 -11.86 25.30
C GLU D 29 -50.92 -10.52 25.51
N ALA D 30 -51.12 -9.91 26.67
CA ALA D 30 -50.65 -8.55 26.89
C ALA D 30 -49.14 -8.45 26.76
N ALA D 31 -48.41 -9.32 27.47
CA ALA D 31 -46.96 -9.34 27.33
C ALA D 31 -46.58 -9.67 25.89
N ARG D 32 -47.27 -10.63 25.29
CA ARG D 32 -47.18 -10.80 23.85
C ARG D 32 -47.52 -9.50 23.15
N ALA D 33 -48.66 -8.89 23.51
CA ALA D 33 -49.03 -7.62 22.89
C ALA D 33 -48.01 -6.54 23.21
N MET D 34 -47.46 -6.52 24.42
CA MET D 34 -46.64 -5.42 24.90
C MET D 34 -45.42 -5.17 24.03
N LYS D 35 -44.50 -6.13 23.99
CA LYS D 35 -43.31 -5.93 23.19
C LYS D 35 -43.65 -5.76 21.72
N GLU D 36 -44.59 -6.57 21.22
CA GLU D 36 -44.95 -6.48 19.81
C GLU D 36 -45.51 -5.10 19.48
N ALA D 37 -46.34 -4.55 20.36
CA ALA D 37 -46.76 -3.16 20.18
C ALA D 37 -45.56 -2.23 20.27
N LEU D 38 -44.67 -2.47 21.24
CA LEU D 38 -43.50 -1.61 21.39
C LEU D 38 -42.42 -1.91 20.35
N GLU D 39 -42.34 -3.16 19.87
CA GLU D 39 -41.28 -3.51 18.94
C GLU D 39 -41.38 -2.71 17.65
N ILE D 40 -42.56 -2.18 17.34
CA ILE D 40 -42.65 -1.25 16.21
C ILE D 40 -42.29 0.16 16.67
N ILE D 41 -42.67 0.51 17.90
CA ILE D 41 -42.44 1.86 18.40
C ILE D 41 -40.95 2.15 18.46
N ARG D 42 -40.17 1.19 18.94
CA ARG D 42 -38.73 1.33 18.86
C ARG D 42 -38.26 1.49 17.43
N GLU D 43 -38.97 0.86 16.49
CA GLU D 43 -38.61 1.00 15.08
C GLU D 43 -38.96 2.39 14.56
N ILE D 44 -40.18 2.86 14.85
CA ILE D 44 -40.71 4.05 14.18
C ILE D 44 -39.88 5.28 14.51
N ALA D 45 -39.51 5.44 15.79
CA ALA D 45 -38.87 6.68 16.22
C ALA D 45 -37.59 6.95 15.45
N GLU D 46 -36.92 5.91 14.96
CA GLU D 46 -35.67 6.09 14.24
C GLU D 46 -35.74 5.72 12.77
N LYS D 47 -36.78 5.00 12.33
CA LYS D 47 -36.89 4.70 10.90
C LYS D 47 -37.71 5.74 10.16
N LEU D 48 -38.35 6.65 10.88
CA LEU D 48 -39.20 7.66 10.26
C LEU D 48 -38.42 8.45 9.22
N ARG D 49 -38.87 8.37 7.97
CA ARG D 49 -38.18 9.01 6.86
C ARG D 49 -39.09 9.77 5.90
N ASP D 50 -40.39 9.46 5.86
CA ASP D 50 -41.27 9.95 4.82
C ASP D 50 -42.32 10.89 5.40
N SER D 51 -42.71 11.87 4.58
CA SER D 51 -43.62 12.92 5.05
C SER D 51 -44.98 12.34 5.41
N SER D 52 -45.61 11.62 4.48
CA SER D 52 -46.97 11.14 4.73
C SER D 52 -46.99 9.95 5.67
N ARG D 53 -45.96 9.11 5.64
CA ARG D 53 -46.00 7.88 6.43
C ARG D 53 -46.11 8.17 7.92
N ALA D 54 -45.81 9.41 8.33
CA ALA D 54 -46.05 9.80 9.71
C ALA D 54 -47.51 9.62 10.10
N SER D 55 -48.43 9.98 9.20
CA SER D 55 -49.84 9.72 9.45
C SER D 55 -50.06 8.24 9.70
N GLU D 56 -49.49 7.40 8.85
CA GLU D 56 -49.54 5.96 9.10
C GLU D 56 -48.80 5.60 10.37
N ALA D 57 -47.70 6.29 10.65
CA ALA D 57 -46.93 6.00 11.86
C ALA D 57 -47.74 6.30 13.11
N ALA D 58 -48.08 7.58 13.33
CA ALA D 58 -48.73 7.98 14.56
C ALA D 58 -50.11 7.36 14.71
N LYS D 59 -50.75 7.01 13.59
CA LYS D 59 -51.95 6.21 13.69
C LYS D 59 -51.63 4.78 14.09
N ARG D 60 -50.58 4.19 13.52
CA ARG D 60 -50.22 2.81 13.86
C ARG D 60 -49.92 2.67 15.34
N ILE D 61 -49.10 3.56 15.88
CA ILE D 61 -48.70 3.46 17.29
C ILE D 61 -49.93 3.50 18.18
N ALA D 62 -50.68 4.60 18.15
CA ALA D 62 -51.88 4.71 18.96
C ALA D 62 -52.79 3.50 18.74
N LYS D 63 -52.90 3.06 17.50
CA LYS D 63 -53.59 1.81 17.23
C LYS D 63 -52.88 0.64 17.90
N ALA D 64 -51.57 0.53 17.67
CA ALA D 64 -50.83 -0.56 18.30
C ALA D 64 -50.73 -0.38 19.81
N ILE D 65 -50.75 0.86 20.29
CA ILE D 65 -50.71 1.12 21.73
C ILE D 65 -51.87 0.43 22.41
N ARG D 66 -53.08 0.63 21.89
CA ARG D 66 -54.26 0.18 22.59
C ARG D 66 -54.42 -1.33 22.52
N LYS D 67 -53.75 -2.00 21.58
CA LYS D 67 -53.71 -3.46 21.61
C LYS D 67 -53.00 -3.94 22.87
N ALA D 68 -51.97 -3.21 23.31
CA ALA D 68 -51.46 -3.44 24.64
C ALA D 68 -52.47 -3.02 25.69
N ALA D 69 -53.05 -1.83 25.52
CA ALA D 69 -53.83 -1.22 26.59
C ALA D 69 -54.97 -2.14 27.05
N ASP D 70 -55.80 -2.59 26.10
CA ASP D 70 -56.90 -3.47 26.47
C ASP D 70 -56.39 -4.77 27.05
N ALA D 71 -55.38 -5.37 26.40
CA ALA D 71 -54.83 -6.63 26.91
C ALA D 71 -54.22 -6.44 28.29
N ILE D 72 -53.42 -5.38 28.47
CA ILE D 72 -52.82 -5.15 29.78
C ILE D 72 -53.88 -4.75 30.79
N ALA D 73 -54.95 -4.10 30.34
CA ALA D 73 -56.08 -3.86 31.23
C ALA D 73 -56.71 -5.17 31.67
N GLU D 74 -56.86 -6.11 30.75
CA GLU D 74 -57.49 -7.38 31.05
C GLU D 74 -56.49 -8.48 31.39
N ALA D 75 -55.19 -8.23 31.20
CA ALA D 75 -54.19 -9.18 31.69
C ALA D 75 -54.32 -9.39 33.19
N ALA D 76 -54.80 -8.38 33.90
CA ALA D 76 -54.87 -8.40 35.36
C ALA D 76 -56.22 -8.84 35.90
N LYS D 77 -57.32 -8.39 35.29
CA LYS D 77 -58.64 -8.77 35.80
C LYS D 77 -58.87 -10.26 35.71
N ILE D 78 -58.43 -10.88 34.61
CA ILE D 78 -58.44 -12.34 34.54
C ILE D 78 -57.46 -12.93 35.52
N ALA D 79 -56.39 -12.20 35.85
CA ALA D 79 -55.44 -12.66 36.85
C ALA D 79 -56.01 -12.46 38.26
N ALA D 80 -56.70 -11.36 38.49
CA ALA D 80 -57.31 -11.09 39.79
C ALA D 80 -58.69 -11.73 39.93
N ARG D 81 -59.18 -12.44 38.91
CA ARG D 81 -60.45 -13.15 39.07
C ARG D 81 -60.28 -14.34 40.00
N ALA D 82 -59.13 -15.00 39.94
CA ALA D 82 -58.79 -16.06 40.88
C ALA D 82 -57.99 -15.54 42.07
N ALA D 83 -58.21 -14.28 42.47
CA ALA D 83 -57.40 -13.61 43.47
C ALA D 83 -57.66 -14.19 44.85
N LYS D 84 -56.78 -15.08 45.30
CA LYS D 84 -56.68 -15.38 46.72
C LYS D 84 -55.90 -14.30 47.46
N ASP D 85 -55.19 -13.45 46.74
CA ASP D 85 -54.37 -12.39 47.31
C ASP D 85 -54.98 -11.05 46.95
N GLY D 86 -55.38 -10.29 47.96
CA GLY D 86 -55.83 -8.92 47.72
C GLY D 86 -54.71 -8.04 47.22
N ASP D 87 -53.50 -8.22 47.79
CA ASP D 87 -52.34 -7.47 47.30
C ASP D 87 -52.13 -7.71 45.83
N ALA D 88 -52.05 -8.98 45.42
CA ALA D 88 -51.89 -9.31 44.01
C ALA D 88 -53.05 -8.78 43.19
N ALA D 89 -54.27 -8.94 43.70
CA ALA D 89 -55.43 -8.39 43.00
C ALA D 89 -55.32 -6.88 42.84
N ARG D 90 -55.09 -6.18 43.95
CA ARG D 90 -54.97 -4.73 43.89
C ARG D 90 -53.79 -4.34 43.02
N ASN D 91 -52.64 -4.98 43.23
CA ASN D 91 -51.48 -4.72 42.39
C ASN D 91 -51.78 -5.06 40.94
N ALA D 92 -52.52 -6.14 40.71
CA ALA D 92 -52.99 -6.42 39.36
C ALA D 92 -53.77 -5.23 38.82
N GLU D 93 -54.74 -4.75 39.59
CA GLU D 93 -55.54 -3.62 39.13
C GLU D 93 -54.70 -2.36 39.04
N ASN D 94 -53.96 -2.02 40.10
CA ASN D 94 -53.14 -0.82 40.08
C ASN D 94 -52.22 -0.81 38.87
N ALA D 95 -51.47 -1.90 38.67
CA ALA D 95 -50.64 -2.01 37.48
C ALA D 95 -51.48 -1.98 36.22
N ALA D 96 -52.60 -2.72 36.21
CA ALA D 96 -53.49 -2.65 35.07
C ALA D 96 -53.99 -1.23 34.88
N ARG D 97 -54.39 -0.57 35.97
CA ARG D 97 -54.88 0.80 35.85
C ARG D 97 -53.82 1.72 35.27
N LYS D 98 -52.72 1.90 36.02
CA LYS D 98 -51.76 2.93 35.68
C LYS D 98 -51.15 2.69 34.30
N ALA D 99 -50.67 1.48 34.04
CA ALA D 99 -50.06 1.19 32.75
C ALA D 99 -51.07 1.34 31.63
N LYS D 100 -52.27 0.79 31.81
CA LYS D 100 -53.30 1.00 30.80
C LYS D 100 -53.69 2.47 30.71
N GLU D 101 -53.74 3.16 31.85
CA GLU D 101 -53.86 4.61 31.80
C GLU D 101 -52.73 5.18 30.95
N PHE D 102 -51.50 4.80 31.26
CA PHE D 102 -50.39 5.17 30.40
C PHE D 102 -50.62 4.66 28.99
N ALA D 103 -51.26 3.50 28.86
CA ALA D 103 -51.59 2.96 27.55
C ALA D 103 -52.90 3.49 27.01
N GLU D 104 -53.65 4.27 27.79
CA GLU D 104 -54.88 4.89 27.31
C GLU D 104 -54.96 6.38 27.63
N GLU D 105 -53.90 6.97 28.16
CA GLU D 105 -53.76 8.42 28.13
C GLU D 105 -52.87 8.84 26.95
N GLN D 106 -51.66 8.29 26.89
CA GLN D 106 -50.73 8.65 25.82
C GLN D 106 -51.26 8.26 24.45
N ALA D 107 -52.03 7.18 24.37
CA ALA D 107 -52.53 6.72 23.07
C ALA D 107 -53.29 7.81 22.34
N LYS D 108 -54.13 8.56 23.07
CA LYS D 108 -54.82 9.68 22.45
C LYS D 108 -53.85 10.82 22.16
N LEU D 109 -52.90 11.05 23.05
CA LEU D 109 -51.83 11.99 22.73
C LEU D 109 -51.01 11.52 21.54
N ALA D 110 -50.92 10.21 21.33
CA ALA D 110 -50.32 9.70 20.11
C ALA D 110 -51.13 10.13 18.89
N ASP D 111 -52.46 10.09 19.00
CA ASP D 111 -53.31 10.64 17.94
C ASP D 111 -53.06 12.12 17.75
N MET D 112 -52.69 12.83 18.82
CA MET D 112 -52.46 14.27 18.71
C MET D 112 -51.35 14.57 17.72
N TYR D 113 -50.33 13.71 17.65
CA TYR D 113 -49.31 13.89 16.62
C TYR D 113 -49.78 13.35 15.27
N ALA D 114 -50.70 12.39 15.27
CA ALA D 114 -51.30 11.94 14.03
C ALA D 114 -52.14 13.02 13.38
N GLU D 115 -52.41 14.11 14.10
CA GLU D 115 -53.21 15.19 13.55
C GLU D 115 -52.50 15.87 12.38
N LEU D 116 -51.36 16.49 12.66
CA LEU D 116 -50.59 17.12 11.59
C LEU D 116 -49.85 16.10 10.75
N ALA D 117 -49.68 14.87 11.25
CA ALA D 117 -49.01 13.83 10.49
C ALA D 117 -49.74 13.49 9.21
N LYS D 118 -51.02 13.86 9.11
CA LYS D 118 -51.77 13.62 7.88
C LYS D 118 -51.12 14.34 6.70
N ASN D 119 -50.91 15.65 6.81
CA ASN D 119 -50.12 16.34 5.79
C ASN D 119 -48.66 15.96 5.90
N GLY D 120 -48.11 16.00 7.11
CA GLY D 120 -46.73 15.63 7.31
C GLY D 120 -45.73 16.59 6.71
N ASP D 121 -45.93 17.89 6.88
CA ASP D 121 -45.02 18.89 6.32
C ASP D 121 -43.60 18.65 6.81
N LYS D 122 -42.69 18.26 5.89
CA LYS D 122 -41.39 17.72 6.31
C LYS D 122 -40.50 18.74 7.01
N SER D 123 -40.99 19.95 7.25
CA SER D 123 -40.20 20.95 7.96
C SER D 123 -39.79 20.45 9.33
N SER D 124 -40.77 20.25 10.21
CA SER D 124 -40.47 19.87 11.58
C SER D 124 -41.37 18.76 12.13
N VAL D 125 -42.43 18.36 11.44
CA VAL D 125 -43.37 17.42 12.03
C VAL D 125 -42.73 16.06 12.21
N LEU D 126 -41.97 15.58 11.21
CA LEU D 126 -41.24 14.33 11.37
C LEU D 126 -40.26 14.42 12.52
N GLU D 127 -39.73 15.61 12.77
CA GLU D 127 -38.89 15.81 13.95
C GLU D 127 -39.70 15.60 15.22
N GLN D 128 -40.92 16.15 15.28
CA GLN D 128 -41.70 16.03 16.50
C GLN D 128 -42.40 14.68 16.62
N LEU D 129 -42.69 14.00 15.51
CA LEU D 129 -43.07 12.60 15.61
C LEU D 129 -41.98 11.78 16.28
N LYS D 130 -40.73 12.08 15.97
CA LYS D 130 -39.62 11.44 16.66
C LYS D 130 -39.69 11.71 18.16
N THR D 131 -40.00 12.96 18.52
CA THR D 131 -39.80 13.43 19.89
C THR D 131 -40.52 12.58 20.92
N PHE D 132 -41.85 12.58 20.88
CA PHE D 132 -42.62 11.88 21.90
C PHE D 132 -42.47 10.37 21.82
N ALA D 133 -42.12 9.84 20.64
CA ALA D 133 -42.08 8.40 20.46
C ALA D 133 -41.14 7.75 21.48
N ASP D 134 -39.91 8.24 21.56
CA ASP D 134 -39.01 7.73 22.59
C ASP D 134 -39.57 8.02 23.97
N LYS D 135 -40.02 9.26 24.19
CA LYS D 135 -40.68 9.59 25.43
C LYS D 135 -41.79 8.61 25.70
N ALA D 136 -42.56 8.27 24.67
CA ALA D 136 -43.50 7.18 24.79
C ALA D 136 -42.78 5.87 25.05
N PHE D 137 -41.75 5.57 24.26
CA PHE D 137 -41.11 4.27 24.36
C PHE D 137 -40.65 3.99 25.78
N HIS D 138 -39.86 4.91 26.34
CA HIS D 138 -39.32 4.67 27.66
C HIS D 138 -40.42 4.57 28.69
N GLU D 139 -41.38 5.49 28.64
CA GLU D 139 -42.40 5.54 29.67
C GLU D 139 -43.25 4.28 29.66
N MET D 140 -43.68 3.85 28.47
CA MET D 140 -44.61 2.74 28.39
C MET D 140 -44.00 1.47 28.96
N GLU D 141 -42.82 1.09 28.48
CA GLU D 141 -42.27 -0.22 28.81
C GLU D 141 -42.13 -0.40 30.32
N ASP D 142 -41.69 0.64 31.03
CA ASP D 142 -41.45 0.51 32.45
C ASP D 142 -42.77 0.29 33.20
N ARG D 143 -43.78 1.08 32.87
CA ARG D 143 -45.10 0.85 33.43
C ARG D 143 -45.60 -0.54 33.08
N PHE D 144 -45.09 -1.11 32.01
CA PHE D 144 -45.64 -2.35 31.51
C PHE D 144 -44.95 -3.57 32.08
N TYR D 145 -43.65 -3.46 32.42
CA TYR D 145 -43.01 -4.53 33.17
C TYR D 145 -43.68 -4.73 34.52
N GLN D 146 -43.79 -3.65 35.29
CA GLN D 146 -44.52 -3.75 36.55
C GLN D 146 -45.96 -4.15 36.29
N ALA D 147 -46.51 -3.75 35.14
CA ALA D 147 -47.75 -4.35 34.69
C ALA D 147 -47.54 -5.85 34.44
N ALA D 148 -46.53 -6.20 33.65
CA ALA D 148 -46.27 -7.60 33.38
C ALA D 148 -45.90 -8.39 34.62
N LEU D 149 -45.51 -7.70 35.69
CA LEU D 149 -45.19 -8.39 36.94
C LEU D 149 -46.44 -8.66 37.76
N ALA D 150 -47.17 -7.60 38.11
CA ALA D 150 -48.30 -7.73 39.04
C ALA D 150 -49.34 -8.71 38.52
N VAL D 151 -49.46 -8.82 37.20
CA VAL D 151 -50.41 -9.77 36.63
C VAL D 151 -49.99 -11.20 36.94
N PHE D 152 -48.72 -11.54 36.71
CA PHE D 152 -48.26 -12.85 37.14
C PHE D 152 -48.18 -12.93 38.66
N GLU D 153 -47.85 -11.81 39.30
CA GLU D 153 -48.01 -11.74 40.75
C GLU D 153 -49.43 -12.09 41.15
N ALA D 154 -50.41 -11.68 40.34
CA ALA D 154 -51.78 -12.12 40.56
C ALA D 154 -51.98 -13.57 40.10
N ALA D 155 -51.24 -14.01 39.08
CA ALA D 155 -51.29 -15.41 38.70
C ALA D 155 -50.62 -16.29 39.75
N GLU D 156 -49.63 -15.74 40.47
CA GLU D 156 -49.04 -16.44 41.60
C GLU D 156 -49.98 -16.56 42.78
N ALA D 157 -51.05 -15.75 42.83
CA ALA D 157 -51.99 -15.82 43.94
C ALA D 157 -52.64 -17.19 44.03
N ALA D 158 -53.43 -17.54 43.00
CA ALA D 158 -53.98 -18.89 42.91
C ALA D 158 -53.09 -19.80 42.07
N ALA D 159 -51.80 -19.81 42.40
CA ALA D 159 -50.85 -20.72 41.78
C ALA D 159 -50.63 -21.99 42.60
N GLY D 160 -51.29 -22.10 43.75
CA GLY D 160 -51.12 -23.24 44.64
C GLY D 160 -51.20 -22.86 46.11
N SER E 1 -94.25 32.42 2.80
CA SER E 1 -92.87 32.51 3.22
C SER E 1 -92.57 31.59 4.41
N ALA E 2 -93.20 30.41 4.41
CA ALA E 2 -92.96 29.42 5.45
C ALA E 2 -91.72 28.61 5.14
N GLU E 3 -90.95 28.27 6.18
CA GLU E 3 -89.66 27.63 5.98
C GLU E 3 -89.81 26.27 5.30
N ILE E 4 -88.94 26.02 4.32
CA ILE E 4 -88.83 24.75 3.62
C ILE E 4 -87.36 24.38 3.56
N ASP E 5 -87.09 23.09 3.32
CA ASP E 5 -85.72 22.60 3.17
C ASP E 5 -85.72 21.57 2.05
N LEU E 6 -84.84 21.77 1.06
CA LEU E 6 -84.74 20.85 -0.06
C LEU E 6 -83.55 19.91 0.14
N GLY E 7 -83.24 19.13 -0.89
CA GLY E 7 -82.31 18.02 -0.73
C GLY E 7 -80.91 18.49 -0.37
N LYS E 8 -80.18 17.64 0.36
CA LYS E 8 -78.79 17.89 0.72
C LYS E 8 -78.64 19.20 1.50
N GLY E 9 -79.63 19.51 2.32
CA GLY E 9 -79.60 20.77 3.05
C GLY E 9 -79.74 21.99 2.16
N ASP E 10 -80.60 21.91 1.14
CA ASP E 10 -80.84 23.05 0.25
C ASP E 10 -82.02 23.83 0.83
N PHE E 11 -81.72 24.72 1.77
CA PHE E 11 -82.76 25.49 2.42
C PHE E 11 -83.25 26.60 1.49
N ARG E 12 -84.37 27.21 1.87
CA ARG E 12 -84.97 28.28 1.09
C ARG E 12 -85.65 29.27 2.01
N GLU E 13 -86.06 30.40 1.45
CA GLU E 13 -86.97 31.35 2.07
C GLU E 13 -88.02 31.62 1.01
N ILE E 14 -89.07 30.80 1.01
CA ILE E 14 -90.04 30.79 -0.08
C ILE E 14 -90.62 32.18 -0.29
N ARG E 15 -90.51 32.68 -1.52
CA ARG E 15 -91.29 33.84 -1.96
C ARG E 15 -92.43 33.32 -2.84
N ALA E 16 -93.45 32.75 -2.19
CA ALA E 16 -94.60 32.20 -2.90
C ALA E 16 -95.88 32.53 -2.15
N SER E 17 -97.00 32.27 -2.82
CA SER E 17 -98.32 32.45 -2.23
C SER E 17 -98.64 31.23 -1.36
N GLU E 18 -99.87 31.19 -0.84
CA GLU E 18 -100.27 30.18 0.14
C GLU E 18 -100.39 28.77 -0.46
N ASP E 19 -100.44 28.65 -1.79
CA ASP E 19 -100.72 27.35 -2.40
C ASP E 19 -99.62 26.33 -2.10
N ALA E 20 -98.45 26.77 -1.64
CA ALA E 20 -97.42 25.85 -1.19
C ALA E 20 -97.45 25.63 0.31
N ARG E 21 -97.92 26.63 1.09
CA ARG E 21 -98.05 26.45 2.53
C ARG E 21 -99.07 25.36 2.86
N GLU E 22 -100.21 25.35 2.18
CA GLU E 22 -101.15 24.25 2.35
C GLU E 22 -100.52 22.93 1.95
N ALA E 23 -99.64 22.96 0.94
CA ALA E 23 -98.81 21.81 0.62
C ALA E 23 -97.66 21.64 1.58
N ALA E 24 -97.21 22.73 2.22
CA ALA E 24 -96.07 22.65 3.12
C ALA E 24 -96.34 21.72 4.28
N GLU E 25 -97.55 21.75 4.83
CA GLU E 25 -97.93 20.77 5.85
C GLU E 25 -97.92 19.36 5.27
N ALA E 26 -98.45 19.19 4.06
CA ALA E 26 -98.31 17.93 3.36
C ALA E 26 -96.85 17.61 3.14
N LEU E 27 -96.07 18.62 2.77
CA LEU E 27 -94.62 18.49 2.67
C LEU E 27 -93.96 18.41 4.05
N ALA E 28 -94.65 18.86 5.11
CA ALA E 28 -94.13 18.66 6.45
C ALA E 28 -94.27 17.21 6.90
N GLU E 29 -95.24 16.49 6.32
CA GLU E 29 -95.22 15.04 6.44
C GLU E 29 -94.42 14.40 5.32
N ALA E 30 -94.05 15.17 4.29
CA ALA E 30 -93.29 14.64 3.16
C ALA E 30 -91.80 14.97 3.24
N ALA E 31 -91.44 16.26 3.22
CA ALA E 31 -90.03 16.60 3.19
C ALA E 31 -89.34 16.24 4.50
N ARG E 32 -89.99 16.52 5.62
CA ARG E 32 -89.47 16.08 6.91
C ARG E 32 -89.37 14.56 6.98
N ALA E 33 -90.11 13.85 6.12
CA ALA E 33 -90.01 12.40 6.03
C ALA E 33 -89.17 11.94 4.85
N MET E 34 -89.29 12.59 3.69
CA MET E 34 -88.53 12.20 2.50
C MET E 34 -87.05 12.13 2.82
N LYS E 35 -86.51 13.21 3.40
CA LYS E 35 -85.14 13.17 3.86
C LYS E 35 -84.98 12.19 5.02
N GLU E 36 -85.91 12.21 5.99
CA GLU E 36 -85.78 11.36 7.16
C GLU E 36 -86.02 9.89 6.84
N ALA E 37 -86.73 9.59 5.75
CA ALA E 37 -86.75 8.23 5.23
C ALA E 37 -85.47 7.86 4.48
N LEU E 38 -84.45 8.70 4.56
CA LEU E 38 -83.14 8.37 3.99
C LEU E 38 -82.06 8.32 5.06
N GLU E 39 -81.83 9.42 5.81
CA GLU E 39 -80.71 9.44 6.73
C GLU E 39 -80.94 8.57 7.97
N ILE E 40 -82.13 8.65 8.58
CA ILE E 40 -82.43 7.77 9.70
C ILE E 40 -82.43 6.32 9.24
N ILE E 41 -82.97 6.07 8.05
CA ILE E 41 -82.87 4.75 7.47
C ILE E 41 -81.43 4.46 7.03
N ARG E 42 -80.66 5.49 6.68
CA ARG E 42 -79.22 5.29 6.46
C ARG E 42 -78.54 4.82 7.74
N GLU E 43 -78.75 5.53 8.85
CA GLU E 43 -78.04 5.18 10.07
C GLU E 43 -78.46 3.82 10.60
N ILE E 44 -79.75 3.47 10.50
CA ILE E 44 -80.14 2.12 10.89
C ILE E 44 -79.50 1.10 9.96
N ALA E 45 -79.37 1.44 8.66
CA ALA E 45 -78.81 0.52 7.68
C ALA E 45 -77.44 0.02 8.12
N GLU E 46 -76.66 0.88 8.79
CA GLU E 46 -75.37 0.49 9.34
C GLU E 46 -75.45 0.17 10.83
N LYS E 47 -76.62 -0.22 11.33
CA LYS E 47 -76.69 -0.74 12.69
C LYS E 47 -77.59 -1.95 12.86
N LEU E 48 -78.26 -2.43 11.81
CA LEU E 48 -78.91 -3.74 11.89
C LEU E 48 -77.83 -4.81 11.97
N ARG E 49 -77.66 -5.38 13.14
CA ARG E 49 -76.64 -6.40 13.36
C ARG E 49 -77.22 -7.69 13.93
N ASP E 50 -78.20 -7.61 14.81
CA ASP E 50 -78.86 -8.77 15.41
C ASP E 50 -80.18 -9.05 14.71
N SER E 51 -80.55 -10.33 14.67
CA SER E 51 -81.68 -10.74 13.85
C SER E 51 -83.00 -10.17 14.37
N SER E 52 -83.27 -10.35 15.68
CA SER E 52 -84.63 -10.12 16.19
C SER E 52 -85.07 -8.68 15.98
N ARG E 53 -84.20 -7.72 16.26
CA ARG E 53 -84.60 -6.32 16.11
C ARG E 53 -84.80 -5.93 14.65
N ALA E 54 -84.31 -6.73 13.70
CA ALA E 54 -84.57 -6.44 12.29
C ALA E 54 -86.05 -6.64 11.96
N SER E 55 -86.66 -7.69 12.49
CA SER E 55 -88.07 -7.97 12.21
C SER E 55 -88.96 -6.86 12.72
N GLU E 56 -88.74 -6.42 13.96
CA GLU E 56 -89.52 -5.30 14.48
C GLU E 56 -89.21 -4.02 13.71
N ALA E 57 -87.93 -3.78 13.42
CA ALA E 57 -87.57 -2.57 12.67
C ALA E 57 -88.13 -2.63 11.26
N ALA E 58 -88.34 -3.84 10.74
CA ALA E 58 -88.97 -3.97 9.43
C ALA E 58 -90.33 -3.27 9.41
N LYS E 59 -91.05 -3.31 10.53
CA LYS E 59 -92.26 -2.52 10.67
C LYS E 59 -91.97 -1.07 11.05
N ARG E 60 -90.88 -0.81 11.76
CA ARG E 60 -90.44 0.57 11.90
C ARG E 60 -89.86 1.10 10.60
N ILE E 61 -89.21 0.25 9.81
CA ILE E 61 -88.92 0.60 8.43
C ILE E 61 -90.23 0.79 7.67
N ALA E 62 -91.23 -0.05 7.95
CA ALA E 62 -92.55 0.15 7.36
C ALA E 62 -93.14 1.47 7.79
N LYS E 63 -93.11 1.77 9.10
CA LYS E 63 -93.53 3.10 9.53
C LYS E 63 -92.59 4.17 9.02
N ALA E 64 -91.39 3.79 8.58
CA ALA E 64 -90.53 4.71 7.85
C ALA E 64 -90.83 4.69 6.36
N ILE E 65 -91.17 3.52 5.80
CA ILE E 65 -91.52 3.45 4.38
C ILE E 65 -92.96 3.92 4.17
N ARG E 66 -93.92 3.36 4.92
CA ARG E 66 -95.31 3.71 4.70
C ARG E 66 -95.54 5.20 4.92
N LYS E 67 -95.02 5.73 6.04
CA LYS E 67 -95.15 7.17 6.26
C LYS E 67 -94.43 7.95 5.18
N ALA E 68 -93.36 7.39 4.61
CA ALA E 68 -92.77 7.96 3.41
C ALA E 68 -93.58 7.59 2.17
N ALA E 69 -94.17 6.39 2.15
CA ALA E 69 -95.06 6.02 1.05
C ALA E 69 -96.19 7.03 0.92
N ASP E 70 -96.82 7.37 2.04
CA ASP E 70 -97.75 8.50 2.10
C ASP E 70 -97.04 9.80 2.44
N ALA E 71 -95.77 9.94 2.08
CA ALA E 71 -95.10 11.22 2.06
C ALA E 71 -94.67 11.62 0.66
N ILE E 72 -93.87 10.78 -0.01
CA ILE E 72 -93.41 11.12 -1.35
C ILE E 72 -94.57 11.08 -2.34
N ALA E 73 -95.37 10.02 -2.29
CA ALA E 73 -96.58 9.99 -3.09
C ALA E 73 -97.58 11.01 -2.57
N GLU E 74 -97.51 11.34 -1.28
CA GLU E 74 -98.32 12.43 -0.74
C GLU E 74 -97.85 13.77 -1.27
N ALA E 75 -96.53 14.00 -1.27
CA ALA E 75 -96.01 15.20 -1.92
C ALA E 75 -96.33 15.19 -3.40
N ALA E 76 -96.28 14.00 -4.02
CA ALA E 76 -96.59 13.87 -5.43
C ALA E 76 -98.03 14.25 -5.74
N LYS E 77 -98.93 14.14 -4.75
CA LYS E 77 -100.36 14.34 -4.99
C LYS E 77 -100.86 15.70 -4.52
N ILE E 78 -100.70 16.03 -3.24
CA ILE E 78 -101.40 17.18 -2.68
C ILE E 78 -100.79 18.48 -3.21
N ALA E 79 -99.47 18.56 -3.26
CA ALA E 79 -98.84 19.75 -3.84
C ALA E 79 -99.14 19.87 -5.32
N ALA E 80 -99.53 18.77 -5.97
CA ALA E 80 -99.76 18.80 -7.41
C ALA E 80 -101.03 19.56 -7.77
N ARG E 81 -102.05 19.51 -6.90
CA ARG E 81 -103.31 20.17 -7.23
C ARG E 81 -103.17 21.68 -7.25
N ALA E 82 -102.09 22.21 -6.67
CA ALA E 82 -101.82 23.65 -6.65
C ALA E 82 -100.98 24.10 -7.84
N ALA E 83 -101.11 23.42 -8.98
CA ALA E 83 -100.30 23.69 -10.16
C ALA E 83 -101.17 24.21 -11.29
N LYS E 84 -100.71 25.27 -11.95
CA LYS E 84 -101.32 25.77 -13.18
C LYS E 84 -100.57 25.31 -14.42
N ASP E 85 -99.52 24.53 -14.25
CA ASP E 85 -98.64 24.11 -15.34
C ASP E 85 -98.92 22.66 -15.71
N GLY E 86 -99.06 22.40 -17.01
CA GLY E 86 -99.27 21.04 -17.46
C GLY E 86 -98.11 20.12 -17.08
N ASP E 87 -96.88 20.62 -17.22
CA ASP E 87 -95.72 19.83 -16.82
C ASP E 87 -95.67 19.64 -15.31
N ALA E 88 -95.97 20.69 -14.55
CA ALA E 88 -95.81 20.63 -13.10
C ALA E 88 -96.76 19.62 -12.47
N ALA E 89 -98.01 19.57 -12.94
CA ALA E 89 -98.92 18.54 -12.47
C ALA E 89 -98.42 17.15 -12.85
N ARG E 90 -97.97 17.00 -14.10
CA ARG E 90 -97.49 15.71 -14.57
C ARG E 90 -96.18 15.33 -13.88
N ASN E 91 -95.26 16.28 -13.74
CA ASN E 91 -93.98 15.99 -13.09
C ASN E 91 -94.21 15.58 -11.64
N ALA E 92 -95.09 16.29 -10.93
CA ALA E 92 -95.49 15.86 -9.61
C ALA E 92 -96.20 14.50 -9.66
N GLU E 93 -96.72 14.12 -10.82
CA GLU E 93 -97.34 12.81 -11.01
C GLU E 93 -96.44 11.80 -11.70
N ASN E 94 -95.44 12.25 -12.46
CA ASN E 94 -94.62 11.33 -13.24
C ASN E 94 -93.85 10.36 -12.35
N ALA E 95 -93.12 10.90 -11.36
CA ALA E 95 -92.32 10.05 -10.49
C ALA E 95 -93.18 9.28 -9.50
N ALA E 96 -94.46 9.61 -9.39
CA ALA E 96 -95.31 8.96 -8.41
C ALA E 96 -95.58 7.51 -8.77
N ARG E 97 -95.90 7.24 -10.03
CA ARG E 97 -96.40 5.92 -10.42
C ARG E 97 -95.39 4.83 -10.11
N LYS E 98 -94.12 5.17 -9.97
CA LYS E 98 -93.05 4.24 -9.66
C LYS E 98 -92.62 4.30 -8.19
N ALA E 99 -92.66 5.49 -7.59
CA ALA E 99 -92.24 5.64 -6.21
C ALA E 99 -93.18 4.93 -5.26
N LYS E 100 -94.48 5.17 -5.40
CA LYS E 100 -95.46 4.53 -4.52
C LYS E 100 -95.58 3.03 -4.78
N GLU E 101 -95.31 2.59 -6.01
CA GLU E 101 -95.28 1.15 -6.29
C GLU E 101 -94.20 0.46 -5.45
N PHE E 102 -92.98 1.01 -5.45
CA PHE E 102 -91.95 0.53 -4.54
C PHE E 102 -92.32 0.82 -3.09
N ALA E 103 -92.86 2.00 -2.84
CA ALA E 103 -93.46 2.29 -1.54
C ALA E 103 -94.70 1.46 -1.28
N GLU E 104 -95.05 0.58 -2.23
CA GLU E 104 -95.98 -0.51 -2.04
C GLU E 104 -95.36 -1.87 -2.29
N GLU E 105 -94.24 -1.94 -3.02
CA GLU E 105 -93.53 -3.20 -3.20
C GLU E 105 -92.46 -3.38 -2.13
N GLN E 106 -91.48 -2.46 -2.08
CA GLN E 106 -90.47 -2.54 -1.04
C GLN E 106 -91.09 -2.37 0.33
N ALA E 107 -92.21 -1.66 0.42
CA ALA E 107 -92.93 -1.56 1.68
C ALA E 107 -93.37 -2.94 2.16
N LYS E 108 -94.09 -3.67 1.32
CA LYS E 108 -94.50 -5.00 1.73
C LYS E 108 -93.33 -5.98 1.72
N LEU E 109 -92.21 -5.60 1.12
CA LEU E 109 -90.98 -6.35 1.37
C LEU E 109 -90.54 -6.18 2.81
N ALA E 110 -90.49 -4.95 3.31
CA ALA E 110 -90.22 -4.73 4.73
C ALA E 110 -91.26 -5.43 5.59
N ASP E 111 -92.51 -5.49 5.11
CA ASP E 111 -93.50 -6.37 5.73
C ASP E 111 -93.01 -7.82 5.70
N MET E 112 -92.64 -8.30 4.51
CA MET E 112 -92.19 -9.69 4.39
C MET E 112 -90.87 -9.89 5.11
N TYR E 113 -89.90 -9.01 4.86
CA TYR E 113 -88.53 -9.19 5.34
C TYR E 113 -88.44 -9.31 6.85
N ALA E 114 -89.51 -8.98 7.58
CA ALA E 114 -89.55 -9.29 9.00
C ALA E 114 -89.52 -10.78 9.26
N GLU E 115 -89.87 -11.59 8.24
CA GLU E 115 -89.97 -13.03 8.43
C GLU E 115 -88.62 -13.67 8.73
N LEU E 116 -87.57 -13.26 8.02
CA LEU E 116 -86.31 -13.99 8.06
C LEU E 116 -85.66 -13.90 9.44
N ALA E 117 -85.82 -12.77 10.12
CA ALA E 117 -85.15 -12.52 11.39
C ALA E 117 -86.14 -12.11 12.47
N LYS E 118 -87.22 -12.87 12.62
CA LYS E 118 -88.18 -12.59 13.68
C LYS E 118 -87.73 -13.19 15.01
N ASN E 119 -87.60 -14.52 15.07
CA ASN E 119 -87.20 -15.16 16.31
C ASN E 119 -85.81 -14.70 16.74
N GLY E 120 -84.88 -14.60 15.80
CA GLY E 120 -83.57 -14.07 16.10
C GLY E 120 -82.41 -15.01 15.83
N ASP E 121 -82.61 -16.00 14.96
CA ASP E 121 -81.51 -16.88 14.59
C ASP E 121 -80.42 -16.07 13.90
N LYS E 122 -79.18 -16.33 14.30
CA LYS E 122 -78.02 -15.61 13.80
C LYS E 122 -77.30 -16.37 12.69
N SER E 123 -77.90 -17.44 12.19
CA SER E 123 -77.18 -18.38 11.32
C SER E 123 -77.14 -17.99 9.84
N SER E 124 -78.30 -18.01 9.18
CA SER E 124 -78.16 -18.11 7.72
C SER E 124 -78.97 -17.10 6.91
N VAL E 125 -80.20 -16.81 7.29
CA VAL E 125 -81.12 -16.13 6.37
C VAL E 125 -81.10 -14.62 6.61
N LEU E 126 -80.11 -14.17 7.37
CA LEU E 126 -80.06 -12.76 7.76
C LEU E 126 -79.81 -11.84 6.57
N GLU E 127 -79.02 -12.28 5.58
CA GLU E 127 -78.45 -11.36 4.61
C GLU E 127 -79.48 -10.79 3.63
N GLN E 128 -80.68 -11.39 3.56
CA GLN E 128 -81.64 -10.96 2.54
C GLN E 128 -82.10 -9.52 2.75
N LEU E 129 -82.14 -9.05 3.99
CA LEU E 129 -82.57 -7.67 4.23
C LEU E 129 -81.42 -6.68 4.21
N LYS E 130 -80.25 -7.04 4.75
CA LYS E 130 -79.15 -6.09 4.84
C LYS E 130 -78.65 -5.68 3.46
N THR E 131 -78.87 -6.52 2.44
CA THR E 131 -78.33 -6.20 1.13
C THR E 131 -79.15 -5.11 0.45
N PHE E 132 -80.45 -5.32 0.27
CA PHE E 132 -81.23 -4.33 -0.47
C PHE E 132 -81.29 -3.01 0.28
N ALA E 133 -80.88 -3.00 1.55
CA ALA E 133 -80.64 -1.74 2.25
C ALA E 133 -79.75 -0.84 1.42
N ASP E 134 -78.70 -1.41 0.82
CA ASP E 134 -77.94 -0.65 -0.17
C ASP E 134 -78.81 -0.32 -1.36
N LYS E 135 -79.64 -1.26 -1.81
CA LYS E 135 -80.42 -1.04 -3.03
C LYS E 135 -81.62 -0.14 -2.76
N ALA E 136 -82.56 -0.60 -1.94
CA ALA E 136 -83.85 0.09 -1.84
C ALA E 136 -83.69 1.48 -1.25
N PHE E 137 -82.77 1.65 -0.31
CA PHE E 137 -82.63 2.94 0.34
C PHE E 137 -82.11 3.97 -0.65
N HIS E 138 -81.08 3.60 -1.41
CA HIS E 138 -80.55 4.49 -2.44
C HIS E 138 -81.39 4.48 -3.71
N GLU E 139 -82.04 3.36 -4.04
CA GLU E 139 -82.90 3.32 -5.22
C GLU E 139 -84.06 4.31 -5.09
N MET E 140 -84.65 4.41 -3.90
CA MET E 140 -85.65 5.44 -3.72
C MET E 140 -85.01 6.81 -3.60
N GLU E 141 -83.76 6.88 -3.13
CA GLU E 141 -83.04 8.15 -3.19
C GLU E 141 -82.84 8.59 -4.63
N ASP E 142 -82.68 7.64 -5.55
CA ASP E 142 -82.71 7.98 -6.97
C ASP E 142 -84.10 8.39 -7.42
N ARG E 143 -85.14 8.01 -6.69
CA ARG E 143 -86.52 8.35 -7.04
C ARG E 143 -87.10 9.44 -6.15
N PHE E 144 -86.99 9.30 -4.83
CA PHE E 144 -87.59 10.27 -3.93
C PHE E 144 -86.91 11.64 -4.06
N TYR E 145 -85.58 11.66 -4.14
CA TYR E 145 -84.89 12.90 -4.45
C TYR E 145 -85.25 13.40 -5.84
N GLN E 146 -85.30 12.49 -6.82
CA GLN E 146 -85.68 12.89 -8.17
C GLN E 146 -87.09 13.45 -8.22
N ALA E 147 -88.02 12.80 -7.51
CA ALA E 147 -89.35 13.39 -7.37
C ALA E 147 -89.29 14.71 -6.61
N ALA E 148 -88.55 14.74 -5.50
CA ALA E 148 -88.41 15.96 -4.72
C ALA E 148 -87.68 17.06 -5.49
N LEU E 149 -86.97 16.70 -6.55
CA LEU E 149 -86.33 17.71 -7.39
C LEU E 149 -87.36 18.62 -8.04
N ALA E 150 -88.45 18.05 -8.55
CA ALA E 150 -89.42 18.83 -9.30
C ALA E 150 -90.85 18.77 -8.74
N VAL E 151 -91.10 18.00 -7.69
CA VAL E 151 -92.48 17.89 -7.20
C VAL E 151 -92.96 19.22 -6.63
N PHE E 152 -92.06 19.98 -6.01
CA PHE E 152 -92.45 21.27 -5.45
C PHE E 152 -92.73 22.29 -6.55
N GLU E 153 -92.29 22.04 -7.79
CA GLU E 153 -92.59 22.95 -8.88
C GLU E 153 -94.07 23.07 -9.12
N ALA E 154 -94.85 22.03 -8.79
CA ALA E 154 -96.29 22.10 -8.96
C ALA E 154 -96.88 23.25 -8.16
N ALA E 155 -96.54 23.33 -6.86
CA ALA E 155 -97.01 24.45 -6.04
C ALA E 155 -96.44 25.78 -6.54
N GLU E 156 -95.28 25.75 -7.20
CA GLU E 156 -94.69 26.94 -7.79
C GLU E 156 -95.43 27.43 -9.02
N ALA E 157 -96.39 26.66 -9.54
CA ALA E 157 -97.05 27.02 -10.79
C ALA E 157 -98.23 27.96 -10.56
N ALA E 158 -99.17 27.57 -9.68
CA ALA E 158 -100.39 28.35 -9.46
C ALA E 158 -100.13 29.37 -8.38
N ALA E 159 -99.92 30.62 -8.80
CA ALA E 159 -99.69 31.73 -7.88
C ALA E 159 -100.75 32.80 -7.96
N GLY E 160 -101.04 33.30 -9.16
CA GLY E 160 -102.01 34.37 -9.33
C GLY E 160 -101.41 35.71 -9.70
N SER F 1 -55.58 -59.90 16.74
CA SER F 1 -55.82 -58.90 15.72
C SER F 1 -56.71 -57.78 16.23
N ALA F 2 -56.50 -57.36 17.48
CA ALA F 2 -57.31 -56.31 18.09
C ALA F 2 -56.40 -55.22 18.65
N GLU F 3 -56.87 -53.98 18.52
CA GLU F 3 -56.09 -52.79 18.83
C GLU F 3 -55.94 -52.66 20.34
N ILE F 4 -54.92 -53.31 20.88
CA ILE F 4 -54.55 -53.17 22.28
C ILE F 4 -53.07 -52.84 22.35
N ASP F 5 -52.73 -51.70 22.93
CA ASP F 5 -51.35 -51.24 22.97
C ASP F 5 -50.68 -51.79 24.21
N LEU F 6 -50.08 -52.97 24.08
CA LEU F 6 -49.35 -53.59 25.17
C LEU F 6 -47.88 -53.19 25.11
N GLY F 7 -47.03 -53.87 25.87
CA GLY F 7 -45.60 -53.65 25.73
C GLY F 7 -45.12 -54.04 24.35
N LYS F 8 -44.16 -53.28 23.83
CA LYS F 8 -43.65 -53.32 22.45
C LYS F 8 -44.78 -53.18 21.42
N GLY F 9 -45.99 -52.84 21.86
CA GLY F 9 -47.09 -52.56 20.96
C GLY F 9 -47.79 -53.77 20.40
N ASP F 10 -47.49 -54.97 20.89
CA ASP F 10 -48.16 -56.16 20.37
C ASP F 10 -49.64 -56.11 20.71
N PHE F 11 -50.48 -56.38 19.73
CA PHE F 11 -51.92 -56.23 19.84
C PHE F 11 -52.60 -57.52 19.38
N ARG F 12 -53.59 -57.96 20.16
CA ARG F 12 -54.17 -59.28 19.95
C ARG F 12 -55.64 -59.28 20.34
N GLU F 13 -56.34 -60.29 19.84
CA GLU F 13 -57.62 -60.73 20.40
C GLU F 13 -57.55 -62.26 20.37
N ILE F 14 -57.15 -62.84 21.51
CA ILE F 14 -56.61 -64.21 21.56
C ILE F 14 -57.46 -65.17 20.74
N ARG F 15 -56.79 -65.93 19.88
CA ARG F 15 -57.43 -66.88 18.97
C ARG F 15 -57.13 -68.29 19.47
N ALA F 16 -58.03 -68.84 20.27
CA ALA F 16 -57.85 -70.15 20.85
C ALA F 16 -59.22 -70.68 21.27
N SER F 17 -59.22 -71.70 22.13
CA SER F 17 -60.47 -72.20 22.71
C SER F 17 -61.14 -71.09 23.53
N GLU F 18 -62.47 -71.10 23.53
CA GLU F 18 -63.22 -69.97 24.07
C GLU F 18 -62.91 -69.68 25.52
N ASP F 19 -62.40 -70.65 26.29
CA ASP F 19 -61.95 -70.31 27.63
C ASP F 19 -60.75 -69.35 27.58
N ALA F 20 -59.88 -69.52 26.59
CA ALA F 20 -58.85 -68.53 26.35
C ALA F 20 -59.45 -67.21 25.90
N ARG F 21 -60.55 -67.27 25.14
CA ARG F 21 -61.36 -66.07 24.96
C ARG F 21 -61.93 -65.63 26.30
N GLU F 22 -62.47 -66.56 27.09
CA GLU F 22 -62.88 -66.20 28.45
C GLU F 22 -61.69 -65.74 29.28
N ALA F 23 -60.50 -66.29 28.98
CA ALA F 23 -59.23 -65.75 29.47
C ALA F 23 -58.77 -64.55 28.64
N ALA F 24 -59.70 -63.90 27.93
CA ALA F 24 -59.49 -62.60 27.31
C ALA F 24 -60.47 -61.53 27.79
N GLU F 25 -61.68 -61.91 28.26
CA GLU F 25 -62.50 -60.93 28.96
C GLU F 25 -62.21 -60.90 30.45
N ALA F 26 -62.12 -62.08 31.08
CA ALA F 26 -61.67 -62.13 32.47
C ALA F 26 -60.24 -61.63 32.59
N LEU F 27 -59.42 -61.91 31.58
CA LEU F 27 -58.09 -61.31 31.52
C LEU F 27 -58.19 -59.85 31.12
N ALA F 28 -59.29 -59.43 30.47
CA ALA F 28 -59.57 -58.01 30.29
C ALA F 28 -60.03 -57.35 31.58
N GLU F 29 -60.33 -58.13 32.62
CA GLU F 29 -60.32 -57.57 33.95
C GLU F 29 -58.91 -57.27 34.42
N ALA F 30 -57.90 -57.73 33.67
CA ALA F 30 -56.52 -57.40 33.91
C ALA F 30 -55.87 -56.67 32.74
N ALA F 31 -56.01 -57.21 31.52
CA ALA F 31 -55.39 -56.59 30.35
C ALA F 31 -55.89 -55.17 30.15
N ARG F 32 -57.18 -54.95 30.37
CA ARG F 32 -57.72 -53.59 30.42
C ARG F 32 -57.38 -52.92 31.75
N ALA F 33 -57.12 -53.71 32.81
CA ALA F 33 -56.72 -53.14 34.09
C ALA F 33 -55.23 -52.79 34.14
N MET F 34 -54.36 -53.55 33.46
CA MET F 34 -52.95 -53.14 33.42
C MET F 34 -52.77 -51.84 32.65
N LYS F 35 -53.26 -51.80 31.41
CA LYS F 35 -53.03 -50.62 30.57
C LYS F 35 -53.80 -49.40 31.05
N GLU F 36 -54.71 -49.58 32.01
CA GLU F 36 -55.27 -48.41 32.70
C GLU F 36 -54.42 -48.06 33.92
N ALA F 37 -53.83 -49.05 34.58
CA ALA F 37 -52.99 -48.78 35.74
C ALA F 37 -51.74 -48.02 35.33
N LEU F 38 -51.11 -48.43 34.22
CA LEU F 38 -49.93 -47.74 33.72
C LEU F 38 -50.25 -46.41 33.06
N GLU F 39 -51.51 -45.99 33.06
CA GLU F 39 -51.89 -44.67 32.55
C GLU F 39 -52.28 -43.69 33.64
N ILE F 40 -52.89 -44.15 34.72
CA ILE F 40 -53.22 -43.24 35.80
C ILE F 40 -52.04 -43.05 36.73
N ILE F 41 -51.28 -44.12 37.01
CA ILE F 41 -50.01 -43.92 37.69
C ILE F 41 -49.07 -43.13 36.80
N ARG F 42 -49.22 -43.28 35.49
CA ARG F 42 -48.54 -42.40 34.55
C ARG F 42 -49.00 -40.96 34.74
N GLU F 43 -50.25 -40.76 35.15
CA GLU F 43 -50.67 -39.42 35.55
C GLU F 43 -50.12 -39.04 36.92
N ILE F 44 -49.73 -40.01 37.76
CA ILE F 44 -49.20 -39.65 39.08
C ILE F 44 -47.66 -39.72 39.09
N ALA F 45 -47.04 -40.21 38.01
CA ALA F 45 -45.59 -40.34 37.97
C ALA F 45 -44.91 -38.98 38.11
N GLU F 46 -45.41 -37.96 37.40
CA GLU F 46 -44.92 -36.61 37.62
C GLU F 46 -46.00 -35.52 37.62
N LYS F 47 -47.21 -35.81 37.16
CA LYS F 47 -48.29 -34.84 37.29
C LYS F 47 -48.88 -34.84 38.69
N LEU F 48 -48.33 -35.63 39.60
CA LEU F 48 -48.49 -35.43 41.04
C LEU F 48 -48.11 -34.00 41.39
N ARG F 49 -49.07 -33.19 41.81
CA ARG F 49 -48.83 -31.78 42.10
C ARG F 49 -49.36 -31.32 43.45
N ASP F 50 -50.36 -31.99 44.01
CA ASP F 50 -51.08 -31.52 45.18
C ASP F 50 -51.00 -32.55 46.29
N SER F 51 -50.61 -32.10 47.49
CA SER F 51 -50.68 -32.94 48.68
C SER F 51 -52.13 -33.31 48.99
N SER F 52 -53.05 -32.36 48.84
CA SER F 52 -54.46 -32.67 49.05
C SER F 52 -54.94 -33.71 48.05
N ARG F 53 -54.53 -33.58 46.78
CA ARG F 53 -54.84 -34.65 45.82
C ARG F 53 -54.08 -35.92 46.15
N ALA F 54 -52.86 -35.79 46.67
CA ALA F 54 -52.04 -36.95 46.99
C ALA F 54 -52.78 -37.90 47.93
N SER F 55 -53.67 -37.38 48.76
CA SER F 55 -54.39 -38.20 49.72
C SER F 55 -55.21 -39.28 49.02
N GLU F 56 -56.21 -38.87 48.25
CA GLU F 56 -57.13 -39.82 47.63
C GLU F 56 -56.63 -40.34 46.30
N ALA F 57 -55.71 -39.63 45.63
CA ALA F 57 -55.15 -40.15 44.39
C ALA F 57 -54.39 -41.44 44.63
N ALA F 58 -53.50 -41.43 45.63
CA ALA F 58 -52.84 -42.67 46.02
C ALA F 58 -53.85 -43.71 46.48
N LYS F 59 -54.91 -43.27 47.16
CA LYS F 59 -55.97 -44.20 47.56
C LYS F 59 -56.60 -44.87 46.35
N ARG F 60 -57.02 -44.07 45.36
CA ARG F 60 -57.53 -44.63 44.12
C ARG F 60 -56.45 -45.45 43.42
N ILE F 61 -55.20 -44.98 43.48
CA ILE F 61 -54.09 -45.79 43.02
C ILE F 61 -53.99 -47.06 43.85
N ALA F 62 -53.98 -46.92 45.18
CA ALA F 62 -53.90 -48.09 46.05
C ALA F 62 -55.06 -49.04 45.80
N LYS F 63 -56.28 -48.50 45.68
CA LYS F 63 -57.39 -49.34 45.28
C LYS F 63 -57.23 -49.89 43.87
N ALA F 64 -56.55 -49.14 42.99
CA ALA F 64 -56.25 -49.66 41.66
C ALA F 64 -55.14 -50.70 41.69
N ILE F 65 -54.10 -50.47 42.51
CA ILE F 65 -53.13 -51.52 42.76
C ILE F 65 -53.81 -52.72 43.39
N ARG F 66 -54.67 -52.46 44.37
CA ARG F 66 -55.46 -53.53 44.97
C ARG F 66 -56.37 -54.15 43.93
N LYS F 67 -57.00 -53.30 43.10
CA LYS F 67 -57.73 -53.79 41.94
C LYS F 67 -56.81 -54.60 41.03
N ALA F 68 -55.62 -54.07 40.74
CA ALA F 68 -54.67 -54.79 39.90
C ALA F 68 -54.18 -56.07 40.57
N ALA F 69 -53.96 -56.02 41.89
CA ALA F 69 -53.39 -57.17 42.59
C ALA F 69 -54.25 -58.41 42.41
N ASP F 70 -55.55 -58.29 42.67
CA ASP F 70 -56.48 -59.41 42.52
C ASP F 70 -57.06 -59.50 41.11
N ALA F 71 -56.66 -58.62 40.20
CA ALA F 71 -56.99 -58.79 38.78
C ALA F 71 -55.98 -59.67 38.07
N ILE F 72 -54.69 -59.47 38.35
CA ILE F 72 -53.66 -60.24 37.68
C ILE F 72 -53.74 -61.71 38.08
N ALA F 73 -54.11 -61.98 39.33
CA ALA F 73 -54.38 -63.36 39.72
C ALA F 73 -55.63 -63.88 39.03
N GLU F 74 -56.67 -63.05 38.91
CA GLU F 74 -57.90 -63.47 38.26
C GLU F 74 -57.69 -63.73 36.78
N ALA F 75 -56.72 -63.06 36.16
CA ALA F 75 -56.43 -63.34 34.75
C ALA F 75 -55.65 -64.63 34.59
N ALA F 76 -54.75 -64.91 35.53
CA ALA F 76 -53.85 -66.05 35.39
C ALA F 76 -54.49 -67.37 35.79
N LYS F 77 -55.77 -67.36 36.21
CA LYS F 77 -56.37 -68.57 36.80
C LYS F 77 -57.09 -69.43 35.77
N ILE F 78 -58.13 -68.88 35.13
CA ILE F 78 -59.08 -69.71 34.39
C ILE F 78 -58.43 -70.44 33.21
N ALA F 79 -57.32 -69.93 32.67
CA ALA F 79 -56.65 -70.68 31.60
C ALA F 79 -56.11 -72.01 32.12
N ALA F 80 -55.55 -72.02 33.33
CA ALA F 80 -54.84 -73.22 33.80
C ALA F 80 -55.75 -74.43 33.89
N ARG F 81 -57.06 -74.22 34.08
CA ARG F 81 -58.00 -75.32 33.98
C ARG F 81 -58.28 -75.73 32.54
N ALA F 82 -58.42 -74.77 31.63
CA ALA F 82 -58.59 -75.09 30.23
C ALA F 82 -57.28 -75.29 29.50
N ALA F 83 -56.16 -75.19 30.22
CA ALA F 83 -54.85 -75.42 29.64
C ALA F 83 -54.65 -76.91 29.40
N LYS F 84 -54.72 -77.32 28.13
CA LYS F 84 -54.31 -78.67 27.76
C LYS F 84 -52.87 -78.94 28.16
N ASP F 85 -52.06 -77.89 28.28
CA ASP F 85 -50.64 -77.97 28.54
C ASP F 85 -50.36 -77.59 30.00
N GLY F 86 -49.27 -78.14 30.53
CA GLY F 86 -48.86 -77.83 31.89
C GLY F 86 -47.67 -76.90 31.95
N ASP F 87 -46.72 -77.07 31.03
CA ASP F 87 -45.46 -76.33 31.10
C ASP F 87 -45.69 -74.82 30.98
N ALA F 88 -46.55 -74.40 30.04
CA ALA F 88 -46.79 -72.99 29.84
C ALA F 88 -47.78 -72.40 30.85
N ALA F 89 -48.39 -73.22 31.68
CA ALA F 89 -49.30 -72.74 32.70
C ALA F 89 -48.61 -72.45 34.03
N ARG F 90 -47.35 -72.85 34.19
CA ARG F 90 -46.67 -72.67 35.47
C ARG F 90 -46.49 -71.18 35.79
N ASN F 91 -46.13 -70.38 34.79
CA ASN F 91 -45.83 -68.97 35.03
C ASN F 91 -47.06 -68.23 35.55
N ALA F 92 -48.23 -68.52 34.98
CA ALA F 92 -49.43 -67.77 35.33
C ALA F 92 -49.79 -67.96 36.80
N GLU F 93 -49.83 -69.20 37.27
CA GLU F 93 -50.10 -69.46 38.67
C GLU F 93 -49.01 -68.85 39.56
N ASN F 94 -47.77 -68.86 39.09
CA ASN F 94 -46.72 -68.07 39.73
C ASN F 94 -47.08 -66.60 39.70
N ALA F 95 -47.41 -66.08 38.52
CA ALA F 95 -47.83 -64.68 38.41
C ALA F 95 -49.10 -64.44 39.21
N ALA F 96 -50.03 -65.40 39.18
CA ALA F 96 -51.19 -65.30 40.06
C ALA F 96 -50.76 -65.18 41.51
N ARG F 97 -49.59 -65.71 41.87
CA ARG F 97 -49.01 -65.48 43.18
C ARG F 97 -48.06 -64.29 43.17
N LYS F 98 -47.03 -64.34 42.32
CA LYS F 98 -46.01 -63.29 42.32
C LYS F 98 -46.60 -61.94 41.96
N ALA F 99 -47.22 -61.84 40.78
CA ALA F 99 -47.73 -60.54 40.33
C ALA F 99 -48.80 -60.02 41.27
N LYS F 100 -49.67 -60.91 41.78
CA LYS F 100 -50.67 -60.49 42.76
C LYS F 100 -50.00 -59.96 44.02
N GLU F 101 -49.08 -60.75 44.60
CA GLU F 101 -48.45 -60.35 45.86
C GLU F 101 -47.61 -59.10 45.69
N PHE F 102 -46.77 -59.05 44.65
CA PHE F 102 -45.97 -57.85 44.40
C PHE F 102 -46.86 -56.62 44.23
N ALA F 103 -47.94 -56.75 43.46
CA ALA F 103 -48.95 -55.71 43.46
C ALA F 103 -49.58 -55.57 44.84
N GLU F 104 -49.88 -56.69 45.48
CA GLU F 104 -50.49 -56.65 46.81
C GLU F 104 -49.60 -55.96 47.82
N GLU F 105 -48.31 -56.31 47.83
CA GLU F 105 -47.41 -55.74 48.83
C GLU F 105 -47.38 -54.22 48.74
N GLN F 106 -47.36 -53.67 47.53
CA GLN F 106 -47.49 -52.22 47.39
C GLN F 106 -48.94 -51.76 47.48
N ALA F 107 -49.90 -52.63 47.17
CA ALA F 107 -51.30 -52.21 47.27
C ALA F 107 -51.64 -51.79 48.70
N LYS F 108 -51.19 -52.56 49.69
CA LYS F 108 -51.30 -52.09 51.07
C LYS F 108 -50.33 -50.95 51.33
N LEU F 109 -49.11 -51.07 50.81
CA LEU F 109 -48.09 -50.05 51.07
C LEU F 109 -48.49 -48.72 50.45
N ALA F 110 -49.04 -48.72 49.23
CA ALA F 110 -49.61 -47.50 48.69
C ALA F 110 -50.63 -46.91 49.65
N ASP F 111 -51.45 -47.76 50.27
CA ASP F 111 -52.38 -47.27 51.29
C ASP F 111 -51.63 -46.67 52.47
N MET F 112 -50.62 -47.38 53.00
CA MET F 112 -49.83 -46.75 54.05
C MET F 112 -49.01 -45.59 53.51
N TYR F 113 -48.89 -45.47 52.20
CA TYR F 113 -48.38 -44.22 51.67
C TYR F 113 -49.50 -43.27 51.27
N ALA F 114 -50.71 -43.77 51.06
CA ALA F 114 -51.85 -42.90 50.89
C ALA F 114 -52.28 -42.26 52.21
N GLU F 115 -52.18 -43.01 53.31
CA GLU F 115 -52.46 -42.41 54.61
C GLU F 115 -51.43 -41.32 54.92
N LEU F 116 -50.16 -41.56 54.58
CA LEU F 116 -49.15 -40.54 54.74
C LEU F 116 -49.32 -39.41 53.73
N ALA F 117 -49.99 -39.68 52.62
CA ALA F 117 -50.49 -38.62 51.76
C ALA F 117 -51.86 -38.11 52.17
N LYS F 118 -52.57 -38.87 53.01
CA LYS F 118 -53.84 -38.41 53.55
C LYS F 118 -53.65 -37.16 54.39
N ASN F 119 -52.88 -37.25 55.47
CA ASN F 119 -52.55 -36.06 56.25
C ASN F 119 -51.79 -35.05 55.40
N GLY F 120 -50.89 -35.53 54.54
CA GLY F 120 -50.27 -34.68 53.55
C GLY F 120 -49.35 -33.62 54.12
N ASP F 121 -48.23 -34.05 54.68
CA ASP F 121 -47.20 -33.11 55.12
C ASP F 121 -46.25 -32.88 53.96
N LYS F 122 -46.64 -31.96 53.06
CA LYS F 122 -45.94 -31.77 51.79
C LYS F 122 -44.47 -31.40 51.96
N SER F 123 -44.02 -31.16 53.18
CA SER F 123 -42.61 -30.89 53.42
C SER F 123 -41.74 -32.08 53.02
N SER F 124 -42.18 -33.30 53.35
CA SER F 124 -41.36 -34.47 53.06
C SER F 124 -42.14 -35.61 52.39
N VAL F 125 -43.44 -35.73 52.67
CA VAL F 125 -44.13 -36.96 52.27
C VAL F 125 -44.32 -37.01 50.76
N LEU F 126 -44.45 -35.86 50.10
CA LEU F 126 -44.46 -35.88 48.64
C LEU F 126 -43.22 -36.56 48.08
N GLU F 127 -42.08 -36.33 48.72
CA GLU F 127 -40.86 -37.01 48.29
C GLU F 127 -40.96 -38.51 48.55
N GLN F 128 -41.72 -38.93 49.55
CA GLN F 128 -42.10 -40.34 49.65
C GLN F 128 -42.94 -40.75 48.46
N LEU F 129 -43.98 -39.97 48.14
CA LEU F 129 -44.85 -40.35 47.04
C LEU F 129 -44.08 -40.46 45.73
N LYS F 130 -43.24 -39.47 45.45
CA LYS F 130 -42.55 -39.47 44.18
C LYS F 130 -41.58 -40.64 44.05
N THR F 131 -41.08 -41.15 45.19
CA THR F 131 -40.04 -42.18 45.09
C THR F 131 -40.63 -43.57 44.96
N PHE F 132 -41.74 -43.88 45.62
CA PHE F 132 -42.27 -45.22 45.48
C PHE F 132 -43.20 -45.34 44.29
N ALA F 133 -43.95 -44.28 43.96
CA ALA F 133 -44.88 -44.35 42.85
C ALA F 133 -44.17 -44.75 41.57
N ASP F 134 -43.09 -44.03 41.23
CA ASP F 134 -42.27 -44.43 40.10
C ASP F 134 -41.66 -45.80 40.34
N LYS F 135 -41.14 -46.03 41.56
CA LYS F 135 -40.69 -47.36 41.94
C LYS F 135 -41.77 -48.39 41.68
N ALA F 136 -42.98 -48.12 42.18
CA ALA F 136 -44.12 -48.97 41.85
C ALA F 136 -44.39 -48.94 40.36
N PHE F 137 -44.39 -47.74 39.75
CA PHE F 137 -44.70 -47.63 38.34
C PHE F 137 -43.68 -48.38 37.51
N HIS F 138 -42.40 -48.31 37.90
CA HIS F 138 -41.40 -49.21 37.34
C HIS F 138 -41.69 -50.66 37.72
N GLU F 139 -42.02 -50.91 38.99
CA GLU F 139 -42.29 -52.26 39.45
C GLU F 139 -43.57 -52.83 38.86
N MET F 140 -44.62 -52.00 38.78
CA MET F 140 -45.91 -52.50 38.32
C MET F 140 -45.87 -52.89 36.84
N GLU F 141 -45.26 -52.05 36.01
CA GLU F 141 -45.13 -52.39 34.59
C GLU F 141 -44.20 -53.58 34.41
N ASP F 142 -43.09 -53.62 35.16
CA ASP F 142 -42.24 -54.81 35.15
C ASP F 142 -43.05 -56.03 35.56
N ARG F 143 -43.78 -55.91 36.67
CA ARG F 143 -44.61 -57.01 37.12
C ARG F 143 -45.75 -57.27 36.15
N PHE F 144 -46.37 -56.20 35.63
CA PHE F 144 -47.35 -56.33 34.56
C PHE F 144 -46.81 -57.20 33.44
N TYR F 145 -45.74 -56.73 32.79
CA TYR F 145 -45.27 -57.38 31.59
C TYR F 145 -44.92 -58.83 31.84
N GLN F 146 -44.26 -59.12 32.97
CA GLN F 146 -43.88 -60.49 33.27
C GLN F 146 -45.11 -61.39 33.29
N ALA F 147 -46.19 -60.92 33.91
CA ALA F 147 -47.46 -61.61 33.78
C ALA F 147 -48.09 -61.37 32.42
N ALA F 148 -47.99 -60.14 31.90
CA ALA F 148 -48.80 -59.75 30.74
C ALA F 148 -48.56 -60.66 29.55
N LEU F 149 -47.40 -61.30 29.47
CA LEU F 149 -47.19 -62.36 28.50
C LEU F 149 -47.23 -63.74 29.13
N ALA F 150 -47.03 -63.86 30.44
CA ALA F 150 -47.25 -65.13 31.11
C ALA F 150 -48.73 -65.43 31.29
N VAL F 151 -49.57 -64.39 31.38
CA VAL F 151 -51.01 -64.63 31.48
C VAL F 151 -51.56 -65.13 30.15
N PHE F 152 -51.09 -64.58 29.03
CA PHE F 152 -51.45 -65.13 27.73
C PHE F 152 -50.75 -66.45 27.47
N GLU F 153 -49.56 -66.64 28.06
CA GLU F 153 -48.86 -67.90 27.91
C GLU F 153 -49.71 -69.06 28.42
N ALA F 154 -50.37 -68.88 29.57
CA ALA F 154 -51.37 -69.85 30.02
C ALA F 154 -52.53 -69.91 29.05
N ALA F 155 -53.01 -68.75 28.58
CA ALA F 155 -54.02 -68.75 27.53
C ALA F 155 -53.50 -69.40 26.26
N GLU F 156 -52.20 -69.22 25.97
CA GLU F 156 -51.58 -70.01 24.92
C GLU F 156 -51.57 -71.48 25.27
N ALA F 157 -51.18 -71.81 26.50
CA ALA F 157 -51.31 -73.18 26.97
C ALA F 157 -52.76 -73.63 26.89
N ALA F 158 -53.70 -72.71 27.12
CA ALA F 158 -55.13 -73.00 27.02
C ALA F 158 -55.64 -72.68 25.62
N ALA F 159 -55.07 -73.35 24.63
CA ALA F 159 -55.45 -73.16 23.23
C ALA F 159 -56.11 -74.39 22.63
N GLY F 160 -55.45 -75.53 22.68
CA GLY F 160 -55.97 -76.74 22.05
C GLY F 160 -55.53 -76.85 20.59
#